data_4A97
#
_entry.id   4A97
#
_cell.length_a   105.400
_cell.length_b   266.830
_cell.length_c   110.760
_cell.angle_alpha   90.00
_cell.angle_beta   109.20
_cell.angle_gamma   90.00
#
_symmetry.space_group_name_H-M   'P 1 21 1'
#
loop_
_entity.id
_entity.type
_entity.pdbx_description
1 polymer 'CYS-LOOP LIGAND-GATED ION CHANNEL'
2 non-polymer '(5R)-6-(5-chloropyridin-2-yl)-7-oxo-6,7-dihydro-5H-pyrrolo[3,4-b]pyrazin-5-yl 4-methylpiperazine-1-carboxylate'
#
_entity_poly.entity_id   1
_entity_poly.type   'polypeptide(L)'
_entity_poly.pdbx_seq_one_letter_code
;PVDVSVSIFINKIYGVNTLEQTYKVDGYIVAQWTGKPRKTPGDKPLIVENTQIERWINNGLWVPALEFINVVGSPDTGNK
RLMLFPDGRVIYNARFLGSFSNDMDFRLFPFDRQQFVLELEPFSYNNQQLRFSDIQVYTENIDNEEIDEWWIRGKASTHI
SDIRYDHLSSVQPNQNEFSRITVRIDAVRNPSYYLWSFILPLGLIIAASWSVFWLESFSERLQTSFTLMLTVVAYAFYTS
NILPRLPYTTVIDQMIIAGYGSIFAAILLIIFAHHRQANGVEDDLLIQRCRLAFPLGFLAIGCVLVI
;
_entity_poly.pdbx_strand_id   A,B,C,D,E,F,G,H,I,J
#
# COMPACT_ATOMS: atom_id res chain seq x y z
N PRO A 1 -11.55 -48.25 -33.26
CA PRO A 1 -11.22 -46.83 -33.50
C PRO A 1 -11.52 -45.92 -32.32
N VAL A 2 -10.51 -45.59 -31.51
CA VAL A 2 -10.70 -44.84 -30.27
C VAL A 2 -11.20 -43.41 -30.49
N ASP A 3 -12.35 -43.08 -29.91
CA ASP A 3 -12.92 -41.73 -30.00
C ASP A 3 -12.33 -40.78 -28.96
N VAL A 4 -11.66 -39.73 -29.42
CA VAL A 4 -11.10 -38.72 -28.51
C VAL A 4 -11.75 -37.35 -28.70
N SER A 5 -12.28 -36.81 -27.61
CA SER A 5 -12.82 -35.45 -27.57
C SER A 5 -11.75 -34.47 -27.10
N VAL A 6 -11.58 -33.38 -27.83
CA VAL A 6 -10.55 -32.38 -27.52
C VAL A 6 -11.16 -31.02 -27.17
N SER A 7 -10.55 -30.31 -26.22
CA SER A 7 -10.89 -28.93 -25.94
C SER A 7 -9.62 -28.14 -25.71
N ILE A 8 -9.48 -27.05 -26.44
CA ILE A 8 -8.34 -26.19 -26.28
C ILE A 8 -8.83 -24.92 -25.59
N PHE A 9 -8.14 -24.42 -24.57
CA PHE A 9 -8.46 -23.12 -23.98
C PHE A 9 -7.34 -22.10 -24.19
N ILE A 10 -7.57 -21.09 -25.05
CA ILE A 10 -6.50 -20.13 -25.41
C ILE A 10 -6.43 -19.01 -24.35
N ASN A 11 -5.27 -18.87 -23.71
CA ASN A 11 -5.07 -17.91 -22.63
C ASN A 11 -4.49 -16.62 -23.11
N LYS A 12 -3.58 -16.71 -24.08
CA LYS A 12 -2.86 -15.54 -24.62
C LYS A 12 -2.34 -15.84 -26.03
N ILE A 13 -2.58 -14.97 -27.00
CA ILE A 13 -1.92 -15.09 -28.30
C ILE A 13 -1.08 -13.87 -28.46
N TYR A 14 0.22 -14.01 -28.57
CA TYR A 14 1.10 -12.84 -28.51
C TYR A 14 2.33 -13.08 -29.35
N GLY A 15 3.26 -12.11 -29.34
CA GLY A 15 4.58 -12.30 -29.97
C GLY A 15 4.67 -12.78 -31.44
N VAL A 16 4.01 -12.05 -32.32
CA VAL A 16 4.03 -12.38 -33.74
C VAL A 16 5.39 -12.08 -34.35
N ASN A 17 6.04 -13.12 -34.89
CA ASN A 17 7.30 -12.96 -35.63
C ASN A 17 7.02 -12.93 -37.12
N THR A 18 7.06 -11.71 -37.68
CA THR A 18 6.70 -11.43 -39.07
C THR A 18 7.57 -12.16 -40.04
N LEU A 19 8.86 -12.14 -39.77
CA LEU A 19 9.82 -12.75 -40.66
C LEU A 19 9.67 -14.26 -40.81
N GLU A 20 9.52 -14.94 -39.67
CA GLU A 20 9.40 -16.40 -39.60
C GLU A 20 8.00 -16.94 -39.81
N GLN A 21 7.04 -16.01 -39.81
CA GLN A 21 5.59 -16.29 -39.93
C GLN A 21 5.06 -17.17 -38.79
N THR A 22 5.19 -16.58 -37.60
CA THR A 22 5.01 -17.25 -36.32
C THR A 22 4.35 -16.35 -35.27
N TYR A 23 3.64 -16.99 -34.34
CA TYR A 23 3.01 -16.32 -33.22
C TYR A 23 2.94 -17.28 -32.03
N LYS A 24 2.86 -16.75 -30.81
CA LYS A 24 2.83 -17.58 -29.61
C LYS A 24 1.39 -17.84 -29.14
N VAL A 25 1.09 -19.09 -28.79
CA VAL A 25 -0.21 -19.40 -28.23
C VAL A 25 -0.01 -20.10 -26.89
N ASP A 26 -0.56 -19.54 -25.81
CA ASP A 26 -0.53 -20.16 -24.49
C ASP A 26 -1.94 -20.64 -24.13
N GLY A 27 -2.08 -21.85 -23.60
CA GLY A 27 -3.40 -22.36 -23.31
C GLY A 27 -3.39 -23.72 -22.65
N TYR A 28 -4.50 -24.46 -22.67
CA TYR A 28 -4.55 -25.80 -22.06
C TYR A 28 -5.10 -26.76 -23.09
N ILE A 29 -4.60 -28.00 -23.10
CA ILE A 29 -5.24 -29.04 -23.90
C ILE A 29 -5.94 -30.03 -23.02
N VAL A 30 -7.17 -30.37 -23.38
CA VAL A 30 -7.85 -31.46 -22.71
C VAL A 30 -8.24 -32.51 -23.74
N ALA A 31 -7.89 -33.76 -23.46
CA ALA A 31 -8.33 -34.89 -24.28
C ALA A 31 -9.02 -35.92 -23.41
N GLN A 32 -10.15 -36.43 -23.87
CA GLN A 32 -10.89 -37.47 -23.16
C GLN A 32 -11.19 -38.62 -24.11
N TRP A 33 -11.06 -39.84 -23.62
CA TRP A 33 -11.41 -41.05 -24.37
C TRP A 33 -11.90 -42.10 -23.38
N THR A 34 -12.46 -43.18 -23.87
CA THR A 34 -12.93 -44.20 -22.96
C THR A 34 -12.17 -45.50 -23.04
N GLY A 35 -11.52 -45.83 -21.94
CA GLY A 35 -10.76 -47.06 -21.86
C GLY A 35 -11.61 -48.13 -21.21
N LYS A 36 -10.96 -49.22 -20.81
CA LYS A 36 -11.65 -50.32 -20.14
C LYS A 36 -11.81 -49.96 -18.67
N PRO A 37 -13.01 -50.23 -18.10
CA PRO A 37 -13.28 -49.86 -16.72
C PRO A 37 -12.18 -50.28 -15.75
N ARG A 38 -11.90 -49.41 -14.78
CA ARG A 38 -10.80 -49.54 -13.83
C ARG A 38 -11.35 -49.54 -12.41
N LYS A 39 -10.52 -49.95 -11.47
CA LYS A 39 -10.84 -49.83 -10.05
C LYS A 39 -10.02 -48.75 -9.38
N THR A 40 -10.61 -47.59 -9.16
CA THR A 40 -9.90 -46.47 -8.60
C THR A 40 -10.10 -46.42 -7.09
N PRO A 41 -9.15 -45.84 -6.35
CA PRO A 41 -9.27 -45.63 -4.90
C PRO A 41 -10.59 -44.92 -4.53
N GLY A 42 -11.36 -45.51 -3.63
CA GLY A 42 -12.70 -45.04 -3.35
C GLY A 42 -13.57 -45.54 -4.49
N ASP A 43 -13.95 -44.65 -5.38
CA ASP A 43 -14.60 -45.01 -6.64
C ASP A 43 -14.73 -43.72 -7.41
N LYS A 44 -14.37 -42.63 -6.75
CA LYS A 44 -14.24 -41.36 -7.43
C LYS A 44 -12.96 -41.39 -8.29
N PRO A 45 -12.92 -40.57 -9.35
CA PRO A 45 -11.80 -40.51 -10.29
C PRO A 45 -10.41 -40.32 -9.68
N LEU A 46 -9.43 -41.01 -10.24
CA LEU A 46 -8.03 -40.95 -9.79
C LEU A 46 -7.22 -39.85 -10.51
N ILE A 47 -6.57 -39.00 -9.74
CA ILE A 47 -5.73 -37.95 -10.36
C ILE A 47 -4.26 -38.37 -10.30
N VAL A 48 -3.60 -38.19 -11.45
CA VAL A 48 -2.19 -38.47 -11.64
C VAL A 48 -1.55 -37.18 -12.20
N GLU A 49 -0.73 -36.53 -11.39
CA GLU A 49 -0.08 -35.30 -11.82
C GLU A 49 1.35 -35.58 -12.33
N ASN A 50 1.91 -34.60 -13.03
CA ASN A 50 3.18 -34.68 -13.74
C ASN A 50 3.98 -35.99 -13.78
N THR A 51 5.07 -36.02 -13.00
CA THR A 51 6.06 -37.11 -12.96
C THR A 51 5.41 -38.49 -13.07
N GLN A 52 4.36 -38.63 -12.32
CA GLN A 52 3.63 -39.85 -12.17
C GLN A 52 2.95 -40.39 -13.39
N ILE A 53 2.85 -39.61 -14.45
CA ILE A 53 2.13 -40.09 -15.61
C ILE A 53 2.92 -41.13 -16.35
N GLU A 54 4.21 -40.87 -16.50
CA GLU A 54 5.10 -41.85 -17.13
C GLU A 54 5.06 -43.14 -16.35
N ARG A 55 5.03 -43.07 -15.03
CA ARG A 55 4.95 -44.27 -14.24
C ARG A 55 3.76 -45.14 -14.65
N TRP A 56 2.64 -44.49 -14.92
CA TRP A 56 1.41 -45.16 -15.33
C TRP A 56 1.48 -45.72 -16.77
N ILE A 57 2.22 -45.00 -17.59
CA ILE A 57 2.53 -45.38 -18.97
C ILE A 57 3.45 -46.63 -19.00
N ASN A 58 4.44 -46.65 -18.12
CA ASN A 58 5.34 -47.78 -17.97
C ASN A 58 4.59 -49.06 -17.65
N ASN A 59 3.46 -48.95 -16.97
CA ASN A 59 2.63 -50.11 -16.63
C ASN A 59 1.54 -50.44 -17.64
N GLY A 60 1.56 -49.76 -18.79
CA GLY A 60 0.64 -50.09 -19.87
C GLY A 60 -0.52 -49.15 -20.11
N LEU A 61 -0.50 -47.97 -19.48
CA LEU A 61 -1.56 -47.01 -19.74
C LEU A 61 -1.36 -46.37 -21.10
N TRP A 62 -2.35 -46.50 -21.96
CA TRP A 62 -2.27 -45.90 -23.28
C TRP A 62 -2.56 -44.43 -23.11
N VAL A 63 -1.53 -43.60 -23.25
CA VAL A 63 -1.74 -42.16 -23.27
C VAL A 63 -1.15 -41.69 -24.57
N PRO A 64 -2.00 -41.59 -25.61
CA PRO A 64 -1.51 -41.33 -26.96
C PRO A 64 -0.94 -39.91 -27.19
N ALA A 65 0.21 -39.84 -27.84
CA ALA A 65 0.84 -38.56 -28.14
C ALA A 65 0.19 -37.86 -29.32
N LEU A 66 -0.44 -36.72 -29.03
CA LEU A 66 -1.08 -35.88 -30.02
C LEU A 66 -0.15 -34.75 -30.31
N GLU A 67 0.33 -34.68 -31.56
CA GLU A 67 1.25 -33.65 -32.04
C GLU A 67 0.59 -32.36 -32.53
N PHE A 68 1.20 -31.22 -32.19
CA PHE A 68 0.83 -29.97 -32.83
C PHE A 68 1.53 -29.89 -34.21
N ILE A 69 0.78 -30.20 -35.26
CA ILE A 69 1.31 -30.31 -36.61
C ILE A 69 2.13 -29.10 -36.98
N ASN A 70 1.65 -27.91 -36.60
CA ASN A 70 2.32 -26.70 -37.02
C ASN A 70 3.17 -25.99 -35.95
N VAL A 71 3.59 -26.70 -34.93
CA VAL A 71 4.42 -26.02 -33.95
C VAL A 71 5.85 -25.87 -34.40
N VAL A 72 6.41 -24.71 -34.13
CA VAL A 72 7.83 -24.52 -34.39
C VAL A 72 8.69 -24.91 -33.20
N GLY A 73 9.43 -25.99 -33.37
CA GLY A 73 10.18 -26.57 -32.28
C GLY A 73 9.25 -27.56 -31.61
N SER A 74 9.42 -27.71 -30.31
CA SER A 74 8.52 -28.54 -29.54
C SER A 74 8.02 -27.67 -28.41
N PRO A 75 6.71 -27.78 -28.08
CA PRO A 75 6.01 -26.86 -27.18
C PRO A 75 6.61 -26.83 -25.80
N ASP A 76 6.53 -25.70 -25.09
CA ASP A 76 6.81 -25.68 -23.65
C ASP A 76 5.59 -26.21 -22.92
N THR A 77 5.69 -27.44 -22.40
CA THR A 77 4.60 -27.99 -21.61
C THR A 77 4.81 -27.75 -20.14
N GLY A 78 3.79 -27.18 -19.50
CA GLY A 78 3.72 -26.99 -18.05
C GLY A 78 3.16 -28.22 -17.34
N ASN A 79 2.18 -28.06 -16.46
CA ASN A 79 1.77 -29.23 -15.69
C ASN A 79 0.92 -30.17 -16.52
N LYS A 80 1.07 -31.47 -16.25
CA LYS A 80 0.33 -32.50 -16.96
C LYS A 80 -0.55 -33.15 -15.92
N ARG A 81 -1.64 -33.76 -16.36
CA ARG A 81 -2.59 -34.36 -15.45
C ARG A 81 -3.29 -35.51 -16.14
N LEU A 82 -3.42 -36.62 -15.43
CA LEU A 82 -4.27 -37.69 -15.90
C LEU A 82 -5.48 -37.80 -14.98
N MET A 83 -6.65 -37.92 -15.57
CA MET A 83 -7.84 -38.12 -14.78
C MET A 83 -8.48 -39.47 -15.08
N LEU A 84 -8.32 -40.43 -14.17
CA LEU A 84 -8.76 -41.82 -14.38
C LEU A 84 -10.08 -42.12 -13.70
N PHE A 85 -11.12 -42.31 -14.52
CA PHE A 85 -12.46 -42.54 -14.01
C PHE A 85 -12.73 -44.03 -13.96
N PRO A 86 -13.58 -44.45 -13.01
CA PRO A 86 -13.76 -45.90 -12.85
C PRO A 86 -14.53 -46.47 -14.02
N ASP A 87 -15.41 -45.66 -14.63
CA ASP A 87 -16.27 -46.14 -15.73
C ASP A 87 -15.52 -46.39 -17.02
N GLY A 88 -14.21 -46.14 -16.99
CA GLY A 88 -13.33 -46.46 -18.09
C GLY A 88 -12.65 -45.22 -18.62
N ARG A 89 -13.40 -44.14 -18.71
CA ARG A 89 -12.91 -42.93 -19.35
C ARG A 89 -11.62 -42.38 -18.72
N VAL A 90 -10.83 -41.70 -19.56
CA VAL A 90 -9.52 -41.15 -19.21
C VAL A 90 -9.40 -39.70 -19.64
N ILE A 91 -8.94 -38.81 -18.76
CA ILE A 91 -8.82 -37.42 -19.18
C ILE A 91 -7.38 -36.97 -19.08
N TYR A 92 -6.84 -36.45 -20.17
CA TYR A 92 -5.51 -35.89 -20.19
C TYR A 92 -5.59 -34.37 -20.22
N ASN A 93 -5.01 -33.70 -19.25
CA ASN A 93 -5.06 -32.24 -19.24
C ASN A 93 -3.65 -31.68 -19.06
N ALA A 94 -3.26 -30.77 -19.93
CA ALA A 94 -1.95 -30.17 -19.80
C ALA A 94 -1.94 -28.72 -20.30
N ARG A 95 -1.09 -27.93 -19.66
CA ARG A 95 -0.87 -26.59 -20.12
C ARG A 95 0.29 -26.59 -21.08
N PHE A 96 0.24 -25.69 -22.08
CA PHE A 96 1.26 -25.58 -23.11
C PHE A 96 1.49 -24.13 -23.48
N LEU A 97 2.70 -23.88 -23.96
CA LEU A 97 3.06 -22.62 -24.60
C LEU A 97 3.74 -22.97 -25.91
N GLY A 98 3.22 -22.55 -27.05
CA GLY A 98 3.87 -22.94 -28.29
C GLY A 98 4.01 -21.85 -29.33
N SER A 99 5.04 -21.94 -30.17
CA SER A 99 5.17 -21.06 -31.31
C SER A 99 4.65 -21.77 -32.55
N PHE A 100 3.63 -21.23 -33.16
CA PHE A 100 3.01 -21.93 -34.23
C PHE A 100 3.25 -21.20 -35.53
N SER A 101 3.20 -21.96 -36.62
CA SER A 101 3.45 -21.43 -37.95
C SER A 101 2.14 -21.39 -38.67
N ASN A 102 1.97 -20.33 -39.46
CA ASN A 102 0.89 -20.22 -40.41
C ASN A 102 1.31 -19.18 -41.41
N ASP A 103 0.78 -19.28 -42.62
CA ASP A 103 1.01 -18.28 -43.65
C ASP A 103 0.51 -16.89 -43.22
N MET A 104 1.42 -15.92 -43.20
CA MET A 104 1.02 -14.57 -42.83
C MET A 104 1.47 -13.54 -43.86
N ASP A 105 0.47 -12.85 -44.41
CA ASP A 105 0.67 -11.81 -45.40
C ASP A 105 0.64 -10.48 -44.69
N PHE A 106 1.75 -9.74 -44.76
CA PHE A 106 1.83 -8.47 -44.05
C PHE A 106 1.91 -7.29 -44.99
N ARG A 107 1.51 -7.50 -46.25
CA ARG A 107 1.62 -6.44 -47.26
C ARG A 107 0.88 -5.14 -46.90
N LEU A 108 -0.39 -5.24 -46.54
CA LEU A 108 -1.15 -4.01 -46.31
C LEU A 108 -1.15 -3.58 -44.87
N PHE A 109 0.01 -3.78 -44.26
CA PHE A 109 0.37 -3.29 -42.94
C PHE A 109 0.25 -1.78 -43.02
N PRO A 110 -0.19 -1.12 -41.93
CA PRO A 110 -0.55 -1.65 -40.62
C PRO A 110 -2.03 -2.04 -40.51
N PHE A 111 -2.67 -2.42 -41.60
CA PHE A 111 -4.05 -2.85 -41.51
C PHE A 111 -4.24 -4.32 -41.91
N ASP A 112 -3.32 -5.19 -41.49
CA ASP A 112 -3.38 -6.60 -41.90
C ASP A 112 -4.49 -7.38 -41.20
N ARG A 113 -4.94 -8.42 -41.88
CA ARG A 113 -5.85 -9.37 -41.28
C ARG A 113 -5.00 -10.62 -41.14
N GLN A 114 -4.88 -11.15 -39.94
CA GLN A 114 -4.14 -12.39 -39.81
C GLN A 114 -5.00 -13.45 -39.17
N GLN A 115 -4.62 -14.71 -39.29
CA GLN A 115 -5.32 -15.74 -38.55
C GLN A 115 -4.42 -16.75 -37.86
N PHE A 116 -4.59 -16.84 -36.56
CA PHE A 116 -3.77 -17.73 -35.77
C PHE A 116 -4.38 -19.12 -35.87
N VAL A 117 -3.57 -20.09 -36.31
CA VAL A 117 -4.10 -21.41 -36.57
C VAL A 117 -3.40 -22.41 -35.68
N LEU A 118 -4.16 -23.38 -35.18
CA LEU A 118 -3.62 -24.48 -34.45
C LEU A 118 -4.00 -25.74 -35.20
N GLU A 119 -3.06 -26.64 -35.38
CA GLU A 119 -3.35 -27.92 -36.04
C GLU A 119 -3.00 -29.13 -35.18
N LEU A 120 -4.00 -29.91 -34.79
CA LEU A 120 -3.77 -31.03 -33.90
C LEU A 120 -3.89 -32.35 -34.63
N GLU A 121 -3.00 -33.31 -34.34
CA GLU A 121 -3.06 -34.62 -34.99
C GLU A 121 -2.30 -35.69 -34.18
N PRO A 122 -2.88 -36.91 -34.06
CA PRO A 122 -2.18 -37.99 -33.34
C PRO A 122 -0.88 -38.29 -34.06
N PHE A 123 0.20 -38.40 -33.31
CA PHE A 123 1.50 -38.60 -33.91
C PHE A 123 1.63 -39.99 -34.55
N SER A 124 1.12 -41.02 -33.87
CA SER A 124 1.43 -42.40 -34.28
C SER A 124 0.26 -43.24 -34.74
N TYR A 125 -0.96 -42.78 -34.46
CA TYR A 125 -2.19 -43.55 -34.73
C TYR A 125 -3.08 -43.01 -35.88
N ASN A 126 -3.40 -43.86 -36.87
CA ASN A 126 -4.25 -43.43 -38.00
C ASN A 126 -5.74 -43.28 -37.69
N ASN A 127 -6.50 -42.77 -38.67
CA ASN A 127 -7.95 -42.57 -38.49
C ASN A 127 -8.69 -43.80 -38.01
N GLN A 128 -8.18 -45.00 -38.30
CA GLN A 128 -8.91 -46.19 -37.93
C GLN A 128 -8.63 -46.62 -36.51
N GLN A 129 -7.54 -46.09 -35.95
CA GLN A 129 -7.13 -46.36 -34.56
C GLN A 129 -7.54 -45.28 -33.55
N LEU A 130 -7.29 -44.02 -33.89
CA LEU A 130 -7.60 -42.93 -32.99
C LEU A 130 -8.28 -41.85 -33.81
N ARG A 131 -9.46 -41.41 -33.39
CA ARG A 131 -10.21 -40.44 -34.19
C ARG A 131 -10.66 -39.28 -33.33
N PHE A 132 -10.61 -38.08 -33.87
CA PHE A 132 -11.10 -36.93 -33.15
C PHE A 132 -12.61 -36.84 -33.27
N SER A 133 -13.26 -37.23 -32.17
CA SER A 133 -14.71 -37.29 -32.10
C SER A 133 -15.31 -35.90 -32.24
N ASP A 134 -14.82 -34.94 -31.47
CA ASP A 134 -15.25 -33.54 -31.64
C ASP A 134 -14.25 -32.59 -30.99
N ILE A 135 -14.36 -31.30 -31.32
CA ILE A 135 -13.56 -30.27 -30.64
C ILE A 135 -14.21 -28.87 -30.54
N GLN A 136 -14.10 -28.28 -29.34
CA GLN A 136 -14.52 -26.92 -29.09
C GLN A 136 -13.37 -26.05 -28.58
N VAL A 137 -13.32 -24.82 -29.09
CA VAL A 137 -12.25 -23.89 -28.75
C VAL A 137 -12.80 -22.69 -27.99
N TYR A 138 -12.19 -22.40 -26.84
CA TYR A 138 -12.62 -21.34 -25.96
C TYR A 138 -11.59 -20.23 -25.90
N THR A 139 -11.97 -19.07 -26.47
CA THR A 139 -11.19 -17.85 -26.38
C THR A 139 -11.72 -16.96 -25.28
N GLU A 140 -11.35 -17.25 -24.04
CA GLU A 140 -11.79 -16.50 -22.86
C GLU A 140 -11.17 -15.12 -22.77
N ASN A 141 -11.00 -14.48 -23.90
CA ASN A 141 -10.48 -13.13 -23.91
C ASN A 141 -11.67 -12.15 -23.95
N ILE A 142 -11.41 -10.85 -23.74
CA ILE A 142 -12.45 -9.83 -23.68
C ILE A 142 -11.87 -8.46 -23.30
N ASP A 143 -12.68 -7.40 -23.50
CA ASP A 143 -12.45 -6.02 -23.04
C ASP A 143 -11.10 -5.38 -23.42
N ASN A 144 -10.98 -4.07 -23.20
CA ASN A 144 -9.71 -3.34 -23.42
C ASN A 144 -8.89 -3.67 -24.68
N GLU A 145 -9.47 -3.63 -25.86
CA GLU A 145 -8.70 -3.98 -27.04
C GLU A 145 -7.67 -2.88 -27.18
N GLU A 146 -8.01 -1.71 -26.67
CA GLU A 146 -7.21 -0.51 -26.87
C GLU A 146 -5.86 -0.55 -26.15
N ILE A 147 -5.68 -1.57 -25.32
CA ILE A 147 -4.44 -1.77 -24.58
C ILE A 147 -3.61 -2.88 -25.25
N ASP A 148 -4.31 -3.76 -25.99
CA ASP A 148 -3.67 -4.88 -26.68
C ASP A 148 -3.32 -4.62 -28.15
N GLU A 149 -2.23 -5.26 -28.59
CA GLU A 149 -1.70 -5.08 -29.95
C GLU A 149 -2.64 -5.60 -31.04
N TRP A 150 -3.23 -6.75 -30.75
CA TRP A 150 -4.08 -7.44 -31.72
C TRP A 150 -5.51 -7.49 -31.21
N TRP A 151 -6.47 -7.43 -32.13
CA TRP A 151 -7.86 -7.52 -31.75
C TRP A 151 -8.44 -8.81 -32.26
N ILE A 152 -8.75 -9.73 -31.34
CA ILE A 152 -9.36 -11.01 -31.73
C ILE A 152 -10.79 -10.76 -32.15
N ARG A 153 -11.16 -11.29 -33.29
CA ARG A 153 -12.44 -10.94 -33.86
C ARG A 153 -13.52 -11.98 -33.63
N GLY A 154 -13.36 -13.13 -34.27
CA GLY A 154 -14.37 -14.17 -34.19
C GLY A 154 -14.45 -14.91 -32.87
N LYS A 155 -15.10 -16.07 -32.89
CA LYS A 155 -15.13 -16.91 -31.71
C LYS A 155 -14.39 -18.24 -31.96
N ALA A 156 -13.48 -18.20 -32.93
CA ALA A 156 -12.61 -19.33 -33.30
C ALA A 156 -13.35 -20.36 -34.14
N SER A 157 -12.77 -20.65 -35.30
CA SER A 157 -13.34 -21.63 -36.19
C SER A 157 -12.73 -23.00 -35.95
N THR A 158 -13.51 -24.04 -36.19
CA THR A 158 -13.08 -25.41 -35.95
C THR A 158 -13.32 -26.35 -37.14
N HIS A 159 -12.39 -27.26 -37.38
CA HIS A 159 -12.58 -28.25 -38.41
C HIS A 159 -11.79 -29.52 -38.14
N ILE A 160 -12.53 -30.59 -37.92
CA ILE A 160 -11.97 -31.93 -37.94
C ILE A 160 -12.06 -32.50 -39.36
N SER A 161 -10.92 -32.91 -39.91
CA SER A 161 -10.90 -33.46 -41.26
C SER A 161 -9.92 -34.62 -41.25
N ASP A 162 -9.80 -35.30 -42.37
CA ASP A 162 -8.86 -36.41 -42.46
C ASP A 162 -7.76 -36.12 -43.46
N ILE A 163 -6.54 -36.32 -43.03
CA ILE A 163 -5.37 -36.08 -43.85
C ILE A 163 -4.86 -37.42 -44.44
N ARG A 164 -4.71 -37.46 -45.76
CA ARG A 164 -4.18 -38.67 -46.38
C ARG A 164 -2.72 -38.44 -46.70
N TYR A 165 -1.86 -39.01 -45.87
CA TYR A 165 -0.44 -39.17 -46.21
C TYR A 165 -0.25 -40.33 -47.17
N ASP A 166 -0.24 -40.07 -48.48
CA ASP A 166 -0.12 -41.17 -49.45
C ASP A 166 1.33 -41.51 -49.82
N HIS A 167 2.27 -41.07 -48.96
CA HIS A 167 3.66 -41.51 -49.05
C HIS A 167 3.89 -42.80 -48.26
N LEU A 168 4.86 -43.59 -48.69
CA LEU A 168 4.68 -45.06 -48.70
C LEU A 168 3.86 -45.66 -47.57
N SER A 169 2.59 -45.27 -47.56
CA SER A 169 1.45 -46.12 -47.21
C SER A 169 1.92 -47.55 -47.07
N SER A 170 1.82 -48.30 -48.17
CA SER A 170 2.59 -49.53 -48.40
C SER A 170 2.97 -50.33 -47.15
N VAL A 171 3.77 -49.70 -46.28
CA VAL A 171 4.05 -50.16 -44.92
C VAL A 171 2.78 -50.66 -44.25
N GLN A 172 1.79 -49.77 -44.16
CA GLN A 172 0.45 -50.12 -43.71
C GLN A 172 -0.58 -49.67 -44.74
N PRO A 173 -0.82 -50.50 -45.78
CA PRO A 173 -1.70 -50.12 -46.90
C PRO A 173 -3.17 -50.06 -46.49
N ASN A 174 -3.99 -49.28 -47.21
CA ASN A 174 -5.43 -49.13 -46.97
C ASN A 174 -5.78 -48.27 -45.75
N GLN A 175 -4.80 -48.11 -44.86
CA GLN A 175 -5.02 -47.38 -43.60
C GLN A 175 -3.93 -46.39 -43.22
N ASN A 176 -4.00 -45.21 -43.81
CA ASN A 176 -3.09 -44.12 -43.51
C ASN A 176 -3.69 -42.70 -43.76
N GLU A 177 -4.84 -42.50 -43.14
CA GLU A 177 -5.49 -41.21 -43.06
C GLU A 177 -5.47 -40.80 -41.59
N PHE A 178 -4.89 -39.65 -41.29
CA PHE A 178 -4.89 -39.20 -39.91
C PHE A 178 -5.98 -38.20 -39.64
N SER A 179 -6.62 -38.26 -38.46
CA SER A 179 -7.66 -37.25 -38.20
C SER A 179 -7.02 -35.96 -37.68
N ARG A 180 -7.40 -34.85 -38.29
CA ARG A 180 -6.84 -33.57 -37.95
C ARG A 180 -7.83 -32.50 -37.56
N ILE A 181 -7.57 -31.96 -36.38
CA ILE A 181 -8.30 -30.84 -35.86
C ILE A 181 -7.64 -29.54 -36.28
N THR A 182 -8.43 -28.61 -36.78
CA THR A 182 -7.88 -27.34 -37.22
C THR A 182 -8.63 -26.22 -36.52
N VAL A 183 -7.91 -25.44 -35.75
CA VAL A 183 -8.48 -24.30 -35.07
C VAL A 183 -8.06 -23.04 -35.86
N ARG A 184 -8.99 -22.12 -36.11
CA ARG A 184 -8.66 -20.82 -36.73
C ARG A 184 -9.14 -19.63 -35.93
N ILE A 185 -8.22 -18.73 -35.64
CA ILE A 185 -8.60 -17.53 -34.93
C ILE A 185 -8.17 -16.30 -35.73
N ASP A 186 -9.16 -15.54 -36.19
CA ASP A 186 -8.93 -14.32 -36.97
C ASP A 186 -8.69 -13.13 -36.05
N ALA A 187 -7.84 -12.21 -36.48
CA ALA A 187 -7.53 -11.02 -35.70
C ALA A 187 -7.12 -9.83 -36.58
N VAL A 188 -7.21 -8.63 -36.02
CA VAL A 188 -6.78 -7.43 -36.71
C VAL A 188 -5.72 -6.65 -35.90
N ARG A 189 -4.80 -6.01 -36.61
CA ARG A 189 -3.77 -5.18 -35.97
C ARG A 189 -4.33 -3.84 -35.47
N ASN A 190 -3.84 -3.41 -34.32
CA ASN A 190 -4.23 -2.11 -33.75
C ASN A 190 -3.53 -0.99 -34.50
N PRO A 191 -4.25 -0.35 -35.43
CA PRO A 191 -3.61 0.58 -36.37
C PRO A 191 -3.33 1.93 -35.76
N SER A 192 -3.73 2.12 -34.51
CA SER A 192 -3.59 3.42 -33.87
C SER A 192 -2.14 3.94 -33.85
N TYR A 193 -1.18 3.18 -33.35
CA TYR A 193 0.16 3.73 -33.19
C TYR A 193 0.72 4.13 -34.52
N TYR A 194 0.53 3.25 -35.50
CA TYR A 194 1.10 3.47 -36.81
C TYR A 194 0.42 4.58 -37.63
N LEU A 195 -0.87 4.79 -37.41
CA LEU A 195 -1.56 5.87 -38.11
C LEU A 195 -0.99 7.15 -37.58
N TRP A 196 -0.96 7.28 -36.26
CA TRP A 196 -0.53 8.52 -35.62
C TRP A 196 0.96 8.84 -35.60
N SER A 197 1.81 7.84 -35.49
CA SER A 197 3.23 8.15 -35.46
C SER A 197 4.03 7.75 -36.71
N PHE A 198 3.39 7.10 -37.67
CA PHE A 198 4.09 6.85 -38.92
C PHE A 198 3.39 7.57 -40.04
N ILE A 199 2.15 7.21 -40.31
CA ILE A 199 1.42 7.80 -41.44
C ILE A 199 1.30 9.33 -41.33
N LEU A 200 0.79 9.85 -40.23
CA LEU A 200 0.62 11.30 -40.11
C LEU A 200 1.94 12.05 -40.37
N PRO A 201 3.00 11.79 -39.58
CA PRO A 201 4.19 12.54 -39.99
C PRO A 201 4.80 12.11 -41.35
N LEU A 202 4.64 10.86 -41.81
CA LEU A 202 5.18 10.50 -43.13
C LEU A 202 4.53 11.35 -44.16
N GLY A 203 3.23 11.58 -43.97
CA GLY A 203 2.49 12.49 -44.83
C GLY A 203 2.90 13.95 -44.79
N LEU A 204 3.06 14.50 -43.59
CA LEU A 204 3.48 15.88 -43.41
C LEU A 204 4.85 16.16 -43.99
N ILE A 205 5.73 15.16 -43.95
CA ILE A 205 7.04 15.25 -44.63
C ILE A 205 6.81 15.37 -46.12
N ILE A 206 6.11 14.39 -46.70
CA ILE A 206 5.82 14.40 -48.12
C ILE A 206 5.10 15.73 -48.52
N ALA A 207 4.15 16.16 -47.71
CA ALA A 207 3.41 17.35 -48.05
C ALA A 207 4.36 18.51 -48.09
N ALA A 208 5.07 18.74 -46.99
CA ALA A 208 5.90 19.94 -46.90
C ALA A 208 6.99 19.96 -47.99
N SER A 209 7.29 18.76 -48.51
CA SER A 209 8.19 18.65 -49.65
C SER A 209 7.69 19.59 -50.74
N TRP A 210 6.36 19.66 -50.88
CA TRP A 210 5.75 20.40 -51.98
C TRP A 210 5.89 21.92 -51.87
N SER A 211 6.37 22.40 -50.72
CA SER A 211 6.55 23.83 -50.52
C SER A 211 7.79 24.35 -51.25
N VAL A 212 8.43 23.45 -51.99
CA VAL A 212 9.64 23.82 -52.67
C VAL A 212 9.28 24.82 -53.79
N PHE A 213 8.06 24.76 -54.29
CA PHE A 213 7.68 25.61 -55.40
C PHE A 213 7.30 27.04 -55.01
N TRP A 214 7.01 27.26 -53.74
CA TRP A 214 6.77 28.60 -53.27
C TRP A 214 8.08 29.37 -52.95
N LEU A 215 9.21 28.73 -53.19
CA LEU A 215 10.51 29.39 -53.02
C LEU A 215 10.73 30.26 -54.24
N GLU A 216 11.26 31.45 -54.05
CA GLU A 216 11.34 32.39 -55.17
C GLU A 216 12.45 32.03 -56.19
N SER A 217 13.68 32.01 -55.71
CA SER A 217 14.91 31.78 -56.49
C SER A 217 15.05 30.37 -57.07
N PHE A 218 15.96 30.20 -58.02
CA PHE A 218 16.33 28.87 -58.53
C PHE A 218 17.28 28.11 -57.59
N SER A 219 18.22 28.81 -56.93
CA SER A 219 19.09 28.18 -55.94
C SER A 219 18.25 27.53 -54.89
N GLU A 220 17.31 28.31 -54.41
CA GLU A 220 16.49 27.92 -53.29
C GLU A 220 15.72 26.69 -53.71
N ARG A 221 15.11 26.78 -54.88
CA ARG A 221 14.30 25.68 -55.37
C ARG A 221 15.11 24.42 -55.53
N LEU A 222 16.34 24.55 -56.02
CA LEU A 222 17.17 23.35 -56.25
C LEU A 222 17.82 22.85 -54.95
N GLN A 223 18.51 23.73 -54.22
CA GLN A 223 19.25 23.36 -53.02
C GLN A 223 18.36 22.79 -51.91
N THR A 224 17.19 23.35 -51.72
CA THR A 224 16.30 22.87 -50.67
C THR A 224 15.87 21.45 -50.97
N SER A 225 15.75 21.10 -52.25
CA SER A 225 15.23 19.77 -52.62
C SER A 225 16.19 18.66 -52.20
N PHE A 226 17.42 19.09 -51.93
CA PHE A 226 18.48 18.26 -51.42
C PHE A 226 18.40 18.01 -49.91
N THR A 227 18.05 19.07 -49.21
CA THR A 227 17.74 19.01 -47.80
C THR A 227 16.48 18.23 -47.70
N LEU A 228 15.62 18.40 -48.69
CA LEU A 228 14.30 17.76 -48.68
C LEU A 228 14.51 16.26 -48.86
N MET A 229 15.49 15.95 -49.72
CA MET A 229 15.92 14.57 -50.02
C MET A 229 16.47 13.86 -48.78
N LEU A 230 17.34 14.55 -48.05
CA LEU A 230 17.99 13.98 -46.87
C LEU A 230 16.90 13.63 -45.86
N THR A 231 15.83 14.42 -45.78
CA THR A 231 14.75 14.15 -44.83
C THR A 231 14.00 12.86 -45.12
N VAL A 232 13.71 12.56 -46.38
CA VAL A 232 13.04 11.30 -46.66
C VAL A 232 13.95 10.13 -46.31
N VAL A 233 15.27 10.32 -46.44
CA VAL A 233 16.24 9.30 -45.98
C VAL A 233 16.19 9.05 -44.47
N ALA A 234 16.29 10.15 -43.71
CA ALA A 234 16.21 10.14 -42.26
C ALA A 234 14.85 9.54 -41.84
N TYR A 235 13.83 9.82 -42.63
CA TYR A 235 12.53 9.28 -42.33
C TYR A 235 12.47 7.83 -42.78
N ALA A 236 13.11 7.50 -43.89
CA ALA A 236 13.20 6.10 -44.33
C ALA A 236 13.79 5.22 -43.23
N PHE A 237 14.79 5.78 -42.55
CA PHE A 237 15.57 5.12 -41.50
C PHE A 237 14.74 4.78 -40.27
N TYR A 238 14.13 5.80 -39.69
CA TYR A 238 13.27 5.68 -38.53
C TYR A 238 12.17 4.65 -38.80
N THR A 239 11.58 4.72 -39.99
CA THR A 239 10.59 3.74 -40.42
C THR A 239 11.11 2.34 -40.31
N SER A 240 12.31 2.13 -40.86
CA SER A 240 13.00 0.83 -40.92
C SER A 240 13.49 0.20 -39.62
N ASN A 241 13.93 1.05 -38.69
CA ASN A 241 14.42 0.60 -37.39
C ASN A 241 13.32 0.04 -36.50
N ILE A 242 12.15 0.64 -36.62
CA ILE A 242 10.99 0.35 -35.77
C ILE A 242 9.98 -0.63 -36.37
N LEU A 243 9.63 -0.44 -37.63
CA LEU A 243 8.70 -1.32 -38.36
C LEU A 243 9.18 -2.74 -38.55
N PRO A 244 8.23 -3.67 -38.78
CA PRO A 244 8.53 -5.11 -38.88
C PRO A 244 9.33 -5.49 -40.10
N ARG A 245 10.33 -6.36 -39.91
CA ARG A 245 11.17 -6.86 -40.98
C ARG A 245 10.39 -7.83 -41.90
N LEU A 246 10.38 -7.53 -43.19
CA LEU A 246 9.67 -8.37 -44.15
C LEU A 246 10.53 -8.52 -45.41
N PRO A 247 10.21 -9.53 -46.26
CA PRO A 247 10.91 -9.66 -47.53
C PRO A 247 10.14 -8.96 -48.65
N TYR A 248 9.21 -8.06 -48.31
CA TYR A 248 8.48 -7.32 -49.34
C TYR A 248 8.08 -5.93 -48.88
N THR A 249 7.64 -5.11 -49.81
CA THR A 249 7.30 -3.74 -49.46
C THR A 249 5.90 -3.69 -48.87
N THR A 250 5.75 -2.89 -47.83
CA THR A 250 4.44 -2.68 -47.24
C THR A 250 3.82 -1.43 -47.87
N VAL A 251 2.63 -1.05 -47.41
CA VAL A 251 2.01 0.17 -47.89
C VAL A 251 2.90 1.34 -47.55
N ILE A 252 3.31 1.45 -46.28
CA ILE A 252 4.20 2.53 -45.87
C ILE A 252 5.50 2.54 -46.70
N ASP A 253 6.04 1.36 -46.99
CA ASP A 253 7.28 1.31 -47.74
C ASP A 253 7.07 1.94 -49.09
N GLN A 254 5.93 1.67 -49.69
CA GLN A 254 5.59 2.29 -50.97
C GLN A 254 5.35 3.79 -50.80
N MET A 255 4.74 4.17 -49.69
CA MET A 255 4.58 5.58 -49.37
C MET A 255 5.97 6.23 -49.41
N ILE A 256 6.95 5.58 -48.77
CA ILE A 256 8.33 6.09 -48.75
C ILE A 256 8.99 6.23 -50.14
N ILE A 257 8.84 5.23 -51.01
CA ILE A 257 9.39 5.30 -52.37
C ILE A 257 8.79 6.50 -53.07
N ALA A 258 7.49 6.69 -52.87
CA ALA A 258 6.77 7.83 -53.43
C ALA A 258 7.33 9.15 -52.89
N GLY A 259 7.80 9.14 -51.65
CA GLY A 259 8.44 10.33 -51.11
C GLY A 259 9.70 10.62 -51.90
N TYR A 260 10.50 9.58 -52.10
CA TYR A 260 11.72 9.67 -52.87
C TYR A 260 11.46 10.09 -54.30
N GLY A 261 10.37 9.60 -54.89
CA GLY A 261 10.02 9.92 -56.25
C GLY A 261 9.60 11.37 -56.49
N SER A 262 8.67 11.84 -55.65
CA SER A 262 8.13 13.19 -55.67
C SER A 262 9.30 14.17 -55.61
N ILE A 263 10.25 13.87 -54.73
CA ILE A 263 11.41 14.72 -54.58
C ILE A 263 12.37 14.67 -55.77
N PHE A 264 12.62 13.48 -56.33
CA PHE A 264 13.47 13.34 -57.52
C PHE A 264 12.80 13.93 -58.73
N ALA A 265 11.49 13.76 -58.83
CA ALA A 265 10.77 14.38 -59.91
C ALA A 265 10.84 15.90 -59.78
N ALA A 266 10.67 16.42 -58.57
CA ALA A 266 10.79 17.85 -58.31
C ALA A 266 12.19 18.37 -58.71
N ILE A 267 13.23 17.59 -58.41
CA ILE A 267 14.60 17.94 -58.76
C ILE A 267 14.67 18.24 -60.23
N LEU A 268 14.12 17.34 -61.06
CA LEU A 268 14.13 17.48 -62.53
C LEU A 268 13.37 18.68 -63.06
N LEU A 269 12.11 18.81 -62.61
CA LEU A 269 11.26 19.92 -62.98
C LEU A 269 11.86 21.22 -62.59
N ILE A 270 12.40 21.31 -61.37
CA ILE A 270 13.04 22.55 -60.94
C ILE A 270 14.18 23.01 -61.87
N ILE A 271 15.03 22.05 -62.24
CA ILE A 271 16.10 22.23 -63.22
C ILE A 271 15.57 22.56 -64.62
N PHE A 272 14.52 21.83 -65.02
CA PHE A 272 13.88 22.01 -66.32
C PHE A 272 13.32 23.41 -66.42
N ALA A 273 12.53 23.80 -65.42
CA ALA A 273 11.97 25.14 -65.30
C ALA A 273 13.00 26.21 -65.59
N HIS A 274 14.15 26.08 -64.95
CA HIS A 274 15.22 27.06 -65.07
C HIS A 274 15.82 27.08 -66.44
N HIS A 275 16.14 25.89 -66.95
CA HIS A 275 16.90 25.76 -68.19
C HIS A 275 16.11 25.51 -69.46
N ARG A 276 14.80 25.33 -69.38
CA ARG A 276 14.04 25.27 -70.62
C ARG A 276 13.69 26.71 -71.00
N GLN A 277 14.51 27.38 -71.80
CA GLN A 277 14.38 28.85 -71.89
C GLN A 277 14.56 29.58 -73.23
N ALA A 278 14.32 30.88 -73.21
CA ALA A 278 14.53 31.71 -74.37
C ALA A 278 15.47 32.84 -73.98
N ASN A 279 16.22 32.58 -72.93
CA ASN A 279 17.17 33.56 -72.41
C ASN A 279 18.29 32.99 -71.56
N GLY A 280 17.89 32.35 -70.47
CA GLY A 280 18.77 31.82 -69.46
C GLY A 280 17.91 31.76 -68.20
N VAL A 281 17.14 32.84 -67.99
CA VAL A 281 16.27 32.99 -66.83
C VAL A 281 14.75 32.94 -67.15
N GLU A 282 14.37 32.32 -68.27
CA GLU A 282 12.95 32.10 -68.56
C GLU A 282 12.50 30.99 -67.64
N ASP A 283 12.33 31.27 -66.36
CA ASP A 283 11.92 30.21 -65.46
C ASP A 283 10.43 30.07 -65.67
N ASP A 284 9.91 28.92 -66.15
CA ASP A 284 8.47 28.87 -66.39
C ASP A 284 7.67 29.34 -65.23
N LEU A 285 7.24 30.59 -65.27
CA LEU A 285 6.42 31.16 -64.24
C LEU A 285 5.30 30.17 -63.91
N LEU A 286 4.94 29.31 -64.88
CA LEU A 286 3.93 28.25 -64.72
C LEU A 286 4.44 26.90 -64.21
N ILE A 287 5.54 26.43 -64.76
CA ILE A 287 5.95 25.08 -64.38
C ILE A 287 6.53 25.20 -62.98
N GLN A 288 7.14 26.34 -62.63
CA GLN A 288 7.58 26.57 -61.26
C GLN A 288 6.32 26.72 -60.44
N ARG A 289 5.20 27.07 -61.10
CA ARG A 289 3.87 27.16 -60.45
C ARG A 289 3.00 25.96 -60.74
N CYS A 290 3.66 24.80 -60.85
CA CYS A 290 3.05 23.49 -60.67
C CYS A 290 2.97 23.17 -59.17
N ARG A 291 2.68 24.22 -58.41
CA ARG A 291 2.48 24.17 -56.97
C ARG A 291 1.21 23.42 -56.60
N LEU A 292 0.32 23.26 -57.57
CA LEU A 292 -0.94 22.59 -57.35
C LEU A 292 -0.98 21.39 -58.24
N ALA A 293 -0.18 21.45 -59.29
CA ALA A 293 -0.18 20.40 -60.28
C ALA A 293 0.17 19.06 -59.66
N PHE A 294 1.40 18.89 -59.20
CA PHE A 294 1.79 17.58 -58.73
C PHE A 294 1.54 17.12 -57.26
N PRO A 295 1.04 18.03 -56.38
CA PRO A 295 0.47 17.45 -55.14
C PRO A 295 -0.72 16.54 -55.43
N LEU A 296 -1.57 16.88 -56.41
CA LEU A 296 -2.72 16.05 -56.78
C LEU A 296 -2.34 14.90 -57.72
N GLY A 297 -1.16 15.00 -58.32
CA GLY A 297 -0.60 13.89 -59.08
C GLY A 297 -0.11 12.82 -58.13
N PHE A 298 0.16 13.23 -56.90
CA PHE A 298 0.54 12.30 -55.84
C PHE A 298 -0.72 11.66 -55.26
N LEU A 299 -1.81 12.43 -55.22
CA LEU A 299 -3.08 11.95 -54.73
C LEU A 299 -3.62 10.96 -55.75
N ALA A 300 -3.16 11.12 -56.98
CA ALA A 300 -3.52 10.23 -58.07
C ALA A 300 -2.71 8.94 -58.00
N ILE A 301 -1.43 9.05 -57.74
CA ILE A 301 -0.60 7.86 -57.57
C ILE A 301 -1.09 7.15 -56.30
N GLY A 302 -1.61 7.93 -55.36
CA GLY A 302 -2.17 7.40 -54.12
C GLY A 302 -3.45 6.61 -54.31
N CYS A 303 -4.28 7.07 -55.23
CA CYS A 303 -5.50 6.35 -55.52
C CYS A 303 -5.31 5.20 -56.52
N VAL A 304 -4.19 5.25 -57.26
CA VAL A 304 -3.77 4.17 -58.17
C VAL A 304 -3.23 2.93 -57.42
N LEU A 305 -2.73 3.15 -56.20
CA LEU A 305 -2.31 2.06 -55.34
C LEU A 305 -3.53 1.21 -54.96
N VAL A 306 -4.71 1.82 -55.01
CA VAL A 306 -5.97 1.12 -54.78
C VAL A 306 -6.48 0.31 -55.99
N ILE A 307 -6.11 0.71 -57.20
CA ILE A 307 -6.56 0.02 -58.43
C ILE A 307 -5.68 -1.20 -58.75
N PRO B 1 -11.45 -31.75 2.26
CA PRO B 1 -11.02 -30.47 1.66
C PRO B 1 -9.80 -29.96 2.36
N VAL B 2 -8.64 -30.27 1.75
CA VAL B 2 -7.32 -30.08 2.32
C VAL B 2 -6.96 -28.61 2.37
N ASP B 3 -6.67 -28.17 3.59
CA ASP B 3 -6.32 -26.79 3.88
C ASP B 3 -4.88 -26.54 3.61
N VAL B 4 -4.62 -25.65 2.65
CA VAL B 4 -3.27 -25.25 2.29
C VAL B 4 -2.90 -23.81 2.61
N SER B 5 -1.90 -23.61 3.46
CA SER B 5 -1.35 -22.28 3.73
C SER B 5 -0.16 -22.04 2.81
N VAL B 6 -0.24 -20.92 2.11
CA VAL B 6 0.71 -20.52 1.10
C VAL B 6 1.41 -19.28 1.63
N SER B 7 2.70 -19.11 1.38
CA SER B 7 3.36 -17.84 1.67
C SER B 7 4.43 -17.57 0.64
N ILE B 8 4.31 -16.45 -0.06
CA ILE B 8 5.23 -16.10 -1.12
C ILE B 8 6.12 -15.00 -0.59
N PHE B 9 7.44 -15.17 -0.74
CA PHE B 9 8.43 -14.15 -0.36
C PHE B 9 9.06 -13.61 -1.63
N ILE B 10 8.77 -12.35 -1.96
CA ILE B 10 9.24 -11.74 -3.20
C ILE B 10 10.61 -11.06 -3.10
N ASN B 11 11.57 -11.59 -3.86
CA ASN B 11 12.97 -11.13 -3.88
C ASN B 11 13.31 -10.03 -4.90
N LYS B 12 12.83 -10.18 -6.13
CA LYS B 12 13.18 -9.21 -7.14
C LYS B 12 12.02 -9.22 -8.13
N ILE B 13 11.56 -8.04 -8.50
CA ILE B 13 10.64 -7.90 -9.61
C ILE B 13 11.36 -7.01 -10.60
N TYR B 14 11.72 -7.59 -11.73
CA TYR B 14 12.54 -6.87 -12.68
C TYR B 14 12.10 -7.24 -14.10
N GLY B 15 12.76 -6.67 -15.11
CA GLY B 15 12.45 -7.00 -16.49
C GLY B 15 11.02 -6.85 -17.06
N VAL B 16 10.47 -5.63 -17.03
CA VAL B 16 9.13 -5.37 -17.57
C VAL B 16 9.09 -5.40 -19.09
N ASN B 17 8.31 -6.28 -19.72
CA ASN B 17 8.22 -6.26 -21.20
C ASN B 17 6.95 -5.59 -21.71
N THR B 18 7.09 -4.32 -22.12
CA THR B 18 5.95 -3.49 -22.44
C THR B 18 5.14 -3.98 -23.63
N LEU B 19 5.76 -4.56 -24.64
CA LEU B 19 4.89 -5.07 -25.70
C LEU B 19 4.12 -6.32 -25.25
N GLU B 20 4.83 -7.26 -24.62
CA GLU B 20 4.22 -8.56 -24.24
C GLU B 20 3.38 -8.51 -22.99
N GLN B 21 3.50 -7.41 -22.25
CA GLN B 21 2.82 -7.22 -20.98
C GLN B 21 3.29 -8.27 -19.97
N THR B 22 4.54 -8.07 -19.55
CA THR B 22 5.34 -9.05 -18.81
C THR B 22 6.32 -8.47 -17.80
N TYR B 23 6.62 -9.25 -16.76
CA TYR B 23 7.60 -8.92 -15.72
C TYR B 23 8.16 -10.21 -15.08
N LYS B 24 9.33 -10.09 -14.47
CA LYS B 24 9.97 -11.23 -13.86
C LYS B 24 9.80 -11.12 -12.35
N VAL B 25 9.48 -12.24 -11.70
CA VAL B 25 9.43 -12.27 -10.26
C VAL B 25 10.30 -13.41 -9.80
N ASP B 26 11.25 -13.08 -8.93
CA ASP B 26 12.07 -14.05 -8.21
C ASP B 26 11.69 -14.05 -6.74
N GLY B 27 11.47 -15.24 -6.17
CA GLY B 27 11.09 -15.35 -4.79
C GLY B 27 10.90 -16.82 -4.45
N TYR B 28 10.23 -17.11 -3.32
CA TYR B 28 9.98 -18.47 -2.91
C TYR B 28 8.50 -18.67 -2.59
N ILE B 29 7.95 -19.86 -2.89
CA ILE B 29 6.60 -20.25 -2.45
C ILE B 29 6.87 -21.12 -1.24
N VAL B 30 6.07 -20.98 -0.17
CA VAL B 30 6.02 -21.99 0.90
C VAL B 30 4.59 -22.45 1.01
N ALA B 31 4.33 -23.73 0.91
CA ALA B 31 2.97 -24.21 1.02
C ALA B 31 2.98 -25.17 2.18
N GLN B 32 1.98 -25.07 3.06
CA GLN B 32 1.88 -25.98 4.22
C GLN B 32 0.50 -26.64 4.22
N TRP B 33 0.45 -27.92 4.51
CA TRP B 33 -0.82 -28.61 4.63
C TRP B 33 -0.54 -29.70 5.65
N THR B 34 -1.56 -30.38 6.17
CA THR B 34 -1.41 -31.50 7.13
C THR B 34 -1.85 -32.89 6.72
N GLY B 35 -0.95 -33.86 6.82
CA GLY B 35 -1.27 -35.25 6.52
C GLY B 35 -1.46 -36.09 7.78
N LYS B 36 -1.47 -37.41 7.61
CA LYS B 36 -1.52 -38.35 8.74
C LYS B 36 -0.10 -38.36 9.28
N PRO B 37 0.06 -38.41 10.61
CA PRO B 37 1.37 -38.46 11.25
C PRO B 37 2.33 -39.49 10.62
N ARG B 38 3.61 -39.16 10.66
CA ARG B 38 4.67 -39.96 10.05
C ARG B 38 5.59 -40.33 11.19
N LYS B 39 6.41 -41.36 11.00
CA LYS B 39 7.44 -41.74 11.97
C LYS B 39 8.73 -41.23 11.34
N THR B 40 9.21 -40.06 11.76
CA THR B 40 10.39 -39.48 11.12
C THR B 40 11.58 -39.70 12.03
N PRO B 41 12.78 -39.89 11.44
CA PRO B 41 14.05 -40.20 12.13
C PRO B 41 14.41 -39.25 13.26
N GLY B 42 14.65 -39.83 14.43
CA GLY B 42 14.76 -39.05 15.64
C GLY B 42 13.31 -38.84 16.03
N ASP B 43 12.80 -37.65 15.80
CA ASP B 43 11.38 -37.36 16.00
C ASP B 43 11.34 -35.96 15.49
N LYS B 44 12.53 -35.50 15.17
CA LYS B 44 12.72 -34.20 14.58
C LYS B 44 12.22 -34.20 13.15
N PRO B 45 11.82 -33.01 12.66
CA PRO B 45 11.27 -32.79 11.32
C PRO B 45 12.18 -33.33 10.26
N LEU B 46 11.64 -34.10 9.32
CA LEU B 46 12.47 -34.72 8.31
C LEU B 46 12.60 -33.83 7.10
N ILE B 47 13.83 -33.55 6.68
CA ILE B 47 14.09 -32.72 5.48
C ILE B 47 14.48 -33.50 4.22
N VAL B 48 13.79 -33.18 3.14
CA VAL B 48 13.94 -33.79 1.83
C VAL B 48 14.22 -32.70 0.79
N GLU B 49 15.44 -32.63 0.26
CA GLU B 49 15.79 -31.58 -0.71
C GLU B 49 15.68 -32.11 -2.13
N ASN B 50 15.70 -31.18 -3.07
CA ASN B 50 15.51 -31.39 -4.51
C ASN B 50 15.15 -32.79 -5.00
N THR B 51 16.13 -33.48 -5.59
CA THR B 51 15.95 -34.79 -6.24
C THR B 51 15.07 -35.76 -5.46
N GLN B 52 15.24 -35.80 -4.15
CA GLN B 52 14.47 -36.73 -3.36
C GLN B 52 12.92 -36.56 -3.24
N ILE B 53 12.39 -35.38 -3.56
CA ILE B 53 10.97 -35.21 -3.41
C ILE B 53 10.22 -36.12 -4.34
N GLU B 54 10.67 -36.16 -5.59
CA GLU B 54 10.05 -37.02 -6.59
C GLU B 54 10.04 -38.46 -6.10
N ARG B 55 11.11 -38.88 -5.41
CA ARG B 55 11.16 -40.24 -4.88
C ARG B 55 10.09 -40.57 -3.87
N TRP B 56 9.79 -39.60 -3.00
CA TRP B 56 8.79 -39.82 -1.95
C TRP B 56 7.44 -39.94 -2.60
N ILE B 57 7.29 -39.20 -3.69
CA ILE B 57 6.05 -39.18 -4.41
C ILE B 57 5.73 -40.54 -5.04
N ASN B 58 6.73 -41.24 -5.58
CA ASN B 58 6.53 -42.61 -6.06
C ASN B 58 6.04 -43.56 -4.98
N ASN B 59 6.34 -43.24 -3.72
CA ASN B 59 5.84 -44.04 -2.58
C ASN B 59 4.51 -43.52 -2.00
N GLY B 60 3.86 -42.62 -2.72
CA GLY B 60 2.51 -42.21 -2.39
C GLY B 60 2.32 -40.87 -1.67
N LEU B 61 3.38 -40.08 -1.59
CA LEU B 61 3.25 -38.79 -0.95
C LEU B 61 2.50 -37.88 -1.88
N TRP B 62 1.41 -37.35 -1.38
CA TRP B 62 0.60 -36.38 -2.09
C TRP B 62 1.26 -35.05 -1.95
N VAL B 63 1.84 -34.56 -3.03
CA VAL B 63 2.33 -33.20 -3.04
C VAL B 63 1.68 -32.52 -4.21
N PRO B 64 0.58 -31.80 -3.97
CA PRO B 64 -0.24 -31.30 -5.06
C PRO B 64 0.44 -30.20 -5.88
N ALA B 65 0.33 -30.28 -7.19
CA ALA B 65 0.91 -29.26 -8.04
C ALA B 65 0.10 -27.96 -7.97
N LEU B 66 0.76 -26.91 -7.52
CA LEU B 66 0.12 -25.62 -7.49
C LEU B 66 0.61 -24.85 -8.69
N GLU B 67 -0.28 -24.55 -9.63
CA GLU B 67 0.03 -23.79 -10.86
C GLU B 67 0.06 -22.26 -10.79
N PHE B 68 1.07 -21.66 -11.41
CA PHE B 68 1.10 -20.22 -11.60
C PHE B 68 0.21 -19.88 -12.83
N ILE B 69 -1.01 -19.45 -12.58
CA ILE B 69 -2.02 -19.20 -13.65
C ILE B 69 -1.59 -18.23 -14.74
N ASN B 70 -0.93 -17.15 -14.32
CA ASN B 70 -0.55 -16.10 -15.24
C ASN B 70 0.94 -16.11 -15.58
N VAL B 71 1.58 -17.25 -15.36
CA VAL B 71 2.96 -17.35 -15.77
C VAL B 71 3.13 -17.64 -17.28
N VAL B 72 4.05 -16.91 -17.89
CA VAL B 72 4.40 -17.12 -19.27
C VAL B 72 5.46 -18.20 -19.40
N GLY B 73 5.09 -19.34 -19.97
CA GLY B 73 6.07 -20.40 -20.03
C GLY B 73 6.01 -21.11 -18.72
N SER B 74 7.08 -21.81 -18.35
CA SER B 74 7.09 -22.51 -17.07
C SER B 74 8.26 -22.02 -16.23
N PRO B 75 8.04 -21.79 -14.94
CA PRO B 75 8.94 -20.98 -14.11
C PRO B 75 10.33 -21.60 -13.98
N ASP B 76 11.38 -20.81 -13.77
CA ASP B 76 12.70 -21.35 -13.42
C ASP B 76 12.73 -21.69 -11.95
N THR B 77 12.76 -22.99 -11.69
CA THR B 77 12.78 -23.47 -10.33
C THR B 77 14.12 -23.75 -9.77
N GLY B 78 14.42 -23.16 -8.61
CA GLY B 78 15.65 -23.40 -7.89
C GLY B 78 15.55 -24.64 -7.03
N ASN B 79 15.89 -24.53 -5.76
CA ASN B 79 15.85 -25.71 -4.91
C ASN B 79 14.47 -26.14 -4.33
N LYS B 80 14.20 -27.42 -4.20
CA LYS B 80 12.91 -27.79 -3.67
C LYS B 80 13.25 -28.35 -2.33
N ARG B 81 12.29 -28.41 -1.42
CA ARG B 81 12.55 -28.90 -0.09
C ARG B 81 11.22 -29.39 0.36
N LEU B 82 11.15 -30.56 0.97
CA LEU B 82 9.92 -30.97 1.63
C LEU B 82 10.30 -30.91 3.09
N MET B 83 9.47 -30.36 3.94
CA MET B 83 9.81 -30.44 5.34
C MET B 83 8.78 -31.32 6.04
N LEU B 84 9.13 -32.58 6.31
CA LEU B 84 8.15 -33.54 6.81
C LEU B 84 8.19 -33.69 8.34
N PHE B 85 7.12 -33.21 9.00
CA PHE B 85 7.00 -33.21 10.45
C PHE B 85 6.25 -34.44 10.80
N PRO B 86 6.52 -35.03 12.01
CA PRO B 86 6.00 -36.31 12.54
C PRO B 86 4.54 -36.26 12.97
N ASP B 87 4.11 -35.08 13.36
CA ASP B 87 2.74 -34.86 13.79
C ASP B 87 1.77 -34.84 12.61
N GLY B 88 2.31 -34.98 11.40
CA GLY B 88 1.53 -35.11 10.19
C GLY B 88 1.82 -34.04 9.16
N ARG B 89 1.96 -32.79 9.62
CA ARG B 89 2.08 -31.63 8.76
C ARG B 89 3.29 -31.67 7.76
N VAL B 90 3.08 -31.04 6.60
CA VAL B 90 4.00 -31.07 5.50
C VAL B 90 4.20 -29.65 4.93
N ILE B 91 5.45 -29.23 4.76
CA ILE B 91 5.78 -27.91 4.24
C ILE B 91 6.60 -28.10 3.00
N TYR B 92 6.17 -27.50 1.91
CA TYR B 92 6.90 -27.48 0.63
C TYR B 92 7.52 -26.10 0.35
N ASN B 93 8.82 -26.00 0.18
CA ASN B 93 9.44 -24.71 -0.04
C ASN B 93 10.25 -24.76 -1.33
N ALA B 94 10.11 -23.77 -2.18
CA ALA B 94 10.88 -23.79 -3.44
C ALA B 94 11.24 -22.40 -3.92
N ARG B 95 12.36 -22.27 -4.60
CA ARG B 95 12.70 -21.00 -5.19
C ARG B 95 12.25 -20.93 -6.63
N PHE B 96 11.84 -19.75 -7.09
CA PHE B 96 11.37 -19.63 -8.46
C PHE B 96 11.78 -18.31 -9.06
N LEU B 97 11.99 -18.35 -10.37
CA LEU B 97 12.03 -17.14 -11.13
C LEU B 97 11.10 -17.41 -12.30
N GLY B 98 10.12 -16.53 -12.49
CA GLY B 98 9.09 -16.69 -13.51
C GLY B 98 8.86 -15.37 -14.25
N SER B 99 8.42 -15.48 -15.51
CA SER B 99 7.98 -14.32 -16.28
C SER B 99 6.47 -14.31 -16.26
N PHE B 100 5.89 -13.25 -15.71
CA PHE B 100 4.46 -13.24 -15.50
C PHE B 100 3.67 -12.28 -16.38
N SER B 101 2.42 -12.66 -16.61
CA SER B 101 1.51 -11.96 -17.50
C SER B 101 0.53 -11.10 -16.72
N ASN B 102 0.31 -9.90 -17.23
CA ASN B 102 -0.74 -9.04 -16.68
C ASN B 102 -1.10 -7.86 -17.61
N ASP B 103 -2.37 -7.46 -17.60
CA ASP B 103 -2.78 -6.30 -18.38
C ASP B 103 -2.00 -5.07 -17.96
N MET B 104 -1.31 -4.41 -18.88
CA MET B 104 -0.58 -3.20 -18.51
C MET B 104 -0.87 -2.04 -19.43
N ASP B 105 -1.34 -0.93 -18.89
CA ASP B 105 -1.61 0.27 -19.67
C ASP B 105 -0.40 1.17 -19.62
N PHE B 106 0.17 1.46 -20.79
CA PHE B 106 1.36 2.35 -20.87
C PHE B 106 1.05 3.69 -21.54
N ARG B 107 -0.23 4.00 -21.69
CA ARG B 107 -0.67 5.24 -22.33
C ARG B 107 -0.09 6.47 -21.66
N LEU B 108 0.01 6.49 -20.36
CA LEU B 108 0.56 7.71 -19.79
C LEU B 108 2.04 7.67 -19.38
N PHE B 109 2.83 6.98 -20.23
CA PHE B 109 4.29 6.89 -20.09
C PHE B 109 4.91 8.27 -20.30
N PRO B 110 5.98 8.60 -19.55
CA PRO B 110 6.72 7.80 -18.59
C PRO B 110 6.17 7.88 -17.18
N PHE B 111 4.87 8.16 -17.04
CA PHE B 111 4.26 8.25 -15.72
C PHE B 111 3.24 7.16 -15.40
N ASP B 112 3.51 5.93 -15.85
CA ASP B 112 2.56 4.86 -15.63
C ASP B 112 2.63 4.48 -14.16
N ARG B 113 1.52 3.96 -13.67
CA ARG B 113 1.39 3.27 -12.40
C ARG B 113 1.08 1.88 -12.93
N GLN B 114 1.76 0.85 -12.44
CA GLN B 114 1.49 -0.52 -12.84
C GLN B 114 1.18 -1.44 -11.67
N GLN B 115 0.61 -2.62 -11.91
CA GLN B 115 0.61 -3.57 -10.81
C GLN B 115 0.97 -4.99 -11.20
N PHE B 116 2.03 -5.45 -10.56
CA PHE B 116 2.65 -6.75 -10.76
C PHE B 116 1.85 -7.80 -9.95
N VAL B 117 1.39 -8.84 -10.63
CA VAL B 117 0.53 -9.83 -10.02
C VAL B 117 0.99 -11.33 -10.07
N LEU B 118 0.71 -12.06 -9.01
CA LEU B 118 0.91 -13.49 -9.04
C LEU B 118 -0.47 -14.10 -8.82
N GLU B 119 -0.85 -15.07 -9.65
CA GLU B 119 -2.08 -15.82 -9.49
C GLU B 119 -1.76 -17.32 -9.38
N LEU B 120 -1.95 -17.86 -8.20
CA LEU B 120 -1.66 -19.24 -7.85
C LEU B 120 -2.95 -20.04 -7.81
N GLU B 121 -2.92 -21.31 -8.20
CA GLU B 121 -4.15 -22.07 -8.17
C GLU B 121 -3.79 -23.53 -8.20
N PRO B 122 -4.49 -24.39 -7.43
CA PRO B 122 -4.11 -25.80 -7.60
C PRO B 122 -4.34 -26.27 -9.04
N PHE B 123 -3.37 -26.99 -9.60
CA PHE B 123 -3.48 -27.40 -11.00
C PHE B 123 -4.54 -28.48 -11.24
N SER B 124 -4.72 -29.39 -10.28
CA SER B 124 -5.62 -30.55 -10.49
C SER B 124 -6.76 -30.78 -9.47
N TYR B 125 -6.69 -30.10 -8.33
CA TYR B 125 -7.67 -30.26 -7.25
C TYR B 125 -8.60 -29.07 -7.10
N ASN B 126 -9.90 -29.32 -7.10
CA ASN B 126 -10.88 -28.28 -6.86
C ASN B 126 -11.01 -27.84 -5.41
N ASN B 127 -11.83 -26.80 -5.20
CA ASN B 127 -12.15 -26.20 -3.90
C ASN B 127 -12.61 -27.19 -2.85
N GLN B 128 -13.18 -28.29 -3.30
CA GLN B 128 -13.68 -29.28 -2.37
C GLN B 128 -12.61 -30.30 -2.01
N GLN B 129 -11.60 -30.39 -2.88
CA GLN B 129 -10.42 -31.23 -2.68
C GLN B 129 -9.23 -30.43 -2.09
N LEU B 130 -8.92 -29.28 -2.68
CA LEU B 130 -7.87 -28.44 -2.12
C LEU B 130 -8.32 -26.95 -2.09
N ARG B 131 -8.15 -26.34 -0.91
CA ARG B 131 -8.64 -25.00 -0.60
C ARG B 131 -7.51 -24.18 0.04
N PHE B 132 -7.35 -22.91 -0.33
CA PHE B 132 -6.29 -22.10 0.24
C PHE B 132 -6.69 -21.48 1.56
N SER B 133 -6.12 -21.98 2.64
CA SER B 133 -6.52 -21.52 3.96
C SER B 133 -6.26 -20.05 4.10
N ASP B 134 -5.04 -19.64 3.80
CA ASP B 134 -4.75 -18.22 3.83
C ASP B 134 -3.51 -17.98 3.01
N ILE B 135 -3.21 -16.75 2.62
CA ILE B 135 -1.93 -16.43 2.03
C ILE B 135 -1.40 -15.07 2.36
N GLN B 136 -0.16 -15.05 2.82
CA GLN B 136 0.57 -13.83 3.06
C GLN B 136 1.81 -13.75 2.15
N VAL B 137 2.09 -12.55 1.66
CA VAL B 137 3.22 -12.22 0.78
C VAL B 137 4.17 -11.17 1.39
N TYR B 138 5.46 -11.48 1.50
CA TYR B 138 6.40 -10.55 2.15
C TYR B 138 7.39 -9.95 1.16
N THR B 139 7.22 -8.69 0.81
CA THR B 139 8.16 -8.03 -0.07
C THR B 139 9.11 -7.20 0.74
N GLU B 140 9.99 -7.88 1.47
CA GLU B 140 10.90 -7.24 2.43
C GLU B 140 11.88 -6.30 1.73
N ASN B 141 11.32 -5.46 0.88
CA ASN B 141 12.11 -4.44 0.23
C ASN B 141 12.02 -3.14 1.07
N ILE B 142 12.66 -2.09 0.54
CA ILE B 142 12.73 -0.75 1.12
C ILE B 142 13.75 0.04 0.30
N ASP B 143 13.89 1.33 0.60
CA ASP B 143 15.05 2.15 0.23
C ASP B 143 15.51 2.21 -1.23
N ASN B 144 16.51 3.06 -1.49
CA ASN B 144 17.20 3.18 -2.81
C ASN B 144 16.31 3.21 -4.05
N GLU B 145 15.26 4.01 -4.08
CA GLU B 145 14.37 3.95 -5.22
C GLU B 145 15.00 4.60 -6.43
N GLU B 146 15.83 5.59 -6.16
CA GLU B 146 16.45 6.41 -7.18
C GLU B 146 17.54 5.65 -7.93
N ILE B 147 17.69 4.38 -7.55
CA ILE B 147 18.61 3.45 -8.18
C ILE B 147 17.91 2.42 -9.07
N ASP B 148 16.67 2.11 -8.70
CA ASP B 148 15.88 1.13 -9.39
C ASP B 148 14.90 1.76 -10.36
N GLU B 149 14.52 1.00 -11.38
CA GLU B 149 13.62 1.47 -12.42
C GLU B 149 12.24 1.79 -11.88
N TRP B 150 11.78 0.94 -10.97
CA TRP B 150 10.44 1.04 -10.40
C TRP B 150 10.41 1.33 -8.90
N TRP B 151 9.37 2.05 -8.50
CA TRP B 151 9.16 2.32 -7.11
C TRP B 151 7.92 1.55 -6.65
N ILE B 152 8.12 0.51 -5.85
CA ILE B 152 6.99 -0.26 -5.29
C ILE B 152 6.26 0.62 -4.26
N ARG B 153 4.94 0.66 -4.33
CA ARG B 153 4.20 1.56 -3.43
C ARG B 153 3.57 0.89 -2.21
N GLY B 154 2.66 -0.03 -2.45
CA GLY B 154 2.03 -0.74 -1.37
C GLY B 154 2.90 -1.79 -0.68
N LYS B 155 2.28 -2.64 0.10
CA LYS B 155 3.02 -3.68 0.76
C LYS B 155 2.68 -5.02 0.15
N ALA B 156 1.65 -4.99 -0.69
CA ALA B 156 1.10 -6.12 -1.44
C ALA B 156 -0.32 -6.39 -0.93
N SER B 157 -1.22 -6.50 -1.88
CA SER B 157 -2.59 -6.88 -1.74
C SER B 157 -2.67 -8.38 -1.89
N THR B 158 -3.62 -8.99 -1.24
CA THR B 158 -3.83 -10.42 -1.37
C THR B 158 -5.34 -10.64 -1.71
N HIS B 159 -5.65 -11.76 -2.33
CA HIS B 159 -7.04 -12.10 -2.53
C HIS B 159 -7.20 -13.62 -2.71
N ILE B 160 -7.79 -14.28 -1.72
CA ILE B 160 -8.26 -15.65 -1.95
C ILE B 160 -9.77 -15.66 -2.36
N SER B 161 -10.06 -16.41 -3.43
CA SER B 161 -11.39 -16.45 -4.05
C SER B 161 -11.63 -17.85 -4.55
N ASP B 162 -12.76 -18.02 -5.22
CA ASP B 162 -13.09 -19.27 -5.87
C ASP B 162 -13.27 -19.01 -7.36
N ILE B 163 -12.57 -19.76 -8.21
CA ILE B 163 -12.72 -19.60 -9.65
C ILE B 163 -13.64 -20.71 -10.11
N ARG B 164 -14.74 -20.33 -10.79
CA ARG B 164 -15.71 -21.29 -11.30
C ARG B 164 -15.44 -21.49 -12.77
N TYR B 165 -14.76 -22.58 -13.10
CA TYR B 165 -14.64 -23.08 -14.47
C TYR B 165 -15.94 -23.75 -14.90
N ASP B 166 -16.85 -23.02 -15.50
CA ASP B 166 -18.12 -23.67 -15.84
C ASP B 166 -18.18 -24.24 -17.25
N HIS B 167 -17.02 -24.39 -17.89
CA HIS B 167 -16.94 -25.18 -19.13
C HIS B 167 -16.68 -26.61 -18.77
N LEU B 168 -17.07 -27.51 -19.66
CA LEU B 168 -17.72 -28.76 -19.22
C LEU B 168 -17.27 -29.38 -17.89
N SER B 169 -17.51 -28.61 -16.81
CA SER B 169 -17.96 -29.09 -15.51
C SER B 169 -18.41 -30.53 -15.56
N SER B 170 -19.71 -30.69 -15.76
CA SER B 170 -20.35 -31.91 -16.27
C SER B 170 -19.66 -33.24 -15.92
N VAL B 171 -18.43 -33.41 -16.41
CA VAL B 171 -17.51 -34.48 -16.00
C VAL B 171 -17.51 -34.76 -14.48
N GLN B 172 -17.28 -33.72 -13.68
CA GLN B 172 -17.46 -33.78 -12.23
C GLN B 172 -18.41 -32.64 -11.84
N PRO B 173 -19.73 -32.87 -11.92
CA PRO B 173 -20.72 -31.78 -11.74
C PRO B 173 -20.84 -31.29 -10.29
N ASN B 174 -21.22 -30.02 -10.09
CA ASN B 174 -21.35 -29.41 -8.76
C ASN B 174 -20.00 -29.10 -8.10
N GLN B 175 -18.94 -29.68 -8.67
CA GLN B 175 -17.61 -29.49 -8.10
C GLN B 175 -16.49 -29.21 -9.11
N ASN B 176 -16.48 -27.97 -9.56
CA ASN B 176 -15.47 -27.45 -10.43
C ASN B 176 -15.33 -25.96 -10.20
N GLU B 177 -15.11 -25.61 -8.94
CA GLU B 177 -14.63 -24.28 -8.64
C GLU B 177 -13.25 -24.44 -8.00
N PHE B 178 -12.20 -23.92 -8.59
CA PHE B 178 -10.89 -24.08 -7.96
C PHE B 178 -10.64 -22.89 -7.09
N SER B 179 -9.92 -23.05 -5.99
CA SER B 179 -9.63 -21.87 -5.15
C SER B 179 -8.41 -21.12 -5.61
N ARG B 180 -8.50 -19.80 -5.77
CA ARG B 180 -7.37 -19.05 -6.33
C ARG B 180 -6.75 -17.95 -5.48
N ILE B 181 -5.43 -18.04 -5.32
CA ILE B 181 -4.69 -16.99 -4.66
C ILE B 181 -4.22 -15.95 -5.68
N THR B 182 -4.40 -14.68 -5.35
CA THR B 182 -4.03 -13.53 -6.16
C THR B 182 -3.18 -12.55 -5.39
N VAL B 183 -1.96 -12.33 -5.82
CA VAL B 183 -1.10 -11.36 -5.15
C VAL B 183 -1.02 -10.06 -5.95
N ARG B 184 -1.03 -8.89 -5.31
CA ARG B 184 -0.87 -7.64 -6.07
C ARG B 184 0.17 -6.68 -5.57
N ILE B 185 1.12 -6.28 -6.43
CA ILE B 185 2.13 -5.33 -5.98
C ILE B 185 2.05 -4.04 -6.82
N ASP B 186 1.77 -2.92 -6.20
CA ASP B 186 1.67 -1.66 -6.94
C ASP B 186 3.00 -0.99 -7.19
N ALA B 187 3.14 -0.35 -8.34
CA ALA B 187 4.36 0.35 -8.65
C ALA B 187 4.18 1.62 -9.48
N VAL B 188 5.16 2.48 -9.40
CA VAL B 188 5.18 3.72 -10.16
C VAL B 188 6.46 3.80 -10.96
N ARG B 189 6.43 4.27 -12.20
CA ARG B 189 7.68 4.35 -12.96
C ARG B 189 8.56 5.51 -12.51
N ASN B 190 9.87 5.27 -12.43
CA ASN B 190 10.84 6.32 -12.12
C ASN B 190 11.03 7.15 -13.37
N PRO B 191 10.38 8.34 -13.43
CA PRO B 191 10.24 9.22 -14.58
C PRO B 191 11.42 10.15 -14.77
N SER B 192 12.39 10.10 -13.85
CA SER B 192 13.52 10.98 -13.88
C SER B 192 14.28 10.96 -15.20
N TYR B 193 14.63 9.77 -15.69
CA TYR B 193 15.44 9.69 -16.91
C TYR B 193 14.74 10.32 -18.08
N TYR B 194 13.45 9.99 -18.19
CA TYR B 194 12.61 10.46 -19.28
C TYR B 194 12.26 11.94 -19.22
N LEU B 195 12.27 12.48 -18.01
CA LEU B 195 12.06 13.89 -17.80
C LEU B 195 13.24 14.66 -18.33
N TRP B 196 14.42 14.34 -17.82
CA TRP B 196 15.61 15.13 -18.17
C TRP B 196 16.16 14.84 -19.54
N SER B 197 16.05 13.60 -19.95
CA SER B 197 16.62 13.21 -21.21
C SER B 197 15.65 13.06 -22.39
N PHE B 198 14.35 13.13 -22.14
CA PHE B 198 13.43 13.16 -23.27
C PHE B 198 12.50 14.37 -23.25
N ILE B 199 11.76 14.55 -22.17
CA ILE B 199 10.82 15.63 -22.15
C ILE B 199 11.58 16.94 -22.34
N LEU B 200 12.51 17.28 -21.45
CA LEU B 200 13.22 18.58 -21.51
C LEU B 200 13.83 18.94 -22.88
N PRO B 201 14.73 18.11 -23.41
CA PRO B 201 15.17 18.65 -24.69
C PRO B 201 14.08 18.69 -25.77
N LEU B 202 13.14 17.74 -25.82
CA LEU B 202 12.08 17.80 -26.84
C LEU B 202 11.31 19.10 -26.71
N GLY B 203 11.12 19.57 -25.48
CA GLY B 203 10.55 20.88 -25.23
C GLY B 203 11.37 22.03 -25.79
N LEU B 204 12.68 21.97 -25.61
CA LEU B 204 13.60 22.96 -26.17
C LEU B 204 13.62 23.04 -27.71
N ILE B 205 13.52 21.89 -28.37
CA ILE B 205 13.47 21.83 -29.82
C ILE B 205 12.20 22.58 -30.23
N ILE B 206 11.03 22.17 -29.72
CA ILE B 206 9.74 22.79 -30.09
C ILE B 206 9.76 24.28 -29.79
N ALA B 207 10.29 24.64 -28.62
CA ALA B 207 10.40 26.03 -28.20
C ALA B 207 11.25 26.80 -29.22
N ALA B 208 12.43 26.28 -29.51
CA ALA B 208 13.29 26.92 -30.49
C ALA B 208 12.70 26.89 -31.91
N SER B 209 11.77 25.97 -32.17
CA SER B 209 11.03 25.98 -33.44
C SER B 209 10.38 27.33 -33.66
N TRP B 210 9.84 27.89 -32.59
CA TRP B 210 9.06 29.12 -32.68
C TRP B 210 9.90 30.36 -32.99
N SER B 211 11.21 30.20 -32.85
CA SER B 211 12.14 31.28 -33.09
C SER B 211 12.30 31.57 -34.57
N VAL B 212 11.58 30.82 -35.40
CA VAL B 212 11.63 30.98 -36.85
C VAL B 212 11.09 32.35 -37.29
N PHE B 213 10.22 32.93 -36.48
CA PHE B 213 9.50 34.17 -36.77
C PHE B 213 10.31 35.42 -36.48
N TRP B 214 11.38 35.28 -35.71
CA TRP B 214 12.28 36.41 -35.51
C TRP B 214 13.29 36.54 -36.67
N LEU B 215 13.21 35.63 -37.64
CA LEU B 215 14.09 35.67 -38.82
C LEU B 215 13.58 36.69 -39.78
N GLU B 216 14.46 37.49 -40.37
CA GLU B 216 14.00 38.60 -41.19
C GLU B 216 13.39 38.15 -42.53
N SER B 217 14.19 37.52 -43.40
CA SER B 217 13.72 37.08 -44.73
C SER B 217 12.71 35.92 -44.73
N PHE B 218 11.99 35.79 -45.83
CA PHE B 218 11.11 34.65 -46.09
C PHE B 218 11.90 33.44 -46.50
N SER B 219 12.94 33.68 -47.30
CA SER B 219 13.80 32.58 -47.71
C SER B 219 14.36 31.96 -46.46
N GLU B 220 14.73 32.80 -45.49
CA GLU B 220 15.26 32.31 -44.23
C GLU B 220 14.24 31.55 -43.39
N ARG B 221 13.05 32.14 -43.27
CA ARG B 221 11.98 31.57 -42.47
C ARG B 221 11.59 30.18 -42.95
N LEU B 222 11.44 29.99 -44.24
CA LEU B 222 10.99 28.69 -44.73
C LEU B 222 12.11 27.66 -44.76
N GLN B 223 13.30 28.02 -45.22
CA GLN B 223 14.38 27.04 -45.25
C GLN B 223 14.76 26.54 -43.84
N THR B 224 14.88 27.45 -42.88
CA THR B 224 15.24 27.07 -41.52
C THR B 224 14.20 26.15 -40.94
N SER B 225 12.95 26.26 -41.40
CA SER B 225 11.90 25.37 -40.93
C SER B 225 12.05 23.95 -41.47
N PHE B 226 12.84 23.78 -42.52
CA PHE B 226 13.13 22.43 -43.03
C PHE B 226 14.10 21.63 -42.20
N THR B 227 15.10 22.34 -41.70
CA THR B 227 16.07 21.87 -40.75
C THR B 227 15.32 21.55 -39.48
N LEU B 228 14.36 22.40 -39.18
CA LEU B 228 13.62 22.29 -37.95
C LEU B 228 12.84 20.98 -37.91
N MET B 229 12.25 20.69 -39.06
CA MET B 229 11.51 19.47 -39.30
C MET B 229 12.43 18.24 -39.18
N LEU B 230 13.62 18.32 -39.78
CA LEU B 230 14.59 17.23 -39.80
C LEU B 230 15.04 17.00 -38.36
N THR B 231 15.10 18.06 -37.54
CA THR B 231 15.46 17.89 -36.10
C THR B 231 14.38 17.10 -35.37
N VAL B 232 13.11 17.38 -35.65
CA VAL B 232 12.04 16.56 -35.06
C VAL B 232 12.11 15.12 -35.63
N VAL B 233 12.49 14.93 -36.91
CA VAL B 233 12.65 13.53 -37.36
C VAL B 233 13.86 12.90 -36.66
N ALA B 234 14.97 13.61 -36.58
CA ALA B 234 16.14 13.10 -35.87
C ALA B 234 15.71 12.81 -34.45
N TYR B 235 14.86 13.65 -33.91
CA TYR B 235 14.37 13.40 -32.56
C TYR B 235 13.35 12.30 -32.52
N ALA B 236 12.49 12.23 -33.53
CA ALA B 236 11.51 11.17 -33.63
C ALA B 236 12.20 9.83 -33.59
N PHE B 237 13.36 9.79 -34.24
CA PHE B 237 14.21 8.62 -34.39
C PHE B 237 14.92 8.20 -33.10
N TYR B 238 15.55 9.16 -32.44
CA TYR B 238 16.18 8.97 -31.13
C TYR B 238 15.17 8.54 -30.05
N THR B 239 13.96 9.11 -30.11
CA THR B 239 12.90 8.74 -29.18
C THR B 239 12.52 7.26 -29.28
N SER B 240 12.07 6.86 -30.47
CA SER B 240 11.56 5.51 -30.74
C SER B 240 12.55 4.35 -30.62
N ASN B 241 13.80 4.63 -30.86
CA ASN B 241 14.81 3.60 -30.71
C ASN B 241 15.09 3.23 -29.23
N ILE B 242 14.96 4.21 -28.33
CA ILE B 242 15.29 4.03 -26.90
C ILE B 242 14.04 3.71 -26.06
N LEU B 243 12.94 4.40 -26.34
CA LEU B 243 11.66 4.16 -25.66
C LEU B 243 11.06 2.78 -26.00
N PRO B 244 10.28 2.20 -25.07
CA PRO B 244 9.69 0.86 -25.15
C PRO B 244 8.63 0.70 -26.20
N ARG B 245 8.64 -0.40 -26.93
CA ARG B 245 7.65 -0.57 -28.00
C ARG B 245 6.25 -0.80 -27.44
N LEU B 246 5.29 -0.04 -27.96
CA LEU B 246 3.91 -0.14 -27.53
C LEU B 246 3.09 -0.20 -28.81
N PRO B 247 1.84 -0.70 -28.71
CA PRO B 247 0.93 -0.63 -29.86
C PRO B 247 0.05 0.61 -29.73
N TYR B 248 0.49 1.56 -28.93
CA TYR B 248 -0.24 2.81 -28.79
C TYR B 248 0.63 4.02 -28.48
N THR B 249 0.04 5.19 -28.58
CA THR B 249 0.83 6.38 -28.34
C THR B 249 0.87 6.77 -26.87
N THR B 250 2.06 7.15 -26.41
CA THR B 250 2.23 7.67 -25.07
C THR B 250 2.21 9.19 -25.12
N VAL B 251 2.54 9.82 -23.99
CA VAL B 251 2.70 11.27 -23.85
C VAL B 251 3.87 11.88 -24.67
N ILE B 252 5.01 11.24 -24.55
CA ILE B 252 6.18 11.62 -25.30
C ILE B 252 5.90 11.53 -26.80
N ASP B 253 5.18 10.50 -27.24
CA ASP B 253 4.88 10.36 -28.66
C ASP B 253 4.05 11.54 -29.15
N GLN B 254 3.12 11.98 -28.32
CA GLN B 254 2.26 13.09 -28.68
C GLN B 254 3.00 14.41 -28.76
N MET B 255 3.93 14.62 -27.82
CA MET B 255 4.78 15.79 -27.88
C MET B 255 5.47 15.84 -29.24
N ILE B 256 5.91 14.68 -29.72
CA ILE B 256 6.49 14.59 -31.05
C ILE B 256 5.46 14.98 -32.13
N ILE B 257 4.25 14.41 -32.12
CA ILE B 257 3.24 14.75 -33.15
C ILE B 257 2.98 16.24 -33.10
N ALA B 258 2.96 16.80 -31.88
CA ALA B 258 2.77 18.22 -31.69
C ALA B 258 3.91 19.00 -32.30
N GLY B 259 5.10 18.42 -32.21
CA GLY B 259 6.25 19.08 -32.78
C GLY B 259 6.11 19.24 -34.27
N TYR B 260 5.88 18.12 -34.96
CA TYR B 260 5.74 18.13 -36.41
C TYR B 260 4.67 19.12 -36.78
N GLY B 261 3.63 19.22 -35.96
CA GLY B 261 2.55 20.14 -36.25
C GLY B 261 2.90 21.61 -36.17
N SER B 262 3.50 22.01 -35.04
CA SER B 262 3.84 23.42 -34.81
C SER B 262 4.72 23.88 -35.98
N ILE B 263 5.61 22.98 -36.39
CA ILE B 263 6.48 23.24 -37.53
C ILE B 263 5.75 23.28 -38.90
N PHE B 264 4.87 22.32 -39.16
CA PHE B 264 4.11 22.26 -40.39
C PHE B 264 3.13 23.39 -40.45
N ALA B 265 2.58 23.80 -39.30
CA ALA B 265 1.66 24.95 -39.32
C ALA B 265 2.40 26.20 -39.77
N ALA B 266 3.61 26.38 -39.23
CA ALA B 266 4.45 27.52 -39.59
C ALA B 266 4.79 27.53 -41.09
N ILE B 267 5.07 26.36 -41.65
CA ILE B 267 5.38 26.23 -43.08
C ILE B 267 4.21 26.84 -43.82
N LEU B 268 3.00 26.45 -43.45
CA LEU B 268 1.81 26.97 -44.12
C LEU B 268 1.61 28.48 -43.92
N LEU B 269 1.71 28.95 -42.69
CA LEU B 269 1.62 30.37 -42.48
C LEU B 269 2.69 31.09 -43.23
N ILE B 270 3.93 30.61 -43.11
CA ILE B 270 5.05 31.32 -43.72
C ILE B 270 4.87 31.51 -45.22
N ILE B 271 4.47 30.45 -45.92
CA ILE B 271 4.15 30.58 -47.34
C ILE B 271 2.99 31.56 -47.53
N PHE B 272 1.99 31.47 -46.64
CA PHE B 272 0.80 32.31 -46.75
C PHE B 272 1.13 33.78 -46.57
N ALA B 273 1.77 34.08 -45.46
CA ALA B 273 2.18 35.44 -45.17
C ALA B 273 2.80 36.06 -46.40
N HIS B 274 3.72 35.34 -47.03
CA HIS B 274 4.45 35.86 -48.18
C HIS B 274 3.60 35.94 -49.47
N HIS B 275 2.80 34.93 -49.80
CA HIS B 275 2.09 34.95 -51.10
C HIS B 275 0.68 35.56 -51.09
N ARG B 276 0.16 35.77 -49.89
CA ARG B 276 -1.07 36.52 -49.72
C ARG B 276 -0.66 37.96 -49.61
N GLN B 277 -0.74 38.66 -50.74
CA GLN B 277 -0.21 40.01 -50.80
C GLN B 277 -0.98 40.94 -51.74
N ALA B 278 -0.59 42.20 -51.76
CA ALA B 278 -1.14 43.18 -52.68
C ALA B 278 -0.01 43.76 -53.53
N ASN B 279 1.11 43.04 -53.58
CA ASN B 279 2.27 43.42 -54.40
C ASN B 279 3.21 42.25 -54.73
N GLY B 280 3.65 41.50 -53.72
CA GLY B 280 4.55 40.38 -53.93
C GLY B 280 5.27 39.88 -52.69
N VAL B 281 5.85 40.81 -51.93
CA VAL B 281 6.49 40.47 -50.67
C VAL B 281 5.70 41.08 -49.52
N GLU B 282 4.43 41.42 -49.76
CA GLU B 282 3.60 41.94 -48.67
C GLU B 282 3.25 40.79 -47.76
N ASP B 283 4.18 40.50 -46.86
CA ASP B 283 3.97 39.52 -45.84
C ASP B 283 2.98 40.29 -44.98
N ASP B 284 1.79 39.71 -44.73
CA ASP B 284 0.72 40.42 -44.00
C ASP B 284 1.44 41.09 -42.85
N LEU B 285 1.67 42.40 -43.02
CA LEU B 285 2.64 43.19 -42.25
C LEU B 285 2.69 42.85 -40.76
N LEU B 286 1.56 42.40 -40.22
CA LEU B 286 1.50 41.98 -38.83
C LEU B 286 1.65 40.45 -38.58
N ILE B 287 1.11 39.62 -39.48
CA ILE B 287 1.00 38.17 -39.23
C ILE B 287 2.32 37.43 -39.14
N GLN B 288 3.34 37.95 -39.82
CA GLN B 288 4.70 37.41 -39.78
C GLN B 288 5.22 37.63 -38.36
N ARG B 289 4.61 38.59 -37.67
CA ARG B 289 4.94 38.92 -36.27
C ARG B 289 3.89 38.31 -35.28
N CYS B 290 3.38 37.14 -35.66
CA CYS B 290 2.69 36.17 -34.77
C CYS B 290 3.75 35.34 -34.01
N ARG B 291 4.83 36.00 -33.61
CA ARG B 291 5.93 35.40 -32.86
C ARG B 291 5.53 34.96 -31.47
N LEU B 292 4.38 35.47 -31.02
CA LEU B 292 3.93 35.21 -29.69
C LEU B 292 2.58 34.55 -29.79
N ALA B 293 1.95 34.75 -30.95
CA ALA B 293 0.63 34.25 -31.21
C ALA B 293 0.61 32.75 -31.09
N PHE B 294 1.28 32.07 -31.99
CA PHE B 294 1.17 30.63 -31.88
C PHE B 294 2.14 29.86 -30.93
N PRO B 295 3.17 30.54 -30.37
CA PRO B 295 3.75 29.79 -29.25
C PRO B 295 2.73 29.63 -28.10
N LEU B 296 1.97 30.66 -27.74
CA LEU B 296 1.00 30.47 -26.68
C LEU B 296 -0.27 29.88 -27.26
N GLY B 297 -0.45 30.04 -28.56
CA GLY B 297 -1.56 29.38 -29.20
C GLY B 297 -1.25 27.89 -29.19
N PHE B 298 0.04 27.56 -29.07
CA PHE B 298 0.44 26.17 -28.97
C PHE B 298 0.22 25.64 -27.57
N LEU B 299 0.41 26.50 -26.59
CA LEU B 299 0.28 26.09 -25.21
C LEU B 299 -1.21 25.90 -24.82
N ALA B 300 -2.10 26.61 -25.52
CA ALA B 300 -3.55 26.44 -25.34
C ALA B 300 -4.03 25.19 -26.06
N ILE B 301 -3.50 24.92 -27.26
CA ILE B 301 -3.77 23.67 -27.98
C ILE B 301 -3.17 22.54 -27.15
N GLY B 302 -2.11 22.88 -26.41
CA GLY B 302 -1.46 21.97 -25.48
C GLY B 302 -2.25 21.64 -24.23
N CYS B 303 -2.95 22.63 -23.69
CA CYS B 303 -3.80 22.41 -22.52
C CYS B 303 -5.20 21.85 -22.85
N VAL B 304 -5.62 21.94 -24.10
CA VAL B 304 -6.85 21.29 -24.54
C VAL B 304 -6.57 19.77 -24.43
N LEU B 305 -5.28 19.41 -24.56
CA LEU B 305 -4.77 18.05 -24.31
C LEU B 305 -4.78 17.56 -22.84
N VAL B 306 -5.12 18.44 -21.91
CA VAL B 306 -5.33 18.06 -20.49
C VAL B 306 -6.57 17.16 -20.33
N ILE B 307 -7.45 17.24 -21.32
CA ILE B 307 -8.71 16.49 -21.37
C ILE B 307 -8.45 15.03 -21.79
N PRO C 1 26.05 -29.58 14.95
CA PRO C 1 26.06 -28.56 13.88
C PRO C 1 27.21 -28.87 12.97
N VAL C 2 26.94 -29.37 11.75
CA VAL C 2 27.98 -29.76 10.79
C VAL C 2 28.84 -28.59 10.36
N ASP C 3 30.14 -28.63 10.64
CA ASP C 3 31.00 -27.56 10.17
C ASP C 3 31.26 -27.77 8.68
N VAL C 4 30.88 -26.77 7.86
CA VAL C 4 31.15 -26.80 6.41
C VAL C 4 32.15 -25.70 6.01
N SER C 5 33.26 -26.11 5.40
CA SER C 5 34.27 -25.20 4.88
C SER C 5 34.07 -24.98 3.40
N VAL C 6 34.10 -23.71 2.99
CA VAL C 6 33.91 -23.35 1.62
C VAL C 6 35.14 -22.66 1.03
N SER C 7 35.44 -22.97 -0.23
CA SER C 7 36.41 -22.22 -1.03
C SER C 7 35.77 -22.02 -2.41
N ILE C 8 35.69 -20.75 -2.82
CA ILE C 8 35.15 -20.31 -4.11
C ILE C 8 36.29 -19.86 -4.95
N PHE C 9 36.36 -20.40 -6.16
CA PHE C 9 37.37 -19.98 -7.12
C PHE C 9 36.79 -19.19 -8.30
N ILE C 10 37.06 -17.88 -8.33
CA ILE C 10 36.48 -16.97 -9.33
C ILE C 10 37.29 -16.96 -10.62
N ASN C 11 36.67 -17.39 -11.73
CA ASN C 11 37.33 -17.48 -13.04
C ASN C 11 37.22 -16.25 -13.96
N LYS C 12 36.02 -15.72 -14.07
CA LYS C 12 35.69 -14.62 -14.96
C LYS C 12 34.45 -13.92 -14.38
N ILE C 13 34.53 -12.60 -14.25
CA ILE C 13 33.34 -11.81 -13.89
C ILE C 13 33.06 -10.91 -15.10
N TYR C 14 31.93 -11.18 -15.75
CA TYR C 14 31.63 -10.51 -16.99
C TYR C 14 30.14 -10.26 -17.19
N GLY C 15 29.81 -9.53 -18.24
CA GLY C 15 28.42 -9.30 -18.57
C GLY C 15 27.52 -8.60 -17.58
N VAL C 16 27.91 -7.40 -17.19
CA VAL C 16 27.06 -6.61 -16.33
C VAL C 16 25.81 -6.11 -17.05
N ASN C 17 24.63 -6.48 -16.57
CA ASN C 17 23.40 -5.88 -17.09
C ASN C 17 23.02 -4.69 -16.23
N THR C 18 23.19 -3.49 -16.77
CA THR C 18 22.86 -2.29 -15.99
C THR C 18 21.37 -2.16 -15.62
N LEU C 19 20.50 -2.47 -16.58
CA LEU C 19 19.10 -2.37 -16.29
C LEU C 19 18.65 -3.39 -15.24
N GLU C 20 19.06 -4.64 -15.39
CA GLU C 20 18.69 -5.69 -14.46
C GLU C 20 19.53 -5.72 -13.20
N GLN C 21 20.63 -4.95 -13.15
CA GLN C 21 21.54 -4.98 -12.00
C GLN C 21 22.09 -6.38 -11.76
N THR C 22 22.85 -6.86 -12.74
CA THR C 22 23.21 -8.24 -12.91
C THR C 22 24.65 -8.37 -13.39
N TYR C 23 25.30 -9.49 -13.08
CA TYR C 23 26.62 -9.80 -13.66
C TYR C 23 26.78 -11.31 -13.67
N LYS C 24 27.68 -11.79 -14.52
CA LYS C 24 27.96 -13.20 -14.65
C LYS C 24 29.23 -13.55 -13.89
N VAL C 25 29.19 -14.66 -13.12
CA VAL C 25 30.35 -15.18 -12.41
C VAL C 25 30.54 -16.64 -12.81
N ASP C 26 31.74 -16.95 -13.30
CA ASP C 26 32.15 -18.33 -13.59
C ASP C 26 33.16 -18.73 -12.55
N GLY C 27 33.03 -19.96 -12.06
CA GLY C 27 33.97 -20.46 -11.10
C GLY C 27 33.72 -21.85 -10.58
N TYR C 28 34.38 -22.15 -9.47
CA TYR C 28 34.25 -23.43 -8.83
C TYR C 28 33.87 -23.20 -7.40
N ILE C 29 33.05 -24.11 -6.85
CA ILE C 29 32.84 -24.23 -5.39
C ILE C 29 33.49 -25.53 -4.94
N VAL C 30 34.14 -25.43 -3.77
CA VAL C 30 34.57 -26.55 -3.00
C VAL C 30 33.91 -26.43 -1.66
N ALA C 31 33.19 -27.47 -1.23
CA ALA C 31 32.61 -27.54 0.10
C ALA C 31 33.12 -28.78 0.76
N GLN C 32 33.57 -28.62 1.99
CA GLN C 32 34.06 -29.73 2.76
C GLN C 32 33.38 -29.77 4.13
N TRP C 33 32.97 -30.97 4.56
CA TRP C 33 32.44 -31.23 5.90
C TRP C 33 32.89 -32.65 6.29
N THR C 34 32.90 -33.03 7.58
CA THR C 34 33.44 -34.36 7.91
C THR C 34 32.43 -35.40 8.44
N GLY C 35 32.33 -36.56 7.80
CA GLY C 35 31.35 -37.55 8.22
C GLY C 35 31.85 -38.71 9.08
N LYS C 36 31.01 -39.72 9.24
CA LYS C 36 31.48 -40.88 9.98
C LYS C 36 32.27 -41.65 8.95
N PRO C 37 33.46 -42.12 9.33
CA PRO C 37 34.39 -42.87 8.48
C PRO C 37 33.77 -43.96 7.60
N ARG C 38 34.37 -44.14 6.41
CA ARG C 38 33.89 -45.06 5.37
C ARG C 38 34.98 -46.09 5.11
N LYS C 39 34.60 -47.21 4.51
CA LYS C 39 35.57 -48.20 4.09
C LYS C 39 35.59 -48.00 2.59
N THR C 40 36.62 -47.33 2.09
CA THR C 40 36.67 -47.01 0.68
C THR C 40 37.55 -47.99 -0.12
N PRO C 41 37.20 -48.23 -1.39
CA PRO C 41 38.00 -49.08 -2.27
C PRO C 41 39.47 -48.64 -2.28
N GLY C 42 40.37 -49.58 -2.04
CA GLY C 42 41.78 -49.27 -1.89
C GLY C 42 41.87 -48.70 -0.50
N ASP C 43 42.09 -47.41 -0.40
CA ASP C 43 42.02 -46.74 0.89
C ASP C 43 42.16 -45.28 0.58
N LYS C 44 42.46 -44.99 -0.68
CA LYS C 44 42.50 -43.63 -1.17
C LYS C 44 41.07 -43.13 -1.39
N PRO C 45 40.86 -41.83 -1.21
CA PRO C 45 39.53 -41.23 -1.31
C PRO C 45 38.76 -41.70 -2.53
N LEU C 46 37.43 -41.83 -2.40
CA LEU C 46 36.60 -42.33 -3.48
C LEU C 46 36.18 -41.12 -4.34
N ILE C 47 36.26 -41.26 -5.66
CA ILE C 47 35.73 -40.21 -6.54
C ILE C 47 34.39 -40.59 -7.18
N VAL C 48 33.45 -39.66 -7.05
CA VAL C 48 32.12 -39.81 -7.57
C VAL C 48 31.84 -38.60 -8.45
N GLU C 49 31.76 -38.82 -9.76
CA GLU C 49 31.56 -37.71 -10.68
C GLU C 49 30.15 -37.63 -11.17
N ASN C 50 29.67 -36.38 -11.28
CA ASN C 50 28.32 -36.07 -11.73
C ASN C 50 27.17 -37.03 -11.38
N THR C 51 26.68 -37.71 -12.41
CA THR C 51 25.53 -38.61 -12.32
C THR C 51 25.56 -39.52 -11.08
N GLN C 52 26.73 -40.08 -10.84
CA GLN C 52 26.87 -41.02 -9.75
C GLN C 52 26.69 -40.33 -8.40
N ILE C 53 26.72 -39.00 -8.37
CA ILE C 53 26.51 -38.35 -7.08
C ILE C 53 25.05 -38.54 -6.67
N GLU C 54 24.13 -38.34 -7.60
CA GLU C 54 22.71 -38.59 -7.35
C GLU C 54 22.49 -40.02 -6.95
N ARG C 55 23.18 -40.95 -7.59
CA ARG C 55 23.05 -42.37 -7.22
C ARG C 55 23.45 -42.58 -5.79
N TRP C 56 24.48 -41.87 -5.33
CA TRP C 56 24.91 -41.97 -3.94
C TRP C 56 23.92 -41.34 -2.99
N ILE C 57 23.32 -40.25 -3.46
CA ILE C 57 22.33 -39.53 -2.69
C ILE C 57 21.07 -40.36 -2.45
N ASN C 58 20.54 -41.02 -3.48
CA ASN C 58 19.40 -41.93 -3.34
C ASN C 58 19.66 -43.02 -2.34
N ASN C 59 20.91 -43.35 -2.14
CA ASN C 59 21.24 -44.32 -1.13
C ASN C 59 21.59 -43.72 0.22
N GLY C 60 21.39 -42.42 0.39
CA GLY C 60 21.54 -41.84 1.72
C GLY C 60 22.79 -41.01 2.01
N LEU C 61 23.52 -40.65 0.97
CA LEU C 61 24.62 -39.76 1.19
C LEU C 61 24.02 -38.39 1.45
N TRP C 62 24.38 -37.81 2.57
CA TRP C 62 23.91 -36.47 2.85
C TRP C 62 24.79 -35.47 2.16
N VAL C 63 24.20 -34.84 1.15
CA VAL C 63 24.86 -33.80 0.41
C VAL C 63 23.95 -32.55 0.54
N PRO C 64 24.33 -31.69 1.45
CA PRO C 64 23.39 -30.64 1.74
C PRO C 64 23.44 -29.63 0.61
N ALA C 65 22.29 -29.22 0.08
CA ALA C 65 22.20 -28.21 -0.99
C ALA C 65 22.51 -26.81 -0.51
N LEU C 66 23.56 -26.22 -1.07
CA LEU C 66 23.96 -24.87 -0.72
C LEU C 66 23.40 -23.89 -1.77
N GLU C 67 22.49 -23.01 -1.36
CA GLU C 67 21.88 -22.11 -2.31
C GLU C 67 22.64 -20.81 -2.51
N PHE C 68 22.77 -20.39 -3.76
CA PHE C 68 23.28 -19.10 -4.06
C PHE C 68 22.17 -18.14 -3.84
N ILE C 69 22.24 -17.37 -2.77
CA ILE C 69 21.14 -16.47 -2.41
C ILE C 69 20.74 -15.54 -3.51
N ASN C 70 21.73 -14.87 -4.10
CA ASN C 70 21.43 -13.80 -5.04
C ASN C 70 21.59 -14.17 -6.50
N VAL C 71 21.50 -15.44 -6.81
CA VAL C 71 21.54 -15.84 -8.20
C VAL C 71 20.20 -15.69 -8.88
N VAL C 72 20.21 -14.95 -9.98
CA VAL C 72 19.02 -14.69 -10.79
C VAL C 72 18.85 -15.76 -11.84
N GLY C 73 17.87 -16.62 -11.62
CA GLY C 73 17.69 -17.83 -12.38
C GLY C 73 18.47 -18.91 -11.65
N SER C 74 18.70 -20.06 -12.27
CA SER C 74 19.40 -21.13 -11.59
C SER C 74 20.62 -21.56 -12.37
N PRO C 75 21.80 -21.51 -11.74
CA PRO C 75 23.06 -21.46 -12.44
C PRO C 75 23.29 -22.67 -13.33
N ASP C 76 24.13 -22.46 -14.34
CA ASP C 76 24.62 -23.51 -15.20
C ASP C 76 25.66 -24.29 -14.39
N THR C 77 25.30 -25.52 -14.01
CA THR C 77 26.27 -26.36 -13.34
C THR C 77 26.96 -27.29 -14.32
N GLY C 78 28.29 -27.24 -14.27
CA GLY C 78 29.15 -28.10 -15.06
C GLY C 78 29.42 -29.43 -14.40
N ASN C 79 30.68 -29.79 -14.32
CA ASN C 79 30.99 -31.07 -13.74
C ASN C 79 30.91 -30.98 -12.24
N LYS C 80 30.45 -32.07 -11.64
CA LYS C 80 30.37 -32.14 -10.23
C LYS C 80 31.22 -33.35 -9.86
N ARG C 81 31.77 -33.27 -8.68
CA ARG C 81 32.67 -34.27 -8.20
C ARG C 81 32.41 -34.39 -6.73
N LEU C 82 32.26 -35.63 -6.31
CA LEU C 82 32.25 -35.98 -4.91
C LEU C 82 33.53 -36.67 -4.67
N MET C 83 34.22 -36.21 -3.65
CA MET C 83 35.47 -36.78 -3.21
C MET C 83 35.34 -37.38 -1.77
N LEU C 84 35.14 -38.70 -1.64
CA LEU C 84 34.84 -39.33 -0.33
C LEU C 84 36.04 -39.99 0.36
N PHE C 85 36.47 -39.43 1.49
CA PHE C 85 37.65 -39.90 2.20
C PHE C 85 37.33 -40.94 3.28
N PRO C 86 38.29 -41.85 3.54
CA PRO C 86 37.98 -42.90 4.50
C PRO C 86 37.87 -42.33 5.94
N ASP C 87 38.57 -41.22 6.22
CA ASP C 87 38.50 -40.61 7.55
C ASP C 87 37.18 -39.93 7.73
N GLY C 88 36.36 -39.97 6.69
CA GLY C 88 34.99 -39.54 6.84
C GLY C 88 34.65 -38.35 5.99
N ARG C 89 35.59 -37.44 5.88
CA ARG C 89 35.31 -36.15 5.28
C ARG C 89 34.84 -36.21 3.82
N VAL C 90 34.02 -35.23 3.47
CA VAL C 90 33.37 -35.22 2.17
C VAL C 90 33.66 -33.89 1.49
N ILE C 91 34.07 -33.97 0.24
CA ILE C 91 34.37 -32.81 -0.54
C ILE C 91 33.46 -32.77 -1.74
N TYR C 92 32.74 -31.67 -1.84
CA TYR C 92 31.90 -31.40 -2.98
C TYR C 92 32.52 -30.33 -3.87
N ASN C 93 32.78 -30.68 -5.11
CA ASN C 93 33.42 -29.75 -6.00
C ASN C 93 32.63 -29.66 -7.29
N ALA C 94 32.25 -28.45 -7.67
CA ALA C 94 31.52 -28.34 -8.92
C ALA C 94 31.80 -27.03 -9.61
N ARG C 95 31.77 -27.05 -10.95
CA ARG C 95 31.96 -25.83 -11.68
C ARG C 95 30.65 -25.11 -11.91
N PHE C 96 30.63 -23.78 -11.83
CA PHE C 96 29.36 -23.08 -11.96
C PHE C 96 29.50 -21.80 -12.80
N LEU C 97 28.41 -21.51 -13.51
CA LEU C 97 28.23 -20.23 -14.18
C LEU C 97 26.88 -19.68 -13.80
N GLY C 98 26.89 -18.50 -13.22
CA GLY C 98 25.67 -17.96 -12.66
C GLY C 98 25.50 -16.50 -12.88
N SER C 99 24.25 -16.06 -12.89
CA SER C 99 23.93 -14.65 -13.00
C SER C 99 23.53 -14.11 -11.64
N PHE C 100 24.33 -13.20 -11.12
CA PHE C 100 24.18 -12.77 -9.74
C PHE C 100 23.62 -11.37 -9.67
N SER C 101 22.86 -11.10 -8.61
CA SER C 101 22.24 -9.81 -8.45
C SER C 101 22.84 -9.04 -7.29
N ASN C 102 23.01 -7.76 -7.51
CA ASN C 102 23.45 -6.87 -6.46
C ASN C 102 23.02 -5.48 -6.81
N ASP C 103 22.79 -4.66 -5.79
CA ASP C 103 22.44 -3.27 -5.98
C ASP C 103 23.58 -2.62 -6.72
N MET C 104 23.28 -2.01 -7.85
CA MET C 104 24.32 -1.33 -8.60
C MET C 104 23.90 0.10 -8.97
N ASP C 105 24.69 1.05 -8.48
CA ASP C 105 24.48 2.44 -8.82
C ASP C 105 25.42 2.80 -9.96
N PHE C 106 24.85 3.26 -11.07
CA PHE C 106 25.64 3.67 -12.24
C PHE C 106 25.54 5.17 -12.48
N ARG C 107 25.15 5.93 -11.46
CA ARG C 107 24.97 7.38 -11.61
C ARG C 107 26.24 8.08 -12.13
N LEU C 108 27.42 7.83 -11.55
CA LEU C 108 28.56 8.60 -12.07
C LEU C 108 29.38 7.85 -13.12
N PHE C 109 28.67 7.13 -13.97
CA PHE C 109 29.17 6.44 -15.15
C PHE C 109 29.89 7.47 -16.02
N PRO C 110 30.95 7.07 -16.72
CA PRO C 110 31.54 5.75 -16.89
C PRO C 110 32.62 5.54 -15.85
N PHE C 111 32.50 6.23 -14.73
CA PHE C 111 33.45 6.11 -13.64
C PHE C 111 32.86 5.43 -12.41
N ASP C 112 32.01 4.42 -12.58
CA ASP C 112 31.32 3.83 -11.44
C ASP C 112 32.32 3.03 -10.62
N ARG C 113 32.02 2.84 -9.35
CA ARG C 113 32.73 1.84 -8.57
C ARG C 113 31.62 0.85 -8.34
N GLN C 114 31.88 -0.41 -8.60
CA GLN C 114 30.87 -1.43 -8.38
C GLN C 114 31.39 -2.45 -7.38
N GLN C 115 30.52 -3.32 -6.85
CA GLN C 115 31.03 -4.49 -6.13
C GLN C 115 30.25 -5.78 -6.41
N PHE C 116 30.95 -6.72 -7.03
CA PHE C 116 30.34 -7.94 -7.48
C PHE C 116 30.28 -8.86 -6.26
N VAL C 117 29.09 -9.32 -5.93
CA VAL C 117 28.84 -10.04 -4.70
C VAL C 117 28.35 -11.47 -4.87
N LEU C 118 28.79 -12.38 -3.99
CA LEU C 118 28.24 -13.73 -3.94
C LEU C 118 27.74 -14.01 -2.56
N GLU C 119 26.54 -14.57 -2.44
CA GLU C 119 25.97 -14.94 -1.14
C GLU C 119 25.57 -16.42 -1.03
N LEU C 120 26.27 -17.17 -0.21
CA LEU C 120 26.00 -18.59 -0.11
C LEU C 120 25.22 -18.86 1.17
N GLU C 121 24.27 -19.76 1.09
CA GLU C 121 23.53 -20.10 2.28
C GLU C 121 22.84 -21.44 2.10
N PRO C 122 22.97 -22.34 3.08
CA PRO C 122 22.35 -23.66 2.96
C PRO C 122 20.87 -23.53 2.75
N PHE C 123 20.35 -24.34 1.83
CA PHE C 123 18.96 -24.22 1.49
C PHE C 123 17.99 -24.67 2.61
N SER C 124 18.28 -25.77 3.33
CA SER C 124 17.39 -26.28 4.39
C SER C 124 17.97 -26.44 5.78
N TYR C 125 19.26 -26.24 5.99
CA TYR C 125 19.75 -26.47 7.34
C TYR C 125 20.12 -25.16 8.04
N ASN C 126 19.55 -24.95 9.21
CA ASN C 126 19.88 -23.77 9.98
C ASN C 126 21.25 -23.83 10.69
N ASN C 127 21.65 -22.71 11.29
CA ASN C 127 22.91 -22.57 12.01
C ASN C 127 23.14 -23.69 13.00
N GLN C 128 22.06 -24.30 13.48
CA GLN C 128 22.18 -25.37 14.47
C GLN C 128 22.31 -26.73 13.84
N GLN C 129 21.96 -26.85 12.57
CA GLN C 129 22.21 -28.10 11.86
C GLN C 129 23.49 -28.12 11.01
N LEU C 130 23.67 -27.06 10.22
CA LEU C 130 24.79 -26.87 9.30
C LEU C 130 25.34 -25.47 9.46
N ARG C 131 26.64 -25.37 9.69
CA ARG C 131 27.27 -24.11 10.02
C ARG C 131 28.47 -23.84 9.09
N PHE C 132 28.66 -22.59 8.66
CA PHE C 132 29.84 -22.30 7.83
C PHE C 132 31.07 -22.05 8.66
N SER C 133 32.00 -23.00 8.68
CA SER C 133 33.19 -22.87 9.49
C SER C 133 34.11 -21.75 9.01
N ASP C 134 34.45 -21.73 7.72
CA ASP C 134 35.28 -20.66 7.16
C ASP C 134 35.15 -20.62 5.65
N ILE C 135 35.57 -19.52 5.03
CA ILE C 135 35.63 -19.46 3.58
C ILE C 135 36.74 -18.60 3.01
N GLN C 136 37.47 -19.18 2.04
CA GLN C 136 38.48 -18.45 1.29
C GLN C 136 38.08 -18.31 -0.17
N VAL C 137 38.37 -17.11 -0.69
CA VAL C 137 38.06 -16.76 -2.04
C VAL C 137 39.32 -16.49 -2.83
N TYR C 138 39.44 -17.15 -3.96
CA TYR C 138 40.60 -16.97 -4.81
C TYR C 138 40.29 -16.44 -6.20
N THR C 139 40.66 -15.20 -6.44
CA THR C 139 40.54 -14.62 -7.75
C THR C 139 41.89 -14.67 -8.42
N GLU C 140 42.19 -15.83 -9.00
CA GLU C 140 43.46 -16.05 -9.69
C GLU C 140 43.60 -15.28 -11.01
N ASN C 141 43.23 -14.02 -10.95
CA ASN C 141 43.39 -13.08 -12.04
C ASN C 141 44.70 -12.30 -11.86
N ILE C 142 45.07 -11.56 -12.91
CA ILE C 142 46.28 -10.75 -12.98
C ILE C 142 46.33 -10.20 -14.41
N ASP C 143 47.22 -9.23 -14.65
CA ASP C 143 47.51 -8.73 -16.01
C ASP C 143 46.34 -8.18 -16.83
N ASN C 144 46.67 -7.55 -17.95
CA ASN C 144 45.70 -7.04 -18.94
C ASN C 144 44.50 -6.23 -18.46
N GLU C 145 44.73 -5.18 -17.69
CA GLU C 145 43.62 -4.35 -17.21
C GLU C 145 43.09 -3.52 -18.37
N GLU C 146 44.00 -3.10 -19.25
CA GLU C 146 43.72 -2.20 -20.37
C GLU C 146 43.00 -2.90 -21.52
N ILE C 147 42.85 -4.21 -21.37
CA ILE C 147 42.17 -5.09 -22.32
C ILE C 147 40.76 -5.41 -21.85
N ASP C 148 40.59 -5.40 -20.52
CA ASP C 148 39.33 -5.69 -19.88
C ASP C 148 38.56 -4.43 -19.53
N GLU C 149 37.24 -4.59 -19.50
CA GLU C 149 36.27 -3.56 -19.24
C GLU C 149 36.34 -3.09 -17.79
N TRP C 150 36.56 -4.06 -16.90
CA TRP C 150 36.55 -3.84 -15.46
C TRP C 150 37.89 -4.09 -14.79
N TRP C 151 38.25 -3.22 -13.85
CA TRP C 151 39.50 -3.38 -13.14
C TRP C 151 39.26 -3.76 -11.69
N ILE C 152 39.55 -5.02 -11.33
CA ILE C 152 39.37 -5.49 -9.95
C ILE C 152 40.38 -4.87 -8.98
N ARG C 153 39.91 -4.37 -7.85
CA ARG C 153 40.82 -3.62 -6.99
C ARG C 153 41.42 -4.39 -5.81
N GLY C 154 40.60 -4.80 -4.84
CA GLY C 154 41.10 -5.54 -3.68
C GLY C 154 41.48 -7.00 -3.95
N LYS C 155 41.55 -7.82 -2.90
CA LYS C 155 41.74 -9.24 -3.15
C LYS C 155 40.45 -10.01 -2.97
N ALA C 156 39.45 -9.31 -2.39
CA ALA C 156 38.04 -9.73 -2.20
C ALA C 156 37.67 -9.92 -0.75
N SER C 157 36.65 -9.20 -0.32
CA SER C 157 36.20 -9.29 1.04
C SER C 157 35.39 -10.54 1.27
N THR C 158 35.48 -11.03 2.50
CA THR C 158 34.71 -12.20 2.91
C THR C 158 34.02 -11.95 4.25
N HIS C 159 32.82 -12.49 4.41
CA HIS C 159 32.09 -12.39 5.66
C HIS C 159 31.11 -13.54 5.90
N ILE C 160 31.35 -14.35 6.94
CA ILE C 160 30.34 -15.29 7.40
C ILE C 160 29.50 -14.65 8.50
N SER C 161 28.19 -14.71 8.38
CA SER C 161 27.31 -14.13 9.39
C SER C 161 26.10 -15.02 9.59
N ASP C 162 25.24 -14.64 10.53
CA ASP C 162 23.99 -15.37 10.80
C ASP C 162 22.75 -14.55 10.55
N ILE C 163 21.90 -15.12 9.71
CA ILE C 163 20.67 -14.50 9.21
C ILE C 163 19.43 -14.99 9.97
N ARG C 164 18.66 -14.08 10.55
CA ARG C 164 17.47 -14.50 11.26
C ARG C 164 16.27 -14.28 10.37
N TYR C 165 15.76 -15.38 9.82
CA TYR C 165 14.45 -15.45 9.19
C TYR C 165 13.33 -15.39 10.18
N ASP C 166 12.82 -14.20 10.50
CA ASP C 166 11.81 -14.10 11.57
C ASP C 166 10.35 -14.20 11.08
N HIS C 167 10.13 -14.58 9.82
CA HIS C 167 8.79 -14.89 9.34
C HIS C 167 8.47 -16.36 9.48
N LEU C 168 7.19 -16.67 9.60
CA LEU C 168 6.81 -17.62 10.65
C LEU C 168 7.81 -18.74 10.98
N SER C 169 8.96 -18.25 11.48
CA SER C 169 9.75 -18.86 12.56
C SER C 169 8.93 -19.97 13.15
N SER C 170 8.21 -19.63 14.23
CA SER C 170 7.04 -20.37 14.69
C SER C 170 7.02 -21.87 14.36
N VAL C 171 6.97 -22.21 13.06
CA VAL C 171 7.17 -23.58 12.59
C VAL C 171 8.31 -24.31 13.33
N GLN C 172 9.50 -23.73 13.30
CA GLN C 172 10.62 -24.21 14.11
C GLN C 172 11.19 -23.08 14.97
N PRO C 173 10.56 -22.81 16.11
CA PRO C 173 10.95 -21.63 16.87
C PRO C 173 12.36 -21.76 17.42
N ASN C 174 13.03 -20.63 17.70
CA ASN C 174 14.37 -20.60 18.28
C ASN C 174 15.46 -21.05 17.35
N GLN C 175 15.07 -21.72 16.27
CA GLN C 175 16.03 -22.28 15.34
C GLN C 175 15.71 -21.91 13.89
N ASN C 176 16.02 -20.66 13.59
CA ASN C 176 15.74 -20.06 12.34
C ASN C 176 16.76 -18.96 12.09
N GLU C 177 18.01 -19.31 12.31
CA GLU C 177 19.08 -18.46 11.88
C GLU C 177 19.84 -19.35 10.93
N PHE C 178 19.99 -18.92 9.69
CA PHE C 178 20.84 -19.62 8.71
C PHE C 178 22.20 -18.92 8.61
N SER C 179 23.27 -19.69 8.49
CA SER C 179 24.58 -19.06 8.35
C SER C 179 24.96 -18.76 6.89
N ARG C 180 25.42 -17.53 6.68
CA ARG C 180 25.66 -17.00 5.35
C ARG C 180 27.09 -16.53 5.02
N ILE C 181 27.63 -17.05 3.91
CA ILE C 181 28.92 -16.60 3.39
C ILE C 181 28.72 -15.43 2.42
N THR C 182 29.48 -14.36 2.59
CA THR C 182 29.31 -13.21 1.71
C THR C 182 30.60 -12.81 1.10
N VAL C 183 30.70 -12.90 -0.21
CA VAL C 183 31.89 -12.47 -0.89
C VAL C 183 31.64 -11.13 -1.57
N ARG C 184 32.52 -10.16 -1.40
CA ARG C 184 32.37 -8.91 -2.15
C ARG C 184 33.62 -8.60 -2.98
N ILE C 185 33.50 -8.42 -4.29
CA ILE C 185 34.71 -8.12 -5.07
C ILE C 185 34.57 -6.71 -5.66
N ASP C 186 35.49 -5.84 -5.25
CA ASP C 186 35.44 -4.45 -5.63
C ASP C 186 35.91 -4.25 -7.06
N ALA C 187 35.35 -3.23 -7.71
CA ALA C 187 35.71 -2.94 -9.08
C ALA C 187 35.56 -1.47 -9.47
N VAL C 188 36.32 -1.09 -10.49
CA VAL C 188 36.21 0.20 -11.11
C VAL C 188 36.06 0.00 -12.61
N ARG C 189 35.24 0.85 -13.23
CA ARG C 189 35.00 0.84 -14.67
C ARG C 189 36.21 1.45 -15.43
N ASN C 190 36.51 0.86 -16.59
CA ASN C 190 37.52 1.36 -17.54
C ASN C 190 37.00 2.55 -18.35
N PRO C 191 37.33 3.78 -17.91
CA PRO C 191 36.69 4.95 -18.49
C PRO C 191 37.31 5.42 -19.80
N SER C 192 38.38 4.79 -20.25
CA SER C 192 39.07 5.26 -21.43
C SER C 192 38.14 5.31 -22.65
N TYR C 193 37.49 4.21 -23.00
CA TYR C 193 36.69 4.21 -24.23
C TYR C 193 35.64 5.28 -24.24
N TYR C 194 34.99 5.47 -23.08
CA TYR C 194 33.94 6.49 -22.93
C TYR C 194 34.47 7.92 -22.94
N LEU C 195 35.70 8.10 -22.47
CA LEU C 195 36.33 9.41 -22.49
C LEU C 195 36.65 9.84 -23.92
N TRP C 196 37.42 9.02 -24.62
CA TRP C 196 37.91 9.41 -25.94
C TRP C 196 36.87 9.40 -27.04
N SER C 197 35.95 8.43 -27.04
CA SER C 197 34.97 8.36 -28.10
C SER C 197 33.59 8.93 -27.79
N PHE C 198 33.39 9.40 -26.56
CA PHE C 198 32.13 10.05 -26.17
C PHE C 198 32.31 11.42 -25.55
N ILE C 199 33.03 11.45 -24.43
CA ILE C 199 33.25 12.69 -23.72
C ILE C 199 33.93 13.73 -24.59
N LEU C 200 35.08 13.37 -25.17
CA LEU C 200 35.86 14.27 -26.01
C LEU C 200 35.09 14.89 -27.18
N PRO C 201 34.63 14.08 -28.15
CA PRO C 201 33.94 14.80 -29.22
C PRO C 201 32.69 15.52 -28.74
N LEU C 202 32.03 15.03 -27.69
CA LEU C 202 30.87 15.77 -27.19
C LEU C 202 31.33 17.17 -26.76
N GLY C 203 32.50 17.27 -26.13
CA GLY C 203 33.05 18.57 -25.74
C GLY C 203 33.34 19.48 -26.93
N LEU C 204 33.94 18.91 -27.97
CA LEU C 204 34.28 19.64 -29.20
C LEU C 204 33.00 20.17 -29.85
N ILE C 205 31.94 19.37 -29.84
CA ILE C 205 30.65 19.84 -30.33
C ILE C 205 30.12 21.00 -29.47
N ILE C 206 30.06 20.81 -28.15
CA ILE C 206 29.58 21.85 -27.22
C ILE C 206 30.43 23.10 -27.38
N ALA C 207 31.74 22.92 -27.48
CA ALA C 207 32.67 24.03 -27.63
C ALA C 207 32.42 24.76 -28.96
N ALA C 208 32.40 24.01 -30.07
CA ALA C 208 32.23 24.58 -31.41
C ALA C 208 30.89 25.28 -31.53
N SER C 209 29.94 24.86 -30.72
CA SER C 209 28.66 25.53 -30.60
C SER C 209 28.85 27.02 -30.26
N TRP C 210 29.86 27.36 -29.46
CA TRP C 210 30.03 28.76 -29.04
C TRP C 210 30.56 29.66 -30.13
N SER C 211 31.09 29.04 -31.17
CA SER C 211 31.67 29.79 -32.26
C SER C 211 30.62 30.48 -33.11
N VAL C 212 29.36 30.30 -32.74
CA VAL C 212 28.26 30.91 -33.46
C VAL C 212 28.28 32.42 -33.27
N PHE C 213 28.92 32.89 -32.19
CA PHE C 213 28.94 34.34 -31.93
C PHE C 213 30.01 35.04 -32.74
N TRP C 214 30.94 34.27 -33.29
CA TRP C 214 31.93 34.84 -34.16
C TRP C 214 31.39 35.07 -35.56
N LEU C 215 30.11 34.77 -35.77
CA LEU C 215 29.45 35.06 -37.05
C LEU C 215 29.01 36.53 -37.16
N GLU C 216 29.15 37.07 -38.35
CA GLU C 216 28.96 38.49 -38.62
C GLU C 216 27.48 38.88 -38.63
N SER C 217 26.71 38.22 -39.49
CA SER C 217 25.25 38.42 -39.62
C SER C 217 24.36 37.85 -38.50
N PHE C 218 23.16 38.40 -38.35
CA PHE C 218 22.15 37.87 -37.42
C PHE C 218 21.51 36.62 -37.99
N SER C 219 21.14 36.67 -39.25
CA SER C 219 20.52 35.55 -39.92
C SER C 219 21.45 34.34 -39.97
N GLU C 220 22.74 34.61 -40.18
CA GLU C 220 23.75 33.56 -40.15
C GLU C 220 23.79 32.98 -38.75
N ARG C 221 23.84 33.88 -37.77
CA ARG C 221 23.95 33.54 -36.36
C ARG C 221 22.83 32.62 -35.87
N LEU C 222 21.63 32.91 -36.33
CA LEU C 222 20.46 32.17 -35.88
C LEU C 222 20.27 30.88 -36.67
N GLN C 223 20.39 30.94 -37.98
CA GLN C 223 20.21 29.79 -38.82
C GLN C 223 21.24 28.73 -38.48
N THR C 224 22.39 29.19 -38.03
CA THR C 224 23.50 28.33 -37.62
C THR C 224 23.23 27.46 -36.40
N SER C 225 22.70 28.06 -35.34
CA SER C 225 22.46 27.28 -34.13
C SER C 225 21.41 26.20 -34.34
N PHE C 226 20.65 26.29 -35.44
CA PHE C 226 19.72 25.22 -35.79
C PHE C 226 20.41 24.03 -36.42
N THR C 227 21.49 24.25 -37.16
CA THR C 227 22.26 23.11 -37.61
C THR C 227 22.93 22.54 -36.37
N LEU C 228 23.40 23.46 -35.53
CA LEU C 228 24.14 23.16 -34.33
C LEU C 228 23.27 22.35 -33.35
N MET C 229 21.99 22.68 -33.29
CA MET C 229 21.02 21.93 -32.48
C MET C 229 20.87 20.53 -33.07
N LEU C 230 20.77 20.47 -34.39
CA LEU C 230 20.56 19.22 -35.10
C LEU C 230 21.72 18.31 -34.76
N THR C 231 22.90 18.91 -34.54
CA THR C 231 24.11 18.18 -34.15
C THR C 231 23.99 17.50 -32.81
N VAL C 232 23.63 18.27 -31.77
CA VAL C 232 23.51 17.68 -30.45
C VAL C 232 22.40 16.63 -30.46
N VAL C 233 21.35 16.80 -31.27
CA VAL C 233 20.39 15.71 -31.39
C VAL C 233 20.92 14.45 -32.06
N ALA C 234 21.60 14.58 -33.19
CA ALA C 234 22.19 13.41 -33.84
C ALA C 234 23.17 12.75 -32.89
N TYR C 235 23.86 13.55 -32.08
CA TYR C 235 24.82 13.05 -31.10
C TYR C 235 24.20 12.40 -29.88
N ALA C 236 23.15 13.00 -29.31
CA ALA C 236 22.48 12.38 -28.16
C ALA C 236 22.04 11.00 -28.58
N PHE C 237 21.61 10.89 -29.83
CA PHE C 237 21.12 9.66 -30.42
C PHE C 237 22.18 8.58 -30.47
N TYR C 238 23.31 8.94 -31.06
CA TYR C 238 24.47 8.06 -31.19
C TYR C 238 24.90 7.53 -29.84
N THR C 239 24.90 8.40 -28.83
CA THR C 239 25.16 8.05 -27.44
C THR C 239 24.17 7.02 -26.87
N SER C 240 22.89 7.36 -26.92
CA SER C 240 21.82 6.51 -26.40
C SER C 240 21.65 5.20 -27.14
N ASN C 241 21.96 5.16 -28.43
CA ASN C 241 21.93 3.86 -29.06
C ASN C 241 23.08 2.95 -28.59
N ILE C 242 24.20 3.54 -28.19
CA ILE C 242 25.40 2.77 -27.85
C ILE C 242 25.66 2.58 -26.35
N LEU C 243 25.50 3.65 -25.59
CA LEU C 243 25.66 3.65 -24.12
C LEU C 243 24.61 2.78 -23.38
N PRO C 244 24.92 2.38 -22.12
CA PRO C 244 24.12 1.39 -21.38
C PRO C 244 22.72 1.84 -20.97
N ARG C 245 21.73 0.95 -21.02
CA ARG C 245 20.38 1.32 -20.59
C ARG C 245 20.26 1.54 -19.08
N LEU C 246 19.75 2.70 -18.70
CA LEU C 246 19.57 3.02 -17.29
C LEU C 246 18.23 3.75 -17.08
N PRO C 247 17.79 3.79 -15.83
CA PRO C 247 16.65 4.60 -15.43
C PRO C 247 17.04 5.93 -14.80
N TYR C 248 18.26 6.39 -15.00
CA TYR C 248 18.63 7.70 -14.47
C TYR C 248 19.72 8.36 -15.30
N THR C 249 19.91 9.65 -15.12
CA THR C 249 20.88 10.35 -15.95
C THR C 249 22.27 10.17 -15.40
N THR C 250 23.23 9.88 -16.29
CA THR C 250 24.66 9.75 -15.93
C THR C 250 25.37 11.06 -16.16
N VAL C 251 26.69 11.06 -15.99
CA VAL C 251 27.44 12.28 -16.25
C VAL C 251 27.39 12.72 -17.72
N ILE C 252 27.57 11.76 -18.62
CA ILE C 252 27.40 11.99 -20.05
C ILE C 252 26.02 12.53 -20.41
N ASP C 253 24.98 11.94 -19.82
CA ASP C 253 23.59 12.31 -20.12
C ASP C 253 23.33 13.77 -19.82
N GLN C 254 23.98 14.24 -18.78
CA GLN C 254 23.93 15.63 -18.38
C GLN C 254 24.64 16.52 -19.38
N MET C 255 25.80 16.07 -19.83
CA MET C 255 26.58 16.85 -20.77
C MET C 255 25.69 17.15 -21.96
N ILE C 256 24.98 16.14 -22.42
CA ILE C 256 24.06 16.32 -23.52
C ILE C 256 22.98 17.38 -23.18
N ILE C 257 22.40 17.32 -21.97
CA ILE C 257 21.41 18.33 -21.59
C ILE C 257 22.07 19.72 -21.62
N ALA C 258 23.24 19.85 -21.00
CA ALA C 258 23.96 21.13 -21.00
C ALA C 258 24.27 21.53 -22.42
N GLY C 259 24.40 20.54 -23.30
CA GLY C 259 24.59 20.81 -24.71
C GLY C 259 23.40 21.51 -25.30
N TYR C 260 22.23 20.91 -25.10
CA TYR C 260 21.00 21.52 -25.56
C TYR C 260 20.80 22.94 -24.97
N GLY C 261 21.21 23.11 -23.72
CA GLY C 261 21.04 24.36 -23.01
C GLY C 261 21.87 25.49 -23.58
N SER C 262 23.15 25.25 -23.83
CA SER C 262 24.04 26.28 -24.39
C SER C 262 23.48 26.80 -25.69
N ILE C 263 23.01 25.89 -26.53
CA ILE C 263 22.46 26.27 -27.81
C ILE C 263 21.15 27.07 -27.69
N PHE C 264 20.22 26.59 -26.86
CA PHE C 264 18.95 27.25 -26.58
C PHE C 264 19.13 28.58 -25.85
N ALA C 265 20.11 28.64 -24.95
CA ALA C 265 20.45 29.91 -24.28
C ALA C 265 20.98 30.89 -25.33
N ALA C 266 21.80 30.37 -26.25
CA ALA C 266 22.37 31.17 -27.34
C ALA C 266 21.31 31.77 -28.24
N ILE C 267 20.38 30.92 -28.70
CA ILE C 267 19.31 31.31 -29.60
C ILE C 267 18.64 32.52 -28.98
N LEU C 268 18.36 32.42 -27.68
CA LEU C 268 17.69 33.51 -27.00
C LEU C 268 18.56 34.78 -26.99
N LEU C 269 19.83 34.66 -26.62
CA LEU C 269 20.72 35.83 -26.64
C LEU C 269 20.81 36.44 -28.01
N ILE C 270 20.92 35.59 -29.02
CA ILE C 270 20.98 36.08 -30.40
C ILE C 270 19.74 36.88 -30.80
N ILE C 271 18.54 36.34 -30.59
CA ILE C 271 17.33 37.08 -30.91
C ILE C 271 17.25 38.34 -30.02
N PHE C 272 17.67 38.20 -28.78
CA PHE C 272 17.65 39.35 -27.91
C PHE C 272 18.56 40.43 -28.46
N ALA C 273 19.78 40.04 -28.79
CA ALA C 273 20.76 40.96 -29.36
C ALA C 273 20.14 41.83 -30.46
N HIS C 274 19.47 41.16 -31.38
CA HIS C 274 18.89 41.78 -32.56
C HIS C 274 17.65 42.66 -32.30
N HIS C 275 16.72 42.13 -31.52
CA HIS C 275 15.41 42.75 -31.39
C HIS C 275 15.25 43.65 -30.17
N ARG C 276 16.25 43.64 -29.29
CA ARG C 276 16.30 44.64 -28.23
C ARG C 276 17.03 45.82 -28.80
N GLN C 277 16.28 46.79 -29.31
CA GLN C 277 16.89 47.85 -30.09
C GLN C 277 16.25 49.23 -29.96
N ALA C 278 16.87 50.21 -30.57
CA ALA C 278 16.33 51.55 -30.66
C ALA C 278 16.19 51.89 -32.13
N ASN C 279 16.18 50.84 -32.96
CA ASN C 279 16.02 50.99 -34.41
C ASN C 279 15.52 49.73 -35.15
N GLY C 280 16.24 48.62 -34.96
CA GLY C 280 15.92 47.37 -35.63
C GLY C 280 17.16 46.48 -35.67
N VAL C 281 18.29 47.09 -36.03
CA VAL C 281 19.58 46.40 -36.11
C VAL C 281 20.65 46.86 -35.08
N GLU C 282 20.22 47.46 -33.97
CA GLU C 282 21.15 47.84 -32.90
C GLU C 282 21.54 46.61 -32.10
N ASP C 283 22.49 45.84 -32.62
CA ASP C 283 22.94 44.65 -31.90
C ASP C 283 23.91 45.04 -30.80
N ASP C 284 23.55 44.75 -29.55
CA ASP C 284 24.36 45.16 -28.41
C ASP C 284 25.81 44.73 -28.67
N LEU C 285 26.64 45.67 -29.11
CA LEU C 285 28.03 45.38 -29.49
C LEU C 285 28.73 44.50 -28.47
N LEU C 286 28.32 44.63 -27.21
CA LEU C 286 28.90 43.82 -26.16
C LEU C 286 28.16 42.48 -26.02
N ILE C 287 26.83 42.46 -26.16
CA ILE C 287 26.09 41.20 -25.98
C ILE C 287 26.28 40.26 -27.17
N GLN C 288 26.46 40.80 -28.39
CA GLN C 288 26.71 39.98 -29.57
C GLN C 288 28.09 39.40 -29.40
N ARG C 289 28.89 40.13 -28.61
CA ARG C 289 30.26 39.79 -28.18
C ARG C 289 30.32 39.19 -26.78
N CYS C 290 29.27 38.45 -26.43
CA CYS C 290 29.31 37.53 -25.31
C CYS C 290 29.95 36.20 -25.74
N ARG C 291 30.95 36.33 -26.62
CA ARG C 291 31.78 35.24 -27.12
C ARG C 291 32.70 34.67 -26.05
N LEU C 292 32.83 35.40 -24.95
CA LEU C 292 33.69 34.98 -23.86
C LEU C 292 32.83 34.82 -22.62
N ALA C 293 31.68 35.48 -22.65
CA ALA C 293 30.81 35.49 -21.49
C ALA C 293 30.39 34.07 -21.16
N PHE C 294 29.59 33.47 -22.02
CA PHE C 294 29.10 32.14 -21.68
C PHE C 294 29.97 30.91 -22.06
N PRO C 295 31.03 31.09 -22.87
CA PRO C 295 31.99 29.98 -22.90
C PRO C 295 32.69 29.76 -21.57
N LEU C 296 33.02 30.82 -20.84
CA LEU C 296 33.60 30.68 -19.48
C LEU C 296 32.52 30.65 -18.40
N GLY C 297 31.33 31.16 -18.74
CA GLY C 297 30.17 31.06 -17.87
C GLY C 297 29.63 29.64 -17.83
N PHE C 298 29.96 28.87 -18.87
CA PHE C 298 29.56 27.47 -19.00
C PHE C 298 30.47 26.60 -18.14
N LEU C 299 31.71 27.02 -17.96
CA LEU C 299 32.64 26.26 -17.11
C LEU C 299 32.37 26.41 -15.61
N ALA C 300 31.79 27.54 -15.21
CA ALA C 300 31.43 27.74 -13.80
C ALA C 300 30.10 27.07 -13.48
N ILE C 301 29.10 27.30 -14.32
CA ILE C 301 27.80 26.66 -14.18
C ILE C 301 27.92 25.16 -14.46
N GLY C 302 28.88 24.80 -15.30
CA GLY C 302 29.17 23.41 -15.57
C GLY C 302 29.82 22.68 -14.43
N CYS C 303 30.75 23.34 -13.75
CA CYS C 303 31.47 22.74 -12.62
C CYS C 303 30.70 22.76 -11.28
N VAL C 304 29.69 23.61 -11.18
CA VAL C 304 28.81 23.64 -10.02
C VAL C 304 27.90 22.39 -10.02
N LEU C 305 27.61 21.85 -11.20
CA LEU C 305 26.89 20.57 -11.32
C LEU C 305 27.70 19.39 -10.76
N VAL C 306 29.02 19.61 -10.61
CA VAL C 306 29.95 18.63 -10.02
C VAL C 306 29.86 18.51 -8.47
N ILE C 307 29.39 19.56 -7.82
CA ILE C 307 29.26 19.59 -6.35
C ILE C 307 27.98 18.91 -5.87
N PRO D 1 49.01 -44.67 -13.18
CA PRO D 1 48.61 -43.41 -13.88
C PRO D 1 48.13 -43.68 -15.29
N VAL D 2 46.82 -43.64 -15.47
CA VAL D 2 46.15 -44.01 -16.70
C VAL D 2 46.57 -43.07 -17.79
N ASP D 3 47.02 -43.63 -18.92
CA ASP D 3 47.33 -42.84 -20.10
C ASP D 3 46.09 -42.59 -20.91
N VAL D 4 45.75 -41.32 -21.08
CA VAL D 4 44.66 -40.92 -21.96
C VAL D 4 45.24 -40.13 -23.14
N SER D 5 45.06 -40.69 -24.35
CA SER D 5 45.43 -40.09 -25.62
C SER D 5 44.21 -39.43 -26.25
N VAL D 6 44.34 -38.17 -26.63
CA VAL D 6 43.25 -37.36 -27.13
C VAL D 6 43.39 -36.95 -28.60
N SER D 7 42.26 -36.87 -29.33
CA SER D 7 42.17 -36.23 -30.66
C SER D 7 40.96 -35.33 -30.61
N ILE D 8 41.15 -34.06 -30.97
CA ILE D 8 40.07 -33.07 -31.08
C ILE D 8 39.87 -32.86 -32.57
N PHE D 9 38.67 -33.02 -33.11
CA PHE D 9 38.46 -32.65 -34.49
C PHE D 9 37.63 -31.35 -34.59
N ILE D 10 38.24 -30.21 -34.97
CA ILE D 10 37.59 -28.90 -35.04
C ILE D 10 36.75 -28.82 -36.32
N ASN D 11 35.44 -28.58 -36.22
CA ASN D 11 34.56 -28.45 -37.40
C ASN D 11 34.30 -27.06 -37.96
N LYS D 12 34.17 -26.07 -37.09
CA LYS D 12 33.88 -24.71 -37.49
C LYS D 12 34.30 -23.88 -36.31
N ILE D 13 35.00 -22.79 -36.54
CA ILE D 13 35.17 -21.84 -35.46
C ILE D 13 34.46 -20.59 -35.92
N TYR D 14 33.45 -20.18 -35.18
CA TYR D 14 32.63 -19.06 -35.58
C TYR D 14 32.17 -18.19 -34.42
N GLY D 15 31.34 -17.20 -34.70
CA GLY D 15 30.73 -16.37 -33.67
C GLY D 15 31.63 -15.73 -32.60
N VAL D 16 32.64 -14.97 -33.01
CA VAL D 16 33.49 -14.31 -32.03
C VAL D 16 32.73 -13.17 -31.34
N ASN D 17 32.66 -13.27 -30.03
CA ASN D 17 32.09 -12.19 -29.24
C ASN D 17 33.19 -11.30 -28.70
N THR D 18 33.28 -10.13 -29.31
CA THR D 18 34.31 -9.17 -28.98
C THR D 18 34.21 -8.73 -27.49
N LEU D 19 32.98 -8.48 -27.05
CA LEU D 19 32.75 -7.99 -25.72
C LEU D 19 33.09 -9.01 -24.68
N GLU D 20 32.61 -10.22 -24.88
CA GLU D 20 32.84 -11.28 -23.91
C GLU D 20 34.21 -11.93 -24.12
N GLN D 21 34.89 -11.61 -25.24
CA GLN D 21 36.14 -12.28 -25.57
C GLN D 21 35.85 -13.78 -25.64
N THR D 22 35.07 -14.13 -26.66
CA THR D 22 34.42 -15.43 -26.74
C THR D 22 34.37 -15.89 -28.20
N TYR D 23 34.42 -17.19 -28.46
CA TYR D 23 34.24 -17.66 -29.83
C TYR D 23 33.62 -19.06 -29.80
N LYS D 24 32.89 -19.43 -30.84
CA LYS D 24 32.22 -20.72 -30.82
C LYS D 24 33.04 -21.82 -31.53
N VAL D 25 33.19 -23.00 -30.93
CA VAL D 25 33.87 -24.12 -31.59
C VAL D 25 32.97 -25.34 -31.64
N ASP D 26 32.71 -25.84 -32.83
CA ASP D 26 32.00 -27.08 -33.01
C ASP D 26 32.99 -28.07 -33.51
N GLY D 27 32.90 -29.28 -33.00
CA GLY D 27 33.81 -30.34 -33.38
C GLY D 27 33.60 -31.58 -32.57
N TYR D 28 34.60 -32.46 -32.53
CA TYR D 28 34.55 -33.71 -31.78
C TYR D 28 35.73 -33.94 -30.78
N ILE D 29 35.48 -34.62 -29.64
CA ILE D 29 36.59 -35.14 -28.84
C ILE D 29 36.57 -36.62 -29.06
N VAL D 30 37.79 -37.16 -29.20
CA VAL D 30 38.06 -38.58 -29.10
C VAL D 30 39.08 -38.75 -28.00
N ALA D 31 38.70 -39.54 -26.99
CA ALA D 31 39.58 -39.88 -25.89
C ALA D 31 39.75 -41.42 -25.83
N GLN D 32 40.99 -41.87 -25.68
CA GLN D 32 41.31 -43.27 -25.65
C GLN D 32 42.22 -43.57 -24.45
N TRP D 33 41.96 -44.69 -23.75
CA TRP D 33 42.84 -45.20 -22.69
C TRP D 33 42.72 -46.71 -22.67
N THR D 34 43.61 -47.38 -21.95
CA THR D 34 43.50 -48.83 -21.94
C THR D 34 43.08 -49.44 -20.62
N GLY D 35 41.93 -50.10 -20.62
CA GLY D 35 41.48 -50.70 -19.38
C GLY D 35 41.83 -52.17 -19.39
N LYS D 36 41.26 -52.91 -18.46
CA LYS D 36 41.39 -54.35 -18.42
C LYS D 36 40.47 -54.93 -19.49
N PRO D 37 40.95 -55.94 -20.23
CA PRO D 37 40.26 -56.64 -21.33
C PRO D 37 38.82 -57.05 -21.00
N ARG D 38 37.96 -57.19 -22.01
CA ARG D 38 36.54 -57.47 -21.80
C ARG D 38 36.13 -58.60 -22.70
N LYS D 39 34.95 -59.17 -22.45
CA LYS D 39 34.36 -60.13 -23.40
C LYS D 39 33.19 -59.54 -24.18
N THR D 40 33.45 -59.14 -25.41
CA THR D 40 32.44 -58.50 -26.24
C THR D 40 31.81 -59.49 -27.21
N PRO D 41 30.54 -59.28 -27.60
CA PRO D 41 29.79 -60.18 -28.48
C PRO D 41 30.54 -60.54 -29.74
N GLY D 42 30.64 -61.84 -30.04
CA GLY D 42 31.44 -62.26 -31.16
C GLY D 42 32.88 -62.18 -30.68
N ASP D 43 33.54 -61.11 -31.06
CA ASP D 43 34.89 -60.85 -30.59
C ASP D 43 35.10 -59.45 -31.07
N LYS D 44 34.10 -58.98 -31.81
CA LYS D 44 34.08 -57.64 -32.34
C LYS D 44 33.81 -56.58 -31.26
N PRO D 45 34.41 -55.39 -31.40
CA PRO D 45 34.36 -54.27 -30.45
C PRO D 45 32.94 -53.86 -30.10
N LEU D 46 32.68 -53.54 -28.83
CA LEU D 46 31.31 -53.20 -28.44
C LEU D 46 31.06 -51.71 -28.61
N ILE D 47 29.96 -51.38 -29.27
CA ILE D 47 29.57 -49.99 -29.41
C ILE D 47 28.40 -49.64 -28.47
N VAL D 48 28.57 -48.55 -27.73
CA VAL D 48 27.59 -48.04 -26.77
C VAL D 48 27.29 -46.56 -27.01
N GLU D 49 26.09 -46.25 -27.42
CA GLU D 49 25.78 -44.86 -27.75
C GLU D 49 25.08 -44.20 -26.57
N ASN D 50 24.93 -42.88 -26.63
CA ASN D 50 24.31 -41.98 -25.65
C ASN D 50 23.77 -42.51 -24.32
N THR D 51 22.45 -42.72 -24.28
CA THR D 51 21.74 -43.24 -23.11
C THR D 51 22.44 -44.40 -22.38
N GLN D 52 22.84 -45.38 -23.16
CA GLN D 52 23.47 -46.57 -22.66
C GLN D 52 24.84 -46.36 -22.03
N ILE D 53 25.46 -45.21 -22.24
CA ILE D 53 26.79 -44.99 -21.65
C ILE D 53 26.67 -44.85 -20.16
N GLU D 54 25.65 -44.11 -19.73
CA GLU D 54 25.40 -43.97 -18.31
C GLU D 54 25.12 -45.37 -17.66
N ARG D 55 24.42 -46.24 -18.36
CA ARG D 55 24.15 -47.59 -17.85
C ARG D 55 25.40 -48.38 -17.56
N TRP D 56 26.42 -48.20 -18.40
CA TRP D 56 27.68 -48.90 -18.22
C TRP D 56 28.45 -48.28 -17.08
N ILE D 57 28.33 -46.97 -16.91
CA ILE D 57 29.03 -46.26 -15.83
C ILE D 57 28.45 -46.68 -14.47
N ASN D 58 27.14 -46.90 -14.43
CA ASN D 58 26.50 -47.44 -13.23
C ASN D 58 26.99 -48.81 -12.83
N ASN D 59 27.24 -49.66 -13.80
CA ASN D 59 27.71 -50.97 -13.44
C ASN D 59 29.20 -50.93 -13.25
N GLY D 60 29.77 -49.73 -13.13
CA GLY D 60 31.16 -49.58 -12.77
C GLY D 60 32.25 -49.25 -13.81
N LEU D 61 31.86 -48.90 -15.03
CA LEU D 61 32.81 -48.47 -16.06
C LEU D 61 33.37 -47.10 -15.72
N TRP D 62 34.69 -47.00 -15.71
CA TRP D 62 35.36 -45.73 -15.47
C TRP D 62 35.46 -44.99 -16.76
N VAL D 63 34.69 -43.91 -16.89
CA VAL D 63 34.70 -43.01 -18.04
C VAL D 63 34.96 -41.63 -17.47
N PRO D 64 36.20 -41.20 -17.40
CA PRO D 64 36.54 -40.00 -16.63
C PRO D 64 36.02 -38.73 -17.26
N ALA D 65 35.45 -37.81 -16.50
CA ALA D 65 34.93 -36.56 -17.09
C ALA D 65 36.02 -35.57 -17.36
N LEU D 66 36.18 -35.20 -18.62
CA LEU D 66 37.22 -34.28 -19.01
C LEU D 66 36.61 -32.92 -19.15
N GLU D 67 37.04 -31.96 -18.38
CA GLU D 67 36.47 -30.62 -18.46
C GLU D 67 37.14 -29.74 -19.51
N PHE D 68 36.35 -28.98 -20.27
CA PHE D 68 36.91 -27.96 -21.16
C PHE D 68 37.18 -26.78 -20.30
N ILE D 69 38.43 -26.59 -19.89
CA ILE D 69 38.73 -25.62 -18.86
C ILE D 69 38.18 -24.23 -19.11
N ASN D 70 38.27 -23.74 -20.36
CA ASN D 70 37.88 -22.37 -20.66
C ASN D 70 36.61 -22.22 -21.46
N VAL D 71 35.73 -23.22 -21.39
CA VAL D 71 34.43 -23.13 -22.02
C VAL D 71 33.55 -22.24 -21.16
N VAL D 72 32.85 -21.29 -21.76
CA VAL D 72 31.98 -20.42 -20.99
C VAL D 72 30.60 -21.04 -20.91
N GLY D 73 30.20 -21.46 -19.73
CA GLY D 73 28.96 -22.20 -19.65
C GLY D 73 29.29 -23.64 -19.90
N SER D 74 28.31 -24.43 -20.30
CA SER D 74 28.64 -25.84 -20.54
C SER D 74 28.17 -26.31 -21.91
N PRO D 75 29.04 -26.99 -22.62
CA PRO D 75 28.87 -27.29 -24.04
C PRO D 75 27.67 -28.14 -24.37
N ASP D 76 27.12 -27.89 -25.56
CA ASP D 76 26.08 -28.71 -26.13
C ASP D 76 26.77 -29.96 -26.59
N THR D 77 26.57 -31.06 -25.88
CA THR D 77 27.15 -32.30 -26.33
C THR D 77 26.13 -32.99 -27.22
N GLY D 78 26.54 -33.31 -28.43
CA GLY D 78 25.68 -34.02 -29.35
C GLY D 78 25.73 -35.47 -28.96
N ASN D 79 26.00 -36.37 -29.91
CA ASN D 79 26.01 -37.79 -29.61
C ASN D 79 27.24 -38.23 -28.88
N LYS D 80 27.09 -39.24 -28.04
CA LYS D 80 28.21 -39.76 -27.32
C LYS D 80 28.35 -41.17 -27.79
N ARG D 81 29.57 -41.68 -27.65
CA ARG D 81 29.86 -43.02 -28.08
C ARG D 81 30.96 -43.58 -27.22
N LEU D 82 30.73 -44.79 -26.73
CA LEU D 82 31.75 -45.56 -26.05
C LEU D 82 32.12 -46.63 -27.01
N MET D 83 33.40 -46.77 -27.22
CA MET D 83 33.89 -47.81 -28.05
C MET D 83 34.72 -48.72 -27.15
N LEU D 84 34.16 -49.88 -26.80
CA LEU D 84 34.79 -50.79 -25.86
C LEU D 84 35.42 -51.96 -26.56
N PHE D 85 36.74 -52.03 -26.49
CA PHE D 85 37.47 -53.10 -27.16
C PHE D 85 37.77 -54.28 -26.21
N PRO D 86 37.79 -55.50 -26.79
CA PRO D 86 38.07 -56.72 -26.04
C PRO D 86 39.53 -56.80 -25.61
N ASP D 87 40.42 -56.13 -26.35
CA ASP D 87 41.84 -56.16 -25.98
C ASP D 87 42.02 -55.26 -24.77
N GLY D 88 40.94 -54.57 -24.40
CA GLY D 88 40.90 -53.79 -23.17
C GLY D 88 40.62 -52.31 -23.30
N ARG D 89 41.22 -51.70 -24.30
CA ARG D 89 41.18 -50.26 -24.49
C ARG D 89 39.77 -49.69 -24.66
N VAL D 90 39.61 -48.43 -24.27
CA VAL D 90 38.30 -47.80 -24.27
C VAL D 90 38.37 -46.51 -25.05
N ILE D 91 37.42 -46.30 -25.97
CA ILE D 91 37.35 -45.06 -26.74
C ILE D 91 36.04 -44.35 -26.47
N TYR D 92 36.15 -43.11 -26.01
CA TYR D 92 35.00 -42.22 -25.83
C TYR D 92 35.02 -41.17 -26.96
N ASN D 93 33.99 -41.18 -27.81
CA ASN D 93 33.85 -40.30 -28.98
C ASN D 93 32.53 -39.49 -28.86
N ALA D 94 32.59 -38.17 -28.97
CA ALA D 94 31.39 -37.38 -28.79
C ALA D 94 31.43 -36.06 -29.51
N ARG D 95 30.28 -35.58 -29.95
CA ARG D 95 30.27 -34.26 -30.60
C ARG D 95 30.00 -33.15 -29.62
N PHE D 96 30.67 -32.02 -29.78
CA PHE D 96 30.44 -30.94 -28.87
C PHE D 96 30.38 -29.65 -29.66
N LEU D 97 29.55 -28.73 -29.19
CA LEU D 97 29.55 -27.35 -29.60
C LEU D 97 29.70 -26.60 -28.32
N GLY D 98 30.70 -25.75 -28.22
CA GLY D 98 31.00 -25.06 -26.97
C GLY D 98 31.33 -23.63 -27.26
N SER D 99 31.14 -22.77 -26.27
CA SER D 99 31.53 -21.36 -26.36
C SER D 99 32.80 -21.19 -25.55
N PHE D 100 33.90 -20.83 -26.18
CA PHE D 100 35.17 -20.82 -25.46
C PHE D 100 35.77 -19.44 -25.19
N SER D 101 36.55 -19.38 -24.11
CA SER D 101 37.10 -18.11 -23.70
C SER D 101 38.56 -17.98 -23.91
N ASN D 102 38.95 -16.77 -24.32
CA ASN D 102 40.35 -16.41 -24.44
C ASN D 102 40.63 -14.90 -24.42
N ASP D 103 41.80 -14.54 -23.93
CA ASP D 103 42.20 -13.15 -23.97
C ASP D 103 42.18 -12.65 -25.40
N MET D 104 41.43 -11.60 -25.65
CA MET D 104 41.45 -11.10 -27.00
C MET D 104 41.67 -9.60 -27.05
N ASP D 105 42.74 -9.20 -27.73
CA ASP D 105 43.11 -7.78 -27.88
C ASP D 105 42.56 -7.33 -29.18
N PHE D 106 41.70 -6.33 -29.16
CA PHE D 106 41.08 -5.84 -30.40
C PHE D 106 41.43 -4.40 -30.73
N ARG D 107 42.46 -3.86 -30.08
CA ARG D 107 42.87 -2.45 -30.23
C ARG D 107 43.25 -2.03 -31.68
N LEU D 108 43.92 -2.89 -32.44
CA LEU D 108 44.18 -2.53 -33.84
C LEU D 108 43.22 -3.13 -34.85
N PHE D 109 41.94 -3.18 -34.46
CA PHE D 109 40.84 -3.60 -35.32
C PHE D 109 40.80 -2.58 -36.43
N PRO D 110 40.49 -2.98 -37.67
CA PRO D 110 40.11 -4.29 -38.18
C PRO D 110 41.33 -5.07 -38.68
N PHE D 111 42.49 -4.75 -38.11
CA PHE D 111 43.73 -5.47 -38.40
C PHE D 111 44.23 -6.30 -37.22
N ASP D 112 43.32 -6.95 -36.51
CA ASP D 112 43.69 -7.74 -35.33
C ASP D 112 44.38 -9.03 -35.74
N ARG D 113 45.25 -9.54 -34.87
CA ARG D 113 45.71 -10.90 -35.01
C ARG D 113 45.20 -11.46 -33.72
N GLN D 114 44.47 -12.58 -33.80
CA GLN D 114 43.96 -13.25 -32.61
C GLN D 114 44.41 -14.71 -32.53
N GLN D 115 44.26 -15.35 -31.37
CA GLN D 115 44.42 -16.81 -31.39
C GLN D 115 43.44 -17.61 -30.56
N PHE D 116 42.74 -18.51 -31.23
CA PHE D 116 41.67 -19.33 -30.64
C PHE D 116 42.28 -20.48 -29.84
N VAL D 117 41.85 -20.66 -28.59
CA VAL D 117 42.41 -21.65 -27.67
C VAL D 117 41.42 -22.70 -27.12
N LEU D 118 41.87 -23.94 -26.95
CA LEU D 118 41.06 -24.95 -26.24
C LEU D 118 41.85 -25.40 -25.05
N GLU D 119 41.20 -25.57 -23.89
CA GLU D 119 41.89 -26.15 -22.72
C GLU D 119 41.13 -27.33 -22.10
N LEU D 120 41.70 -28.53 -22.22
CA LEU D 120 41.12 -29.77 -21.74
C LEU D 120 41.89 -30.10 -20.51
N GLU D 121 41.22 -30.63 -19.49
CA GLU D 121 41.89 -31.06 -18.25
C GLU D 121 40.96 -32.04 -17.55
N PRO D 122 41.46 -33.20 -17.11
CA PRO D 122 40.57 -34.18 -16.50
C PRO D 122 39.92 -33.54 -15.30
N PHE D 123 38.63 -33.76 -15.07
CA PHE D 123 37.95 -32.98 -14.06
C PHE D 123 38.31 -33.34 -12.64
N SER D 124 38.37 -34.64 -12.35
CA SER D 124 38.49 -35.10 -10.97
C SER D 124 39.77 -35.83 -10.64
N TYR D 125 40.51 -36.24 -11.66
CA TYR D 125 41.73 -37.05 -11.50
C TYR D 125 43.06 -36.34 -11.68
N ASN D 126 43.94 -36.42 -10.67
CA ASN D 126 45.25 -35.75 -10.78
C ASN D 126 46.22 -36.49 -11.71
N ASN D 127 47.31 -35.82 -12.06
CA ASN D 127 48.35 -36.35 -12.97
C ASN D 127 48.89 -37.72 -12.58
N GLN D 128 48.78 -38.03 -11.29
CA GLN D 128 49.26 -39.30 -10.79
C GLN D 128 48.18 -40.34 -10.95
N GLN D 129 46.96 -39.90 -11.21
CA GLN D 129 45.85 -40.79 -11.54
C GLN D 129 45.51 -40.90 -13.04
N LEU D 130 45.43 -39.77 -13.74
CA LEU D 130 45.12 -39.75 -15.17
C LEU D 130 46.07 -38.77 -15.85
N ARG D 131 46.70 -39.22 -16.92
CA ARG D 131 47.74 -38.48 -17.59
C ARG D 131 47.47 -38.39 -19.08
N PHE D 132 47.66 -37.21 -19.64
CA PHE D 132 47.45 -37.05 -21.07
C PHE D 132 48.68 -37.47 -21.89
N SER D 133 48.55 -38.61 -22.55
CA SER D 133 49.66 -39.12 -23.30
C SER D 133 49.97 -38.21 -24.47
N ASP D 134 49.00 -37.97 -25.35
CA ASP D 134 49.22 -37.06 -26.49
C ASP D 134 47.96 -36.45 -27.05
N ILE D 135 48.13 -35.47 -27.91
CA ILE D 135 46.97 -34.92 -28.50
C ILE D 135 47.16 -34.60 -29.96
N GLN D 136 46.19 -34.96 -30.79
CA GLN D 136 46.18 -34.50 -32.16
C GLN D 136 44.95 -33.66 -32.37
N VAL D 137 45.14 -32.55 -33.07
CA VAL D 137 44.11 -31.60 -33.37
C VAL D 137 43.98 -31.56 -34.88
N TYR D 138 42.80 -31.75 -35.42
CA TYR D 138 42.67 -31.70 -36.86
C TYR D 138 41.75 -30.57 -37.34
N THR D 139 42.32 -29.51 -37.92
CA THR D 139 41.54 -28.40 -38.47
C THR D 139 41.29 -28.59 -39.95
N GLU D 140 40.25 -29.35 -40.22
CA GLU D 140 39.85 -29.79 -41.56
C GLU D 140 39.42 -28.63 -42.42
N ASN D 141 40.05 -27.48 -42.20
CA ASN D 141 39.79 -26.26 -42.98
C ASN D 141 40.86 -26.04 -44.05
N ILE D 142 40.54 -25.11 -44.96
CA ILE D 142 41.38 -24.69 -46.08
C ILE D 142 40.51 -23.81 -46.96
N ASP D 143 41.10 -23.12 -47.94
CA ASP D 143 40.36 -22.40 -49.00
C ASP D 143 39.28 -21.38 -48.60
N ASN D 144 38.74 -20.69 -49.61
CA ASN D 144 37.67 -19.67 -49.47
C ASN D 144 37.92 -18.73 -48.30
N GLU D 145 39.12 -18.13 -48.29
CA GLU D 145 39.54 -17.26 -47.19
C GLU D 145 38.85 -15.89 -47.22
N GLU D 146 38.60 -15.35 -48.41
CA GLU D 146 37.89 -14.08 -48.54
C GLU D 146 36.37 -14.18 -48.47
N ILE D 147 35.85 -15.38 -48.33
CA ILE D 147 34.41 -15.58 -48.15
C ILE D 147 34.15 -15.75 -46.65
N ASP D 148 35.20 -16.17 -45.95
CA ASP D 148 35.18 -16.29 -44.50
C ASP D 148 35.85 -15.04 -43.89
N GLU D 149 35.39 -14.68 -42.69
CA GLU D 149 35.83 -13.48 -42.00
C GLU D 149 37.33 -13.51 -41.61
N TRP D 150 37.79 -14.72 -41.23
CA TRP D 150 39.14 -15.00 -40.66
C TRP D 150 40.07 -15.91 -41.49
N TRP D 151 41.36 -15.60 -41.46
CA TRP D 151 42.41 -16.38 -42.11
C TRP D 151 43.17 -17.21 -41.10
N ILE D 152 42.99 -18.53 -41.11
CA ILE D 152 43.74 -19.38 -40.21
C ILE D 152 45.21 -19.45 -40.68
N ARG D 153 46.18 -19.19 -39.79
CA ARG D 153 47.60 -19.20 -40.16
C ARG D 153 48.14 -20.63 -40.21
N GLY D 154 48.33 -21.19 -39.03
CA GLY D 154 48.85 -22.53 -38.85
C GLY D 154 47.93 -23.72 -39.01
N LYS D 155 48.42 -24.86 -38.55
CA LYS D 155 47.70 -26.12 -38.64
C LYS D 155 47.16 -26.58 -37.29
N ALA D 156 47.56 -25.85 -36.25
CA ALA D 156 47.11 -25.96 -34.83
C ALA D 156 48.27 -26.42 -34.00
N SER D 157 48.72 -25.50 -33.16
CA SER D 157 49.85 -25.72 -32.30
C SER D 157 49.34 -26.21 -30.91
N THR D 158 50.10 -27.11 -30.27
CA THR D 158 49.66 -27.82 -29.07
C THR D 158 50.73 -27.91 -27.99
N HIS D 159 50.33 -27.91 -26.71
CA HIS D 159 51.23 -28.02 -25.55
C HIS D 159 50.58 -28.73 -24.39
N ILE D 160 51.07 -29.93 -24.05
CA ILE D 160 50.59 -30.69 -22.87
C ILE D 160 51.41 -30.37 -21.60
N SER D 161 50.74 -30.05 -20.49
CA SER D 161 51.43 -29.60 -19.27
C SER D 161 50.89 -30.11 -17.93
N ASP D 162 51.55 -29.71 -16.84
CA ASP D 162 51.14 -30.08 -15.50
C ASP D 162 50.80 -28.85 -14.68
N ILE D 163 49.55 -28.75 -14.22
CA ILE D 163 49.07 -27.60 -13.46
C ILE D 163 48.94 -27.93 -11.97
N ARG D 164 49.42 -27.01 -11.13
CA ARG D 164 49.38 -27.03 -9.66
C ARG D 164 48.87 -25.64 -9.30
N TYR D 165 47.64 -25.32 -8.81
CA TYR D 165 46.69 -25.97 -7.88
C TYR D 165 47.36 -26.07 -6.56
N ASP D 166 47.92 -24.94 -6.12
CA ASP D 166 48.56 -24.88 -4.81
C ASP D 166 47.64 -24.30 -3.75
N HIS D 167 46.36 -24.14 -4.06
CA HIS D 167 45.40 -23.82 -3.02
C HIS D 167 44.81 -25.10 -2.52
N LEU D 168 44.25 -25.03 -1.32
CA LEU D 168 44.42 -26.08 -0.34
C LEU D 168 44.50 -27.53 -0.91
N SER D 169 45.59 -27.74 -1.67
CA SER D 169 46.47 -28.92 -1.67
C SER D 169 46.20 -29.82 -0.48
N SER D 170 46.97 -29.59 0.59
CA SER D 170 46.58 -29.94 1.97
C SER D 170 45.60 -31.12 2.12
N VAL D 171 44.43 -31.00 1.49
CA VAL D 171 43.50 -32.12 1.30
C VAL D 171 44.23 -33.40 0.88
N GLN D 172 44.95 -33.30 -0.23
CA GLN D 172 45.82 -34.37 -0.70
C GLN D 172 47.25 -33.87 -0.91
N PRO D 173 48.10 -33.95 0.13
CA PRO D 173 49.41 -33.32 0.01
C PRO D 173 50.26 -34.08 -0.99
N ASN D 174 51.23 -33.40 -1.60
CA ASN D 174 52.16 -33.98 -2.57
C ASN D 174 51.55 -34.25 -3.95
N GLN D 175 50.21 -34.29 -4.05
CA GLN D 175 49.60 -34.67 -5.34
C GLN D 175 48.37 -33.86 -5.83
N ASN D 176 48.68 -32.71 -6.41
CA ASN D 176 47.69 -31.79 -6.91
C ASN D 176 48.23 -31.02 -8.14
N GLU D 177 48.71 -31.85 -9.05
CA GLU D 177 49.08 -31.47 -10.39
C GLU D 177 48.14 -32.21 -11.35
N PHE D 178 47.42 -31.48 -12.19
CA PHE D 178 46.60 -32.11 -13.22
C PHE D 178 47.22 -31.95 -14.60
N SER D 179 47.12 -32.95 -15.46
CA SER D 179 47.73 -32.76 -16.78
C SER D 179 46.75 -32.03 -17.65
N ARG D 180 47.23 -31.02 -18.38
CA ARG D 180 46.40 -30.16 -19.26
C ARG D 180 46.85 -30.07 -20.72
N ILE D 181 45.95 -30.42 -21.62
CA ILE D 181 46.17 -30.26 -23.04
C ILE D 181 45.72 -28.85 -23.50
N THR D 182 46.58 -28.10 -24.15
CA THR D 182 46.23 -26.74 -24.61
C THR D 182 46.42 -26.57 -26.10
N VAL D 183 45.32 -26.49 -26.81
CA VAL D 183 45.40 -26.39 -28.22
C VAL D 183 45.21 -24.93 -28.63
N ARG D 184 46.10 -24.41 -29.48
CA ARG D 184 46.02 -23.05 -30.01
C ARG D 184 45.93 -23.00 -31.56
N ILE D 185 45.01 -22.22 -32.10
CA ILE D 185 44.90 -22.02 -33.52
C ILE D 185 45.13 -20.54 -33.73
N ASP D 186 46.12 -20.18 -34.55
CA ASP D 186 46.45 -18.77 -34.83
C ASP D 186 45.61 -18.16 -35.91
N ALA D 187 45.23 -16.89 -35.79
CA ALA D 187 44.39 -16.35 -36.86
C ALA D 187 44.47 -14.82 -37.16
N VAL D 188 44.13 -14.48 -38.38
CA VAL D 188 44.24 -13.11 -38.83
C VAL D 188 42.94 -12.67 -39.42
N ARG D 189 42.56 -11.43 -39.12
CA ARG D 189 41.31 -10.89 -39.62
C ARG D 189 41.45 -10.39 -41.05
N ASN D 190 40.51 -10.81 -41.90
CA ASN D 190 40.47 -10.40 -43.30
C ASN D 190 39.83 -8.98 -43.49
N PRO D 191 40.69 -7.93 -43.53
CA PRO D 191 40.27 -6.53 -43.35
C PRO D 191 39.54 -5.86 -44.51
N SER D 192 39.38 -6.61 -45.60
CA SER D 192 38.84 -6.03 -46.82
C SER D 192 37.54 -5.29 -46.56
N TYR D 193 36.58 -5.96 -45.91
CA TYR D 193 35.23 -5.41 -45.74
C TYR D 193 35.32 -4.06 -45.06
N TYR D 194 36.16 -4.04 -44.04
CA TYR D 194 36.33 -2.85 -43.23
C TYR D 194 37.11 -1.74 -43.91
N LEU D 195 38.00 -2.11 -44.82
CA LEU D 195 38.78 -1.11 -45.57
C LEU D 195 37.93 -0.35 -46.54
N TRP D 196 37.28 -1.11 -47.42
CA TRP D 196 36.49 -0.53 -48.48
C TRP D 196 35.22 0.12 -47.99
N SER D 197 34.61 -0.43 -46.94
CA SER D 197 33.33 0.09 -46.47
C SER D 197 33.35 1.02 -45.27
N PHE D 198 34.47 1.11 -44.56
CA PHE D 198 34.54 1.93 -43.36
C PHE D 198 35.71 2.89 -43.50
N ILE D 199 36.89 2.33 -43.73
CA ILE D 199 38.11 3.12 -43.84
C ILE D 199 38.04 4.11 -44.99
N LEU D 200 37.77 3.58 -46.18
CA LEU D 200 37.72 4.42 -47.39
C LEU D 200 36.70 5.56 -47.21
N PRO D 201 35.39 5.26 -47.12
CA PRO D 201 34.56 6.45 -47.04
C PRO D 201 34.84 7.33 -45.84
N LEU D 202 35.30 6.84 -44.70
CA LEU D 202 35.64 7.78 -43.63
C LEU D 202 36.71 8.74 -44.11
N GLY D 203 37.65 8.25 -44.93
CA GLY D 203 38.67 9.13 -45.50
C GLY D 203 38.18 10.24 -46.44
N LEU D 204 37.29 9.86 -47.35
CA LEU D 204 36.72 10.79 -48.31
C LEU D 204 35.97 11.92 -47.58
N ILE D 205 35.29 11.56 -46.48
CA ILE D 205 34.64 12.49 -45.57
C ILE D 205 35.71 13.41 -45.02
N ILE D 206 36.71 12.81 -44.38
CA ILE D 206 37.81 13.54 -43.74
C ILE D 206 38.51 14.45 -44.73
N ALA D 207 38.84 13.91 -45.91
CA ALA D 207 39.61 14.66 -46.91
C ALA D 207 38.81 15.87 -47.35
N ALA D 208 37.55 15.61 -47.74
CA ALA D 208 36.65 16.64 -48.24
C ALA D 208 36.43 17.70 -47.19
N SER D 209 36.66 17.37 -45.92
CA SER D 209 36.64 18.37 -44.87
C SER D 209 37.62 19.50 -45.18
N TRP D 210 38.79 19.16 -45.69
CA TRP D 210 39.87 20.15 -45.90
C TRP D 210 39.57 21.13 -47.04
N SER D 211 38.58 20.78 -47.84
CA SER D 211 38.13 21.60 -48.95
C SER D 211 37.34 22.80 -48.43
N VAL D 212 37.27 22.88 -47.11
CA VAL D 212 36.59 23.99 -46.48
C VAL D 212 37.36 25.31 -46.73
N PHE D 213 38.65 25.16 -46.99
CA PHE D 213 39.57 26.29 -47.20
C PHE D 213 39.55 26.85 -48.62
N TRP D 214 39.00 26.06 -49.54
CA TRP D 214 38.80 26.55 -50.89
C TRP D 214 37.53 27.41 -51.03
N LEU D 215 36.81 27.58 -49.92
CA LEU D 215 35.63 28.45 -49.89
C LEU D 215 36.00 29.92 -49.72
N GLU D 216 35.31 30.78 -50.47
CA GLU D 216 35.70 32.18 -50.53
C GLU D 216 35.40 32.98 -49.27
N SER D 217 34.12 33.06 -48.93
CA SER D 217 33.66 33.84 -47.79
C SER D 217 34.07 33.21 -46.44
N PHE D 218 34.15 34.02 -45.39
CA PHE D 218 34.34 33.53 -44.02
C PHE D 218 33.07 32.87 -43.53
N SER D 219 31.93 33.45 -43.91
CA SER D 219 30.65 32.87 -43.54
C SER D 219 30.55 31.47 -44.13
N GLU D 220 30.96 31.34 -45.38
CA GLU D 220 30.93 30.04 -46.05
C GLU D 220 31.85 29.05 -45.36
N ARG D 221 33.07 29.52 -45.10
CA ARG D 221 34.15 28.72 -44.51
C ARG D 221 33.69 28.12 -43.21
N LEU D 222 33.01 28.94 -42.41
CA LEU D 222 32.59 28.55 -41.09
C LEU D 222 31.27 27.79 -41.05
N GLN D 223 30.24 28.31 -41.70
CA GLN D 223 28.95 27.66 -41.64
C GLN D 223 29.08 26.25 -42.17
N THR D 224 29.98 26.05 -43.13
CA THR D 224 30.21 24.71 -43.65
C THR D 224 30.86 23.71 -42.70
N SER D 225 31.79 24.14 -41.84
CA SER D 225 32.40 23.14 -40.95
C SER D 225 31.37 22.61 -39.90
N PHE D 226 30.28 23.33 -39.76
CA PHE D 226 29.20 22.92 -38.88
C PHE D 226 28.44 21.80 -39.51
N THR D 227 28.28 21.86 -40.82
CA THR D 227 27.71 20.72 -41.52
C THR D 227 28.69 19.56 -41.49
N LEU D 228 29.95 19.92 -41.70
CA LEU D 228 31.03 18.96 -41.84
C LEU D 228 31.19 18.20 -40.54
N MET D 229 31.02 18.91 -39.43
CA MET D 229 31.07 18.33 -38.09
C MET D 229 29.93 17.32 -37.92
N LEU D 230 28.75 17.74 -38.34
CA LEU D 230 27.51 16.96 -38.24
C LEU D 230 27.67 15.65 -39.03
N THR D 231 28.50 15.71 -40.08
CA THR D 231 28.83 14.54 -40.90
C THR D 231 29.67 13.44 -40.21
N VAL D 232 30.68 13.87 -39.45
CA VAL D 232 31.53 12.94 -38.71
C VAL D 232 30.65 12.28 -37.60
N VAL D 233 29.71 13.04 -37.02
CA VAL D 233 28.72 12.50 -36.08
C VAL D 233 27.77 11.52 -36.74
N ALA D 234 27.25 11.88 -37.90
CA ALA D 234 26.47 10.94 -38.66
C ALA D 234 27.34 9.73 -38.92
N TYR D 235 28.63 9.93 -39.17
CA TYR D 235 29.49 8.76 -39.45
C TYR D 235 29.78 7.93 -38.20
N ALA D 236 30.18 8.59 -37.11
CA ALA D 236 30.46 7.89 -35.88
C ALA D 236 29.27 7.02 -35.46
N PHE D 237 28.06 7.53 -35.68
CA PHE D 237 26.82 6.83 -35.38
C PHE D 237 26.73 5.60 -36.26
N TYR D 238 26.91 5.81 -37.57
CA TYR D 238 26.91 4.71 -38.55
C TYR D 238 27.99 3.67 -38.23
N THR D 239 29.19 4.16 -37.92
CA THR D 239 30.29 3.31 -37.54
C THR D 239 29.98 2.46 -36.33
N SER D 240 29.69 3.16 -35.24
CA SER D 240 29.54 2.57 -33.92
C SER D 240 28.45 1.52 -33.84
N ASN D 241 27.34 1.80 -34.50
CA ASN D 241 26.20 0.90 -34.56
C ASN D 241 26.49 -0.41 -35.29
N ILE D 242 27.45 -0.42 -36.20
CA ILE D 242 27.68 -1.60 -37.03
C ILE D 242 28.86 -2.47 -36.52
N LEU D 243 29.96 -1.80 -36.14
CA LEU D 243 31.23 -2.37 -35.62
C LEU D 243 31.11 -3.13 -34.28
N PRO D 244 32.08 -4.04 -33.99
CA PRO D 244 32.06 -4.86 -32.78
C PRO D 244 32.26 -4.06 -31.52
N ARG D 245 31.49 -4.42 -30.50
CA ARG D 245 31.55 -3.76 -29.22
C ARG D 245 32.83 -4.07 -28.47
N LEU D 246 33.54 -3.04 -28.02
CA LEU D 246 34.73 -3.22 -27.22
C LEU D 246 34.74 -2.17 -26.11
N PRO D 247 35.55 -2.34 -25.05
CA PRO D 247 35.71 -1.30 -24.03
C PRO D 247 36.87 -0.37 -24.34
N TYR D 248 37.28 -0.29 -25.60
CA TYR D 248 38.37 0.58 -25.99
C TYR D 248 38.30 1.13 -27.39
N THR D 249 39.16 2.10 -27.70
CA THR D 249 39.16 2.69 -29.04
C THR D 249 39.96 1.80 -29.95
N THR D 250 39.42 1.50 -31.13
CA THR D 250 40.16 0.74 -32.12
C THR D 250 40.81 1.75 -33.05
N VAL D 251 41.46 1.30 -34.11
CA VAL D 251 42.05 2.26 -35.02
C VAL D 251 40.96 3.13 -35.63
N ILE D 252 39.89 2.52 -36.12
CA ILE D 252 38.76 3.26 -36.71
C ILE D 252 38.20 4.34 -35.75
N ASP D 253 38.13 4.04 -34.46
CA ASP D 253 37.69 5.04 -33.48
C ASP D 253 38.61 6.23 -33.48
N GLN D 254 39.90 5.96 -33.57
CA GLN D 254 40.86 7.05 -33.60
C GLN D 254 40.72 7.85 -34.90
N MET D 255 40.44 7.18 -36.01
CA MET D 255 40.25 7.92 -37.22
C MET D 255 39.14 8.92 -36.97
N ILE D 256 38.05 8.45 -36.40
CA ILE D 256 36.92 9.31 -36.08
C ILE D 256 37.34 10.40 -35.11
N ILE D 257 38.13 10.10 -34.08
CA ILE D 257 38.58 11.17 -33.20
C ILE D 257 39.35 12.20 -34.03
N ALA D 258 40.18 11.72 -34.96
CA ALA D 258 40.97 12.59 -35.82
C ALA D 258 40.14 13.51 -36.73
N GLY D 259 38.99 12.99 -37.16
CA GLY D 259 38.05 13.76 -37.95
C GLY D 259 37.51 14.93 -37.16
N TYR D 260 37.06 14.66 -35.95
CA TYR D 260 36.60 15.69 -35.04
C TYR D 260 37.72 16.66 -34.82
N GLY D 261 38.95 16.15 -34.76
CA GLY D 261 40.08 17.02 -34.56
C GLY D 261 40.39 17.97 -35.71
N SER D 262 40.47 17.43 -36.93
CA SER D 262 40.78 18.27 -38.08
C SER D 262 39.75 19.38 -38.18
N ILE D 263 38.48 19.00 -38.02
CA ILE D 263 37.36 19.92 -38.14
C ILE D 263 37.32 20.97 -37.05
N PHE D 264 37.55 20.56 -35.81
CA PHE D 264 37.58 21.53 -34.71
C PHE D 264 38.78 22.47 -34.87
N ALA D 265 39.88 21.91 -35.39
CA ALA D 265 41.08 22.69 -35.70
C ALA D 265 40.79 23.68 -36.83
N ALA D 266 40.01 23.20 -37.81
CA ALA D 266 39.57 24.01 -38.93
C ALA D 266 38.78 25.21 -38.42
N ILE D 267 37.84 24.96 -37.52
CA ILE D 267 36.99 25.99 -36.92
C ILE D 267 37.88 27.07 -36.34
N LEU D 268 38.87 26.65 -35.57
CA LEU D 268 39.75 27.59 -34.89
C LEU D 268 40.55 28.45 -35.85
N LEU D 269 41.22 27.84 -36.83
CA LEU D 269 41.95 28.65 -37.80
C LEU D 269 41.02 29.59 -38.52
N ILE D 270 39.90 29.05 -38.99
CA ILE D 270 38.96 29.82 -39.75
C ILE D 270 38.48 31.06 -38.97
N ILE D 271 38.09 30.88 -37.72
CA ILE D 271 37.73 32.03 -36.87
C ILE D 271 38.94 32.92 -36.64
N PHE D 272 40.10 32.31 -36.45
CA PHE D 272 41.33 33.07 -36.20
C PHE D 272 41.72 33.92 -37.41
N ALA D 273 41.73 33.29 -38.61
CA ALA D 273 42.03 33.97 -39.87
C ALA D 273 41.25 35.29 -39.95
N HIS D 274 39.98 35.23 -39.59
CA HIS D 274 39.09 36.37 -39.71
C HIS D 274 39.32 37.54 -38.74
N HIS D 275 39.46 37.25 -37.45
CA HIS D 275 39.48 38.30 -36.43
C HIS D 275 40.84 38.81 -35.99
N ARG D 276 41.90 38.13 -36.41
CA ARG D 276 43.25 38.60 -36.13
C ARG D 276 43.69 39.52 -37.25
N GLN D 277 43.57 40.82 -37.02
CA GLN D 277 43.72 41.77 -38.11
C GLN D 277 44.39 43.09 -37.73
N ALA D 278 44.62 43.91 -38.76
CA ALA D 278 45.16 45.25 -38.58
C ALA D 278 44.14 46.22 -39.17
N ASN D 279 42.91 45.75 -39.30
CA ASN D 279 41.80 46.56 -39.80
C ASN D 279 40.43 46.00 -39.36
N GLY D 280 40.20 44.73 -39.68
CA GLY D 280 38.95 44.06 -39.37
C GLY D 280 38.76 42.84 -40.26
N VAL D 281 38.99 43.04 -41.56
CA VAL D 281 38.85 41.99 -42.55
C VAL D 281 40.19 41.54 -43.16
N GLU D 282 41.28 41.75 -42.43
CA GLU D 282 42.61 41.28 -42.87
C GLU D 282 42.72 39.77 -42.66
N ASP D 283 42.21 39.01 -43.63
CA ASP D 283 42.27 37.55 -43.62
C ASP D 283 43.65 37.09 -44.05
N ASP D 284 44.40 36.46 -43.14
CA ASP D 284 45.80 36.09 -43.42
C ASP D 284 45.95 35.33 -44.73
N LEU D 285 46.45 36.05 -45.74
CA LEU D 285 46.60 35.61 -47.12
C LEU D 285 47.22 34.20 -47.24
N LEU D 286 48.15 33.89 -46.32
CA LEU D 286 48.82 32.59 -46.25
C LEU D 286 48.11 31.56 -45.36
N ILE D 287 47.55 32.03 -44.24
CA ILE D 287 46.91 31.11 -43.30
C ILE D 287 45.58 30.63 -43.87
N GLN D 288 44.89 31.51 -44.60
CA GLN D 288 43.60 31.14 -45.20
C GLN D 288 43.90 30.10 -46.26
N ARG D 289 45.14 30.18 -46.77
CA ARG D 289 45.69 29.28 -47.77
C ARG D 289 46.56 28.19 -47.14
N CYS D 290 46.21 27.76 -45.93
CA CYS D 290 46.73 26.54 -45.35
C CYS D 290 45.97 25.35 -45.93
N ARG D 291 45.62 25.47 -47.20
CA ARG D 291 44.87 24.46 -47.94
C ARG D 291 45.69 23.23 -48.19
N LEU D 292 46.99 23.39 -48.00
CA LEU D 292 47.91 22.30 -48.21
C LEU D 292 48.65 22.07 -46.92
N ALA D 293 48.71 23.12 -46.10
CA ALA D 293 49.49 23.11 -44.86
C ALA D 293 49.06 21.97 -43.93
N PHE D 294 47.82 22.02 -43.45
CA PHE D 294 47.43 20.95 -42.57
C PHE D 294 46.78 19.65 -43.17
N PRO D 295 46.44 19.63 -44.47
CA PRO D 295 46.13 18.30 -45.02
C PRO D 295 47.33 17.38 -44.93
N LEU D 296 48.52 17.92 -45.13
CA LEU D 296 49.74 17.15 -44.96
C LEU D 296 50.22 17.20 -43.51
N GLY D 297 49.75 18.18 -42.75
CA GLY D 297 50.02 18.18 -41.33
C GLY D 297 49.19 17.09 -40.64
N PHE D 298 48.10 16.70 -41.31
CA PHE D 298 47.26 15.62 -40.83
C PHE D 298 47.90 14.31 -41.21
N LEU D 299 48.50 14.28 -42.39
CA LEU D 299 49.16 13.07 -42.88
C LEU D 299 50.50 12.82 -42.19
N ALA D 300 51.09 13.84 -41.59
CA ALA D 300 52.30 13.64 -40.79
C ALA D 300 51.91 13.17 -39.40
N ILE D 301 50.92 13.83 -38.83
CA ILE D 301 50.38 13.44 -37.53
C ILE D 301 49.71 12.08 -37.70
N GLY D 302 49.23 11.82 -38.91
CA GLY D 302 48.65 10.53 -39.26
C GLY D 302 49.68 9.41 -39.33
N CYS D 303 50.86 9.70 -39.84
CA CYS D 303 51.89 8.67 -39.96
C CYS D 303 52.60 8.40 -38.64
N VAL D 304 52.51 9.35 -37.71
CA VAL D 304 53.06 9.18 -36.36
C VAL D 304 52.16 8.34 -35.43
N LEU D 305 50.84 8.46 -35.59
CA LEU D 305 49.90 7.61 -34.84
C LEU D 305 50.00 6.15 -35.27
N VAL D 306 50.61 5.92 -36.43
CA VAL D 306 50.82 4.56 -36.91
C VAL D 306 51.94 3.89 -36.13
N ILE D 307 52.83 4.69 -35.56
CA ILE D 307 53.96 4.16 -34.77
C ILE D 307 53.62 3.92 -33.28
N PRO E 1 25.67 -56.35 -42.84
CA PRO E 1 25.58 -54.93 -43.29
C PRO E 1 24.15 -54.47 -43.42
N VAL E 2 23.60 -53.86 -42.37
CA VAL E 2 22.18 -53.50 -42.26
C VAL E 2 21.72 -52.39 -43.25
N ASP E 3 20.74 -52.72 -44.07
CA ASP E 3 20.22 -51.74 -45.00
C ASP E 3 19.34 -50.78 -44.26
N VAL E 4 19.64 -49.48 -44.32
CA VAL E 4 18.73 -48.47 -43.78
C VAL E 4 18.18 -47.61 -44.91
N SER E 5 16.85 -47.66 -45.05
CA SER E 5 16.12 -46.88 -46.01
C SER E 5 15.71 -45.63 -45.27
N VAL E 6 15.98 -44.45 -45.82
CA VAL E 6 15.66 -43.21 -45.11
C VAL E 6 14.66 -42.38 -45.93
N SER E 7 13.83 -41.60 -45.28
CA SER E 7 13.04 -40.57 -45.96
C SER E 7 13.00 -39.32 -45.10
N ILE E 8 13.34 -38.18 -45.68
CA ILE E 8 13.25 -36.90 -44.96
C ILE E 8 12.05 -36.13 -45.47
N PHE E 9 11.22 -35.60 -44.59
CA PHE E 9 10.14 -34.72 -45.08
C PHE E 9 10.33 -33.30 -44.66
N ILE E 10 10.60 -32.41 -45.60
CA ILE E 10 10.87 -31.03 -45.22
C ILE E 10 9.57 -30.25 -45.05
N ASN E 11 9.42 -29.66 -43.87
CA ASN E 11 8.28 -28.82 -43.52
C ASN E 11 8.47 -27.33 -43.77
N LYS E 12 9.64 -26.82 -43.40
CA LYS E 12 9.88 -25.39 -43.42
C LYS E 12 11.37 -25.17 -43.52
N ILE E 13 11.83 -24.33 -44.43
CA ILE E 13 13.23 -23.91 -44.36
C ILE E 13 13.15 -22.40 -44.11
N TYR E 14 13.72 -21.97 -43.00
CA TYR E 14 13.60 -20.59 -42.60
C TYR E 14 14.81 -20.09 -41.83
N GLY E 15 14.71 -18.89 -41.29
CA GLY E 15 15.72 -18.36 -40.40
C GLY E 15 17.18 -18.43 -40.82
N VAL E 16 17.49 -17.96 -42.03
CA VAL E 16 18.88 -17.98 -42.47
C VAL E 16 19.74 -16.91 -41.76
N ASN E 17 20.78 -17.35 -41.05
CA ASN E 17 21.78 -16.43 -40.46
C ASN E 17 22.98 -16.30 -41.37
N THR E 18 23.09 -15.13 -41.98
CA THR E 18 24.10 -14.80 -42.95
C THR E 18 25.51 -14.78 -42.37
N LEU E 19 25.67 -14.17 -41.20
CA LEU E 19 27.02 -14.15 -40.60
C LEU E 19 27.54 -15.57 -40.20
N GLU E 20 26.69 -16.37 -39.54
CA GLU E 20 27.07 -17.70 -39.12
C GLU E 20 27.00 -18.71 -40.24
N GLN E 21 26.27 -18.37 -41.31
CA GLN E 21 26.04 -19.29 -42.43
C GLN E 21 25.25 -20.51 -41.93
N THR E 22 24.01 -20.22 -41.54
CA THR E 22 23.17 -21.09 -40.72
C THR E 22 21.80 -21.02 -41.35
N TYR E 23 20.96 -22.04 -41.26
CA TYR E 23 19.54 -21.84 -41.65
C TYR E 23 18.70 -22.88 -40.90
N LYS E 24 17.42 -22.63 -40.68
CA LYS E 24 16.62 -23.58 -39.90
C LYS E 24 15.79 -24.56 -40.71
N VAL E 25 15.83 -25.85 -40.36
CA VAL E 25 14.99 -26.82 -41.06
C VAL E 25 14.08 -27.59 -40.15
N ASP E 26 12.79 -27.53 -40.41
CA ASP E 26 11.80 -28.31 -39.67
C ASP E 26 11.24 -29.37 -40.59
N GLY E 27 11.12 -30.59 -40.06
CA GLY E 27 10.61 -31.73 -40.80
C GLY E 27 10.63 -33.03 -40.01
N TYR E 28 10.54 -34.14 -40.75
CA TYR E 28 10.48 -35.48 -40.17
C TYR E 28 11.60 -36.35 -40.74
N ILE E 29 12.14 -37.28 -39.93
CA ILE E 29 12.98 -38.38 -40.44
C ILE E 29 12.17 -39.64 -40.31
N VAL E 30 12.29 -40.48 -41.31
CA VAL E 30 11.85 -41.85 -41.22
C VAL E 30 13.07 -42.71 -41.56
N ALA E 31 13.38 -43.69 -40.72
CA ALA E 31 14.42 -44.68 -40.96
C ALA E 31 13.79 -46.04 -40.91
N GLN E 32 14.07 -46.87 -41.88
CA GLN E 32 13.50 -48.21 -41.84
C GLN E 32 14.61 -49.22 -42.03
N TRP E 33 14.54 -50.32 -41.28
CA TRP E 33 15.43 -51.45 -41.49
C TRP E 33 14.70 -52.70 -41.08
N THR E 34 15.27 -53.86 -41.42
CA THR E 34 14.67 -55.13 -41.04
C THR E 34 15.51 -55.91 -40.02
N GLY E 35 14.94 -56.19 -38.85
CA GLY E 35 15.61 -56.97 -37.83
C GLY E 35 15.08 -58.40 -37.82
N LYS E 36 15.40 -59.17 -36.79
CA LYS E 36 14.87 -60.53 -36.71
C LYS E 36 13.43 -60.40 -36.23
N PRO E 37 12.54 -61.27 -36.73
CA PRO E 37 11.09 -61.31 -36.48
C PRO E 37 10.75 -61.23 -35.01
N ARG E 38 9.64 -60.57 -34.70
CA ARG E 38 9.23 -60.30 -33.30
C ARG E 38 7.85 -60.89 -33.03
N LYS E 39 7.49 -61.00 -31.76
CA LYS E 39 6.16 -61.43 -31.37
C LYS E 39 5.40 -60.20 -30.93
N THR E 40 4.57 -59.63 -31.79
CA THR E 40 3.86 -58.41 -31.46
C THR E 40 2.42 -58.68 -31.06
N PRO E 41 1.86 -57.81 -30.18
CA PRO E 41 0.45 -57.90 -29.77
C PRO E 41 -0.48 -57.96 -30.97
N GLY E 42 -1.35 -58.96 -30.98
CA GLY E 42 -2.22 -59.20 -32.12
C GLY E 42 -1.40 -59.87 -33.20
N ASP E 43 -1.02 -59.07 -34.18
CA ASP E 43 -0.13 -59.48 -35.23
C ASP E 43 0.15 -58.20 -35.97
N LYS E 44 -0.58 -57.17 -35.59
CA LYS E 44 -0.37 -55.87 -36.16
C LYS E 44 0.94 -55.28 -35.64
N PRO E 45 1.58 -54.41 -36.43
CA PRO E 45 2.83 -53.76 -36.03
C PRO E 45 2.62 -53.04 -34.73
N LEU E 46 3.61 -53.11 -33.84
CA LEU E 46 3.53 -52.55 -32.50
C LEU E 46 3.97 -51.08 -32.46
N ILE E 47 3.23 -50.21 -31.78
CA ILE E 47 3.67 -48.82 -31.68
C ILE E 47 4.30 -48.44 -30.32
N VAL E 48 5.50 -47.85 -30.37
CA VAL E 48 6.26 -47.43 -29.18
C VAL E 48 6.60 -45.96 -29.26
N GLU E 49 5.94 -45.11 -28.49
CA GLU E 49 6.12 -43.65 -28.58
C GLU E 49 7.20 -43.15 -27.62
N ASN E 50 7.65 -41.93 -27.83
CA ASN E 50 8.71 -41.26 -27.05
C ASN E 50 9.39 -42.00 -25.92
N THR E 51 8.95 -41.72 -24.70
CA THR E 51 9.52 -42.33 -23.49
C THR E 51 9.80 -43.85 -23.56
N GLN E 52 8.82 -44.60 -24.03
CA GLN E 52 8.98 -46.03 -24.10
C GLN E 52 10.04 -46.46 -25.10
N ILE E 53 10.57 -45.55 -25.91
CA ILE E 53 11.58 -46.05 -26.84
C ILE E 53 12.84 -46.45 -26.06
N GLU E 54 13.32 -45.62 -25.14
CA GLU E 54 14.51 -46.01 -24.38
C GLU E 54 14.29 -47.32 -23.64
N ARG E 55 13.09 -47.49 -23.10
CA ARG E 55 12.77 -48.71 -22.37
C ARG E 55 13.01 -49.93 -23.25
N TRP E 56 12.70 -49.84 -24.54
CA TRP E 56 12.96 -50.93 -25.47
C TRP E 56 14.42 -51.05 -25.75
N ILE E 57 15.10 -49.92 -25.76
CA ILE E 57 16.54 -49.91 -25.99
C ILE E 57 17.29 -50.58 -24.85
N ASN E 58 16.92 -50.29 -23.59
CA ASN E 58 17.53 -50.96 -22.42
C ASN E 58 17.37 -52.47 -22.42
N ASN E 59 16.31 -52.96 -23.08
CA ASN E 59 16.07 -54.40 -23.28
C ASN E 59 16.77 -54.91 -24.52
N GLY E 60 17.62 -54.09 -25.11
CA GLY E 60 18.48 -54.56 -26.18
C GLY E 60 18.05 -54.23 -27.60
N LEU E 61 17.08 -53.34 -27.77
CA LEU E 61 16.66 -52.98 -29.12
C LEU E 61 17.79 -52.16 -29.75
N TRP E 62 18.24 -52.58 -30.95
CA TRP E 62 19.26 -51.81 -31.65
C TRP E 62 18.56 -50.68 -32.36
N VAL E 63 18.75 -49.46 -31.87
CA VAL E 63 18.20 -48.29 -32.53
C VAL E 63 19.39 -47.36 -32.78
N PRO E 64 19.96 -47.44 -33.99
CA PRO E 64 21.22 -46.73 -34.26
C PRO E 64 21.00 -45.24 -34.43
N ALA E 65 21.83 -44.45 -33.77
CA ALA E 65 21.77 -42.97 -33.82
C ALA E 65 22.30 -42.42 -35.12
N LEU E 66 21.49 -41.65 -35.83
CA LEU E 66 21.89 -41.07 -37.11
C LEU E 66 22.28 -39.62 -36.87
N GLU E 67 23.53 -39.24 -37.17
CA GLU E 67 23.92 -37.86 -36.89
C GLU E 67 23.63 -36.90 -38.06
N PHE E 68 23.12 -35.71 -37.75
CA PHE E 68 23.03 -34.67 -38.75
C PHE E 68 24.41 -34.04 -38.85
N ILE E 69 25.16 -34.44 -39.87
CA ILE E 69 26.56 -34.09 -39.94
C ILE E 69 26.75 -32.57 -39.88
N ASN E 70 25.87 -31.85 -40.57
CA ASN E 70 26.04 -30.42 -40.72
C ASN E 70 25.16 -29.55 -39.86
N VAL E 71 24.59 -30.11 -38.81
CA VAL E 71 23.79 -29.36 -37.85
C VAL E 71 24.59 -28.53 -36.80
N VAL E 72 24.19 -27.28 -36.59
CA VAL E 72 24.78 -26.42 -35.56
C VAL E 72 24.04 -26.51 -34.22
N GLY E 73 24.68 -27.17 -33.25
CA GLY E 73 24.01 -27.43 -32.00
C GLY E 73 23.17 -28.68 -32.23
N SER E 74 22.42 -29.14 -31.24
CA SER E 74 21.73 -30.40 -31.44
C SER E 74 20.23 -30.20 -31.51
N PRO E 75 19.59 -30.88 -32.49
CA PRO E 75 18.25 -30.57 -32.95
C PRO E 75 17.21 -30.63 -31.87
N ASP E 76 16.20 -29.77 -31.97
CA ASP E 76 15.00 -29.89 -31.16
C ASP E 76 14.22 -31.06 -31.71
N THR E 77 14.17 -32.15 -30.94
CA THR E 77 13.41 -33.29 -31.37
C THR E 77 12.02 -33.27 -30.73
N GLY E 78 11.01 -33.44 -31.56
CA GLY E 78 9.65 -33.60 -31.08
C GLY E 78 9.37 -35.07 -30.80
N ASN E 79 8.22 -35.56 -31.28
CA ASN E 79 7.79 -36.89 -30.93
C ASN E 79 8.57 -37.95 -31.66
N LYS E 80 8.78 -39.06 -31.00
CA LYS E 80 9.55 -40.13 -31.59
C LYS E 80 8.55 -41.22 -31.76
N ARG E 81 8.81 -42.14 -32.64
CA ARG E 81 7.88 -43.22 -32.84
C ARG E 81 8.72 -44.41 -33.26
N LEU E 82 8.49 -45.56 -32.63
CA LEU E 82 9.10 -46.78 -33.11
C LEU E 82 8.00 -47.66 -33.59
N MET E 83 8.14 -48.19 -34.79
CA MET E 83 7.14 -49.09 -35.33
C MET E 83 7.74 -50.47 -35.56
N LEU E 84 7.45 -51.42 -34.66
CA LEU E 84 8.08 -52.74 -34.65
C LEU E 84 7.15 -53.75 -35.25
N PHE E 85 7.52 -54.31 -36.39
CA PHE E 85 6.67 -55.26 -37.13
C PHE E 85 6.94 -56.72 -36.78
N PRO E 86 5.94 -57.60 -37.01
CA PRO E 86 6.13 -59.02 -36.69
C PRO E 86 7.11 -59.72 -37.61
N ASP E 87 7.18 -59.26 -38.86
CA ASP E 87 8.08 -59.81 -39.87
C ASP E 87 9.53 -59.37 -39.67
N GLY E 88 9.75 -58.49 -38.69
CA GLY E 88 11.08 -58.10 -38.29
C GLY E 88 11.35 -56.61 -38.43
N ARG E 89 10.86 -56.03 -39.53
CA ARG E 89 11.19 -54.66 -39.84
C ARG E 89 10.81 -53.65 -38.77
N VAL E 90 11.62 -52.60 -38.71
CA VAL E 90 11.51 -51.56 -37.70
C VAL E 90 11.54 -50.20 -38.35
N ILE E 91 10.63 -49.31 -37.97
CA ILE E 91 10.61 -47.98 -38.54
C ILE E 91 10.82 -46.95 -37.44
N TYR E 92 11.79 -46.08 -37.61
CA TYR E 92 12.03 -45.01 -36.66
C TYR E 92 11.49 -43.69 -37.21
N ASN E 93 10.61 -43.03 -36.50
CA ASN E 93 10.05 -41.82 -37.06
C ASN E 93 10.14 -40.65 -36.08
N ALA E 94 10.72 -39.54 -36.50
CA ALA E 94 10.75 -38.42 -35.57
C ALA E 94 10.68 -37.07 -36.27
N ARG E 95 10.00 -36.13 -35.63
CA ARG E 95 10.01 -34.80 -36.11
C ARG E 95 11.20 -34.13 -35.47
N PHE E 96 11.77 -33.20 -36.23
CA PHE E 96 12.97 -32.45 -35.83
C PHE E 96 12.95 -31.01 -36.29
N LEU E 97 13.60 -30.15 -35.52
CA LEU E 97 13.91 -28.81 -35.97
C LEU E 97 15.39 -28.52 -35.65
N GLY E 98 16.16 -28.23 -36.68
CA GLY E 98 17.58 -27.98 -36.51
C GLY E 98 18.11 -26.77 -37.23
N SER E 99 19.20 -26.24 -36.68
CA SER E 99 19.97 -25.23 -37.37
C SER E 99 21.21 -25.89 -38.02
N PHE E 100 21.29 -25.81 -39.33
CA PHE E 100 22.31 -26.45 -40.11
C PHE E 100 23.28 -25.43 -40.70
N SER E 101 24.50 -25.88 -40.94
CA SER E 101 25.53 -25.04 -41.49
C SER E 101 25.79 -25.52 -42.91
N ASN E 102 26.08 -24.54 -43.77
CA ASN E 102 26.51 -24.79 -45.15
C ASN E 102 27.24 -23.57 -45.59
N ASP E 103 28.18 -23.78 -46.50
CA ASP E 103 28.92 -22.69 -47.12
C ASP E 103 27.98 -21.78 -47.87
N MET E 104 28.01 -20.51 -47.50
CA MET E 104 27.18 -19.54 -48.20
C MET E 104 27.95 -18.32 -48.67
N ASP E 105 27.88 -18.12 -49.97
CA ASP E 105 28.52 -16.98 -50.59
C ASP E 105 27.43 -15.92 -50.75
N PHE E 106 27.63 -14.75 -50.17
CA PHE E 106 26.62 -13.71 -50.27
C PHE E 106 27.14 -12.52 -51.04
N ARG E 107 28.17 -12.70 -51.86
CA ARG E 107 28.77 -11.54 -52.54
C ARG E 107 27.82 -10.69 -53.43
N LEU E 108 26.98 -11.33 -54.27
CA LEU E 108 26.10 -10.54 -55.16
C LEU E 108 24.67 -10.39 -54.69
N PHE E 109 24.52 -10.18 -53.40
CA PHE E 109 23.26 -9.89 -52.75
C PHE E 109 22.78 -8.57 -53.31
N PRO E 110 21.45 -8.43 -53.53
CA PRO E 110 20.36 -9.35 -53.21
C PRO E 110 20.05 -10.33 -54.32
N PHE E 111 21.02 -10.61 -55.16
CA PHE E 111 20.77 -11.50 -56.27
C PHE E 111 21.48 -12.83 -56.04
N ASP E 112 21.35 -13.35 -54.80
CA ASP E 112 21.98 -14.60 -54.39
C ASP E 112 21.37 -15.83 -54.95
N ARG E 113 22.22 -16.82 -55.16
CA ARG E 113 21.74 -18.17 -55.38
C ARG E 113 22.32 -18.97 -54.22
N GLN E 114 21.45 -19.63 -53.47
CA GLN E 114 21.90 -20.43 -52.32
C GLN E 114 21.50 -21.89 -52.42
N GLN E 115 22.17 -22.77 -51.69
CA GLN E 115 21.59 -24.11 -51.63
C GLN E 115 21.60 -24.69 -50.22
N PHE E 116 20.39 -25.00 -49.74
CA PHE E 116 20.15 -25.47 -48.39
C PHE E 116 20.42 -26.95 -48.37
N VAL E 117 21.34 -27.36 -47.49
CA VAL E 117 21.86 -28.74 -47.45
C VAL E 117 21.65 -29.45 -46.12
N LEU E 118 21.24 -30.71 -46.18
CA LEU E 118 21.16 -31.57 -45.02
C LEU E 118 22.10 -32.74 -45.22
N GLU E 119 22.85 -33.09 -44.17
CA GLU E 119 23.76 -34.25 -44.20
C GLU E 119 23.58 -35.27 -43.05
N LEU E 120 23.17 -36.46 -43.44
CA LEU E 120 22.88 -37.50 -42.48
C LEU E 120 24.05 -38.50 -42.55
N GLU E 121 24.41 -39.11 -41.43
CA GLU E 121 25.39 -40.18 -41.40
C GLU E 121 25.25 -40.85 -40.04
N PRO E 122 25.34 -42.20 -40.00
CA PRO E 122 25.24 -42.91 -38.72
C PRO E 122 26.38 -42.47 -37.81
N PHE E 123 26.09 -42.20 -36.54
CA PHE E 123 27.09 -41.65 -35.65
C PHE E 123 28.18 -42.61 -35.33
N SER E 124 27.83 -43.88 -35.10
CA SER E 124 28.84 -44.84 -34.63
C SER E 124 29.13 -46.02 -35.52
N TYR E 125 28.26 -46.29 -36.48
CA TYR E 125 28.42 -47.47 -37.34
C TYR E 125 28.89 -47.22 -38.79
N ASN E 126 29.97 -47.90 -39.21
CA ASN E 126 30.51 -47.79 -40.57
C ASN E 126 29.70 -48.47 -41.69
N ASN E 127 30.17 -48.29 -42.92
CA ASN E 127 29.54 -48.87 -44.11
C ASN E 127 29.27 -50.37 -44.02
N GLN E 128 30.07 -51.06 -43.25
CA GLN E 128 29.91 -52.50 -43.24
C GLN E 128 28.93 -52.99 -42.23
N GLN E 129 28.63 -52.16 -41.23
CA GLN E 129 27.63 -52.49 -40.21
C GLN E 129 26.26 -51.91 -40.57
N LEU E 130 26.26 -50.61 -40.91
CA LEU E 130 25.05 -49.87 -41.24
C LEU E 130 25.24 -49.13 -42.58
N ARG E 131 24.36 -49.41 -43.54
CA ARG E 131 24.46 -48.85 -44.88
C ARG E 131 23.13 -48.28 -45.35
N PHE E 132 23.17 -47.08 -45.94
CA PHE E 132 21.99 -46.40 -46.45
C PHE E 132 21.56 -46.92 -47.83
N SER E 133 20.51 -47.74 -47.85
CA SER E 133 20.05 -48.42 -49.07
C SER E 133 19.52 -47.44 -50.10
N ASP E 134 18.70 -46.50 -49.63
CA ASP E 134 18.19 -45.45 -50.49
C ASP E 134 17.65 -44.33 -49.65
N ILE E 135 17.42 -43.19 -50.28
CA ILE E 135 16.73 -42.07 -49.62
C ILE E 135 15.86 -41.22 -50.55
N GLN E 136 14.63 -40.94 -50.12
CA GLN E 136 13.77 -39.99 -50.81
C GLN E 136 13.46 -38.80 -49.90
N VAL E 137 13.47 -37.63 -50.51
CA VAL E 137 13.19 -36.39 -49.83
C VAL E 137 11.93 -35.81 -50.42
N TYR E 138 10.99 -35.45 -49.56
CA TYR E 138 9.73 -34.85 -49.95
C TYR E 138 9.54 -33.43 -49.43
N THR E 139 9.72 -32.46 -50.31
CA THR E 139 9.50 -31.06 -49.98
C THR E 139 8.14 -30.61 -50.45
N GLU E 140 7.11 -30.96 -49.68
CA GLU E 140 5.72 -30.64 -50.02
C GLU E 140 5.41 -29.16 -49.91
N ASN E 141 6.37 -28.34 -50.30
CA ASN E 141 6.14 -26.92 -50.34
C ASN E 141 5.80 -26.53 -51.78
N ILE E 142 5.30 -25.32 -51.97
CA ILE E 142 4.88 -24.84 -53.29
C ILE E 142 4.23 -23.49 -53.08
N ASP E 143 3.94 -22.80 -54.20
CA ASP E 143 3.10 -21.61 -54.24
C ASP E 143 3.45 -20.44 -53.32
N ASN E 144 2.72 -19.35 -53.53
CA ASN E 144 2.83 -18.11 -52.74
C ASN E 144 4.30 -17.71 -52.55
N GLU E 145 5.01 -17.70 -53.67
CA GLU E 145 6.45 -17.49 -53.72
C GLU E 145 6.74 -16.05 -53.36
N GLU E 146 5.83 -15.18 -53.78
CA GLU E 146 5.96 -13.76 -53.57
C GLU E 146 5.58 -13.37 -52.14
N ILE E 147 5.16 -14.36 -51.35
CA ILE E 147 4.86 -14.16 -49.92
C ILE E 147 6.02 -14.71 -49.05
N ASP E 148 6.69 -15.74 -49.57
CA ASP E 148 7.82 -16.37 -48.86
C ASP E 148 9.16 -15.76 -49.37
N GLU E 149 10.17 -15.73 -48.49
CA GLU E 149 11.43 -15.07 -48.80
C GLU E 149 12.27 -15.72 -49.90
N TRP E 150 12.30 -17.04 -49.88
CA TRP E 150 13.15 -17.80 -50.80
C TRP E 150 12.32 -18.58 -51.78
N TRP E 151 12.76 -18.60 -53.04
CA TRP E 151 12.00 -19.32 -54.04
C TRP E 151 12.75 -20.58 -54.33
N ILE E 152 12.21 -21.70 -53.82
CA ILE E 152 12.80 -23.01 -54.03
C ILE E 152 12.69 -23.37 -55.48
N ARG E 153 13.81 -23.70 -56.10
CA ARG E 153 13.82 -23.81 -57.54
C ARG E 153 13.64 -25.22 -58.06
N GLY E 154 14.65 -26.08 -57.89
CA GLY E 154 14.54 -27.44 -58.37
C GLY E 154 13.60 -28.16 -57.44
N LYS E 155 13.67 -29.49 -57.43
CA LYS E 155 12.91 -30.23 -56.44
C LYS E 155 13.82 -30.53 -55.25
N ALA E 156 14.48 -31.67 -55.26
CA ALA E 156 15.37 -31.97 -54.17
C ALA E 156 16.50 -32.89 -54.59
N SER E 157 17.74 -32.57 -54.22
CA SER E 157 18.86 -33.44 -54.54
C SER E 157 19.10 -34.54 -53.48
N THR E 158 19.53 -35.69 -53.97
CA THR E 158 19.80 -36.83 -53.14
C THR E 158 21.10 -37.50 -53.51
N HIS E 159 22.00 -37.69 -52.55
CA HIS E 159 23.25 -38.42 -52.83
C HIS E 159 23.77 -39.25 -51.64
N ILE E 160 23.71 -40.57 -51.81
CA ILE E 160 24.33 -41.50 -50.88
C ILE E 160 25.73 -41.78 -51.31
N SER E 161 26.66 -41.60 -50.37
CA SER E 161 28.09 -41.68 -50.62
C SER E 161 28.84 -42.38 -49.51
N ASP E 162 30.14 -42.60 -49.69
CA ASP E 162 30.93 -43.23 -48.66
C ASP E 162 32.06 -42.33 -48.17
N ILE E 163 32.05 -41.94 -46.91
CA ILE E 163 33.05 -41.01 -46.44
C ILE E 163 34.18 -41.80 -45.87
N ARG E 164 35.40 -41.55 -46.31
CA ARG E 164 36.53 -42.25 -45.69
C ARG E 164 37.20 -41.32 -44.72
N TYR E 165 37.04 -41.63 -43.46
CA TYR E 165 37.84 -41.06 -42.38
C TYR E 165 39.17 -41.74 -42.32
N ASP E 166 40.22 -41.18 -42.89
CA ASP E 166 41.47 -41.96 -42.84
C ASP E 166 42.32 -41.64 -41.60
N HIS E 167 41.68 -41.00 -40.62
CA HIS E 167 42.29 -40.82 -39.30
C HIS E 167 42.05 -41.97 -38.31
N LEU E 168 42.94 -42.07 -37.34
CA LEU E 168 43.42 -43.41 -36.96
C LEU E 168 42.43 -44.56 -37.03
N SER E 169 41.96 -44.79 -38.26
CA SER E 169 41.71 -46.10 -38.84
C SER E 169 42.19 -47.15 -37.88
N SER E 170 43.45 -47.55 -38.06
CA SER E 170 44.29 -48.16 -37.02
C SER E 170 43.54 -48.87 -35.87
N VAL E 171 42.82 -48.06 -35.10
CA VAL E 171 41.79 -48.53 -34.15
C VAL E 171 40.88 -49.61 -34.74
N GLN E 172 40.23 -49.29 -35.85
CA GLN E 172 39.54 -50.30 -36.65
C GLN E 172 40.02 -50.24 -38.10
N PRO E 173 41.09 -51.00 -38.43
CA PRO E 173 41.71 -50.94 -39.76
C PRO E 173 40.78 -51.59 -40.80
N ASN E 174 40.90 -51.17 -42.06
CA ASN E 174 40.13 -51.78 -43.15
C ASN E 174 38.64 -51.49 -43.12
N GLN E 175 38.15 -50.93 -42.03
CA GLN E 175 36.72 -50.62 -41.97
C GLN E 175 36.36 -49.27 -41.33
N ASN E 176 36.55 -48.21 -42.10
CA ASN E 176 36.25 -46.85 -41.67
C ASN E 176 35.81 -45.94 -42.82
N GLU E 177 34.82 -46.46 -43.52
CA GLU E 177 34.05 -45.72 -44.49
C GLU E 177 32.62 -45.69 -43.95
N PHE E 178 32.05 -44.51 -43.66
CA PHE E 178 30.63 -44.41 -43.24
C PHE E 178 29.76 -44.02 -44.40
N SER E 179 28.56 -44.59 -44.53
CA SER E 179 27.73 -44.17 -45.68
C SER E 179 26.93 -42.88 -45.35
N ARG E 180 27.01 -41.90 -46.27
CA ARG E 180 26.43 -40.58 -46.05
C ARG E 180 25.36 -40.13 -47.04
N ILE E 181 24.22 -39.76 -46.49
CA ILE E 181 23.15 -39.16 -47.25
C ILE E 181 23.29 -37.64 -47.24
N THR E 182 23.22 -37.05 -48.44
CA THR E 182 23.35 -35.62 -48.59
C THR E 182 22.15 -35.08 -49.37
N VAL E 183 21.38 -34.21 -48.73
CA VAL E 183 20.21 -33.60 -49.34
C VAL E 183 20.53 -32.17 -49.75
N ARG E 184 20.27 -31.84 -51.01
CA ARG E 184 20.44 -30.49 -51.51
C ARG E 184 19.15 -29.92 -52.13
N ILE E 185 18.81 -28.72 -51.68
CA ILE E 185 17.66 -27.97 -52.14
C ILE E 185 18.16 -26.61 -52.61
N ASP E 186 17.97 -26.28 -53.88
CA ASP E 186 18.36 -24.96 -54.41
C ASP E 186 17.38 -23.84 -54.14
N ALA E 187 17.86 -22.64 -53.89
CA ALA E 187 16.92 -21.57 -53.65
C ALA E 187 17.45 -20.26 -54.17
N VAL E 188 16.54 -19.37 -54.55
CA VAL E 188 16.95 -18.07 -55.05
C VAL E 188 16.28 -17.02 -54.21
N ARG E 189 17.01 -15.97 -53.94
CA ARG E 189 16.47 -14.91 -53.11
C ARG E 189 15.49 -14.02 -53.90
N ASN E 190 14.41 -13.64 -53.20
CA ASN E 190 13.36 -12.73 -53.67
C ASN E 190 13.83 -11.27 -53.64
N PRO E 191 14.41 -10.78 -54.75
CA PRO E 191 15.10 -9.49 -54.74
C PRO E 191 14.15 -8.29 -54.75
N SER E 192 12.84 -8.52 -54.71
CA SER E 192 11.87 -7.43 -54.80
C SER E 192 12.11 -6.38 -53.72
N TYR E 193 12.09 -6.80 -52.45
CA TYR E 193 12.11 -5.82 -51.37
C TYR E 193 13.31 -4.91 -51.43
N TYR E 194 14.46 -5.50 -51.70
CA TYR E 194 15.71 -4.75 -51.75
C TYR E 194 15.82 -3.88 -53.01
N LEU E 195 15.16 -4.28 -54.11
CA LEU E 195 15.15 -3.47 -55.35
C LEU E 195 14.32 -2.20 -55.24
N TRP E 196 13.06 -2.39 -54.87
CA TRP E 196 12.10 -1.32 -54.75
C TRP E 196 12.42 -0.39 -53.58
N SER E 197 12.97 -0.94 -52.50
CA SER E 197 13.22 -0.14 -51.31
C SER E 197 14.63 0.31 -51.05
N PHE E 198 15.60 -0.30 -51.72
CA PHE E 198 17.03 0.01 -51.51
C PHE E 198 17.73 0.48 -52.78
N ILE E 199 17.71 -0.41 -53.78
CA ILE E 199 18.43 -0.17 -55.01
C ILE E 199 17.89 1.11 -55.63
N LEU E 200 16.57 1.13 -55.86
CA LEU E 200 15.89 2.28 -56.46
C LEU E 200 16.18 3.62 -55.76
N PRO E 201 15.77 3.78 -54.47
CA PRO E 201 16.03 5.09 -53.85
C PRO E 201 17.50 5.41 -53.74
N LEU E 202 18.37 4.42 -53.59
CA LEU E 202 19.80 4.67 -53.64
C LEU E 202 20.20 5.29 -54.98
N GLY E 203 19.61 4.75 -56.05
CA GLY E 203 19.84 5.26 -57.39
C GLY E 203 19.38 6.69 -57.56
N LEU E 204 18.18 6.98 -57.06
CA LEU E 204 17.66 8.32 -57.15
C LEU E 204 18.55 9.24 -56.33
N ILE E 205 19.07 8.78 -55.19
CA ILE E 205 20.02 9.60 -54.45
C ILE E 205 21.22 9.95 -55.30
N ILE E 206 21.88 8.92 -55.83
CA ILE E 206 23.07 9.13 -56.68
C ILE E 206 22.82 10.06 -57.87
N ALA E 207 21.73 9.79 -58.57
CA ALA E 207 21.39 10.55 -59.74
C ALA E 207 21.13 12.01 -59.36
N ALA E 208 20.29 12.25 -58.36
CA ALA E 208 19.98 13.62 -58.00
C ALA E 208 21.23 14.34 -57.50
N SER E 209 22.23 13.57 -57.04
CA SER E 209 23.57 14.09 -56.74
C SER E 209 24.23 14.85 -57.93
N TRP E 210 24.04 14.36 -59.16
CA TRP E 210 24.73 14.91 -60.31
C TRP E 210 24.17 16.27 -60.71
N SER E 211 23.01 16.59 -60.15
CA SER E 211 22.37 17.84 -60.47
C SER E 211 23.10 19.00 -59.83
N VAL E 212 24.17 18.72 -59.11
CA VAL E 212 24.94 19.76 -58.45
C VAL E 212 25.57 20.69 -59.46
N PHE E 213 25.75 20.19 -60.68
CA PHE E 213 26.39 20.94 -61.77
C PHE E 213 25.45 21.90 -62.46
N TRP E 214 24.14 21.73 -62.24
CA TRP E 214 23.15 22.70 -62.70
C TRP E 214 23.00 23.91 -61.76
N LEU E 215 23.78 23.92 -60.68
CA LEU E 215 23.83 25.08 -59.80
C LEU E 215 24.73 26.16 -60.36
N GLU E 216 24.28 27.41 -60.27
CA GLU E 216 24.97 28.54 -60.91
C GLU E 216 26.30 28.89 -60.25
N SER E 217 26.31 29.22 -58.96
CA SER E 217 27.56 29.56 -58.26
C SER E 217 28.48 28.41 -57.97
N PHE E 218 29.69 28.75 -57.54
CA PHE E 218 30.63 27.78 -57.01
C PHE E 218 30.25 27.40 -55.59
N SER E 219 29.89 28.38 -54.74
CA SER E 219 29.44 28.06 -53.37
C SER E 219 28.20 27.22 -53.42
N GLU E 220 27.33 27.49 -54.37
CA GLU E 220 26.13 26.65 -54.50
C GLU E 220 26.56 25.26 -54.88
N ARG E 221 27.48 25.16 -55.84
CA ARG E 221 28.03 23.88 -56.31
C ARG E 221 28.79 23.07 -55.22
N LEU E 222 29.55 23.76 -54.39
CA LEU E 222 30.38 23.10 -53.38
C LEU E 222 29.61 22.78 -52.09
N GLN E 223 28.95 23.79 -51.51
CA GLN E 223 28.25 23.60 -50.25
C GLN E 223 27.20 22.52 -50.37
N THR E 224 26.52 22.49 -51.49
CA THR E 224 25.52 21.46 -51.71
C THR E 224 26.13 20.07 -51.79
N SER E 225 27.37 19.98 -52.23
CA SER E 225 27.97 18.65 -52.33
C SER E 225 28.19 18.03 -50.96
N PHE E 226 28.23 18.88 -49.93
CA PHE E 226 28.42 18.41 -48.56
C PHE E 226 27.14 17.79 -47.94
N THR E 227 26.02 18.43 -48.23
CA THR E 227 24.70 17.97 -47.87
C THR E 227 24.46 16.71 -48.65
N LEU E 228 25.07 16.68 -49.81
CA LEU E 228 25.00 15.53 -50.69
C LEU E 228 25.81 14.37 -50.05
N MET E 229 26.96 14.71 -49.46
CA MET E 229 27.82 13.74 -48.77
C MET E 229 27.15 13.15 -47.51
N LEU E 230 26.60 14.04 -46.68
CA LEU E 230 25.88 13.66 -45.47
C LEU E 230 24.69 12.77 -45.82
N THR E 231 24.09 13.00 -46.98
CA THR E 231 23.00 12.17 -47.46
C THR E 231 23.44 10.79 -47.83
N VAL E 232 24.62 10.66 -48.39
CA VAL E 232 25.07 9.28 -48.64
C VAL E 232 25.38 8.57 -47.29
N VAL E 233 25.93 9.31 -46.33
CA VAL E 233 26.21 8.75 -45.02
C VAL E 233 24.93 8.25 -44.41
N ALA E 234 23.90 9.09 -44.44
CA ALA E 234 22.60 8.76 -43.91
C ALA E 234 22.06 7.49 -44.53
N TYR E 235 22.28 7.37 -45.82
CA TYR E 235 21.83 6.19 -46.54
C TYR E 235 22.65 4.97 -46.21
N ALA E 236 23.95 5.16 -46.05
CA ALA E 236 24.83 4.07 -45.67
C ALA E 236 24.31 3.46 -44.40
N PHE E 237 23.98 4.35 -43.46
CA PHE E 237 23.56 3.99 -42.11
C PHE E 237 22.26 3.20 -42.12
N TYR E 238 21.26 3.79 -42.77
CA TYR E 238 19.95 3.16 -42.95
C TYR E 238 20.08 1.76 -43.61
N THR E 239 20.92 1.67 -44.64
CA THR E 239 21.22 0.40 -45.29
C THR E 239 21.81 -0.62 -44.34
N SER E 240 22.87 -0.18 -43.67
CA SER E 240 23.71 -1.02 -42.82
C SER E 240 22.96 -1.61 -41.65
N ASN E 241 22.12 -0.77 -41.08
CA ASN E 241 21.30 -1.13 -39.95
C ASN E 241 20.25 -2.20 -40.27
N ILE E 242 19.81 -2.24 -41.53
CA ILE E 242 18.72 -3.12 -41.96
C ILE E 242 19.22 -4.36 -42.69
N LEU E 243 20.19 -4.16 -43.58
CA LEU E 243 20.72 -5.25 -44.38
C LEU E 243 21.48 -6.30 -43.57
N PRO E 244 21.53 -7.54 -44.09
CA PRO E 244 22.19 -8.63 -43.37
C PRO E 244 23.68 -8.40 -43.24
N ARG E 245 24.23 -8.67 -42.05
CA ARG E 245 25.66 -8.49 -41.74
C ARG E 245 26.54 -9.55 -42.37
N LEU E 246 27.59 -9.12 -43.05
CA LEU E 246 28.51 -10.02 -43.67
C LEU E 246 29.90 -9.47 -43.46
N PRO E 247 30.92 -10.30 -43.66
CA PRO E 247 32.32 -9.85 -43.61
C PRO E 247 32.87 -9.40 -44.97
N TYR E 248 32.01 -9.08 -45.92
CA TYR E 248 32.49 -8.58 -47.21
C TYR E 248 31.48 -7.68 -47.90
N THR E 249 31.87 -6.95 -48.94
CA THR E 249 30.89 -6.09 -49.57
C THR E 249 30.02 -6.81 -50.59
N THR E 250 28.73 -6.50 -50.57
CA THR E 250 27.79 -6.96 -51.58
C THR E 250 27.61 -5.86 -52.63
N VAL E 251 26.69 -6.07 -53.57
CA VAL E 251 26.45 -5.09 -54.62
C VAL E 251 26.05 -3.72 -54.07
N ILE E 252 25.05 -3.71 -53.22
CA ILE E 252 24.60 -2.50 -52.56
C ILE E 252 25.77 -1.79 -51.82
N ASP E 253 26.68 -2.56 -51.23
CA ASP E 253 27.82 -1.96 -50.54
C ASP E 253 28.68 -1.15 -51.48
N GLN E 254 28.86 -1.66 -52.70
CA GLN E 254 29.61 -1.00 -53.76
C GLN E 254 28.93 0.24 -54.33
N MET E 255 27.60 0.17 -54.43
CA MET E 255 26.81 1.30 -54.88
C MET E 255 27.09 2.45 -53.94
N ILE E 256 27.06 2.17 -52.65
CA ILE E 256 27.33 3.19 -51.66
C ILE E 256 28.75 3.75 -51.77
N ILE E 257 29.72 2.88 -52.00
CA ILE E 257 31.09 3.31 -52.25
C ILE E 257 31.14 4.21 -53.49
N ALA E 258 30.45 3.77 -54.55
CA ALA E 258 30.38 4.52 -55.78
C ALA E 258 29.71 5.89 -55.53
N GLY E 259 28.73 5.93 -54.63
CA GLY E 259 28.10 7.18 -54.25
C GLY E 259 29.08 8.11 -53.60
N TYR E 260 29.82 7.62 -52.62
CA TYR E 260 30.84 8.43 -51.95
C TYR E 260 31.87 8.98 -52.92
N GLY E 261 32.27 8.16 -53.89
CA GLY E 261 33.28 8.58 -54.85
C GLY E 261 32.81 9.70 -55.77
N SER E 262 31.63 9.46 -56.36
CA SER E 262 30.97 10.36 -57.29
C SER E 262 30.85 11.77 -56.68
N ILE E 263 30.55 11.80 -55.38
CA ILE E 263 30.45 13.06 -54.66
C ILE E 263 31.83 13.72 -54.48
N PHE E 264 32.84 12.91 -54.18
CA PHE E 264 34.19 13.38 -53.98
C PHE E 264 34.85 13.83 -55.27
N ALA E 265 34.55 13.13 -56.36
CA ALA E 265 35.04 13.50 -57.68
C ALA E 265 34.43 14.85 -57.99
N ALA E 266 33.16 15.00 -57.65
CA ALA E 266 32.47 16.27 -57.84
C ALA E 266 33.14 17.37 -57.03
N ILE E 267 33.46 17.12 -55.75
CA ILE E 267 34.12 18.11 -54.89
C ILE E 267 35.38 18.55 -55.59
N LEU E 268 36.10 17.58 -56.16
CA LEU E 268 37.33 17.87 -56.88
C LEU E 268 37.13 18.69 -58.15
N LEU E 269 36.33 18.18 -59.08
CA LEU E 269 36.11 18.86 -60.35
C LEU E 269 35.61 20.26 -60.10
N ILE E 270 34.66 20.35 -59.20
CA ILE E 270 34.07 21.61 -58.81
C ILE E 270 35.07 22.61 -58.22
N ILE E 271 35.94 22.20 -57.30
CA ILE E 271 36.98 23.13 -56.81
C ILE E 271 37.88 23.49 -57.99
N PHE E 272 38.20 22.46 -58.77
CA PHE E 272 39.11 22.59 -59.91
C PHE E 272 38.58 23.54 -60.98
N ALA E 273 37.32 23.34 -61.39
CA ALA E 273 36.63 24.23 -62.33
C ALA E 273 36.89 25.64 -61.91
N HIS E 274 36.74 25.88 -60.63
CA HIS E 274 36.85 27.22 -60.08
C HIS E 274 38.29 27.77 -60.12
N HIS E 275 39.29 26.98 -59.72
CA HIS E 275 40.65 27.54 -59.62
C HIS E 275 41.56 27.29 -60.83
N ARG E 276 41.14 26.41 -61.74
CA ARG E 276 41.86 26.22 -62.99
C ARG E 276 41.33 27.29 -63.94
N GLN E 277 42.03 28.42 -63.99
CA GLN E 277 41.51 29.59 -64.69
C GLN E 277 42.55 30.50 -65.34
N ALA E 278 42.07 31.53 -66.03
CA ALA E 278 42.93 32.55 -66.55
C ALA E 278 42.46 33.91 -66.03
N ASN E 279 41.72 33.90 -64.92
CA ASN E 279 41.22 35.13 -64.32
C ASN E 279 40.99 35.00 -62.82
N GLY E 280 40.16 34.02 -62.45
CA GLY E 280 39.78 33.76 -61.09
C GLY E 280 38.47 32.99 -61.07
N VAL E 281 37.50 33.47 -61.84
CA VAL E 281 36.19 32.81 -61.94
C VAL E 281 35.94 32.22 -63.33
N GLU E 282 37.01 31.93 -64.08
CA GLU E 282 36.85 31.27 -65.37
C GLU E 282 36.48 29.83 -65.07
N ASP E 283 35.18 29.63 -64.85
CA ASP E 283 34.67 28.30 -64.58
C ASP E 283 34.62 27.60 -65.94
N ASP E 284 35.45 26.58 -66.12
CA ASP E 284 35.61 25.92 -67.43
C ASP E 284 34.29 25.52 -68.09
N LEU E 285 33.94 26.27 -69.14
CA LEU E 285 32.67 26.15 -69.86
C LEU E 285 32.29 24.69 -70.12
N LEU E 286 33.29 23.83 -70.33
CA LEU E 286 33.02 22.40 -70.52
C LEU E 286 33.01 21.64 -69.19
N ILE E 287 33.94 21.98 -68.30
CA ILE E 287 34.07 21.22 -67.07
C ILE E 287 32.97 21.59 -66.09
N GLN E 288 32.49 22.84 -66.14
CA GLN E 288 31.38 23.22 -65.28
C GLN E 288 30.16 22.48 -65.81
N ARG E 289 30.15 22.29 -67.14
CA ARG E 289 29.11 21.61 -67.93
C ARG E 289 29.49 20.18 -68.29
N CYS E 290 30.21 19.57 -67.36
CA CYS E 290 30.36 18.12 -67.28
C CYS E 290 29.09 17.55 -66.62
N ARG E 291 27.97 18.21 -66.90
CA ARG E 291 26.65 17.81 -66.45
C ARG E 291 26.18 16.58 -67.16
N LEU E 292 26.89 16.25 -68.22
CA LEU E 292 26.57 15.05 -68.95
C LEU E 292 27.78 14.15 -68.90
N ALA E 293 28.95 14.76 -68.71
CA ALA E 293 30.18 14.00 -68.75
C ALA E 293 30.14 12.92 -67.69
N PHE E 294 30.15 13.33 -66.43
CA PHE E 294 30.24 12.31 -65.41
C PHE E 294 28.94 11.66 -64.88
N PRO E 295 27.77 12.22 -65.24
CA PRO E 295 26.62 11.33 -65.11
C PRO E 295 26.76 10.13 -66.03
N LEU E 296 27.34 10.30 -67.22
CA LEU E 296 27.54 9.14 -68.08
C LEU E 296 28.88 8.44 -67.80
N GLY E 297 29.80 9.15 -67.14
CA GLY E 297 31.06 8.55 -66.75
C GLY E 297 30.90 7.54 -65.62
N PHE E 298 29.83 7.73 -64.85
CA PHE E 298 29.44 6.86 -63.77
C PHE E 298 28.76 5.64 -64.37
N LEU E 299 28.07 5.83 -65.49
CA LEU E 299 27.36 4.74 -66.11
C LEU E 299 28.23 3.74 -66.86
N ALA E 300 29.41 4.16 -67.31
CA ALA E 300 30.34 3.23 -67.97
C ALA E 300 31.13 2.43 -66.93
N ILE E 301 31.62 3.12 -65.91
CA ILE E 301 32.28 2.52 -64.76
C ILE E 301 31.25 1.67 -63.99
N GLY E 302 29.99 2.13 -64.04
CA GLY E 302 28.87 1.39 -63.49
C GLY E 302 28.59 0.15 -64.30
N CYS E 303 28.75 0.25 -65.63
CA CYS E 303 28.58 -0.89 -66.53
C CYS E 303 29.80 -1.82 -66.63
N VAL E 304 30.98 -1.29 -66.31
CA VAL E 304 32.19 -2.13 -66.27
C VAL E 304 32.28 -2.91 -64.94
N LEU E 305 31.73 -2.39 -63.83
CA LEU E 305 31.68 -3.19 -62.61
C LEU E 305 30.82 -4.42 -62.77
N VAL E 306 29.86 -4.36 -63.68
CA VAL E 306 29.02 -5.51 -63.93
C VAL E 306 29.76 -6.55 -64.78
N ILE E 307 30.74 -6.09 -65.55
CA ILE E 307 31.49 -6.96 -66.46
C ILE E 307 32.97 -7.02 -66.10
N PRO F 1 -55.65 34.55 8.40
CA PRO F 1 -54.48 34.51 9.31
C PRO F 1 -54.83 33.90 10.67
N VAL F 2 -54.57 32.60 10.81
CA VAL F 2 -54.99 31.78 11.97
C VAL F 2 -54.31 32.18 13.26
N ASP F 3 -55.12 32.57 14.26
CA ASP F 3 -54.61 32.91 15.58
C ASP F 3 -54.37 31.63 16.33
N VAL F 4 -53.11 31.42 16.75
CA VAL F 4 -52.70 30.30 17.60
C VAL F 4 -52.26 30.80 18.99
N SER F 5 -52.94 30.33 20.03
CA SER F 5 -52.60 30.65 21.42
C SER F 5 -51.81 29.55 22.05
N VAL F 6 -50.73 29.92 22.72
CA VAL F 6 -49.80 28.97 23.29
C VAL F 6 -49.68 29.14 24.81
N SER F 7 -49.54 28.02 25.53
CA SER F 7 -49.12 28.05 26.92
C SER F 7 -48.05 26.99 27.11
N ILE F 8 -46.91 27.42 27.66
CA ILE F 8 -45.79 26.52 27.98
C ILE F 8 -45.77 26.30 29.49
N PHE F 9 -45.74 25.05 29.90
CA PHE F 9 -45.58 24.76 31.32
C PHE F 9 -44.19 24.15 31.53
N ILE F 10 -43.30 24.86 32.24
CA ILE F 10 -41.92 24.41 32.48
C ILE F 10 -41.83 23.45 33.66
N ASN F 11 -41.31 22.23 33.48
CA ASN F 11 -41.14 21.32 34.62
C ASN F 11 -39.75 21.38 35.25
N LYS F 12 -38.71 21.35 34.45
CA LYS F 12 -37.38 21.24 35.00
C LYS F 12 -36.46 22.01 34.07
N ILE F 13 -35.59 22.86 34.60
CA ILE F 13 -34.56 23.39 33.73
C ILE F 13 -33.30 22.91 34.42
N TYR F 14 -32.52 22.09 33.73
CA TYR F 14 -31.35 21.50 34.34
C TYR F 14 -30.20 21.27 33.36
N GLY F 15 -29.12 20.68 33.85
CA GLY F 15 -28.01 20.26 33.03
C GLY F 15 -27.39 21.27 32.08
N VAL F 16 -26.93 22.41 32.61
CA VAL F 16 -26.32 23.40 31.74
C VAL F 16 -24.92 23.02 31.21
N ASN F 17 -24.74 22.91 29.89
CA ASN F 17 -23.43 22.63 29.30
C ASN F 17 -22.63 23.88 28.96
N THR F 18 -21.65 24.20 29.80
CA THR F 18 -20.91 25.45 29.67
C THR F 18 -20.11 25.61 28.37
N LEU F 19 -19.53 24.53 27.92
CA LEU F 19 -18.77 24.65 26.70
C LEU F 19 -19.75 24.94 25.60
N GLU F 20 -20.80 24.11 25.51
CA GLU F 20 -21.72 24.18 24.38
C GLU F 20 -22.74 25.31 24.48
N GLN F 21 -22.81 25.97 25.65
CA GLN F 21 -23.80 27.03 25.90
C GLN F 21 -25.22 26.48 25.71
N THR F 22 -25.54 25.54 26.59
CA THR F 22 -26.67 24.63 26.47
C THR F 22 -27.37 24.39 27.81
N TYR F 23 -28.66 24.11 27.77
CA TYR F 23 -29.37 23.74 28.96
C TYR F 23 -30.56 22.90 28.62
N LYS F 24 -31.06 22.17 29.59
CA LYS F 24 -32.18 21.30 29.41
C LYS F 24 -33.51 21.92 29.93
N VAL F 25 -34.59 21.73 29.20
CA VAL F 25 -35.89 22.15 29.70
C VAL F 25 -36.83 20.97 29.55
N ASP F 26 -37.53 20.60 30.60
CA ASP F 26 -38.60 19.60 30.52
C ASP F 26 -39.91 20.36 30.74
N GLY F 27 -40.96 20.05 29.98
CA GLY F 27 -42.23 20.73 30.14
C GLY F 27 -43.31 20.32 29.15
N TYR F 28 -44.37 21.13 29.09
CA TYR F 28 -45.49 20.86 28.19
C TYR F 28 -45.77 22.06 27.29
N ILE F 29 -46.15 21.79 26.01
CA ILE F 29 -46.62 22.83 25.09
C ILE F 29 -48.09 22.57 24.94
N VAL F 30 -48.87 23.65 24.96
CA VAL F 30 -50.27 23.57 24.58
C VAL F 30 -50.44 24.58 23.47
N ALA F 31 -50.97 24.17 22.31
CA ALA F 31 -51.30 25.16 21.28
C ALA F 31 -52.77 25.06 20.90
N GLN F 32 -53.44 26.21 20.81
CA GLN F 32 -54.86 26.22 20.51
C GLN F 32 -55.20 27.19 19.38
N TRP F 33 -56.05 26.76 18.45
CA TRP F 33 -56.57 27.56 17.35
C TRP F 33 -58.00 27.06 17.08
N THR F 34 -58.77 27.80 16.28
CA THR F 34 -60.15 27.42 16.02
C THR F 34 -60.43 27.03 14.58
N GLY F 35 -60.91 25.82 14.36
CA GLY F 35 -61.19 25.36 13.03
C GLY F 35 -62.65 25.41 12.60
N LYS F 36 -62.93 24.68 11.53
CA LYS F 36 -64.28 24.51 11.07
C LYS F 36 -64.90 23.58 12.10
N PRO F 37 -66.10 23.90 12.58
CA PRO F 37 -66.81 23.07 13.57
C PRO F 37 -66.92 21.61 13.12
N ARG F 38 -66.86 20.70 14.08
CA ARG F 38 -66.84 19.26 13.80
C ARG F 38 -68.06 18.60 14.41
N LYS F 39 -68.27 17.35 14.01
CA LYS F 39 -69.29 16.51 14.60
C LYS F 39 -68.60 15.49 15.50
N THR F 40 -68.58 15.73 16.81
CA THR F 40 -67.83 14.84 17.71
C THR F 40 -68.72 13.80 18.40
N PRO F 41 -68.15 12.61 18.71
CA PRO F 41 -68.87 11.53 19.37
C PRO F 41 -69.50 12.00 20.66
N GLY F 42 -70.80 11.80 20.78
CA GLY F 42 -71.59 12.36 21.86
C GLY F 42 -71.79 13.82 21.48
N ASP F 43 -71.05 14.70 22.14
CA ASP F 43 -70.98 16.12 21.79
C ASP F 43 -69.89 16.77 22.63
N LYS F 44 -69.29 15.96 23.50
CA LYS F 44 -68.07 16.34 24.20
C LYS F 44 -66.79 16.24 23.33
N PRO F 45 -65.76 17.03 23.70
CA PRO F 45 -64.52 17.03 22.94
C PRO F 45 -63.97 15.63 22.74
N LEU F 46 -63.49 15.35 21.53
CA LEU F 46 -62.91 14.07 21.13
C LEU F 46 -61.44 14.13 21.44
N ILE F 47 -60.96 13.09 22.08
CA ILE F 47 -59.52 12.99 22.40
C ILE F 47 -58.84 12.00 21.46
N VAL F 48 -57.71 12.46 20.94
CA VAL F 48 -56.89 11.78 19.98
C VAL F 48 -55.46 11.76 20.53
N GLU F 49 -54.99 10.58 20.90
CA GLU F 49 -53.64 10.48 21.43
C GLU F 49 -52.59 9.92 20.48
N ASN F 50 -51.34 10.16 20.85
CA ASN F 50 -50.15 9.78 20.12
C ASN F 50 -50.29 9.17 18.73
N THR F 51 -50.15 7.86 18.62
CA THR F 51 -50.23 7.22 17.30
C THR F 51 -51.35 7.78 16.44
N GLN F 52 -52.51 7.93 17.07
CA GLN F 52 -53.69 8.38 16.39
C GLN F 52 -53.77 9.80 15.85
N ILE F 53 -52.86 10.69 16.26
CA ILE F 53 -52.88 12.06 15.76
C ILE F 53 -52.54 12.12 14.29
N GLU F 54 -51.55 11.33 13.94
CA GLU F 54 -51.11 11.24 12.57
C GLU F 54 -52.26 10.74 11.69
N ARG F 55 -53.04 9.78 12.16
CA ARG F 55 -54.16 9.27 11.39
C ARG F 55 -55.12 10.36 11.04
N TRP F 56 -55.32 11.30 11.94
CA TRP F 56 -56.23 12.40 11.65
C TRP F 56 -55.64 13.38 10.64
N ILE F 57 -54.34 13.59 10.71
CA ILE F 57 -53.61 14.46 9.80
C ILE F 57 -53.57 13.91 8.37
N ASN F 58 -53.39 12.59 8.26
CA ASN F 58 -53.49 11.88 7.01
C ASN F 58 -54.86 12.12 6.37
N ASN F 59 -55.89 12.30 7.19
CA ASN F 59 -57.22 12.64 6.69
C ASN F 59 -57.53 14.11 6.60
N GLY F 60 -56.53 14.96 6.70
CA GLY F 60 -56.75 16.35 6.41
C GLY F 60 -56.86 17.27 7.60
N LEU F 61 -56.51 16.76 8.76
CA LEU F 61 -56.48 17.59 9.95
C LEU F 61 -55.25 18.49 9.88
N TRP F 62 -55.45 19.79 10.02
CA TRP F 62 -54.32 20.71 10.04
C TRP F 62 -53.70 20.84 11.45
N VAL F 63 -52.49 20.33 11.64
CA VAL F 63 -51.81 20.57 12.90
C VAL F 63 -50.47 21.23 12.58
N PRO F 64 -50.39 22.52 12.78
CA PRO F 64 -49.19 23.16 12.24
C PRO F 64 -47.96 22.91 13.04
N ALA F 65 -46.84 22.55 12.40
CA ALA F 65 -45.61 22.27 13.16
C ALA F 65 -44.91 23.50 13.71
N LEU F 66 -44.78 23.58 15.02
CA LEU F 66 -44.17 24.75 15.64
C LEU F 66 -42.73 24.48 15.96
N GLU F 67 -41.78 25.20 15.38
CA GLU F 67 -40.36 24.91 15.61
C GLU F 67 -39.79 25.58 16.84
N PHE F 68 -38.95 24.86 17.60
CA PHE F 68 -38.17 25.46 18.69
C PHE F 68 -36.96 26.07 18.07
N ILE F 69 -36.93 27.37 17.93
CA ILE F 69 -35.90 28.01 17.12
C ILE F 69 -34.50 27.65 17.52
N ASN F 70 -34.25 27.68 18.83
CA ASN F 70 -32.93 27.54 19.44
C ASN F 70 -32.66 26.18 20.08
N VAL F 71 -33.42 25.18 19.65
CA VAL F 71 -33.20 23.84 20.14
C VAL F 71 -31.98 23.23 19.48
N VAL F 72 -31.20 22.58 20.31
CA VAL F 72 -30.06 21.80 19.91
C VAL F 72 -30.55 20.43 19.57
N GLY F 73 -30.43 20.02 18.32
CA GLY F 73 -30.89 18.68 18.07
C GLY F 73 -32.37 18.78 17.96
N SER F 74 -33.07 17.67 18.13
CA SER F 74 -34.52 17.75 18.07
C SER F 74 -35.12 17.07 19.29
N PRO F 75 -36.08 17.76 19.94
CA PRO F 75 -36.52 17.45 21.27
C PRO F 75 -37.08 16.05 21.29
N ASP F 76 -37.00 15.43 22.46
CA ASP F 76 -37.61 14.17 22.78
C ASP F 76 -39.09 14.48 23.01
N THR F 77 -39.96 14.07 22.11
CA THR F 77 -41.35 14.33 22.41
C THR F 77 -41.99 13.09 23.00
N GLY F 78 -42.50 13.22 24.22
CA GLY F 78 -43.20 12.12 24.88
C GLY F 78 -44.62 11.99 24.35
N ASN F 79 -45.62 12.07 25.24
CA ASN F 79 -47.01 11.93 24.83
C ASN F 79 -47.57 13.17 24.15
N LYS F 80 -48.38 12.88 23.13
CA LYS F 80 -49.01 13.91 22.34
C LYS F 80 -50.48 13.71 22.55
N ARG F 81 -51.24 14.79 22.40
CA ARG F 81 -52.67 14.75 22.61
C ARG F 81 -53.33 15.75 21.72
N LEU F 82 -54.35 15.28 21.05
CA LEU F 82 -55.21 16.18 20.33
C LEU F 82 -56.56 16.28 21.05
N MET F 83 -57.01 17.52 21.27
CA MET F 83 -58.31 17.73 21.85
C MET F 83 -59.17 18.45 20.85
N LEU F 84 -60.11 17.74 20.23
CA LEU F 84 -60.92 18.33 19.17
C LEU F 84 -62.29 18.71 19.69
N PHE F 85 -62.59 20.00 19.72
CA PHE F 85 -63.88 20.41 20.22
C PHE F 85 -64.87 20.56 19.08
N PRO F 86 -66.16 20.33 19.35
CA PRO F 86 -67.16 20.41 18.28
C PRO F 86 -67.37 21.84 17.83
N ASP F 87 -67.10 22.81 18.68
CA ASP F 87 -67.32 24.20 18.29
C ASP F 87 -66.27 24.63 17.29
N GLY F 88 -65.29 23.76 17.06
CA GLY F 88 -64.27 23.96 16.05
C GLY F 88 -62.86 23.94 16.59
N ARG F 89 -62.65 24.57 17.74
CA ARG F 89 -61.31 24.72 18.28
C ARG F 89 -60.50 23.42 18.48
N VAL F 90 -59.20 23.56 18.38
CA VAL F 90 -58.29 22.42 18.47
C VAL F 90 -57.19 22.71 19.48
N ILE F 91 -56.92 21.74 20.37
CA ILE F 91 -55.83 21.90 21.34
C ILE F 91 -54.79 20.79 21.17
N TYR F 92 -53.54 21.20 20.93
CA TYR F 92 -52.44 20.28 20.84
C TYR F 92 -51.62 20.42 22.10
N ASN F 93 -51.52 19.30 22.82
CA ASN F 93 -50.84 19.21 24.11
C ASN F 93 -49.86 18.07 23.98
N ALA F 94 -48.61 18.32 24.33
CA ALA F 94 -47.57 17.31 24.29
C ALA F 94 -46.52 17.72 25.25
N ARG F 95 -45.84 16.71 25.80
CA ARG F 95 -44.69 16.91 26.68
C ARG F 95 -43.35 16.88 25.95
N PHE F 96 -42.40 17.70 26.38
CA PHE F 96 -41.13 17.75 25.67
C PHE F 96 -39.91 17.84 26.59
N LEU F 97 -38.78 17.30 26.12
CA LEU F 97 -37.51 17.55 26.76
C LEU F 97 -36.61 18.09 25.71
N GLY F 98 -36.01 19.24 25.97
CA GLY F 98 -35.19 19.85 24.95
C GLY F 98 -33.87 20.34 25.49
N SER F 99 -32.89 20.34 24.59
CA SER F 99 -31.60 20.95 24.82
C SER F 99 -31.65 22.26 24.07
N PHE F 100 -31.54 23.38 24.77
CA PHE F 100 -31.74 24.67 24.12
C PHE F 100 -30.51 25.50 24.11
N SER F 101 -30.40 26.36 23.11
CA SER F 101 -29.20 27.15 22.99
C SER F 101 -29.45 28.61 23.28
N ASN F 102 -28.52 29.19 24.02
CA ASN F 102 -28.57 30.60 24.31
C ASN F 102 -27.18 31.10 24.71
N ASP F 103 -26.87 32.32 24.32
CA ASP F 103 -25.61 32.94 24.65
C ASP F 103 -25.45 32.97 26.17
N MET F 104 -24.37 32.37 26.66
CA MET F 104 -24.11 32.38 28.09
C MET F 104 -22.69 32.89 28.40
N ASP F 105 -22.62 33.99 29.13
CA ASP F 105 -21.35 34.55 29.56
C ASP F 105 -21.06 34.11 31.00
N PHE F 106 -19.95 33.39 31.19
CA PHE F 106 -19.60 32.83 32.51
C PHE F 106 -18.37 33.45 33.16
N ARG F 107 -17.98 34.63 32.68
CA ARG F 107 -16.78 35.32 33.13
C ARG F 107 -16.69 35.55 34.64
N LEU F 108 -17.77 36.00 35.26
CA LEU F 108 -17.70 36.23 36.68
C LEU F 108 -18.22 35.05 37.48
N PHE F 109 -17.86 33.86 37.01
CA PHE F 109 -18.12 32.63 37.73
C PHE F 109 -17.39 32.78 39.08
N PRO F 110 -17.94 32.19 40.16
CA PRO F 110 -19.14 31.35 40.23
C PRO F 110 -20.35 32.18 40.55
N PHE F 111 -20.28 33.47 40.25
CA PHE F 111 -21.37 34.40 40.51
C PHE F 111 -22.05 34.87 39.24
N ASP F 112 -22.21 33.99 38.26
CA ASP F 112 -22.80 34.38 36.98
C ASP F 112 -24.29 34.60 37.15
N ARG F 113 -24.83 35.42 36.27
CA ARG F 113 -26.27 35.58 36.14
C ARG F 113 -26.56 35.02 34.76
N GLN F 114 -27.48 34.07 34.68
CA GLN F 114 -27.79 33.51 33.39
C GLN F 114 -29.25 33.71 33.05
N GLN F 115 -29.63 33.50 31.79
CA GLN F 115 -31.04 33.48 31.43
C GLN F 115 -31.44 32.38 30.48
N PHE F 116 -32.33 31.52 30.92
CA PHE F 116 -32.71 30.37 30.11
C PHE F 116 -33.80 30.74 29.15
N VAL F 117 -33.56 30.51 27.85
CA VAL F 117 -34.47 30.96 26.80
C VAL F 117 -35.11 29.89 25.90
N LEU F 118 -36.40 30.11 25.62
CA LEU F 118 -37.09 29.30 24.63
C LEU F 118 -37.57 30.23 23.55
N GLU F 119 -37.37 29.79 22.31
CA GLU F 119 -37.86 30.48 21.13
C GLU F 119 -38.68 29.56 20.25
N LEU F 120 -39.98 29.87 20.20
CA LEU F 120 -40.95 29.15 19.40
C LEU F 120 -41.32 30.03 18.17
N GLU F 121 -41.54 29.38 17.03
CA GLU F 121 -41.92 30.01 15.76
C GLU F 121 -42.52 28.88 14.93
N PRO F 122 -43.63 29.12 14.20
CA PRO F 122 -44.25 28.08 13.37
C PRO F 122 -43.23 27.68 12.35
N PHE F 123 -43.12 26.40 11.99
CA PHE F 123 -42.06 26.06 11.05
C PHE F 123 -42.32 26.51 9.61
N SER F 124 -43.53 26.31 9.07
CA SER F 124 -43.79 26.58 7.63
C SER F 124 -44.71 27.73 7.32
N TYR F 125 -45.37 28.28 8.34
CA TYR F 125 -46.36 29.34 8.19
C TYR F 125 -45.96 30.76 8.61
N ASN F 126 -46.06 31.70 7.68
CA ASN F 126 -45.81 33.12 7.96
C ASN F 126 -46.92 33.85 8.73
N ASN F 127 -46.59 35.06 9.21
CA ASN F 127 -47.49 35.93 10.01
C ASN F 127 -48.87 36.11 9.36
N GLN F 128 -48.93 35.94 8.04
CA GLN F 128 -50.21 36.10 7.40
C GLN F 128 -50.96 34.79 7.36
N GLN F 129 -50.27 33.68 7.52
CA GLN F 129 -50.94 32.37 7.58
C GLN F 129 -51.25 31.85 8.99
N LEU F 130 -50.28 32.00 9.89
CA LEU F 130 -50.42 31.60 11.29
C LEU F 130 -49.77 32.64 12.20
N ARG F 131 -50.54 33.11 13.17
CA ARG F 131 -50.13 34.23 13.99
C ARG F 131 -50.34 33.83 15.42
N PHE F 132 -49.36 34.11 16.28
CA PHE F 132 -49.47 33.75 17.69
C PHE F 132 -50.25 34.77 18.48
N SER F 133 -51.49 34.44 18.87
CA SER F 133 -52.40 35.38 19.59
C SER F 133 -51.92 35.76 21.00
N ASP F 134 -51.56 34.77 21.81
CA ASP F 134 -50.96 35.08 23.11
C ASP F 134 -50.17 33.88 23.63
N ILE F 135 -49.32 34.15 24.63
CA ILE F 135 -48.60 33.10 25.32
C ILE F 135 -48.29 33.32 26.81
N GLN F 136 -48.63 32.32 27.61
CA GLN F 136 -48.22 32.26 29.02
C GLN F 136 -47.39 31.03 29.30
N VAL F 137 -46.37 31.27 30.12
CA VAL F 137 -45.41 30.28 30.57
C VAL F 137 -45.53 30.15 32.08
N TYR F 138 -45.70 28.93 32.57
CA TYR F 138 -45.83 28.74 34.01
C TYR F 138 -44.63 27.95 34.54
N THR F 139 -43.80 28.65 35.32
CA THR F 139 -42.64 28.05 35.94
C THR F 139 -43.06 27.54 37.30
N GLU F 140 -43.64 26.34 37.26
CA GLU F 140 -44.21 25.65 38.43
C GLU F 140 -43.16 25.20 39.42
N ASN F 141 -42.20 26.08 39.64
CA ASN F 141 -41.17 25.94 40.66
C ASN F 141 -41.51 26.77 41.92
N ILE F 142 -40.70 26.53 42.96
CA ILE F 142 -40.74 27.19 44.26
C ILE F 142 -39.77 26.44 45.20
N ASP F 143 -39.48 27.02 46.36
CA ASP F 143 -38.79 26.39 47.52
C ASP F 143 -37.40 25.76 47.27
N ASN F 144 -36.73 25.33 48.35
CA ASN F 144 -35.41 24.63 48.29
C ASN F 144 -34.36 25.17 47.32
N GLU F 145 -34.01 26.44 47.40
CA GLU F 145 -33.04 26.94 46.45
C GLU F 145 -31.69 26.34 46.77
N GLU F 146 -31.44 26.09 48.05
CA GLU F 146 -30.16 25.62 48.58
C GLU F 146 -29.82 24.15 48.28
N ILE F 147 -30.77 23.44 47.68
CA ILE F 147 -30.67 22.03 47.30
C ILE F 147 -30.43 21.88 45.78
N ASP F 148 -30.88 22.88 45.02
CA ASP F 148 -30.73 22.92 43.56
C ASP F 148 -29.50 23.74 43.18
N GLU F 149 -28.99 23.51 41.97
CA GLU F 149 -27.80 24.22 41.46
C GLU F 149 -28.09 25.70 41.12
N TRP F 150 -29.26 25.94 40.56
CA TRP F 150 -29.63 27.27 40.10
C TRP F 150 -30.79 27.88 40.87
N TRP F 151 -30.74 29.18 41.09
CA TRP F 151 -31.87 29.80 41.77
C TRP F 151 -32.65 30.61 40.75
N ILE F 152 -33.86 30.17 40.42
CA ILE F 152 -34.69 30.92 39.48
C ILE F 152 -35.08 32.22 40.16
N ARG F 153 -34.94 33.33 39.45
CA ARG F 153 -35.16 34.64 40.06
C ARG F 153 -36.50 35.32 39.75
N GLY F 154 -36.68 35.80 38.54
CA GLY F 154 -37.94 36.42 38.21
C GLY F 154 -39.03 35.40 37.91
N LYS F 155 -40.10 35.88 37.29
CA LYS F 155 -41.13 34.99 36.80
C LYS F 155 -40.88 35.01 35.32
N ALA F 156 -41.26 33.92 34.65
CA ALA F 156 -41.10 33.84 33.19
C ALA F 156 -41.46 35.15 32.46
N SER F 157 -40.54 35.59 31.61
CA SER F 157 -40.69 36.76 30.77
C SER F 157 -41.28 36.32 29.40
N THR F 158 -42.14 37.13 28.81
CA THR F 158 -42.69 36.72 27.52
C THR F 158 -42.76 37.88 26.54
N HIS F 159 -42.53 37.58 25.27
CA HIS F 159 -42.64 38.58 24.21
C HIS F 159 -43.00 37.94 22.86
N ILE F 160 -44.16 38.27 22.29
CA ILE F 160 -44.45 37.84 20.91
C ILE F 160 -44.00 38.91 19.96
N SER F 161 -43.21 38.55 18.95
CA SER F 161 -42.67 39.55 18.05
C SER F 161 -42.71 39.01 16.65
N ASP F 162 -42.35 39.86 15.68
CA ASP F 162 -42.34 39.42 14.30
C ASP F 162 -40.93 39.39 13.71
N ILE F 163 -40.55 38.22 13.21
CA ILE F 163 -39.26 37.97 12.58
C ILE F 163 -39.37 38.06 11.07
N ARG F 164 -38.56 38.95 10.48
CA ARG F 164 -38.53 39.13 9.04
C ARG F 164 -37.32 38.43 8.46
N TYR F 165 -37.54 37.27 7.85
CA TYR F 165 -36.48 36.60 7.08
C TYR F 165 -36.26 37.27 5.73
N ASP F 166 -35.27 38.15 5.64
CA ASP F 166 -35.10 38.91 4.42
C ASP F 166 -34.20 38.24 3.38
N HIS F 167 -33.84 36.98 3.59
CA HIS F 167 -33.20 36.18 2.54
C HIS F 167 -34.28 35.46 1.73
N LEU F 168 -33.92 35.03 0.52
CA LEU F 168 -34.86 35.06 -0.58
C LEU F 168 -36.33 34.73 -0.29
N SER F 169 -36.91 35.59 0.54
CA SER F 169 -38.26 36.11 0.40
C SER F 169 -38.87 35.76 -0.93
N SER F 170 -38.72 36.69 -1.88
CA SER F 170 -38.85 36.47 -3.32
C SER F 170 -39.83 35.38 -3.75
N VAL F 171 -39.47 34.15 -3.39
CA VAL F 171 -40.34 32.99 -3.48
C VAL F 171 -41.79 33.31 -3.05
N GLN F 172 -41.96 33.84 -1.84
CA GLN F 172 -43.26 34.36 -1.41
C GLN F 172 -43.07 35.82 -0.97
N PRO F 173 -43.15 36.77 -1.93
CA PRO F 173 -42.87 38.18 -1.57
C PRO F 173 -43.99 38.77 -0.70
N ASN F 174 -43.65 39.77 0.12
CA ASN F 174 -44.60 40.47 1.01
C ASN F 174 -45.04 39.64 2.19
N GLN F 175 -44.77 38.33 2.12
CA GLN F 175 -45.25 37.42 3.17
C GLN F 175 -44.21 36.39 3.66
N ASN F 176 -43.25 36.92 4.43
CA ASN F 176 -42.17 36.15 5.03
C ASN F 176 -41.69 36.82 6.34
N GLU F 177 -42.69 37.15 7.15
CA GLU F 177 -42.51 37.56 8.54
C GLU F 177 -43.19 36.48 9.34
N PHE F 178 -42.45 35.80 10.20
CA PHE F 178 -43.03 34.76 11.06
C PHE F 178 -43.28 35.28 12.45
N SER F 179 -44.33 34.84 13.15
CA SER F 179 -44.44 35.35 14.53
C SER F 179 -43.62 34.47 15.48
N ARG F 180 -42.81 35.10 16.31
CA ARG F 180 -41.96 34.33 17.21
C ARG F 180 -42.26 34.64 18.66
N ILE F 181 -42.51 33.57 19.41
CA ILE F 181 -42.67 33.62 20.85
C ILE F 181 -41.28 33.48 21.53
N THR F 182 -40.97 34.39 22.44
CA THR F 182 -39.69 34.32 23.13
C THR F 182 -39.87 34.33 24.64
N VAL F 183 -39.47 33.23 25.27
CA VAL F 183 -39.58 33.11 26.71
C VAL F 183 -38.23 33.34 27.37
N ARG F 184 -38.20 34.13 28.43
CA ARG F 184 -36.97 34.33 29.18
C ARG F 184 -37.15 33.97 30.66
N ILE F 185 -36.32 33.06 31.15
CA ILE F 185 -36.37 32.69 32.55
C ILE F 185 -35.02 33.01 33.13
N ASP F 186 -34.97 33.94 34.08
CA ASP F 186 -33.70 34.32 34.75
C ASP F 186 -33.29 33.42 35.89
N ALA F 187 -31.98 33.26 36.07
CA ALA F 187 -31.45 32.42 37.13
C ALA F 187 -30.09 32.91 37.64
N VAL F 188 -29.79 32.57 38.89
CA VAL F 188 -28.49 32.85 39.48
C VAL F 188 -27.91 31.57 40.07
N ARG F 189 -26.61 31.39 39.86
CA ARG F 189 -25.88 30.21 40.28
C ARG F 189 -25.73 30.17 41.80
N ASN F 190 -25.91 28.97 42.36
CA ASN F 190 -25.78 28.74 43.80
C ASN F 190 -24.30 28.71 44.16
N PRO F 191 -23.78 29.85 44.65
CA PRO F 191 -22.34 30.04 44.81
C PRO F 191 -21.79 29.41 46.07
N SER F 192 -22.69 28.83 46.86
CA SER F 192 -22.32 28.27 48.15
C SER F 192 -21.15 27.29 48.03
N TYR F 193 -21.25 26.31 47.14
CA TYR F 193 -20.20 25.30 47.06
C TYR F 193 -18.85 25.91 46.64
N TYR F 194 -18.88 26.80 45.65
CA TYR F 194 -17.62 27.35 45.13
C TYR F 194 -16.92 28.34 46.06
N LEU F 195 -17.68 29.01 46.92
CA LEU F 195 -17.06 29.86 47.92
C LEU F 195 -16.34 29.02 48.96
N TRP F 196 -17.08 28.10 49.57
CA TRP F 196 -16.51 27.37 50.68
C TRP F 196 -15.47 26.33 50.29
N SER F 197 -15.64 25.70 49.13
CA SER F 197 -14.68 24.67 48.74
C SER F 197 -13.64 25.06 47.70
N PHE F 198 -13.74 26.27 47.13
CA PHE F 198 -12.71 26.75 46.22
C PHE F 198 -12.09 28.07 46.63
N ILE F 199 -12.90 29.11 46.77
CA ILE F 199 -12.35 30.43 47.08
C ILE F 199 -11.63 30.36 48.44
N LEU F 200 -12.32 29.84 49.46
CA LEU F 200 -11.78 29.78 50.83
C LEU F 200 -10.38 29.14 50.92
N PRO F 201 -10.25 27.85 50.56
CA PRO F 201 -8.87 27.34 50.72
C PRO F 201 -7.84 28.00 49.79
N LEU F 202 -8.22 28.39 48.57
CA LEU F 202 -7.31 29.08 47.67
C LEU F 202 -6.84 30.34 48.36
N GLY F 203 -7.73 30.96 49.11
CA GLY F 203 -7.35 32.11 49.91
C GLY F 203 -6.31 31.73 50.94
N LEU F 204 -6.52 30.61 51.65
CA LEU F 204 -5.58 30.13 52.65
C LEU F 204 -4.24 29.83 52.03
N ILE F 205 -4.27 29.20 50.86
CA ILE F 205 -3.07 28.91 50.12
C ILE F 205 -2.32 30.20 49.79
N ILE F 206 -2.97 31.14 49.12
CA ILE F 206 -2.34 32.40 48.75
C ILE F 206 -1.85 33.14 50.00
N ALA F 207 -2.66 33.10 51.06
CA ALA F 207 -2.33 33.76 52.34
C ALA F 207 -1.07 33.17 52.94
N ALA F 208 -1.08 31.85 53.07
CA ALA F 208 0.04 31.13 53.65
C ALA F 208 1.27 31.26 52.78
N SER F 209 1.05 31.53 51.51
CA SER F 209 2.16 31.84 50.64
C SER F 209 2.95 33.01 51.22
N TRP F 210 2.26 34.01 51.77
CA TRP F 210 2.95 35.22 52.23
C TRP F 210 3.78 34.95 53.47
N SER F 211 3.54 33.81 54.08
CA SER F 211 4.23 33.47 55.30
C SER F 211 5.69 33.13 55.04
N VAL F 212 6.10 33.16 53.77
CA VAL F 212 7.46 32.80 53.43
C VAL F 212 8.42 33.83 53.97
N PHE F 213 7.95 35.05 54.18
CA PHE F 213 8.86 36.11 54.61
C PHE F 213 9.22 36.06 56.09
N TRP F 214 8.45 35.30 56.86
CA TRP F 214 8.76 35.11 58.27
C TRP F 214 9.83 34.05 58.54
N LEU F 215 10.33 33.42 57.46
CA LEU F 215 11.42 32.44 57.56
C LEU F 215 12.76 33.14 57.66
N GLU F 216 13.64 32.61 58.50
CA GLU F 216 14.88 33.29 58.85
C GLU F 216 15.95 33.36 57.74
N SER F 217 16.49 32.20 57.36
CA SER F 217 17.53 32.10 56.32
C SER F 217 16.96 32.24 54.92
N PHE F 218 17.83 32.60 53.98
CA PHE F 218 17.54 32.65 52.55
C PHE F 218 17.39 31.27 51.93
N SER F 219 18.23 30.35 52.40
CA SER F 219 18.18 28.99 51.92
C SER F 219 16.80 28.47 52.21
N GLU F 220 16.31 28.78 53.41
CA GLU F 220 14.97 28.43 53.83
C GLU F 220 13.90 29.19 53.01
N ARG F 221 14.11 30.49 52.84
CA ARG F 221 13.19 31.35 52.12
C ARG F 221 12.98 30.91 50.66
N LEU F 222 14.05 30.51 50.00
CA LEU F 222 13.93 30.14 48.60
C LEU F 222 13.36 28.76 48.33
N GLN F 223 13.92 27.71 48.92
CA GLN F 223 13.42 26.34 48.69
C GLN F 223 11.96 26.19 49.12
N THR F 224 11.56 26.90 50.16
CA THR F 224 10.19 26.79 50.64
C THR F 224 9.22 27.21 49.55
N SER F 225 9.57 28.30 48.86
CA SER F 225 8.70 28.86 47.82
C SER F 225 8.58 27.96 46.58
N PHE F 226 9.45 26.96 46.49
CA PHE F 226 9.36 25.93 45.45
C PHE F 226 8.30 24.92 45.81
N THR F 227 8.18 24.64 47.10
CA THR F 227 7.12 23.78 47.59
C THR F 227 5.77 24.48 47.43
N LEU F 228 5.79 25.79 47.67
CA LEU F 228 4.61 26.67 47.59
C LEU F 228 4.04 26.76 46.14
N MET F 229 4.98 26.82 45.19
CA MET F 229 4.70 26.86 43.75
C MET F 229 4.02 25.58 43.38
N LEU F 230 4.61 24.48 43.84
CA LEU F 230 4.14 23.14 43.53
C LEU F 230 2.71 23.04 44.01
N THR F 231 2.42 23.75 45.11
CA THR F 231 1.07 23.78 45.70
C THR F 231 0.00 24.50 44.86
N VAL F 232 0.35 25.66 44.33
CA VAL F 232 -0.58 26.38 43.47
C VAL F 232 -0.87 25.58 42.19
N VAL F 233 0.14 24.88 41.67
CA VAL F 233 -0.02 23.97 40.53
C VAL F 233 -0.89 22.75 40.88
N ALA F 234 -0.65 22.18 42.05
CA ALA F 234 -1.46 21.10 42.56
C ALA F 234 -2.89 21.58 42.69
N TYR F 235 -3.02 22.82 43.15
CA TYR F 235 -4.33 23.44 43.32
C TYR F 235 -4.97 23.84 42.02
N ALA F 236 -4.18 24.43 41.12
CA ALA F 236 -4.66 24.81 39.81
C ALA F 236 -5.28 23.59 39.13
N PHE F 237 -4.67 22.44 39.39
CA PHE F 237 -5.09 21.15 38.84
C PHE F 237 -6.47 20.71 39.35
N TYR F 238 -6.62 20.69 40.67
CA TYR F 238 -7.86 20.35 41.34
C TYR F 238 -9.03 21.26 40.90
N THR F 239 -8.77 22.57 40.81
CA THR F 239 -9.75 23.52 40.30
C THR F 239 -10.16 23.11 38.90
N SER F 240 -9.16 22.91 38.05
CA SER F 240 -9.35 22.62 36.64
C SER F 240 -10.10 21.33 36.34
N ASN F 241 -9.83 20.30 37.11
CA ASN F 241 -10.49 19.04 36.93
C ASN F 241 -11.96 19.11 37.33
N ILE F 242 -12.30 19.96 38.30
CA ILE F 242 -13.66 20.04 38.86
C ILE F 242 -14.54 21.17 38.30
N LEU F 243 -13.95 22.35 38.08
CA LEU F 243 -14.65 23.47 37.44
C LEU F 243 -15.10 23.23 35.97
N PRO F 244 -16.13 23.97 35.52
CA PRO F 244 -16.72 23.78 34.19
C PRO F 244 -15.78 24.19 33.06
N ARG F 245 -15.77 23.44 31.95
CA ARG F 245 -14.90 23.77 30.83
C ARG F 245 -15.35 25.03 30.12
N LEU F 246 -14.42 25.96 29.94
CA LEU F 246 -14.72 27.22 29.28
C LEU F 246 -13.54 27.59 28.40
N PRO F 247 -13.75 28.51 27.45
CA PRO F 247 -12.66 29.05 26.62
C PRO F 247 -12.12 30.36 27.13
N TYR F 248 -12.34 30.68 28.40
CA TYR F 248 -11.82 31.93 28.94
C TYR F 248 -11.49 31.86 30.45
N THR F 249 -10.91 32.94 30.97
CA THR F 249 -10.61 32.98 32.39
C THR F 249 -11.82 33.40 33.21
N THR F 250 -12.07 32.66 34.28
CA THR F 250 -13.12 33.02 35.21
C THR F 250 -12.41 33.82 36.29
N VAL F 251 -13.15 34.27 37.30
CA VAL F 251 -12.52 35.00 38.42
C VAL F 251 -11.58 34.06 39.19
N ILE F 252 -12.05 32.85 39.48
CA ILE F 252 -11.19 31.86 40.12
C ILE F 252 -9.91 31.61 39.31
N ASP F 253 -10.03 31.55 37.98
CA ASP F 253 -8.86 31.36 37.12
C ASP F 253 -7.90 32.50 37.38
N GLN F 254 -8.43 33.71 37.52
CA GLN F 254 -7.64 34.91 37.78
C GLN F 254 -6.97 34.84 39.14
N MET F 255 -7.72 34.40 40.15
CA MET F 255 -7.15 34.25 41.47
C MET F 255 -5.94 33.31 41.42
N ILE F 256 -6.07 32.19 40.70
CA ILE F 256 -4.96 31.26 40.57
C ILE F 256 -3.79 31.95 39.84
N ILE F 257 -4.06 32.70 38.78
CA ILE F 257 -2.98 33.40 38.10
C ILE F 257 -2.37 34.40 39.09
N ALA F 258 -3.19 35.09 39.88
CA ALA F 258 -2.67 36.01 40.93
C ALA F 258 -1.80 35.31 41.98
N GLY F 259 -2.13 34.06 42.26
CA GLY F 259 -1.33 33.26 43.17
C GLY F 259 0.04 32.99 42.59
N TYR F 260 0.05 32.47 41.37
CA TYR F 260 1.29 32.21 40.67
C TYR F 260 2.11 33.47 40.64
N GLY F 261 1.43 34.62 40.53
CA GLY F 261 2.10 35.89 40.47
C GLY F 261 2.79 36.12 41.79
N SER F 262 2.06 35.97 42.89
CA SER F 262 2.63 36.20 44.22
C SER F 262 3.87 35.37 44.48
N ILE F 263 3.81 34.09 44.11
CA ILE F 263 4.94 33.20 44.35
C ILE F 263 6.17 33.51 43.47
N PHE F 264 5.98 33.79 42.19
CA PHE F 264 7.10 34.17 41.31
C PHE F 264 7.68 35.55 41.71
N ALA F 265 6.82 36.43 42.22
CA ALA F 265 7.24 37.73 42.75
C ALA F 265 8.10 37.60 44.00
N ALA F 266 7.67 36.70 44.89
CA ALA F 266 8.38 36.43 46.12
C ALA F 266 9.78 35.92 45.83
N ILE F 267 9.86 34.98 44.90
CA ILE F 267 11.12 34.38 44.47
C ILE F 267 12.11 35.48 44.07
N LEU F 268 11.65 36.41 43.23
CA LEU F 268 12.49 37.51 42.72
C LEU F 268 12.96 38.42 43.83
N LEU F 269 12.03 38.84 44.69
CA LEU F 269 12.40 39.63 45.87
C LEU F 269 13.34 38.85 46.75
N ILE F 270 13.01 37.59 46.99
CA ILE F 270 13.83 36.73 47.83
C ILE F 270 15.26 36.65 47.31
N ILE F 271 15.43 36.31 46.04
CA ILE F 271 16.77 36.29 45.46
C ILE F 271 17.36 37.69 45.50
N PHE F 272 16.55 38.70 45.23
CA PHE F 272 17.04 40.07 45.22
C PHE F 272 17.58 40.49 46.57
N ALA F 273 16.82 40.20 47.63
CA ALA F 273 17.28 40.45 48.98
C ALA F 273 18.68 39.89 49.22
N HIS F 274 18.88 38.63 48.82
CA HIS F 274 20.11 37.89 49.14
C HIS F 274 21.38 38.33 48.38
N HIS F 275 21.30 38.38 47.06
CA HIS F 275 22.50 38.61 46.26
C HIS F 275 22.76 40.05 45.87
N ARG F 276 21.82 40.95 46.15
CA ARG F 276 22.09 42.37 46.01
C ARG F 276 22.54 42.96 47.34
N GLN F 277 23.84 43.10 47.53
CA GLN F 277 24.41 43.45 48.84
C GLN F 277 25.57 44.46 48.76
N ALA F 278 26.06 44.89 49.92
CA ALA F 278 27.20 45.81 49.96
C ALA F 278 28.37 45.20 50.74
N ASN F 279 28.33 43.88 50.88
CA ASN F 279 29.37 43.12 51.56
C ASN F 279 29.33 41.64 51.14
N GLY F 280 28.15 41.05 51.20
CA GLY F 280 27.93 39.66 50.82
C GLY F 280 26.65 39.04 51.37
N VAL F 281 26.39 39.24 52.67
CA VAL F 281 25.20 38.71 53.30
C VAL F 281 24.25 39.83 53.67
N GLU F 282 24.42 40.99 53.03
CA GLU F 282 23.54 42.11 53.32
C GLU F 282 22.19 41.89 52.66
N ASP F 283 21.37 41.08 53.35
CA ASP F 283 19.99 40.80 52.97
C ASP F 283 19.21 42.03 53.41
N ASP F 284 18.65 42.79 52.46
CA ASP F 284 18.04 44.07 52.81
C ASP F 284 17.09 43.91 54.01
N LEU F 285 17.61 44.25 55.18
CA LEU F 285 16.92 44.07 56.47
C LEU F 285 15.49 44.54 56.40
N LEU F 286 15.25 45.52 55.52
CA LEU F 286 13.93 46.06 55.28
C LEU F 286 13.17 45.30 54.17
N ILE F 287 13.86 44.97 53.08
CA ILE F 287 13.18 44.34 51.94
C ILE F 287 12.92 42.88 52.26
N GLN F 288 13.77 42.27 53.08
CA GLN F 288 13.55 40.87 53.45
C GLN F 288 12.30 40.81 54.30
N ARG F 289 12.04 41.95 54.96
CA ARG F 289 10.91 42.18 55.86
C ARG F 289 9.78 42.99 55.23
N CYS F 290 9.57 42.78 53.94
CA CYS F 290 8.35 43.19 53.25
C CYS F 290 7.22 42.18 53.52
N ARG F 291 7.14 41.79 54.79
CA ARG F 291 6.15 40.84 55.29
C ARG F 291 4.73 41.38 55.28
N LEU F 292 4.57 42.69 55.19
CA LEU F 292 3.25 43.31 55.17
C LEU F 292 3.08 44.07 53.89
N ALA F 293 4.21 44.47 53.32
CA ALA F 293 4.24 45.32 52.15
C ALA F 293 3.44 44.67 51.04
N PHE F 294 3.86 43.50 50.59
CA PHE F 294 3.13 42.97 49.47
C PHE F 294 1.84 42.12 49.73
N PRO F 295 1.60 41.68 50.98
CA PRO F 295 0.23 41.20 51.17
C PRO F 295 -0.84 42.28 51.00
N LEU F 296 -0.61 43.51 51.44
CA LEU F 296 -1.64 44.52 51.20
C LEU F 296 -1.48 45.13 49.81
N GLY F 297 -0.30 44.97 49.22
CA GLY F 297 -0.14 45.33 47.82
C GLY F 297 -0.90 44.31 46.96
N PHE F 298 -1.12 43.13 47.53
CA PHE F 298 -1.89 42.05 46.93
C PHE F 298 -3.38 42.31 47.10
N LEU F 299 -3.74 42.94 48.21
CA LEU F 299 -5.13 43.31 48.40
C LEU F 299 -5.47 44.50 47.51
N ALA F 300 -4.46 45.24 47.08
CA ALA F 300 -4.69 46.32 46.12
C ALA F 300 -4.79 45.77 44.68
N ILE F 301 -3.84 44.91 44.30
CA ILE F 301 -3.83 44.23 43.00
C ILE F 301 -5.04 43.29 42.96
N GLY F 302 -5.48 42.88 44.13
CA GLY F 302 -6.68 42.07 44.28
C GLY F 302 -7.95 42.84 43.96
N CYS F 303 -8.02 44.10 44.33
CA CYS F 303 -9.21 44.87 44.02
C CYS F 303 -9.24 45.42 42.59
N VAL F 304 -8.06 45.56 41.97
CA VAL F 304 -7.92 45.97 40.57
C VAL F 304 -8.26 44.85 39.55
N LEU F 305 -8.06 43.58 39.95
CA LEU F 305 -8.45 42.44 39.10
C LEU F 305 -9.98 42.40 38.97
N VAL F 306 -10.63 43.01 39.97
CA VAL F 306 -12.08 43.18 40.02
C VAL F 306 -12.60 44.35 39.15
N ILE F 307 -11.77 45.36 38.96
CA ILE F 307 -12.16 46.55 38.20
C ILE F 307 -11.96 46.37 36.70
N PRO G 1 -66.89 7.33 34.54
CA PRO G 1 -65.54 7.43 35.14
C PRO G 1 -64.92 6.05 35.33
N VAL G 2 -64.06 5.64 34.38
CA VAL G 2 -63.51 4.30 34.28
C VAL G 2 -62.54 4.09 35.43
N ASP G 3 -62.77 3.06 36.25
CA ASP G 3 -61.85 2.68 37.34
C ASP G 3 -60.67 1.85 36.82
N VAL G 4 -59.45 2.38 36.98
CA VAL G 4 -58.21 1.70 36.59
C VAL G 4 -57.36 1.21 37.79
N SER G 5 -57.13 -0.10 37.84
CA SER G 5 -56.26 -0.73 38.82
C SER G 5 -54.82 -0.94 38.25
N VAL G 6 -53.84 -0.46 39.01
CA VAL G 6 -52.44 -0.46 38.60
C VAL G 6 -51.68 -1.37 39.52
N SER G 7 -50.73 -2.12 38.97
CA SER G 7 -49.77 -2.86 39.79
C SER G 7 -48.38 -2.65 39.13
N ILE G 8 -47.47 -2.03 39.86
CA ILE G 8 -46.12 -1.73 39.38
C ILE G 8 -45.22 -2.74 40.03
N PHE G 9 -44.41 -3.46 39.26
CA PHE G 9 -43.41 -4.33 39.88
C PHE G 9 -41.97 -3.80 39.67
N ILE G 10 -41.31 -3.33 40.73
CA ILE G 10 -39.97 -2.72 40.64
C ILE G 10 -38.86 -3.77 40.62
N ASN G 11 -38.05 -3.79 39.55
CA ASN G 11 -36.91 -4.73 39.38
C ASN G 11 -35.55 -4.28 39.83
N LYS G 12 -35.18 -3.07 39.48
CA LYS G 12 -33.85 -2.62 39.77
C LYS G 12 -33.96 -1.12 39.91
N ILE G 13 -33.41 -0.57 40.99
CA ILE G 13 -33.28 0.87 41.10
C ILE G 13 -31.80 1.14 41.10
N TYR G 14 -31.30 1.85 40.10
CA TYR G 14 -29.88 2.19 40.02
C TYR G 14 -29.55 3.53 39.38
N GLY G 15 -28.27 3.71 39.20
CA GLY G 15 -27.74 4.84 38.49
C GLY G 15 -28.18 6.20 38.95
N VAL G 16 -27.98 6.49 40.23
CA VAL G 16 -28.37 7.81 40.73
C VAL G 16 -27.47 8.95 40.19
N ASN G 17 -28.10 9.92 39.53
CA ASN G 17 -27.38 11.11 39.13
C ASN G 17 -27.54 12.18 40.18
N THR G 18 -26.48 12.43 40.91
CA THR G 18 -26.52 13.39 41.99
C THR G 18 -26.77 14.79 41.49
N LEU G 19 -26.09 15.18 40.41
CA LEU G 19 -26.26 16.55 39.94
C LEU G 19 -27.64 16.84 39.39
N GLU G 20 -28.14 15.95 38.54
CA GLU G 20 -29.42 16.13 37.86
C GLU G 20 -30.62 15.76 38.71
N GLN G 21 -30.35 15.10 39.84
CA GLN G 21 -31.38 14.54 40.74
C GLN G 21 -32.25 13.46 40.06
N THR G 22 -31.58 12.37 39.72
CA THR G 22 -32.12 11.32 38.88
C THR G 22 -31.72 9.90 39.34
N TYR G 23 -32.57 8.91 39.10
CA TYR G 23 -32.26 7.49 39.36
C TYR G 23 -32.98 6.70 38.27
N LYS G 24 -32.50 5.51 37.98
CA LYS G 24 -33.12 4.72 36.94
C LYS G 24 -33.98 3.71 37.64
N VAL G 25 -35.17 3.45 37.09
CA VAL G 25 -36.02 2.39 37.61
C VAL G 25 -36.35 1.42 36.47
N ASP G 26 -36.11 0.13 36.67
CA ASP G 26 -36.54 -0.91 35.75
C ASP G 26 -37.61 -1.67 36.46
N GLY G 27 -38.69 -1.96 35.73
CA GLY G 27 -39.84 -2.70 36.23
C GLY G 27 -40.94 -2.91 35.18
N TYR G 28 -42.13 -3.22 35.66
CA TYR G 28 -43.32 -3.44 34.84
C TYR G 28 -44.51 -2.63 35.33
N ILE G 29 -45.37 -2.18 34.41
CA ILE G 29 -46.68 -1.69 34.80
C ILE G 29 -47.71 -2.70 34.37
N VAL G 30 -48.69 -2.90 35.24
CA VAL G 30 -49.93 -3.54 34.88
C VAL G 30 -51.06 -2.54 35.08
N ALA G 31 -51.92 -2.38 34.09
CA ALA G 31 -53.11 -1.56 34.26
C ALA G 31 -54.33 -2.41 33.87
N GLN G 32 -55.39 -2.35 34.68
CA GLN G 32 -56.62 -3.09 34.42
C GLN G 32 -57.84 -2.16 34.47
N TRP G 33 -58.76 -2.34 33.53
CA TRP G 33 -60.04 -1.64 33.54
C TRP G 33 -61.01 -2.60 32.92
N THR G 34 -62.31 -2.34 33.07
CA THR G 34 -63.28 -3.23 32.48
C THR G 34 -64.01 -2.56 31.35
N GLY G 35 -64.03 -3.23 30.21
CA GLY G 35 -64.72 -2.69 29.06
C GLY G 35 -66.02 -3.41 28.77
N LYS G 36 -66.53 -3.12 27.58
CA LYS G 36 -67.73 -3.77 27.09
C LYS G 36 -67.23 -5.15 26.69
N PRO G 37 -67.98 -6.20 27.04
CA PRO G 37 -67.67 -7.60 26.73
C PRO G 37 -67.29 -7.85 25.27
N ARG G 38 -66.42 -8.81 25.05
CA ARG G 38 -65.91 -9.10 23.73
C ARG G 38 -66.22 -10.55 23.38
N LYS G 39 -66.09 -10.89 22.09
CA LYS G 39 -66.16 -12.27 21.64
C LYS G 39 -64.71 -12.65 21.30
N THR G 40 -64.03 -13.34 22.21
CA THR G 40 -62.63 -13.67 21.97
C THR G 40 -62.56 -15.09 21.41
N PRO G 41 -61.56 -15.35 20.56
CA PRO G 41 -61.33 -16.66 19.95
C PRO G 41 -61.32 -17.77 20.98
N GLY G 42 -62.02 -18.85 20.67
CA GLY G 42 -62.22 -19.93 21.62
C GLY G 42 -63.27 -19.38 22.54
N ASP G 43 -62.84 -18.96 23.72
CA ASP G 43 -63.70 -18.21 24.61
C ASP G 43 -62.76 -17.84 25.73
N LYS G 44 -61.55 -18.39 25.64
CA LYS G 44 -60.46 -17.99 26.54
C LYS G 44 -59.90 -16.63 26.09
N PRO G 45 -59.35 -15.85 27.04
CA PRO G 45 -58.84 -14.48 26.81
C PRO G 45 -57.84 -14.36 25.67
N LEU G 46 -57.96 -13.24 24.95
CA LEU G 46 -57.14 -12.95 23.79
C LEU G 46 -55.92 -12.19 24.23
N ILE G 47 -54.75 -12.69 23.86
CA ILE G 47 -53.52 -12.03 24.21
C ILE G 47 -53.06 -11.24 23.00
N VAL G 48 -52.71 -9.97 23.20
CA VAL G 48 -52.23 -9.14 22.12
C VAL G 48 -50.86 -8.55 22.47
N GLU G 49 -49.78 -9.03 21.81
CA GLU G 49 -48.40 -8.60 22.14
C GLU G 49 -47.93 -7.46 21.25
N ASN G 50 -46.87 -6.77 21.67
CA ASN G 50 -46.36 -5.52 21.06
C ASN G 50 -47.09 -4.79 19.89
N THR G 51 -46.58 -5.00 18.69
CA THR G 51 -47.10 -4.38 17.48
C THR G 51 -48.61 -4.48 17.28
N GLN G 52 -49.19 -5.64 17.55
CA GLN G 52 -50.64 -5.78 17.37
C GLN G 52 -51.50 -4.91 18.28
N ILE G 53 -50.92 -4.30 19.31
CA ILE G 53 -51.74 -3.47 20.15
C ILE G 53 -52.20 -2.25 19.39
N GLU G 54 -51.30 -1.61 18.64
CA GLU G 54 -51.69 -0.46 17.82
C GLU G 54 -52.78 -0.82 16.83
N ARG G 55 -52.67 -2.00 16.23
CA ARG G 55 -53.67 -2.46 15.27
C ARG G 55 -55.01 -2.45 15.89
N TRP G 56 -55.06 -2.84 17.16
CA TRP G 56 -56.31 -2.89 17.91
C TRP G 56 -56.84 -1.52 18.25
N ILE G 57 -55.95 -0.58 18.48
CA ILE G 57 -56.39 0.75 18.79
C ILE G 57 -57.09 1.36 17.59
N ASN G 58 -56.53 1.14 16.39
CA ASN G 58 -57.10 1.63 15.11
C ASN G 58 -58.46 1.16 14.75
N ASN G 59 -58.81 -0.03 15.19
CA ASN G 59 -60.16 -0.54 14.96
C ASN G 59 -61.06 -0.06 16.10
N GLY G 60 -60.53 0.78 16.98
CA GLY G 60 -61.34 1.36 18.02
C GLY G 60 -61.21 0.88 19.45
N LEU G 61 -60.16 0.14 19.81
CA LEU G 61 -59.93 -0.24 21.23
C LEU G 61 -59.46 0.97 22.03
N TRP G 62 -60.09 1.20 23.18
CA TRP G 62 -59.67 2.29 24.04
C TRP G 62 -58.52 1.86 24.95
N VAL G 63 -57.32 2.34 24.69
CA VAL G 63 -56.22 2.05 25.56
C VAL G 63 -55.58 3.34 26.02
N PRO G 64 -55.95 3.80 27.20
CA PRO G 64 -55.51 5.13 27.62
C PRO G 64 -54.00 5.23 27.90
N ALA G 65 -53.39 6.31 27.43
CA ALA G 65 -51.98 6.53 27.71
C ALA G 65 -51.76 7.04 29.13
N LEU G 66 -50.97 6.32 29.92
CA LEU G 66 -50.68 6.74 31.30
C LEU G 66 -49.29 7.38 31.39
N GLU G 67 -49.21 8.69 31.63
CA GLU G 67 -47.92 9.35 31.64
C GLU G 67 -47.18 9.23 32.91
N PHE G 68 -45.89 8.93 32.86
CA PHE G 68 -45.00 8.98 34.03
C PHE G 68 -44.58 10.41 34.34
N ILE G 69 -45.19 11.01 35.35
CA ILE G 69 -45.09 12.43 35.62
C ILE G 69 -43.66 12.91 35.81
N ASN G 70 -42.86 12.14 36.54
CA ASN G 70 -41.52 12.64 36.90
C ASN G 70 -40.39 11.99 36.12
N VAL G 71 -40.75 11.39 34.99
CA VAL G 71 -39.77 10.77 34.13
C VAL G 71 -39.02 11.81 33.33
N VAL G 72 -37.70 11.68 33.37
CA VAL G 72 -36.78 12.53 32.65
C VAL G 72 -36.57 11.89 31.29
N GLY G 73 -36.99 12.58 30.25
CA GLY G 73 -36.87 11.97 28.95
C GLY G 73 -38.03 11.03 28.82
N SER G 74 -37.97 10.11 27.88
CA SER G 74 -39.10 9.21 27.75
C SER G 74 -38.67 7.76 27.74
N PRO G 75 -39.34 6.96 28.58
CA PRO G 75 -38.94 5.63 29.05
C PRO G 75 -38.71 4.65 27.95
N ASP G 76 -37.76 3.75 28.18
CA ASP G 76 -37.50 2.66 27.26
C ASP G 76 -38.55 1.65 27.60
N THR G 77 -39.49 1.52 26.69
CA THR G 77 -40.56 0.56 26.82
C THR G 77 -40.13 -0.76 26.22
N GLY G 78 -40.19 -1.81 27.03
CA GLY G 78 -39.88 -3.14 26.56
C GLY G 78 -41.12 -3.67 25.90
N ASN G 79 -41.52 -4.87 26.27
CA ASN G 79 -42.67 -5.51 25.65
C ASN G 79 -44.01 -5.04 26.13
N LYS G 80 -44.98 -5.10 25.25
CA LYS G 80 -46.29 -4.74 25.66
C LYS G 80 -47.15 -5.96 25.45
N ARG G 81 -48.22 -6.01 26.20
CA ARG G 81 -49.11 -7.14 26.15
C ARG G 81 -50.46 -6.53 26.37
N LEU G 82 -51.44 -6.89 25.54
CA LEU G 82 -52.82 -6.54 25.83
C LEU G 82 -53.50 -7.84 26.11
N MET G 83 -54.23 -7.86 27.21
CA MET G 83 -54.96 -9.03 27.63
C MET G 83 -56.46 -8.70 27.62
N LEU G 84 -57.16 -9.20 26.60
CA LEU G 84 -58.56 -8.87 26.36
C LEU G 84 -59.36 -10.06 26.78
N PHE G 85 -60.20 -9.89 27.79
CA PHE G 85 -61.03 -10.98 28.28
C PHE G 85 -62.40 -10.93 27.62
N PRO G 86 -63.06 -12.10 27.53
CA PRO G 86 -64.39 -12.14 26.89
C PRO G 86 -65.45 -11.39 27.71
N ASP G 87 -65.25 -11.33 29.02
CA ASP G 87 -66.16 -10.62 29.91
C ASP G 87 -66.01 -9.11 29.88
N GLY G 88 -65.07 -8.57 29.12
CA GLY G 88 -65.00 -7.12 28.98
C GLY G 88 -63.73 -6.47 29.48
N ARG G 89 -63.21 -6.96 30.60
CA ARG G 89 -62.03 -6.36 31.24
C ARG G 89 -60.74 -6.42 30.39
N VAL G 90 -59.89 -5.43 30.58
CA VAL G 90 -58.70 -5.25 29.77
C VAL G 90 -57.46 -5.07 30.64
N ILE G 91 -56.39 -5.79 30.33
CA ILE G 91 -55.17 -5.61 31.10
C ILE G 91 -54.05 -5.19 30.18
N TYR G 92 -53.41 -4.09 30.49
CA TYR G 92 -52.24 -3.70 29.73
C TYR G 92 -50.96 -3.94 30.52
N ASN G 93 -50.07 -4.76 29.99
CA ASN G 93 -48.85 -5.13 30.71
C ASN G 93 -47.63 -4.75 29.83
N ALA G 94 -46.70 -4.01 30.42
CA ALA G 94 -45.55 -3.58 29.67
C ALA G 94 -44.35 -3.40 30.58
N ARG G 95 -43.18 -3.78 30.09
CA ARG G 95 -41.96 -3.57 30.86
C ARG G 95 -41.34 -2.23 30.52
N PHE G 96 -40.72 -1.57 31.50
CA PHE G 96 -40.11 -0.28 31.27
C PHE G 96 -38.83 0.02 32.04
N LEU G 97 -37.92 0.79 31.41
CA LEU G 97 -36.80 1.37 32.11
C LEU G 97 -36.81 2.87 31.96
N GLY G 98 -36.76 3.59 33.06
CA GLY G 98 -36.87 5.02 32.98
C GLY G 98 -36.00 5.78 33.95
N SER G 99 -35.65 6.99 33.56
CA SER G 99 -34.89 7.85 34.44
C SER G 99 -35.85 8.77 35.05
N PHE G 100 -35.97 8.71 36.38
CA PHE G 100 -36.95 9.50 37.12
C PHE G 100 -36.33 10.61 37.94
N SER G 101 -37.13 11.66 38.14
CA SER G 101 -36.67 12.83 38.83
C SER G 101 -37.38 12.97 40.18
N ASN G 102 -36.62 13.43 41.16
CA ASN G 102 -37.17 13.71 42.47
C ASN G 102 -36.25 14.64 43.21
N ASP G 103 -36.78 15.45 44.11
CA ASP G 103 -35.90 16.27 44.94
C ASP G 103 -34.97 15.33 45.68
N MET G 104 -33.67 15.56 45.56
CA MET G 104 -32.72 14.74 46.31
C MET G 104 -31.69 15.58 47.09
N ASP G 105 -31.68 15.42 48.41
CA ASP G 105 -30.80 16.19 49.26
C ASP G 105 -29.56 15.34 49.54
N PHE G 106 -28.39 15.83 49.15
CA PHE G 106 -27.13 15.08 49.36
C PHE G 106 -26.17 15.75 50.34
N ARG G 107 -26.71 16.66 51.17
CA ARG G 107 -25.93 17.41 52.13
C ARG G 107 -25.15 16.55 53.15
N LEU G 108 -25.79 15.50 53.70
CA LEU G 108 -25.04 14.63 54.63
C LEU G 108 -24.51 13.31 54.06
N PHE G 109 -24.01 13.38 52.84
CA PHE G 109 -23.30 12.31 52.21
C PHE G 109 -22.07 12.10 53.03
N PRO G 110 -21.61 10.82 53.18
CA PRO G 110 -22.09 9.54 52.66
C PRO G 110 -23.08 8.89 53.60
N PHE G 111 -23.78 9.71 54.36
CA PHE G 111 -24.81 9.17 55.21
C PHE G 111 -26.23 9.64 54.86
N ASP G 112 -26.54 9.78 53.56
CA ASP G 112 -27.85 10.26 53.09
C ASP G 112 -28.92 9.22 53.23
N ARG G 113 -30.17 9.70 53.35
CA ARG G 113 -31.36 8.89 53.18
C ARG G 113 -31.93 9.51 51.92
N GLN G 114 -32.33 8.73 50.93
CA GLN G 114 -32.98 9.33 49.78
C GLN G 114 -34.34 8.69 49.62
N GLN G 115 -35.22 9.27 48.81
CA GLN G 115 -36.38 8.47 48.45
C GLN G 115 -36.69 8.47 47.00
N PHE G 116 -36.78 7.26 46.49
CA PHE G 116 -37.00 6.99 45.10
C PHE G 116 -38.50 7.03 44.79
N VAL G 117 -38.92 7.94 43.90
CA VAL G 117 -40.34 8.17 43.60
C VAL G 117 -40.77 7.84 42.15
N LEU G 118 -41.94 7.27 41.97
CA LEU G 118 -42.56 7.12 40.66
C LEU G 118 -43.89 7.83 40.79
N GLU G 119 -44.27 8.64 39.81
CA GLU G 119 -45.60 9.32 39.73
C GLU G 119 -46.32 9.08 38.39
N LEU G 120 -47.41 8.34 38.40
CA LEU G 120 -48.14 8.01 37.22
C LEU G 120 -49.36 8.90 37.19
N GLU G 121 -49.83 9.25 36.01
CA GLU G 121 -51.03 10.07 35.81
C GLU G 121 -51.56 9.87 34.39
N PRO G 122 -52.87 9.66 34.25
CA PRO G 122 -53.37 9.51 32.88
C PRO G 122 -53.05 10.79 32.14
N PHE G 123 -52.60 10.68 30.91
CA PHE G 123 -52.14 11.84 30.17
C PHE G 123 -53.24 12.75 29.68
N SER G 124 -54.34 12.14 29.23
CA SER G 124 -55.34 12.90 28.49
C SER G 124 -56.76 12.96 29.09
N TYR G 125 -57.06 12.01 29.96
CA TYR G 125 -58.37 11.87 30.60
C TYR G 125 -58.33 12.26 32.09
N ASN G 126 -59.24 13.15 32.49
CA ASN G 126 -59.41 13.58 33.87
C ASN G 126 -60.09 12.60 34.87
N ASN G 127 -60.13 12.97 36.14
CA ASN G 127 -60.77 12.17 37.20
C ASN G 127 -62.19 11.75 36.89
N GLN G 128 -62.87 12.52 36.05
CA GLN G 128 -64.23 12.19 35.75
C GLN G 128 -64.30 11.25 34.58
N GLN G 129 -63.18 11.11 33.87
CA GLN G 129 -63.08 10.13 32.79
C GLN G 129 -62.34 8.84 33.19
N LEU G 130 -61.17 9.00 33.82
CA LEU G 130 -60.34 7.86 34.25
C LEU G 130 -59.81 8.11 35.65
N ARG G 131 -60.08 7.14 36.53
CA ARG G 131 -59.81 7.24 37.96
C ARG G 131 -58.98 6.04 38.42
N PHE G 132 -57.99 6.29 39.26
CA PHE G 132 -57.15 5.20 39.74
C PHE G 132 -57.78 4.49 40.93
N SER G 133 -58.40 3.34 40.70
CA SER G 133 -59.15 2.70 41.77
C SER G 133 -58.22 2.26 42.92
N ASP G 134 -57.14 1.58 42.63
CA ASP G 134 -56.20 1.17 43.68
C ASP G 134 -54.81 0.88 43.13
N ILE G 135 -53.78 0.84 43.99
CA ILE G 135 -52.45 0.45 43.53
C ILE G 135 -51.54 -0.30 44.50
N GLN G 136 -51.04 -1.44 44.04
CA GLN G 136 -50.04 -2.22 44.79
C GLN G 136 -48.68 -2.18 44.05
N VAL G 137 -47.60 -1.99 44.82
CA VAL G 137 -46.25 -1.95 44.30
C VAL G 137 -45.42 -3.01 44.95
N TYR G 138 -44.82 -3.89 44.15
CA TYR G 138 -44.08 -4.97 44.74
C TYR G 138 -42.58 -4.89 44.54
N THR G 139 -41.85 -4.53 45.58
CA THR G 139 -40.42 -4.56 45.50
C THR G 139 -40.03 -5.90 46.01
N GLU G 140 -40.13 -6.86 45.12
CA GLU G 140 -39.78 -8.24 45.35
C GLU G 140 -38.25 -8.38 45.49
N ASN G 141 -37.67 -7.41 46.19
CA ASN G 141 -36.26 -7.42 46.54
C ASN G 141 -36.12 -7.95 47.98
N ILE G 142 -34.87 -8.21 48.40
CA ILE G 142 -34.55 -8.73 49.73
C ILE G 142 -33.06 -9.00 49.70
N ASP G 143 -32.48 -9.34 50.86
CA ASP G 143 -31.12 -9.91 50.97
C ASP G 143 -29.94 -9.16 50.31
N ASN G 144 -28.73 -9.69 50.49
CA ASN G 144 -27.47 -9.27 49.84
C ASN G 144 -27.21 -7.77 49.73
N GLU G 145 -27.40 -7.06 50.83
CA GLU G 145 -27.35 -5.59 50.84
C GLU G 145 -25.96 -4.97 50.74
N GLU G 146 -24.94 -5.66 51.29
CA GLU G 146 -23.57 -5.14 51.37
C GLU G 146 -22.82 -5.08 50.05
N ILE G 147 -23.49 -5.57 49.01
CA ILE G 147 -22.98 -5.60 47.65
C ILE G 147 -23.56 -4.46 46.82
N ASP G 148 -24.78 -4.05 47.18
CA ASP G 148 -25.45 -3.00 46.45
C ASP G 148 -25.09 -1.67 47.06
N GLU G 149 -25.17 -0.63 46.23
CA GLU G 149 -24.87 0.74 46.66
C GLU G 149 -25.90 1.32 47.63
N TRP G 150 -27.18 1.02 47.39
CA TRP G 150 -28.27 1.54 48.22
C TRP G 150 -29.00 0.42 48.95
N TRP G 151 -29.40 0.69 50.19
CA TRP G 151 -30.16 -0.26 50.99
C TRP G 151 -31.61 0.24 51.10
N ILE G 152 -32.50 -0.50 50.44
CA ILE G 152 -33.93 -0.24 50.44
C ILE G 152 -34.49 -0.56 51.80
N ARG G 153 -35.23 0.41 52.35
CA ARG G 153 -35.83 0.34 53.69
C ARG G 153 -37.33 -0.04 53.71
N GLY G 154 -38.19 0.77 53.11
CA GLY G 154 -39.60 0.43 53.19
C GLY G 154 -39.98 -0.79 52.36
N LYS G 155 -41.29 -1.00 52.17
CA LYS G 155 -41.79 -2.02 51.27
C LYS G 155 -42.36 -1.35 50.04
N ALA G 156 -42.48 -0.02 50.18
CA ALA G 156 -42.96 0.92 49.17
C ALA G 156 -44.26 1.52 49.66
N SER G 157 -44.24 2.85 49.64
CA SER G 157 -45.26 3.77 50.09
C SER G 157 -46.29 4.14 49.00
N THR G 158 -47.49 4.57 49.38
CA THR G 158 -48.43 5.03 48.34
C THR G 158 -49.14 6.40 48.59
N HIS G 159 -49.54 6.98 47.49
CA HIS G 159 -50.41 8.12 47.53
C HIS G 159 -51.22 8.16 46.18
N ILE G 160 -52.49 7.73 46.25
CA ILE G 160 -53.50 8.10 45.27
C ILE G 160 -54.18 9.38 45.79
N SER G 161 -54.26 10.37 44.90
CA SER G 161 -54.82 11.66 45.18
C SER G 161 -55.36 12.16 43.87
N ASP G 162 -55.84 13.40 43.89
CA ASP G 162 -56.32 14.12 42.72
C ASP G 162 -55.54 15.44 42.54
N ILE G 163 -55.03 15.70 41.34
CA ILE G 163 -54.30 16.95 41.11
C ILE G 163 -55.25 17.91 40.41
N ARG G 164 -55.37 19.13 40.92
CA ARG G 164 -56.20 20.10 40.23
C ARG G 164 -55.29 21.06 39.46
N TYR G 165 -55.25 20.86 38.15
CA TYR G 165 -54.67 21.79 37.20
C TYR G 165 -55.54 23.03 36.97
N ASP G 166 -55.35 24.11 37.71
CA ASP G 166 -56.25 25.23 37.52
C ASP G 166 -55.75 26.28 36.52
N HIS G 167 -54.73 25.96 35.73
CA HIS G 167 -54.42 26.83 34.58
C HIS G 167 -55.18 26.38 33.34
N LEU G 168 -55.43 27.31 32.44
CA LEU G 168 -56.78 27.31 31.88
C LEU G 168 -57.55 25.98 31.63
N SER G 169 -57.88 25.39 32.79
CA SER G 169 -59.20 24.82 33.11
C SER G 169 -60.26 25.18 32.09
N SER G 170 -61.02 26.25 32.42
CA SER G 170 -61.82 27.06 31.48
C SER G 170 -62.31 26.35 30.22
N VAL G 171 -61.38 25.84 29.43
CA VAL G 171 -61.62 24.91 28.32
C VAL G 171 -62.69 23.85 28.64
N GLN G 172 -62.49 23.10 29.73
CA GLN G 172 -63.49 22.18 30.24
C GLN G 172 -63.74 22.52 31.74
N PRO G 173 -64.67 23.45 32.04
CA PRO G 173 -64.79 23.92 33.44
C PRO G 173 -65.32 22.83 34.38
N ASN G 174 -64.96 22.88 35.67
CA ASN G 174 -65.43 21.89 36.65
C ASN G 174 -64.85 20.50 36.43
N GLN G 175 -64.15 20.28 35.32
CA GLN G 175 -63.49 18.98 35.15
C GLN G 175 -62.01 19.05 34.63
N ASN G 176 -61.13 19.32 35.61
CA ASN G 176 -59.69 19.43 35.45
C ASN G 176 -58.94 18.96 36.73
N GLU G 177 -59.39 17.82 37.26
CA GLU G 177 -58.70 17.15 38.37
C GLU G 177 -58.26 15.81 37.80
N PHE G 178 -56.96 15.55 37.72
CA PHE G 178 -56.51 14.25 37.22
C PHE G 178 -56.10 13.39 38.36
N SER G 179 -56.37 12.07 38.33
CA SER G 179 -55.99 11.25 39.51
C SER G 179 -54.57 10.67 39.45
N ARG G 180 -53.81 10.92 40.54
CA ARG G 180 -52.39 10.58 40.56
C ARG G 180 -51.88 9.63 41.63
N ILE G 181 -51.25 8.56 41.14
CA ILE G 181 -50.56 7.60 41.95
C ILE G 181 -49.15 8.09 42.18
N THR G 182 -48.66 8.00 43.42
CA THR G 182 -47.31 8.34 43.82
C THR G 182 -46.73 7.15 44.55
N VAL G 183 -45.72 6.50 43.99
CA VAL G 183 -45.12 5.36 44.65
C VAL G 183 -43.87 5.89 45.31
N ARG G 184 -43.62 5.49 46.55
CA ARG G 184 -42.37 5.83 47.22
C ARG G 184 -41.59 4.66 47.82
N ILE G 185 -40.31 4.59 47.48
CA ILE G 185 -39.38 3.59 47.95
C ILE G 185 -38.28 4.32 48.74
N ASP G 186 -38.15 4.04 50.03
CA ASP G 186 -37.11 4.70 50.88
C ASP G 186 -35.77 4.02 50.82
N ALA G 187 -34.69 4.78 50.97
CA ALA G 187 -33.39 4.16 50.89
C ALA G 187 -32.29 4.82 51.70
N VAL G 188 -31.29 4.00 52.05
CA VAL G 188 -30.15 4.45 52.81
C VAL G 188 -28.85 4.22 52.03
N ARG G 189 -27.91 5.16 52.11
CA ARG G 189 -26.67 5.00 51.37
C ARG G 189 -25.79 3.96 52.03
N ASN G 190 -25.15 3.09 51.24
CA ASN G 190 -24.17 2.16 51.80
C ASN G 190 -22.91 2.96 52.13
N PRO G 191 -22.72 3.31 53.42
CA PRO G 191 -21.76 4.33 53.84
C PRO G 191 -20.34 3.83 53.99
N SER G 192 -20.14 2.53 53.85
CA SER G 192 -18.86 1.90 54.12
C SER G 192 -17.68 2.39 53.30
N TYR G 193 -17.83 2.38 51.99
CA TYR G 193 -16.69 2.65 51.13
C TYR G 193 -16.11 4.00 51.49
N TYR G 194 -17.00 4.94 51.71
CA TYR G 194 -16.60 6.31 52.00
C TYR G 194 -15.97 6.47 53.39
N LEU G 195 -16.36 5.63 54.33
CA LEU G 195 -15.79 5.71 55.67
C LEU G 195 -14.37 5.34 55.65
N TRP G 196 -14.15 4.12 55.18
CA TRP G 196 -12.83 3.52 55.22
C TRP G 196 -11.85 4.11 54.21
N SER G 197 -12.32 4.43 53.03
CA SER G 197 -11.43 4.91 52.00
C SER G 197 -11.44 6.42 51.86
N PHE G 198 -12.37 7.11 52.51
CA PHE G 198 -12.34 8.57 52.52
C PHE G 198 -12.29 9.16 53.92
N ILE G 199 -13.23 8.80 54.79
CA ILE G 199 -13.28 9.49 56.08
C ILE G 199 -12.00 9.20 56.88
N LEU G 200 -11.72 7.90 57.05
CA LEU G 200 -10.57 7.38 57.82
C LEU G 200 -9.22 7.99 57.42
N PRO G 201 -8.79 7.81 56.18
CA PRO G 201 -7.50 8.44 55.92
C PRO G 201 -7.48 9.96 56.09
N LEU G 202 -8.57 10.65 55.76
CA LEU G 202 -8.65 12.09 55.92
C LEU G 202 -8.48 12.45 57.35
N GLY G 203 -9.00 11.62 58.23
CA GLY G 203 -8.70 11.80 59.63
C GLY G 203 -7.23 11.64 60.00
N LEU G 204 -6.60 10.59 59.47
CA LEU G 204 -5.20 10.36 59.72
C LEU G 204 -4.32 11.48 59.18
N ILE G 205 -4.63 12.01 58.00
CA ILE G 205 -3.91 13.18 57.54
C ILE G 205 -4.11 14.27 58.62
N ILE G 206 -5.37 14.57 58.98
CA ILE G 206 -5.68 15.57 59.99
C ILE G 206 -4.97 15.32 61.33
N ALA G 207 -5.03 14.07 61.78
CA ALA G 207 -4.42 13.70 63.05
C ALA G 207 -2.94 13.95 62.94
N ALA G 208 -2.35 13.39 61.89
CA ALA G 208 -0.92 13.49 61.70
C ALA G 208 -0.48 14.91 61.48
N SER G 209 -1.35 15.75 60.95
CA SER G 209 -1.06 17.16 60.78
C SER G 209 -0.66 17.84 62.06
N TRP G 210 -1.28 17.46 63.17
CA TRP G 210 -1.05 18.14 64.46
C TRP G 210 0.34 17.90 65.00
N SER G 211 1.01 16.95 64.39
CA SER G 211 2.34 16.56 64.81
C SER G 211 3.36 17.61 64.45
N VAL G 212 2.93 18.72 63.88
CA VAL G 212 3.89 19.75 63.55
C VAL G 212 4.45 20.36 64.84
N PHE G 213 3.71 20.22 65.94
CA PHE G 213 4.15 20.84 67.17
C PHE G 213 5.22 20.04 67.94
N TRP G 214 5.33 18.75 67.66
CA TRP G 214 6.38 17.93 68.26
C TRP G 214 7.74 18.13 67.56
N LEU G 215 7.78 19.06 66.60
CA LEU G 215 9.01 19.46 65.93
C LEU G 215 9.79 20.50 66.73
N GLU G 216 11.12 20.36 66.78
CA GLU G 216 11.95 21.20 67.65
C GLU G 216 12.22 22.60 67.11
N SER G 217 12.80 22.66 65.92
CA SER G 217 13.20 23.92 65.28
C SER G 217 12.00 24.78 64.88
N PHE G 218 12.22 26.07 64.67
CA PHE G 218 11.17 26.91 64.13
C PHE G 218 10.92 26.63 62.64
N SER G 219 11.99 26.52 61.85
CA SER G 219 11.83 26.24 60.42
C SER G 219 11.19 24.90 60.19
N GLU G 220 11.58 23.90 60.97
CA GLU G 220 10.98 22.58 60.81
C GLU G 220 9.48 22.72 61.04
N ARG G 221 9.11 23.44 62.09
CA ARG G 221 7.69 23.64 62.37
C ARG G 221 6.97 24.33 61.20
N LEU G 222 7.57 25.37 60.64
CA LEU G 222 6.90 26.16 59.62
C LEU G 222 6.92 25.48 58.28
N GLN G 223 8.08 24.99 57.90
CA GLN G 223 8.21 24.31 56.62
C GLN G 223 7.38 23.02 56.52
N THR G 224 7.27 22.29 57.62
CA THR G 224 6.55 21.02 57.58
C THR G 224 5.06 21.19 57.30
N SER G 225 4.50 22.32 57.67
CA SER G 225 3.09 22.50 57.38
C SER G 225 2.83 22.75 55.90
N PHE G 226 3.85 23.17 55.16
CA PHE G 226 3.64 23.41 53.74
C PHE G 226 3.53 22.11 52.98
N THR G 227 4.28 21.12 53.43
CA THR G 227 4.13 19.75 52.95
C THR G 227 2.77 19.26 53.42
N LEU G 228 2.41 19.62 54.64
CA LEU G 228 1.16 19.19 55.24
C LEU G 228 -0.05 19.85 54.53
N MET G 229 0.10 21.13 54.19
CA MET G 229 -0.87 21.87 53.41
C MET G 229 -0.98 21.25 52.02
N LEU G 230 0.18 20.93 51.45
CA LEU G 230 0.27 20.34 50.13
C LEU G 230 -0.45 18.98 50.15
N THR G 231 -0.45 18.32 51.30
CA THR G 231 -1.14 17.04 51.44
C THR G 231 -2.66 17.14 51.45
N VAL G 232 -3.20 18.14 52.13
CA VAL G 232 -4.66 18.32 52.13
C VAL G 232 -5.17 18.69 50.73
N VAL G 233 -4.40 19.52 50.02
CA VAL G 233 -4.65 19.89 48.63
C VAL G 233 -4.56 18.67 47.72
N ALA G 234 -3.55 17.83 47.97
CA ALA G 234 -3.40 16.55 47.28
C ALA G 234 -4.63 15.69 47.53
N TYR G 235 -5.08 15.75 48.78
CA TYR G 235 -6.21 14.93 49.19
C TYR G 235 -7.56 15.40 48.67
N ALA G 236 -7.78 16.71 48.76
CA ALA G 236 -9.02 17.32 48.28
C ALA G 236 -9.30 16.97 46.82
N PHE G 237 -8.23 16.92 46.04
CA PHE G 237 -8.28 16.60 44.63
C PHE G 237 -8.83 15.22 44.47
N TYR G 238 -8.17 14.27 45.13
CA TYR G 238 -8.56 12.86 45.13
C TYR G 238 -10.01 12.67 45.60
N THR G 239 -10.38 13.42 46.64
CA THR G 239 -11.75 13.49 47.15
C THR G 239 -12.73 13.89 46.06
N SER G 240 -12.45 15.06 45.47
CA SER G 240 -13.31 15.72 44.48
C SER G 240 -13.51 14.97 43.15
N ASN G 241 -12.44 14.32 42.73
CA ASN G 241 -12.43 13.49 41.54
C ASN G 241 -13.22 12.21 41.67
N ILE G 242 -13.30 11.66 42.87
CA ILE G 242 -14.00 10.39 43.09
C ILE G 242 -15.42 10.56 43.62
N LEU G 243 -15.58 11.44 44.61
CA LEU G 243 -16.90 11.76 45.16
C LEU G 243 -17.83 12.46 44.15
N PRO G 244 -19.16 12.27 44.30
CA PRO G 244 -20.17 12.78 43.37
C PRO G 244 -20.26 14.29 43.36
N ARG G 245 -20.47 14.88 42.19
CA ARG G 245 -20.58 16.34 42.03
C ARG G 245 -21.91 16.92 42.56
N LEU G 246 -21.80 17.97 43.35
CA LEU G 246 -22.98 18.58 43.95
C LEU G 246 -22.83 20.09 43.92
N PRO G 247 -23.92 20.83 44.19
CA PRO G 247 -23.86 22.29 44.35
C PRO G 247 -23.72 22.72 45.81
N TYR G 248 -23.33 21.79 46.67
CA TYR G 248 -23.15 22.12 48.08
C TYR G 248 -22.09 21.29 48.80
N THR G 249 -21.69 21.73 49.98
CA THR G 249 -20.67 20.99 50.69
C THR G 249 -21.24 19.82 51.49
N THR G 250 -20.58 18.68 51.42
CA THR G 250 -20.98 17.59 52.27
C THR G 250 -20.08 17.59 53.53
N VAL G 251 -20.29 16.58 54.39
CA VAL G 251 -19.51 16.34 55.58
C VAL G 251 -18.02 16.14 55.27
N ILE G 252 -17.75 15.34 54.25
CA ILE G 252 -16.39 15.13 53.76
C ILE G 252 -15.78 16.43 53.26
N ASP G 253 -16.59 17.19 52.51
CA ASP G 253 -16.17 18.44 51.90
C ASP G 253 -15.83 19.39 53.01
N GLN G 254 -16.59 19.30 54.09
CA GLN G 254 -16.34 20.06 55.31
C GLN G 254 -15.08 19.63 56.09
N MET G 255 -14.88 18.32 56.23
CA MET G 255 -13.67 17.78 56.81
C MET G 255 -12.45 18.33 56.07
N ILE G 256 -12.56 18.38 54.76
CA ILE G 256 -11.52 18.95 53.94
C ILE G 256 -11.30 20.43 54.32
N ILE G 257 -12.36 21.22 54.45
CA ILE G 257 -12.15 22.59 54.89
C ILE G 257 -11.53 22.61 56.28
N ALA G 258 -11.96 21.72 57.16
CA ALA G 258 -11.42 21.65 58.52
C ALA G 258 -9.93 21.37 58.51
N GLY G 259 -9.50 20.56 57.56
CA GLY G 259 -8.09 20.30 57.41
C GLY G 259 -7.29 21.50 57.01
N TYR G 260 -7.71 22.17 55.95
CA TYR G 260 -7.03 23.36 55.49
C TYR G 260 -6.97 24.30 56.66
N GLY G 261 -8.02 24.27 57.47
CA GLY G 261 -8.15 25.12 58.63
C GLY G 261 -7.16 24.84 59.74
N SER G 262 -7.06 23.59 60.16
CA SER G 262 -6.11 23.21 61.21
C SER G 262 -4.71 23.66 60.88
N ILE G 263 -4.35 23.42 59.62
CA ILE G 263 -3.05 23.73 59.10
C ILE G 263 -2.77 25.23 59.00
N PHE G 264 -3.73 25.99 58.47
CA PHE G 264 -3.54 27.44 58.41
C PHE G 264 -3.51 28.04 59.79
N ALA G 265 -4.25 27.45 60.73
CA ALA G 265 -4.21 27.98 62.09
C ALA G 265 -2.80 27.82 62.64
N ALA G 266 -2.23 26.63 62.42
CA ALA G 266 -0.90 26.25 62.90
C ALA G 266 0.18 27.22 62.45
N ILE G 267 0.11 27.57 61.17
CA ILE G 267 1.05 28.48 60.53
C ILE G 267 1.06 29.77 61.30
N LEU G 268 -0.13 30.25 61.64
CA LEU G 268 -0.22 31.45 62.43
C LEU G 268 0.34 31.20 63.84
N LEU G 269 -0.10 30.14 64.51
CA LEU G 269 0.40 29.83 65.84
C LEU G 269 1.91 29.63 65.84
N ILE G 270 2.39 28.88 64.85
CA ILE G 270 3.81 28.67 64.72
C ILE G 270 4.55 30.00 64.49
N ILE G 271 4.06 30.82 63.56
CA ILE G 271 4.63 32.15 63.35
C ILE G 271 4.44 32.98 64.62
N PHE G 272 3.29 32.84 65.28
CA PHE G 272 3.03 33.62 66.48
C PHE G 272 4.01 33.31 67.64
N ALA G 273 4.20 32.02 67.90
CA ALA G 273 5.17 31.54 68.89
C ALA G 273 6.54 32.20 68.74
N HIS G 274 7.01 32.26 67.50
CA HIS G 274 8.35 32.73 67.19
C HIS G 274 8.51 34.23 67.50
N HIS G 275 7.58 35.06 67.03
CA HIS G 275 7.75 36.51 67.10
C HIS G 275 7.11 37.32 68.22
N ARG G 276 6.23 36.72 69.04
CA ARG G 276 5.69 37.48 70.19
C ARG G 276 6.52 37.35 71.45
N GLN G 277 7.39 38.34 71.67
CA GLN G 277 8.42 38.20 72.67
C GLN G 277 8.83 39.44 73.43
N ALA G 278 9.62 39.22 74.46
CA ALA G 278 10.21 40.31 75.21
C ALA G 278 11.70 40.03 75.28
N ASN G 279 12.27 39.53 74.19
CA ASN G 279 13.70 39.27 74.21
C ASN G 279 14.35 39.17 72.83
N GLY G 280 13.80 38.30 72.01
CA GLY G 280 14.28 38.11 70.65
C GLY G 280 14.08 36.66 70.26
N VAL G 281 14.53 35.78 71.17
CA VAL G 281 14.51 34.34 70.97
C VAL G 281 13.50 33.65 71.88
N GLU G 282 12.51 34.39 72.38
CA GLU G 282 11.52 33.75 73.25
C GLU G 282 10.59 32.94 72.40
N ASP G 283 10.99 31.74 72.01
CA ASP G 283 10.00 30.92 71.33
C ASP G 283 9.17 30.35 72.45
N ASP G 284 7.88 30.74 72.54
CA ASP G 284 7.06 30.32 73.67
C ASP G 284 7.10 28.85 73.89
N LEU G 285 7.99 28.47 74.81
CA LEU G 285 8.25 27.10 75.20
C LEU G 285 6.90 26.43 75.47
N LEU G 286 5.96 27.26 75.93
CA LEU G 286 4.62 26.84 76.26
C LEU G 286 3.65 26.84 75.09
N ILE G 287 3.64 27.89 74.26
CA ILE G 287 2.65 27.91 73.18
C ILE G 287 3.03 26.91 72.10
N GLN G 288 4.34 26.68 71.93
CA GLN G 288 4.84 25.68 70.97
C GLN G 288 4.41 24.32 71.53
N ARG G 289 4.13 24.30 72.84
CA ARG G 289 3.65 23.13 73.56
C ARG G 289 2.12 23.16 73.71
N CYS G 290 1.45 23.78 72.72
CA CYS G 290 0.01 23.60 72.44
C CYS G 290 -0.17 22.34 71.57
N ARG G 291 0.66 21.34 71.86
CA ARG G 291 0.67 20.06 71.18
C ARG G 291 -0.61 19.24 71.45
N LEU G 292 -1.35 19.64 72.47
CA LEU G 292 -2.61 19.00 72.85
C LEU G 292 -3.72 20.02 72.82
N ALA G 293 -3.32 21.29 72.83
CA ALA G 293 -4.29 22.37 72.87
C ALA G 293 -5.19 22.23 71.67
N PHE G 294 -4.67 22.41 70.46
CA PHE G 294 -5.60 22.33 69.33
C PHE G 294 -5.93 20.97 68.64
N PRO G 295 -5.25 19.86 69.02
CA PRO G 295 -5.89 18.58 68.71
C PRO G 295 -7.24 18.42 69.41
N LEU G 296 -7.37 18.91 70.64
CA LEU G 296 -8.68 18.88 71.30
C LEU G 296 -9.55 20.11 70.98
N GLY G 297 -8.92 21.22 70.58
CA GLY G 297 -9.64 22.41 70.18
C GLY G 297 -10.32 22.20 68.85
N PHE G 298 -9.79 21.21 68.12
CA PHE G 298 -10.32 20.79 66.81
C PHE G 298 -11.53 19.88 67.03
N LEU G 299 -11.47 19.07 68.08
CA LEU G 299 -12.56 18.17 68.40
C LEU G 299 -13.71 18.96 69.00
N ALA G 300 -13.41 20.15 69.49
CA ALA G 300 -14.41 21.08 70.02
C ALA G 300 -15.16 21.80 68.89
N ILE G 301 -14.43 22.19 67.86
CA ILE G 301 -15.02 22.74 66.64
C ILE G 301 -15.76 21.62 65.89
N GLY G 302 -15.24 20.40 66.02
CA GLY G 302 -15.79 19.20 65.41
C GLY G 302 -17.09 18.64 65.94
N CYS G 303 -17.27 18.63 67.26
CA CYS G 303 -18.49 18.10 67.86
C CYS G 303 -19.66 19.08 67.75
N VAL G 304 -19.33 20.32 67.41
CA VAL G 304 -20.31 21.36 67.15
C VAL G 304 -21.02 21.08 65.80
N LEU G 305 -20.36 20.40 64.88
CA LEU G 305 -21.03 20.01 63.63
C LEU G 305 -22.21 19.05 63.85
N VAL G 306 -22.21 18.33 64.97
CA VAL G 306 -23.33 17.44 65.31
C VAL G 306 -24.57 18.23 65.79
N ILE G 307 -24.36 19.40 66.39
CA ILE G 307 -25.46 20.21 66.91
C ILE G 307 -26.04 21.09 65.80
N PRO H 1 -50.38 -27.13 24.59
CA PRO H 1 -49.22 -26.50 25.24
C PRO H 1 -47.94 -26.55 24.39
N VAL H 2 -47.60 -25.45 23.70
CA VAL H 2 -46.53 -25.37 22.68
C VAL H 2 -45.06 -25.55 23.12
N ASP H 3 -44.42 -26.53 22.49
CA ASP H 3 -43.00 -26.78 22.70
C ASP H 3 -42.15 -25.84 21.90
N VAL H 4 -41.34 -25.05 22.61
CA VAL H 4 -40.35 -24.17 22.00
C VAL H 4 -38.94 -24.53 22.40
N SER H 5 -38.14 -24.86 21.38
CA SER H 5 -36.72 -25.14 21.57
C SER H 5 -35.89 -23.87 21.32
N VAL H 6 -34.99 -23.60 22.24
CA VAL H 6 -34.16 -22.40 22.20
C VAL H 6 -32.70 -22.81 22.06
N SER H 7 -31.96 -22.02 21.30
CA SER H 7 -30.51 -22.12 21.17
C SER H 7 -29.91 -20.71 21.25
N ILE H 8 -28.95 -20.50 22.14
CA ILE H 8 -28.25 -19.21 22.22
C ILE H 8 -26.82 -19.33 21.73
N PHE H 9 -26.40 -18.48 20.82
CA PHE H 9 -25.00 -18.51 20.42
C PHE H 9 -24.30 -17.26 20.91
N ILE H 10 -23.41 -17.37 21.89
CA ILE H 10 -22.75 -16.18 22.46
C ILE H 10 -21.50 -15.79 21.67
N ASN H 11 -21.48 -14.55 21.20
CA ASN H 11 -20.36 -14.00 20.46
C ASN H 11 -19.35 -13.26 21.28
N LYS H 12 -19.79 -12.36 22.12
CA LYS H 12 -18.83 -11.52 22.80
C LYS H 12 -19.48 -11.14 24.11
N ILE H 13 -18.77 -11.31 25.21
CA ILE H 13 -19.23 -10.80 26.50
C ILE H 13 -18.27 -9.70 26.84
N TYR H 14 -18.76 -8.49 26.88
CA TYR H 14 -17.86 -7.38 27.12
C TYR H 14 -18.51 -6.29 27.94
N GLY H 15 -17.78 -5.23 28.22
CA GLY H 15 -18.35 -4.10 28.92
C GLY H 15 -18.98 -4.35 30.29
N VAL H 16 -18.23 -4.84 31.24
CA VAL H 16 -18.81 -4.97 32.55
C VAL H 16 -18.91 -3.64 33.28
N ASN H 17 -20.11 -3.25 33.72
CA ASN H 17 -20.27 -2.08 34.59
C ASN H 17 -20.36 -2.47 36.07
N THR H 18 -19.30 -2.13 36.81
CA THR H 18 -19.18 -2.47 38.21
C THR H 18 -20.23 -1.87 39.12
N LEU H 19 -20.46 -0.57 38.98
CA LEU H 19 -21.43 0.11 39.82
C LEU H 19 -22.86 -0.33 39.50
N GLU H 20 -23.16 -0.49 38.22
CA GLU H 20 -24.48 -0.92 37.83
C GLU H 20 -24.72 -2.44 37.93
N GLN H 21 -23.65 -3.23 38.07
CA GLN H 21 -23.77 -4.70 38.01
C GLN H 21 -24.35 -5.13 36.66
N THR H 22 -23.57 -4.84 35.62
CA THR H 22 -24.03 -4.97 34.25
C THR H 22 -22.90 -5.47 33.35
N TYR H 23 -23.25 -6.21 32.30
CA TYR H 23 -22.26 -6.67 31.34
C TYR H 23 -22.96 -6.77 29.97
N LYS H 24 -22.23 -6.65 28.88
CA LYS H 24 -22.86 -6.72 27.55
C LYS H 24 -22.76 -8.07 26.88
N VAL H 25 -23.86 -8.60 26.34
CA VAL H 25 -23.76 -9.85 25.59
C VAL H 25 -24.26 -9.73 24.16
N ASP H 26 -23.39 -10.03 23.18
CA ASP H 26 -23.76 -10.07 21.77
C ASP H 26 -23.87 -11.52 21.29
N GLY H 27 -24.94 -11.86 20.59
CA GLY H 27 -25.13 -13.23 20.11
C GLY H 27 -26.40 -13.44 19.31
N TYR H 28 -26.80 -14.69 19.11
CA TYR H 28 -28.03 -14.97 18.36
C TYR H 28 -28.97 -15.84 19.18
N ILE H 29 -30.29 -15.64 19.01
CA ILE H 29 -31.27 -16.59 19.52
C ILE H 29 -31.87 -17.29 18.34
N VAL H 30 -32.01 -18.60 18.47
CA VAL H 30 -32.82 -19.38 17.58
C VAL H 30 -33.88 -20.04 18.42
N ALA H 31 -35.14 -19.82 18.04
CA ALA H 31 -36.30 -20.46 18.66
C ALA H 31 -37.01 -21.24 17.58
N GLN H 32 -37.38 -22.46 17.89
CA GLN H 32 -38.05 -23.31 16.92
C GLN H 32 -39.31 -23.89 17.58
N TRP H 33 -40.41 -23.91 16.85
CA TRP H 33 -41.61 -24.60 17.34
C TRP H 33 -42.35 -25.11 16.11
N THR H 34 -43.35 -25.96 16.29
CA THR H 34 -44.10 -26.43 15.13
C THR H 34 -45.55 -25.94 15.11
N GLY H 35 -45.92 -25.30 14.01
CA GLY H 35 -47.27 -24.81 13.79
C GLY H 35 -48.04 -25.77 12.91
N LYS H 36 -49.14 -25.33 12.33
CA LYS H 36 -49.85 -26.17 11.38
C LYS H 36 -49.09 -26.16 10.06
N PRO H 37 -49.00 -27.34 9.41
CA PRO H 37 -48.29 -27.46 8.13
C PRO H 37 -48.74 -26.42 7.15
N ARG H 38 -47.80 -25.91 6.36
CA ARG H 38 -48.01 -24.81 5.43
C ARG H 38 -47.77 -25.35 4.06
N LYS H 39 -48.25 -24.63 3.06
CA LYS H 39 -47.94 -24.99 1.68
C LYS H 39 -46.96 -23.92 1.24
N THR H 40 -45.68 -24.24 1.20
CA THR H 40 -44.65 -23.24 0.94
C THR H 40 -44.24 -23.19 -0.53
N PRO H 41 -43.64 -22.08 -0.99
CA PRO H 41 -43.13 -22.00 -2.36
C PRO H 41 -42.22 -23.19 -2.70
N GLY H 42 -42.52 -23.88 -3.79
CA GLY H 42 -41.81 -25.09 -4.13
C GLY H 42 -42.34 -26.13 -3.17
N ASP H 43 -41.52 -26.43 -2.16
CA ASP H 43 -41.97 -27.22 -1.02
C ASP H 43 -40.84 -27.22 -0.02
N LYS H 44 -39.72 -26.63 -0.39
CA LYS H 44 -38.64 -26.38 0.56
C LYS H 44 -39.03 -25.17 1.44
N PRO H 45 -38.50 -25.09 2.68
CA PRO H 45 -38.83 -24.04 3.67
C PRO H 45 -38.69 -22.59 3.19
N LEU H 46 -39.63 -21.74 3.61
CA LEU H 46 -39.74 -20.32 3.25
C LEU H 46 -38.94 -19.38 4.15
N ILE H 47 -38.17 -18.44 3.58
CA ILE H 47 -37.43 -17.46 4.42
C ILE H 47 -38.12 -16.09 4.49
N VAL H 48 -38.23 -15.53 5.70
CA VAL H 48 -38.84 -14.21 5.86
C VAL H 48 -37.97 -13.26 6.68
N GLU H 49 -37.47 -12.21 6.05
CA GLU H 49 -36.52 -11.39 6.79
C GLU H 49 -37.12 -10.17 7.43
N ASN H 50 -36.37 -9.59 8.36
CA ASN H 50 -36.73 -8.44 9.20
C ASN H 50 -38.15 -7.84 9.06
N THR H 51 -38.22 -6.69 8.39
CA THR H 51 -39.47 -5.97 8.17
C THR H 51 -40.64 -6.85 7.80
N GLN H 52 -40.45 -7.76 6.87
CA GLN H 52 -41.51 -8.64 6.39
C GLN H 52 -42.08 -9.56 7.45
N ILE H 53 -41.43 -9.62 8.62
CA ILE H 53 -41.96 -10.44 9.70
C ILE H 53 -43.24 -9.84 10.29
N GLU H 54 -43.25 -8.55 10.62
CA GLU H 54 -44.48 -7.95 11.14
C GLU H 54 -45.63 -8.16 10.17
N ARG H 55 -45.35 -8.00 8.89
CA ARG H 55 -46.37 -8.17 7.87
C ARG H 55 -46.99 -9.57 7.96
N TRP H 56 -46.16 -10.57 8.27
CA TRP H 56 -46.64 -11.93 8.46
C TRP H 56 -47.43 -12.11 9.74
N ILE H 57 -47.04 -11.41 10.80
CA ILE H 57 -47.79 -11.50 12.04
C ILE H 57 -49.18 -10.91 11.86
N ASN H 58 -49.29 -9.74 11.19
CA ASN H 58 -50.57 -9.06 10.93
C ASN H 58 -51.58 -9.94 10.28
N ASN H 59 -51.11 -10.89 9.50
CA ASN H 59 -51.99 -11.87 8.90
C ASN H 59 -52.14 -13.10 9.76
N GLY H 60 -51.69 -13.03 11.00
CA GLY H 60 -52.01 -14.09 11.94
C GLY H 60 -50.91 -15.07 12.26
N LEU H 61 -49.67 -14.77 11.89
CA LEU H 61 -48.59 -15.66 12.27
C LEU H 61 -48.36 -15.48 13.75
N TRP H 62 -48.41 -16.56 14.50
CA TRP H 62 -48.12 -16.45 15.91
C TRP H 62 -46.63 -16.54 16.09
N VAL H 63 -46.05 -15.43 16.51
CA VAL H 63 -44.64 -15.37 16.86
C VAL H 63 -44.57 -14.82 18.29
N PRO H 64 -44.41 -15.71 19.25
CA PRO H 64 -44.53 -15.28 20.65
C PRO H 64 -43.33 -14.47 21.13
N ALA H 65 -43.54 -13.37 21.82
CA ALA H 65 -42.40 -12.56 22.31
C ALA H 65 -41.69 -13.25 23.46
N LEU H 66 -40.38 -13.51 23.35
CA LEU H 66 -39.62 -14.11 24.44
C LEU H 66 -38.82 -13.01 25.12
N GLU H 67 -39.11 -12.71 26.38
CA GLU H 67 -38.44 -11.59 27.07
C GLU H 67 -37.12 -11.98 27.71
N PHE H 68 -36.12 -11.14 27.57
CA PHE H 68 -34.91 -11.36 28.34
C PHE H 68 -35.16 -10.80 29.73
N ILE H 69 -35.51 -11.66 30.68
CA ILE H 69 -35.94 -11.22 32.01
C ILE H 69 -34.94 -10.27 32.66
N ASN H 70 -33.66 -10.57 32.52
CA ASN H 70 -32.64 -9.76 33.18
C ASN H 70 -31.94 -8.79 32.32
N VAL H 71 -32.53 -8.43 31.20
CA VAL H 71 -31.93 -7.41 30.35
C VAL H 71 -32.20 -5.96 30.83
N VAL H 72 -31.15 -5.15 30.88
CA VAL H 72 -31.30 -3.73 31.21
C VAL H 72 -31.41 -2.75 30.02
N GLY H 73 -32.60 -2.19 29.87
CA GLY H 73 -32.94 -1.43 28.69
C GLY H 73 -33.53 -2.47 27.77
N SER H 74 -33.62 -2.20 26.48
CA SER H 74 -34.13 -3.22 25.58
C SER H 74 -33.13 -3.45 24.48
N PRO H 75 -32.84 -4.73 24.19
CA PRO H 75 -31.65 -5.11 23.47
C PRO H 75 -31.61 -4.45 22.15
N ASP H 76 -30.41 -4.16 21.66
CA ASP H 76 -30.23 -3.75 20.28
C ASP H 76 -30.45 -5.02 19.50
N THR H 77 -31.56 -5.10 18.80
CA THR H 77 -31.79 -6.23 17.95
C THR H 77 -31.31 -5.93 16.55
N GLY H 78 -30.53 -6.87 16.01
CA GLY H 78 -30.08 -6.85 14.63
C GLY H 78 -31.05 -7.52 13.68
N ASN H 79 -30.57 -8.39 12.82
CA ASN H 79 -31.46 -8.94 11.80
C ASN H 79 -32.39 -9.98 12.37
N LYS H 80 -33.56 -10.10 11.78
CA LYS H 80 -34.49 -11.09 12.24
C LYS H 80 -34.80 -11.94 11.03
N ARG H 81 -35.16 -13.19 11.26
CA ARG H 81 -35.32 -14.14 10.19
C ARG H 81 -36.41 -15.12 10.58
N LEU H 82 -37.38 -15.33 9.72
CA LEU H 82 -38.33 -16.38 10.00
C LEU H 82 -38.14 -17.44 8.95
N MET H 83 -38.04 -18.67 9.40
CA MET H 83 -37.93 -19.80 8.50
C MET H 83 -39.17 -20.70 8.62
N LEU H 84 -40.05 -20.64 7.62
CA LEU H 84 -41.36 -21.33 7.68
C LEU H 84 -41.34 -22.62 6.90
N PHE H 85 -41.48 -23.72 7.63
CA PHE H 85 -41.41 -25.05 7.01
C PHE H 85 -42.79 -25.57 6.65
N PRO H 86 -42.86 -26.37 5.58
CA PRO H 86 -44.11 -26.97 5.11
C PRO H 86 -44.63 -28.09 6.03
N ASP H 87 -43.74 -28.78 6.74
CA ASP H 87 -44.15 -29.81 7.71
C ASP H 87 -44.71 -29.15 8.97
N GLY H 88 -44.65 -27.81 8.99
CA GLY H 88 -45.31 -27.01 10.00
C GLY H 88 -44.43 -26.08 10.79
N ARG H 89 -43.27 -26.59 11.14
CA ARG H 89 -42.38 -25.90 12.04
C ARG H 89 -41.91 -24.53 11.63
N VAL H 90 -41.66 -23.73 12.64
CA VAL H 90 -41.32 -22.34 12.46
C VAL H 90 -40.04 -22.11 13.24
N ILE H 91 -39.06 -21.49 12.61
CA ILE H 91 -37.81 -21.20 13.29
C ILE H 91 -37.63 -19.70 13.28
N TYR H 92 -37.44 -19.14 14.47
CA TYR H 92 -37.13 -17.73 14.60
C TYR H 92 -35.67 -17.50 15.01
N ASN H 93 -34.97 -16.71 14.21
CA ASN H 93 -33.57 -16.42 14.46
C ASN H 93 -33.38 -14.92 14.44
N ALA H 94 -32.66 -14.39 15.41
CA ALA H 94 -32.30 -12.98 15.37
C ALA H 94 -31.05 -12.67 16.20
N ARG H 95 -30.28 -11.70 15.73
CA ARG H 95 -29.13 -11.25 16.47
C ARG H 95 -29.48 -10.11 17.39
N PHE H 96 -28.80 -10.08 18.55
CA PHE H 96 -29.02 -9.13 19.62
C PHE H 96 -27.76 -8.67 20.29
N LEU H 97 -27.78 -7.45 20.79
CA LEU H 97 -26.78 -7.00 21.73
C LEU H 97 -27.54 -6.41 22.93
N GLY H 98 -27.31 -6.89 24.13
CA GLY H 98 -28.07 -6.39 25.27
C GLY H 98 -27.17 -6.13 26.44
N SER H 99 -27.59 -5.26 27.35
CA SER H 99 -26.88 -5.16 28.61
C SER H 99 -27.61 -5.95 29.65
N PHE H 100 -26.94 -6.94 30.21
CA PHE H 100 -27.61 -7.78 31.16
C PHE H 100 -27.15 -7.53 32.62
N SER H 101 -28.11 -7.75 33.50
CA SER H 101 -27.95 -7.46 34.89
C SER H 101 -27.89 -8.79 35.57
N ASN H 102 -26.98 -8.87 36.54
CA ASN H 102 -26.82 -10.01 37.40
C ASN H 102 -26.08 -9.49 38.63
N ASP H 103 -26.31 -10.15 39.77
CA ASP H 103 -25.62 -9.80 41.03
C ASP H 103 -24.15 -9.94 40.82
N MET H 104 -23.39 -8.90 41.16
CA MET H 104 -21.95 -8.97 41.05
C MET H 104 -21.21 -8.46 42.28
N ASP H 105 -20.41 -9.36 42.85
CA ASP H 105 -19.61 -9.05 44.02
C ASP H 105 -18.22 -8.70 43.53
N PHE H 106 -17.72 -7.52 43.84
CA PHE H 106 -16.39 -7.19 43.36
C PHE H 106 -15.44 -7.01 44.54
N ARG H 107 -15.86 -7.47 45.73
CA ARG H 107 -15.09 -7.30 46.96
C ARG H 107 -13.60 -7.84 46.90
N LEU H 108 -13.37 -9.00 46.26
CA LEU H 108 -12.00 -9.53 46.20
C LEU H 108 -11.29 -9.24 44.89
N PHE H 109 -11.57 -8.07 44.33
CA PHE H 109 -10.87 -7.52 43.17
C PHE H 109 -9.44 -7.24 43.52
N PRO H 110 -8.51 -7.45 42.57
CA PRO H 110 -8.78 -7.86 41.21
C PRO H 110 -8.78 -9.36 41.06
N PHE H 111 -9.15 -10.12 42.08
CA PHE H 111 -9.16 -11.56 41.88
C PHE H 111 -10.57 -12.14 41.83
N ASP H 112 -11.50 -11.40 41.19
CA ASP H 112 -12.90 -11.78 41.16
C ASP H 112 -13.17 -12.99 40.30
N ARG H 113 -14.21 -13.70 40.69
CA ARG H 113 -14.83 -14.73 39.90
C ARG H 113 -16.20 -14.13 39.63
N GLN H 114 -16.61 -14.09 38.38
CA GLN H 114 -17.93 -13.58 38.08
C GLN H 114 -18.72 -14.66 37.34
N GLN H 115 -20.04 -14.50 37.25
CA GLN H 115 -20.80 -15.34 36.33
C GLN H 115 -21.85 -14.54 35.54
N PHE H 116 -21.72 -14.57 34.22
CA PHE H 116 -22.56 -13.83 33.31
C PHE H 116 -23.78 -14.66 33.01
N VAL H 117 -24.96 -14.08 33.27
CA VAL H 117 -26.26 -14.79 33.19
C VAL H 117 -27.24 -14.20 32.17
N LEU H 118 -27.93 -15.09 31.45
CA LEU H 118 -29.03 -14.74 30.56
C LEU H 118 -30.23 -15.54 31.07
N GLU H 119 -31.39 -14.84 31.21
CA GLU H 119 -32.68 -15.43 31.63
C GLU H 119 -33.81 -15.16 30.66
N LEU H 120 -34.28 -16.22 30.05
CA LEU H 120 -35.28 -16.10 29.01
C LEU H 120 -36.59 -16.63 29.54
N GLU H 121 -37.70 -15.98 29.18
CA GLU H 121 -39.04 -16.39 29.58
C GLU H 121 -40.05 -15.81 28.56
N PRO H 122 -41.07 -16.60 28.10
CA PRO H 122 -42.09 -16.06 27.18
C PRO H 122 -42.82 -14.95 27.86
N PHE H 123 -43.01 -13.84 27.17
CA PHE H 123 -43.49 -12.64 27.81
C PHE H 123 -44.94 -12.70 28.27
N SER H 124 -45.77 -13.38 27.47
CA SER H 124 -47.19 -13.40 27.71
C SER H 124 -47.83 -14.77 27.85
N TYR H 125 -47.12 -15.81 27.48
CA TYR H 125 -47.69 -17.16 27.51
C TYR H 125 -47.20 -18.06 28.67
N ASN H 126 -48.10 -18.55 29.50
CA ASN H 126 -47.66 -19.41 30.60
C ASN H 126 -47.24 -20.82 30.17
N ASN H 127 -46.71 -21.59 31.13
CA ASN H 127 -46.27 -22.98 30.95
C ASN H 127 -47.33 -23.88 30.34
N GLN H 128 -48.59 -23.54 30.49
CA GLN H 128 -49.59 -24.41 29.91
C GLN H 128 -49.88 -24.03 28.47
N GLN H 129 -49.50 -22.81 28.10
CA GLN H 129 -49.62 -22.32 26.72
C GLN H 129 -48.29 -22.49 25.93
N LEU H 130 -47.17 -22.01 26.50
CA LEU H 130 -45.85 -22.10 25.85
C LEU H 130 -44.78 -22.65 26.82
N ARG H 131 -44.15 -23.75 26.44
CA ARG H 131 -43.19 -24.37 27.34
C ARG H 131 -41.89 -24.62 26.60
N PHE H 132 -40.76 -24.35 27.27
CA PHE H 132 -39.43 -24.52 26.68
C PHE H 132 -38.98 -25.97 26.73
N SER H 133 -39.02 -26.66 25.59
CA SER H 133 -38.72 -28.09 25.53
C SER H 133 -37.28 -28.37 25.87
N ASP H 134 -36.36 -27.57 25.32
CA ASP H 134 -34.93 -27.71 25.63
C ASP H 134 -34.11 -26.47 25.29
N ILE H 135 -32.89 -26.39 25.81
CA ILE H 135 -31.98 -25.31 25.45
C ILE H 135 -30.50 -25.68 25.43
N GLN H 136 -29.84 -25.31 24.32
CA GLN H 136 -28.40 -25.44 24.14
C GLN H 136 -27.75 -24.08 23.90
N VAL H 137 -26.68 -23.80 24.63
CA VAL H 137 -25.91 -22.57 24.55
C VAL H 137 -24.52 -22.88 24.06
N TYR H 138 -24.04 -22.16 23.06
CA TYR H 138 -22.69 -22.41 22.56
C TYR H 138 -21.74 -21.20 22.64
N THR H 139 -20.78 -21.22 23.54
CA THR H 139 -19.82 -20.12 23.58
C THR H 139 -18.65 -20.41 22.63
N GLU H 140 -18.83 -20.03 21.37
CA GLU H 140 -17.86 -20.26 20.29
C GLU H 140 -16.59 -19.46 20.48
N ASN H 141 -16.16 -19.39 21.72
CA ASN H 141 -14.94 -18.69 22.06
C ASN H 141 -13.75 -19.69 22.22
N ILE H 142 -12.53 -19.17 22.35
CA ILE H 142 -11.32 -19.99 22.46
C ILE H 142 -10.09 -19.07 22.55
N ASP H 143 -8.93 -19.65 22.90
CA ASP H 143 -7.56 -19.03 22.85
C ASP H 143 -7.27 -17.64 23.46
N ASN H 144 -5.98 -17.28 23.47
CA ASN H 144 -5.48 -15.93 23.79
C ASN H 144 -6.10 -15.22 24.97
N GLU H 145 -6.19 -15.88 26.12
CA GLU H 145 -6.88 -15.28 27.26
C GLU H 145 -6.11 -14.09 27.80
N GLU H 146 -4.78 -14.12 27.62
CA GLU H 146 -3.89 -13.09 28.15
C GLU H 146 -4.00 -11.79 27.36
N ILE H 147 -4.83 -11.80 26.32
CA ILE H 147 -5.18 -10.66 25.45
C ILE H 147 -6.54 -10.01 25.79
N ASP H 148 -7.44 -10.86 26.30
CA ASP H 148 -8.80 -10.50 26.70
C ASP H 148 -8.84 -10.23 28.20
N GLU H 149 -9.82 -9.41 28.63
CA GLU H 149 -9.97 -8.99 30.03
C GLU H 149 -10.42 -10.09 30.98
N TRP H 150 -11.39 -10.88 30.54
CA TRP H 150 -11.98 -11.91 31.39
C TRP H 150 -11.69 -13.27 30.83
N TRP H 151 -11.53 -14.25 31.69
CA TRP H 151 -11.30 -15.58 31.18
C TRP H 151 -12.52 -16.45 31.43
N ILE H 152 -13.23 -16.81 30.37
CA ILE H 152 -14.42 -17.66 30.50
C ILE H 152 -13.99 -19.06 30.94
N ARG H 153 -14.60 -19.56 32.00
CA ARG H 153 -14.13 -20.81 32.57
C ARG H 153 -14.88 -22.02 32.09
N GLY H 154 -16.12 -22.19 32.49
CA GLY H 154 -16.82 -23.41 32.11
C GLY H 154 -17.23 -23.43 30.64
N LYS H 155 -18.14 -24.33 30.28
CA LYS H 155 -18.61 -24.33 28.91
C LYS H 155 -19.88 -23.47 28.83
N ALA H 156 -20.65 -23.46 29.93
CA ALA H 156 -21.88 -22.68 30.17
C ALA H 156 -22.90 -23.59 30.76
N SER H 157 -23.51 -23.17 31.86
CA SER H 157 -24.54 -23.95 32.52
C SER H 157 -25.93 -23.62 31.99
N THR H 158 -26.79 -24.63 31.94
CA THR H 158 -28.14 -24.46 31.42
C THR H 158 -29.22 -25.00 32.34
N HIS H 159 -30.31 -24.25 32.50
CA HIS H 159 -31.43 -24.70 33.33
C HIS H 159 -32.78 -24.12 32.88
N ILE H 160 -33.68 -25.02 32.48
CA ILE H 160 -35.08 -24.68 32.28
C ILE H 160 -35.88 -24.88 33.57
N SER H 161 -36.62 -23.86 34.00
CA SER H 161 -37.36 -23.99 35.24
C SER H 161 -38.77 -23.42 35.05
N ASP H 162 -39.57 -23.49 36.11
CA ASP H 162 -40.92 -22.94 36.11
C ASP H 162 -41.05 -21.87 37.20
N ILE H 163 -41.38 -20.65 36.79
CA ILE H 163 -41.47 -19.52 37.69
C ILE H 163 -42.91 -19.25 38.11
N ARG H 164 -43.20 -19.23 39.41
CA ARG H 164 -44.58 -18.95 39.83
C ARG H 164 -44.70 -17.50 40.26
N TYR H 165 -45.32 -16.70 39.40
CA TYR H 165 -45.71 -15.35 39.75
C TYR H 165 -47.03 -15.41 40.51
N ASP H 166 -46.97 -15.45 41.85
CA ASP H 166 -48.21 -15.56 42.60
C ASP H 166 -48.82 -14.23 43.05
N HIS H 167 -48.41 -13.11 42.43
CA HIS H 167 -49.17 -11.87 42.61
C HIS H 167 -50.25 -11.83 41.55
N LEU H 168 -51.34 -11.11 41.85
CA LEU H 168 -52.66 -11.65 41.54
C LEU H 168 -52.80 -12.46 40.22
N SER H 169 -52.12 -13.62 40.25
CA SER H 169 -52.59 -14.90 39.72
C SER H 169 -54.04 -14.73 39.33
N SER H 170 -54.91 -15.06 40.29
CA SER H 170 -56.29 -14.55 40.35
C SER H 170 -56.96 -14.22 39.01
N VAL H 171 -56.37 -13.26 38.29
CA VAL H 171 -56.73 -12.91 36.92
C VAL H 171 -57.05 -14.16 36.10
N GLN H 172 -56.07 -15.05 36.00
CA GLN H 172 -56.22 -16.35 35.39
C GLN H 172 -55.76 -17.38 36.44
N PRO H 173 -56.65 -17.86 37.32
CA PRO H 173 -56.27 -18.72 38.45
C PRO H 173 -55.84 -20.15 38.05
N ASN H 174 -54.98 -20.77 38.88
CA ASN H 174 -54.40 -22.12 38.67
C ASN H 174 -53.32 -22.16 37.57
N GLN H 175 -53.23 -21.11 36.80
CA GLN H 175 -52.28 -21.12 35.73
C GLN H 175 -51.52 -19.83 35.57
N ASN H 176 -50.44 -19.70 36.35
CA ASN H 176 -49.51 -18.59 36.21
C ASN H 176 -48.07 -18.98 36.58
N GLU H 177 -47.57 -20.04 35.92
CA GLU H 177 -46.16 -20.44 35.99
C GLU H 177 -45.58 -20.31 34.58
N PHE H 178 -44.61 -19.42 34.41
CA PHE H 178 -43.97 -19.28 33.10
C PHE H 178 -42.74 -20.13 33.09
N SER H 179 -42.41 -20.74 31.95
CA SER H 179 -41.18 -21.55 31.92
C SER H 179 -39.95 -20.68 31.69
N ARG H 180 -38.90 -20.91 32.46
CA ARG H 180 -37.72 -20.08 32.35
C ARG H 180 -36.37 -20.76 32.03
N ILE H 181 -35.77 -20.27 30.95
CA ILE H 181 -34.43 -20.64 30.53
C ILE H 181 -33.42 -19.71 31.16
N THR H 182 -32.41 -20.32 31.76
CA THR H 182 -31.37 -19.57 32.41
C THR H 182 -30.00 -20.02 31.91
N VAL H 183 -29.28 -19.12 31.29
CA VAL H 183 -27.96 -19.43 30.84
C VAL H 183 -26.96 -18.85 31.83
N ARG H 184 -26.06 -19.69 32.36
CA ARG H 184 -25.01 -19.22 33.25
C ARG H 184 -23.62 -19.58 32.75
N ILE H 185 -22.79 -18.54 32.59
CA ILE H 185 -21.42 -18.68 32.09
C ILE H 185 -20.38 -18.14 33.09
N ASP H 186 -19.55 -19.02 33.63
CA ASP H 186 -18.54 -18.59 34.62
C ASP H 186 -17.28 -17.96 34.04
N ALA H 187 -16.71 -16.99 34.76
CA ALA H 187 -15.51 -16.32 34.29
C ALA H 187 -14.63 -15.81 35.43
N VAL H 188 -13.34 -15.67 35.14
CA VAL H 188 -12.34 -15.21 36.11
C VAL H 188 -11.58 -14.02 35.61
N ARG H 189 -11.26 -13.10 36.51
CA ARG H 189 -10.56 -11.90 36.10
C ARG H 189 -9.07 -12.17 35.85
N ASN H 190 -8.56 -11.52 34.79
CA ASN H 190 -7.15 -11.48 34.44
C ASN H 190 -6.45 -10.50 35.36
N PRO H 191 -5.80 -11.00 36.41
CA PRO H 191 -5.33 -10.06 37.45
C PRO H 191 -4.01 -9.38 37.09
N SER H 192 -3.44 -9.78 35.97
CA SER H 192 -2.09 -9.40 35.60
C SER H 192 -1.89 -7.89 35.59
N TYR H 193 -2.74 -7.13 34.90
CA TYR H 193 -2.50 -5.70 34.80
C TYR H 193 -2.47 -5.07 36.18
N TYR H 194 -3.40 -5.50 37.03
CA TYR H 194 -3.52 -4.96 38.39
C TYR H 194 -2.41 -5.45 39.34
N LEU H 195 -1.89 -6.66 39.12
CA LEU H 195 -0.79 -7.17 39.95
C LEU H 195 0.48 -6.38 39.74
N TRP H 196 0.91 -6.31 38.47
CA TRP H 196 2.16 -5.68 38.13
C TRP H 196 2.15 -4.15 38.11
N SER H 197 1.03 -3.52 37.78
CA SER H 197 1.08 -2.07 37.80
C SER H 197 0.47 -1.43 38.99
N PHE H 198 -0.21 -2.22 39.83
CA PHE H 198 -0.81 -1.68 41.07
C PHE H 198 -0.28 -2.28 42.38
N ILE H 199 -0.44 -3.57 42.56
CA ILE H 199 -0.05 -4.23 43.79
C ILE H 199 1.46 -4.04 44.05
N LEU H 200 2.27 -4.41 43.07
CA LEU H 200 3.74 -4.39 43.22
C LEU H 200 4.26 -3.02 43.65
N PRO H 201 4.10 -1.97 42.82
CA PRO H 201 4.58 -0.66 43.32
C PRO H 201 3.83 -0.14 44.56
N LEU H 202 2.58 -0.54 44.78
CA LEU H 202 1.96 -0.17 46.05
C LEU H 202 2.77 -0.81 47.18
N GLY H 203 3.14 -2.07 46.98
CA GLY H 203 4.00 -2.75 47.94
C GLY H 203 5.39 -2.14 48.16
N LEU H 204 6.09 -1.84 47.07
CA LEU H 204 7.41 -1.22 47.13
C LEU H 204 7.35 0.11 47.85
N ILE H 205 6.23 0.81 47.72
CA ILE H 205 6.01 1.98 48.54
C ILE H 205 5.91 1.61 50.00
N ILE H 206 5.00 0.69 50.31
CA ILE H 206 4.73 0.31 51.70
C ILE H 206 6.01 -0.18 52.39
N ALA H 207 6.79 -1.01 51.70
CA ALA H 207 8.03 -1.51 52.27
C ALA H 207 8.99 -0.35 52.48
N ALA H 208 9.27 0.39 51.41
CA ALA H 208 10.19 1.50 51.48
C ALA H 208 9.71 2.59 52.43
N SER H 209 8.41 2.59 52.73
CA SER H 209 7.90 3.39 53.84
C SER H 209 8.68 3.06 55.11
N TRP H 210 8.96 1.77 55.31
CA TRP H 210 9.56 1.33 56.56
C TRP H 210 11.01 1.77 56.67
N SER H 211 11.57 2.21 55.56
CA SER H 211 12.95 2.62 55.54
C SER H 211 13.19 3.92 56.28
N VAL H 212 12.12 4.45 56.89
CA VAL H 212 12.17 5.69 57.65
C VAL H 212 12.98 5.60 58.95
N PHE H 213 13.10 4.39 59.48
CA PHE H 213 13.75 4.20 60.76
C PHE H 213 15.27 4.18 60.66
N TRP H 214 15.78 3.98 59.46
CA TRP H 214 17.22 4.02 59.26
C TRP H 214 17.75 5.45 59.17
N LEU H 215 16.86 6.41 59.33
CA LEU H 215 17.29 7.80 59.38
C LEU H 215 17.88 8.10 60.75
N GLU H 216 18.93 8.90 60.76
CA GLU H 216 19.61 9.17 62.00
C GLU H 216 18.78 10.11 62.86
N SER H 217 18.59 11.33 62.37
CA SER H 217 17.93 12.40 63.12
C SER H 217 16.45 12.18 63.41
N PHE H 218 15.92 12.86 64.43
CA PHE H 218 14.48 12.86 64.71
C PHE H 218 13.79 13.71 63.66
N SER H 219 14.39 14.85 63.34
CA SER H 219 13.86 15.80 62.37
C SER H 219 13.70 15.12 61.03
N GLU H 220 14.71 14.35 60.67
CA GLU H 220 14.72 13.62 59.44
C GLU H 220 13.64 12.56 59.50
N ARG H 221 13.60 11.81 60.60
CA ARG H 221 12.65 10.71 60.80
C ARG H 221 11.17 11.13 60.69
N LEU H 222 10.87 12.30 61.23
CA LEU H 222 9.50 12.78 61.27
C LEU H 222 9.11 13.40 59.94
N GLN H 223 9.94 14.31 59.44
CA GLN H 223 9.67 15.02 58.18
C GLN H 223 9.58 14.10 56.96
N THR H 224 10.39 13.05 56.97
CA THR H 224 10.37 12.09 55.87
C THR H 224 9.02 11.40 55.77
N SER H 225 8.39 11.16 56.92
CA SER H 225 7.11 10.48 56.93
C SER H 225 5.94 11.32 56.39
N PHE H 226 6.15 12.64 56.30
CA PHE H 226 5.13 13.50 55.72
C PHE H 226 5.17 13.35 54.21
N THR H 227 6.38 13.17 53.66
CA THR H 227 6.53 12.88 52.24
C THR H 227 5.92 11.53 51.98
N LEU H 228 6.14 10.64 52.93
CA LEU H 228 5.67 9.28 52.78
C LEU H 228 4.14 9.26 52.80
N MET H 229 3.56 10.10 53.66
CA MET H 229 2.10 10.26 53.77
C MET H 229 1.53 10.85 52.47
N LEU H 230 2.20 11.87 51.92
CA LEU H 230 1.81 12.50 50.64
C LEU H 230 1.89 11.45 49.54
N THR H 231 2.93 10.61 49.63
CA THR H 231 3.18 9.56 48.64
C THR H 231 2.10 8.54 48.63
N VAL H 232 1.57 8.19 49.79
CA VAL H 232 0.43 7.29 49.72
C VAL H 232 -0.82 7.96 49.14
N VAL H 233 -1.12 9.23 49.44
CA VAL H 233 -2.25 9.96 48.78
C VAL H 233 -2.11 10.01 47.27
N ALA H 234 -0.90 10.33 46.81
CA ALA H 234 -0.60 10.30 45.40
C ALA H 234 -0.91 8.92 44.87
N TYR H 235 -0.65 7.87 45.65
CA TYR H 235 -0.94 6.54 45.15
C TYR H 235 -2.44 6.27 45.17
N ALA H 236 -3.09 6.67 46.26
CA ALA H 236 -4.54 6.56 46.40
C ALA H 236 -5.25 7.22 45.24
N PHE H 237 -4.73 8.36 44.81
CA PHE H 237 -5.33 9.13 43.75
C PHE H 237 -5.27 8.38 42.42
N TYR H 238 -4.06 7.98 42.04
CA TYR H 238 -3.80 7.20 40.82
C TYR H 238 -4.57 5.88 40.77
N THR H 239 -4.62 5.18 41.90
CA THR H 239 -5.38 3.95 42.01
C THR H 239 -6.88 4.13 41.79
N SER H 240 -7.48 5.02 42.58
CA SER H 240 -8.92 5.24 42.56
C SER H 240 -9.44 5.81 41.24
N ASN H 241 -8.65 6.64 40.60
CA ASN H 241 -9.03 7.17 39.30
C ASN H 241 -9.09 6.12 38.17
N ILE H 242 -8.29 5.07 38.28
CA ILE H 242 -8.15 4.07 37.22
C ILE H 242 -8.97 2.83 37.47
N LEU H 243 -9.04 2.43 38.73
CA LEU H 243 -9.81 1.28 39.18
C LEU H 243 -11.31 1.42 39.00
N PRO H 244 -12.02 0.27 38.92
CA PRO H 244 -13.47 0.25 38.71
C PRO H 244 -14.16 0.80 39.92
N ARG H 245 -15.18 1.63 39.74
CA ARG H 245 -15.88 2.21 40.87
C ARG H 245 -16.76 1.16 41.55
N LEU H 246 -16.71 1.11 42.88
CA LEU H 246 -17.49 0.15 43.66
C LEU H 246 -18.05 0.85 44.89
N PRO H 247 -19.09 0.25 45.50
CA PRO H 247 -19.64 0.76 46.76
C PRO H 247 -18.98 0.18 47.98
N TYR H 248 -17.83 -0.48 47.79
CA TYR H 248 -17.04 -1.13 48.86
C TYR H 248 -15.54 -1.16 48.62
N THR H 249 -14.78 -1.54 49.64
CA THR H 249 -13.33 -1.59 49.46
C THR H 249 -12.92 -2.88 48.78
N THR H 250 -11.97 -2.75 47.84
CA THR H 250 -11.36 -3.92 47.22
C THR H 250 -10.06 -4.24 47.97
N VAL H 251 -9.40 -5.32 47.62
CA VAL H 251 -8.16 -5.66 48.31
C VAL H 251 -7.14 -4.56 48.16
N ILE H 252 -6.98 -4.07 46.94
CA ILE H 252 -6.13 -2.93 46.67
C ILE H 252 -6.56 -1.68 47.47
N ASP H 253 -7.87 -1.47 47.64
CA ASP H 253 -8.33 -0.35 48.50
C ASP H 253 -7.88 -0.59 49.94
N GLN H 254 -7.89 -1.86 50.36
CA GLN H 254 -7.49 -2.23 51.70
C GLN H 254 -6.01 -2.00 51.92
N MET H 255 -5.24 -2.33 50.89
CA MET H 255 -3.82 -2.12 50.91
C MET H 255 -3.50 -0.68 51.22
N ILE H 256 -4.19 0.23 50.54
CA ILE H 256 -3.94 1.65 50.73
C ILE H 256 -4.22 2.08 52.18
N ILE H 257 -5.28 1.55 52.80
CA ILE H 257 -5.51 1.86 54.21
C ILE H 257 -4.31 1.40 55.00
N ALA H 258 -3.86 0.18 54.72
CA ALA H 258 -2.72 -0.39 55.41
C ALA H 258 -1.51 0.49 55.19
N GLY H 259 -1.46 1.13 54.03
CA GLY H 259 -0.38 2.03 53.75
C GLY H 259 -0.41 3.20 54.69
N TYR H 260 -1.55 3.88 54.68
CA TYR H 260 -1.77 5.05 55.53
C TYR H 260 -1.52 4.74 57.00
N GLY H 261 -1.92 3.54 57.41
CA GLY H 261 -1.78 3.13 58.78
C GLY H 261 -0.34 3.04 59.17
N SER H 262 0.44 2.30 58.36
CA SER H 262 1.85 2.04 58.63
C SER H 262 2.56 3.37 58.84
N ILE H 263 2.23 4.35 58.00
CA ILE H 263 2.86 5.66 58.07
C ILE H 263 2.49 6.44 59.33
N PHE H 264 1.21 6.39 59.71
CA PHE H 264 0.74 7.07 60.90
C PHE H 264 1.32 6.42 62.16
N ALA H 265 1.44 5.09 62.15
CA ALA H 265 2.05 4.38 63.27
C ALA H 265 3.49 4.81 63.42
N ALA H 266 4.17 4.94 62.29
CA ALA H 266 5.55 5.38 62.27
C ALA H 266 5.63 6.77 62.91
N ILE H 267 4.73 7.66 62.46
CA ILE H 267 4.63 9.02 62.96
C ILE H 267 4.45 9.06 64.47
N LEU H 268 3.58 8.20 65.00
CA LEU H 268 3.39 8.16 66.45
C LEU H 268 4.67 7.73 67.21
N LEU H 269 5.23 6.58 66.81
CA LEU H 269 6.42 6.00 67.43
C LEU H 269 7.63 6.90 67.40
N ILE H 270 7.81 7.54 66.25
CA ILE H 270 8.89 8.48 66.06
C ILE H 270 8.86 9.63 67.08
N ILE H 271 7.69 10.25 67.21
CA ILE H 271 7.42 11.28 68.22
C ILE H 271 7.55 10.68 69.63
N PHE H 272 7.04 9.46 69.77
CA PHE H 272 7.06 8.74 71.03
C PHE H 272 8.48 8.51 71.49
N ALA H 273 9.29 7.93 70.61
CA ALA H 273 10.70 7.69 70.88
C ALA H 273 11.39 8.95 71.40
N HIS H 274 11.13 10.06 70.72
CA HIS H 274 11.80 11.33 71.03
C HIS H 274 11.40 11.93 72.36
N HIS H 275 10.12 12.01 72.66
CA HIS H 275 9.68 12.75 73.85
C HIS H 275 9.46 11.83 75.06
N ARG H 276 9.55 10.52 74.82
CA ARG H 276 9.67 9.55 75.91
C ARG H 276 11.16 9.35 76.18
N GLN H 277 11.65 10.04 77.21
CA GLN H 277 13.09 10.18 77.47
C GLN H 277 13.48 10.24 78.97
N ALA H 278 14.79 10.36 79.21
CA ALA H 278 15.32 10.58 80.55
C ALA H 278 16.12 11.89 80.53
N ASN H 279 15.87 12.70 79.50
CA ASN H 279 16.49 14.03 79.34
C ASN H 279 15.71 14.95 78.38
N GLY H 280 15.40 14.43 77.19
CA GLY H 280 14.74 15.19 76.15
C GLY H 280 14.85 14.52 74.79
N VAL H 281 16.04 14.05 74.43
CA VAL H 281 16.27 13.34 73.17
C VAL H 281 16.63 11.87 73.35
N GLU H 282 16.29 11.27 74.48
CA GLU H 282 16.62 9.85 74.71
C GLU H 282 15.68 8.92 73.96
N ASP H 283 16.01 8.70 72.68
CA ASP H 283 15.26 7.80 71.81
C ASP H 283 15.60 6.33 72.09
N ASP H 284 14.63 5.57 72.58
CA ASP H 284 14.82 4.16 72.97
C ASP H 284 15.52 3.33 71.89
N LEU H 285 16.80 3.02 72.09
CA LEU H 285 17.61 2.33 71.07
C LEU H 285 16.95 1.11 70.41
N LEU H 286 16.03 0.46 71.12
CA LEU H 286 15.32 -0.69 70.55
C LEU H 286 14.07 -0.25 69.76
N ILE H 287 13.39 0.80 70.24
CA ILE H 287 12.16 1.31 69.60
C ILE H 287 12.48 2.12 68.35
N GLN H 288 13.63 2.81 68.33
CA GLN H 288 14.10 3.49 67.15
C GLN H 288 14.49 2.38 66.19
N ARG H 289 14.79 1.20 66.78
CA ARG H 289 15.11 -0.03 66.07
C ARG H 289 13.94 -0.99 66.01
N CYS H 290 12.75 -0.42 65.83
CA CYS H 290 11.56 -1.15 65.35
C CYS H 290 11.58 -1.26 63.81
N ARG H 291 12.82 -1.37 63.32
CA ARG H 291 13.16 -1.61 61.93
C ARG H 291 12.84 -3.03 61.52
N LEU H 292 12.58 -3.90 62.49
CA LEU H 292 12.18 -5.26 62.21
C LEU H 292 10.82 -5.53 62.84
N ALA H 293 10.50 -4.73 63.86
CA ALA H 293 9.30 -4.95 64.66
C ALA H 293 8.06 -4.96 63.78
N PHE H 294 7.69 -3.80 63.25
CA PHE H 294 6.49 -3.77 62.45
C PHE H 294 6.58 -4.12 60.94
N PRO H 295 7.81 -4.26 60.36
CA PRO H 295 7.82 -4.92 59.04
C PRO H 295 7.35 -6.38 59.08
N LEU H 296 7.69 -7.10 60.15
CA LEU H 296 7.21 -8.48 60.34
C LEU H 296 5.85 -8.48 61.07
N GLY H 297 5.57 -7.38 61.76
CA GLY H 297 4.28 -7.17 62.37
C GLY H 297 3.26 -6.85 61.28
N PHE H 298 3.75 -6.37 60.14
CA PHE H 298 2.89 -6.01 59.00
C PHE H 298 2.53 -7.28 58.26
N LEU H 299 3.43 -8.26 58.24
CA LEU H 299 3.15 -9.54 57.61
C LEU H 299 2.21 -10.42 58.43
N ALA H 300 2.17 -10.21 59.76
CA ALA H 300 1.23 -10.92 60.64
C ALA H 300 -0.16 -10.27 60.60
N ILE H 301 -0.18 -8.94 60.66
CA ILE H 301 -1.41 -8.18 60.52
C ILE H 301 -1.94 -8.40 59.10
N GLY H 302 -1.01 -8.61 58.17
CA GLY H 302 -1.32 -8.90 56.79
C GLY H 302 -1.96 -10.26 56.54
N CYS H 303 -1.56 -11.26 57.30
CA CYS H 303 -2.11 -12.60 57.15
C CYS H 303 -3.47 -12.78 57.83
N VAL H 304 -3.79 -11.89 58.76
CA VAL H 304 -5.11 -11.89 59.39
C VAL H 304 -6.17 -11.37 58.38
N LEU H 305 -5.75 -10.54 57.42
CA LEU H 305 -6.65 -10.10 56.35
C LEU H 305 -7.12 -11.27 55.46
N VAL H 306 -6.31 -12.32 55.39
CA VAL H 306 -6.68 -13.52 54.62
C VAL H 306 -7.66 -14.36 55.43
N ILE H 307 -7.64 -14.17 56.75
CA ILE H 307 -8.51 -14.92 57.66
C ILE H 307 -9.91 -14.31 57.69
N PRO I 1 -28.36 -20.87 -7.44
CA PRO I 1 -27.55 -20.20 -6.39
C PRO I 1 -27.02 -18.83 -6.83
N VAL I 2 -27.71 -17.76 -6.41
CA VAL I 2 -27.51 -16.38 -6.86
C VAL I 2 -26.12 -15.78 -6.64
N ASP I 3 -25.50 -15.32 -7.70
CA ASP I 3 -24.22 -14.66 -7.59
C ASP I 3 -24.38 -13.18 -7.14
N VAL I 4 -23.83 -12.84 -5.97
CA VAL I 4 -23.80 -11.46 -5.48
C VAL I 4 -22.36 -10.93 -5.44
N SER I 5 -22.13 -9.88 -6.22
CA SER I 5 -20.87 -9.13 -6.26
C SER I 5 -20.92 -7.94 -5.33
N VAL I 6 -19.91 -7.83 -4.47
CA VAL I 6 -19.87 -6.78 -3.45
C VAL I 6 -18.69 -5.84 -3.67
N SER I 7 -18.90 -4.57 -3.34
CA SER I 7 -17.82 -3.60 -3.31
C SER I 7 -18.03 -2.77 -2.05
N ILE I 8 -17.01 -2.67 -1.21
CA ILE I 8 -17.06 -1.88 0.01
C ILE I 8 -16.19 -0.67 -0.23
N PHE I 9 -16.64 0.56 0.03
CA PHE I 9 -15.71 1.70 -0.10
C PHE I 9 -15.42 2.27 1.27
N ILE I 10 -14.24 1.99 1.82
CA ILE I 10 -13.91 2.40 3.18
C ILE I 10 -13.51 3.88 3.14
N ASN I 11 -14.27 4.73 3.84
CA ASN I 11 -13.99 6.17 3.90
C ASN I 11 -13.07 6.62 5.02
N LYS I 12 -13.25 6.06 6.21
CA LYS I 12 -12.47 6.47 7.37
C LYS I 12 -12.48 5.29 8.29
N ILE I 13 -11.34 5.02 8.91
CA ILE I 13 -11.33 4.06 10.00
C ILE I 13 -10.85 4.85 11.20
N TYR I 14 -11.69 5.03 12.19
CA TYR I 14 -11.33 5.94 13.26
C TYR I 14 -11.84 5.41 14.62
N GLY I 15 -11.55 6.14 15.71
CA GLY I 15 -12.05 5.78 17.04
C GLY I 15 -11.78 4.37 17.57
N VAL I 16 -10.52 4.00 17.72
CA VAL I 16 -10.21 2.66 18.21
C VAL I 16 -10.52 2.56 19.71
N ASN I 17 -11.32 1.56 20.09
CA ASN I 17 -11.56 1.27 21.51
C ASN I 17 -10.65 0.15 22.00
N THR I 18 -9.62 0.52 22.75
CA THR I 18 -8.67 -0.47 23.21
C THR I 18 -9.29 -1.52 24.13
N LEU I 19 -10.08 -1.13 25.12
CA LEU I 19 -10.63 -2.15 26.02
C LEU I 19 -11.63 -3.07 25.32
N GLU I 20 -12.49 -2.50 24.50
CA GLU I 20 -13.49 -3.32 23.84
C GLU I 20 -12.97 -4.05 22.64
N GLN I 21 -11.79 -3.62 22.15
CA GLN I 21 -11.21 -4.12 20.90
C GLN I 21 -12.15 -3.80 19.70
N THR I 22 -12.31 -2.49 19.47
CA THR I 22 -13.30 -1.92 18.56
C THR I 22 -12.71 -0.72 17.82
N TYR I 23 -13.15 -0.52 16.58
CA TYR I 23 -12.75 0.60 15.74
C TYR I 23 -13.95 0.86 14.85
N LYS I 24 -14.11 2.12 14.42
CA LYS I 24 -15.24 2.57 13.61
C LYS I 24 -14.93 2.62 12.14
N VAL I 25 -15.81 2.05 11.32
CA VAL I 25 -15.64 2.16 9.87
C VAL I 25 -16.84 2.83 9.24
N ASP I 26 -16.57 3.90 8.51
CA ASP I 26 -17.54 4.59 7.69
C ASP I 26 -17.22 4.25 6.22
N GLY I 27 -18.22 3.89 5.43
CA GLY I 27 -18.00 3.56 4.02
C GLY I 27 -19.31 3.30 3.31
N TYR I 28 -19.27 2.71 2.11
CA TYR I 28 -20.48 2.41 1.36
C TYR I 28 -20.40 0.95 1.00
N ILE I 29 -21.54 0.27 0.88
CA ILE I 29 -21.60 -1.10 0.36
C ILE I 29 -22.30 -0.97 -0.96
N VAL I 30 -21.87 -1.71 -1.98
CA VAL I 30 -22.65 -1.85 -3.21
C VAL I 30 -22.79 -3.37 -3.39
N ALA I 31 -23.97 -3.92 -3.50
CA ALA I 31 -24.08 -5.35 -3.76
C ALA I 31 -24.83 -5.48 -5.04
N GLN I 32 -24.38 -6.34 -5.94
CA GLN I 32 -25.06 -6.47 -7.21
C GLN I 32 -25.44 -7.90 -7.51
N TRP I 33 -26.66 -8.11 -7.98
CA TRP I 33 -27.05 -9.43 -8.47
C TRP I 33 -27.99 -9.24 -9.63
N THR I 34 -28.14 -10.25 -10.48
CA THR I 34 -29.01 -10.17 -11.65
C THR I 34 -30.21 -11.05 -11.59
N GLY I 35 -31.39 -10.46 -11.67
CA GLY I 35 -32.65 -11.20 -11.59
C GLY I 35 -33.27 -11.42 -12.94
N LYS I 36 -34.57 -11.75 -12.97
CA LYS I 36 -35.29 -11.85 -14.24
C LYS I 36 -35.58 -10.41 -14.66
N PRO I 37 -35.35 -10.09 -15.94
CA PRO I 37 -35.56 -8.74 -16.46
C PRO I 37 -36.86 -8.10 -16.05
N ARG I 38 -36.79 -6.79 -15.85
CA ARG I 38 -37.89 -5.99 -15.35
C ARG I 38 -38.16 -4.97 -16.45
N LYS I 39 -39.33 -4.35 -16.37
CA LYS I 39 -39.75 -3.32 -17.30
C LYS I 39 -39.70 -1.97 -16.62
N THR I 40 -38.64 -1.22 -16.84
CA THR I 40 -38.49 0.06 -16.17
C THR I 40 -38.94 1.16 -17.09
N PRO I 41 -39.39 2.30 -16.55
CA PRO I 41 -39.83 3.46 -17.35
C PRO I 41 -38.85 3.87 -18.45
N GLY I 42 -39.31 3.86 -19.70
CA GLY I 42 -38.42 4.04 -20.83
C GLY I 42 -37.71 2.72 -21.11
N ASP I 43 -36.50 2.63 -20.59
CA ASP I 43 -35.70 1.43 -20.65
C ASP I 43 -34.56 1.78 -19.73
N LYS I 44 -34.68 3.00 -19.21
CA LYS I 44 -33.73 3.62 -18.30
C LYS I 44 -33.71 2.88 -16.96
N PRO I 45 -32.50 2.72 -16.38
CA PRO I 45 -32.36 2.12 -15.06
C PRO I 45 -33.18 2.95 -14.06
N LEU I 46 -33.90 2.27 -13.18
CA LEU I 46 -34.78 2.89 -12.19
C LEU I 46 -34.05 3.11 -10.85
N ILE I 47 -34.12 4.31 -10.28
CA ILE I 47 -33.56 4.50 -8.94
C ILE I 47 -34.64 4.51 -7.83
N VAL I 48 -34.45 3.71 -6.78
CA VAL I 48 -35.39 3.65 -5.65
C VAL I 48 -34.60 4.01 -4.36
N GLU I 49 -34.84 5.21 -3.86
CA GLU I 49 -34.06 5.71 -2.74
C GLU I 49 -34.75 5.33 -1.46
N ASN I 50 -34.05 5.56 -0.35
CA ASN I 50 -34.42 5.18 1.01
C ASN I 50 -35.74 4.47 1.31
N THR I 51 -36.69 5.24 1.82
CA THR I 51 -37.98 4.71 2.26
C THR I 51 -38.71 3.82 1.25
N GLN I 52 -38.63 4.23 0.00
CA GLN I 52 -39.27 3.56 -1.11
C GLN I 52 -38.79 2.15 -1.41
N ILE I 53 -37.67 1.73 -0.80
CA ILE I 53 -37.15 0.37 -1.00
C ILE I 53 -38.06 -0.65 -0.37
N GLU I 54 -38.50 -0.35 0.87
CA GLU I 54 -39.43 -1.19 1.62
C GLU I 54 -40.72 -1.39 0.82
N ARG I 55 -41.20 -0.34 0.14
CA ARG I 55 -42.38 -0.49 -0.69
C ARG I 55 -42.17 -1.58 -1.74
N TRP I 56 -40.96 -1.60 -2.29
CA TRP I 56 -40.60 -2.54 -3.35
C TRP I 56 -40.41 -3.94 -2.85
N ILE I 57 -39.90 -4.06 -1.64
CA ILE I 57 -39.74 -5.37 -0.98
C ILE I 57 -41.11 -5.99 -0.68
N ASN I 58 -42.03 -5.16 -0.18
CA ASN I 58 -43.40 -5.59 0.08
C ASN I 58 -44.13 -6.14 -1.12
N ASN I 59 -43.78 -5.67 -2.31
CA ASN I 59 -44.45 -6.14 -3.51
C ASN I 59 -43.77 -7.36 -4.07
N GLY I 60 -42.79 -7.87 -3.33
CA GLY I 60 -42.11 -9.06 -3.77
C GLY I 60 -40.70 -8.90 -4.32
N LEU I 61 -40.05 -7.75 -4.12
CA LEU I 61 -38.64 -7.64 -4.49
C LEU I 61 -37.75 -8.39 -3.50
N TRP I 62 -36.88 -9.26 -4.00
CA TRP I 62 -35.89 -9.90 -3.15
C TRP I 62 -34.68 -8.99 -2.95
N VAL I 63 -34.50 -8.47 -1.74
CA VAL I 63 -33.31 -7.69 -1.39
C VAL I 63 -32.72 -8.35 -0.15
N PRO I 64 -31.78 -9.30 -0.29
CA PRO I 64 -31.33 -10.13 0.84
C PRO I 64 -30.48 -9.38 1.90
N ALA I 65 -30.80 -9.65 3.16
CA ALA I 65 -30.11 -8.99 4.26
C ALA I 65 -28.77 -9.59 4.45
N LEU I 66 -27.76 -8.73 4.24
CA LEU I 66 -26.37 -9.11 4.39
C LEU I 66 -25.86 -8.58 5.72
N GLU I 67 -25.58 -9.49 6.64
CA GLU I 67 -25.11 -9.11 7.97
C GLU I 67 -23.59 -8.84 8.09
N PHE I 68 -23.22 -7.76 8.77
CA PHE I 68 -21.82 -7.57 9.08
C PHE I 68 -21.48 -8.43 10.30
N ILE I 69 -20.94 -9.62 10.04
CA ILE I 69 -20.68 -10.62 11.06
C ILE I 69 -19.96 -10.09 12.32
N ASN I 70 -19.01 -9.17 12.15
CA ASN I 70 -18.20 -8.76 13.28
C ASN I 70 -18.49 -7.38 13.79
N VAL I 71 -19.69 -6.90 13.49
CA VAL I 71 -20.12 -5.58 14.00
C VAL I 71 -20.65 -5.56 15.47
N VAL I 72 -20.25 -4.55 16.24
CA VAL I 72 -20.71 -4.36 17.62
C VAL I 72 -22.02 -3.57 17.69
N GLY I 73 -23.11 -4.29 17.83
CA GLY I 73 -24.38 -3.60 17.69
C GLY I 73 -24.89 -3.57 16.28
N SER I 74 -25.75 -2.60 15.97
CA SER I 74 -26.29 -2.55 14.61
C SER I 74 -26.04 -1.23 13.94
N PRO I 75 -25.44 -1.30 12.74
CA PRO I 75 -24.77 -0.18 12.09
C PRO I 75 -25.72 0.91 11.81
N ASP I 76 -25.22 2.13 11.87
CA ASP I 76 -25.93 3.32 11.44
C ASP I 76 -25.91 3.30 9.94
N THR I 77 -27.07 3.19 9.32
CA THR I 77 -27.19 3.30 7.90
C THR I 77 -27.64 4.66 7.45
N GLY I 78 -26.90 5.28 6.54
CA GLY I 78 -27.30 6.53 5.91
C GLY I 78 -28.14 6.23 4.68
N ASN I 79 -27.91 6.86 3.55
CA ASN I 79 -28.88 6.66 2.49
C ASN I 79 -28.84 5.27 1.83
N LYS I 80 -29.97 4.74 1.42
CA LYS I 80 -30.00 3.42 0.83
C LYS I 80 -30.35 3.73 -0.56
N ARG I 81 -30.08 2.84 -1.50
CA ARG I 81 -30.42 3.08 -2.90
C ARG I 81 -30.68 1.74 -3.52
N LEU I 82 -31.71 1.65 -4.35
CA LEU I 82 -31.91 0.46 -5.17
C LEU I 82 -31.72 0.92 -6.56
N MET I 83 -31.00 0.17 -7.35
CA MET I 83 -30.86 0.51 -8.74
C MET I 83 -31.34 -0.67 -9.56
N LEU I 84 -32.50 -0.58 -10.20
CA LEU I 84 -33.06 -1.72 -10.92
C LEU I 84 -32.85 -1.56 -12.42
N PHE I 85 -32.09 -2.46 -13.02
CA PHE I 85 -31.82 -2.39 -14.44
C PHE I 85 -32.78 -3.26 -15.25
N PRO I 86 -33.11 -2.84 -16.49
CA PRO I 86 -34.13 -3.55 -17.28
C PRO I 86 -33.65 -4.92 -17.71
N ASP I 87 -32.33 -5.09 -17.76
CA ASP I 87 -31.74 -6.39 -18.10
C ASP I 87 -31.81 -7.42 -16.95
N GLY I 88 -32.35 -7.00 -15.82
CA GLY I 88 -32.64 -7.90 -14.71
C GLY I 88 -31.89 -7.50 -13.46
N ARG I 89 -30.67 -7.06 -13.69
CA ARG I 89 -29.74 -6.81 -12.64
C ARG I 89 -30.20 -5.73 -11.65
N VAL I 90 -29.85 -5.94 -10.39
CA VAL I 90 -30.21 -5.13 -9.23
C VAL I 90 -28.99 -4.77 -8.43
N ILE I 91 -28.83 -3.51 -8.08
CA ILE I 91 -27.68 -3.07 -7.31
C ILE I 91 -28.16 -2.46 -6.02
N TYR I 92 -27.64 -2.90 -4.89
CA TYR I 92 -27.97 -2.30 -3.59
C TYR I 92 -26.80 -1.40 -3.13
N ASN I 93 -27.04 -0.13 -2.92
CA ASN I 93 -25.98 0.80 -2.54
C ASN I 93 -26.43 1.49 -1.25
N ALA I 94 -25.55 1.58 -0.27
CA ALA I 94 -25.91 2.19 1.02
C ALA I 94 -24.72 2.79 1.72
N ARG I 95 -24.91 3.84 2.50
CA ARG I 95 -23.83 4.29 3.35
C ARG I 95 -23.94 3.64 4.71
N PHE I 96 -22.82 3.44 5.42
CA PHE I 96 -22.92 2.89 6.76
C PHE I 96 -21.85 3.44 7.67
N LEU I 97 -22.17 3.57 8.95
CA LEU I 97 -21.14 3.84 9.93
C LEU I 97 -21.32 2.75 10.93
N GLY I 98 -20.27 2.00 11.21
CA GLY I 98 -20.41 0.86 12.09
C GLY I 98 -19.24 0.74 13.03
N SER I 99 -19.51 0.15 14.20
CA SER I 99 -18.44 -0.20 15.13
C SER I 99 -18.14 -1.67 15.01
N PHE I 100 -16.90 -1.98 14.64
CA PHE I 100 -16.54 -3.35 14.38
C PHE I 100 -15.49 -3.85 15.38
N SER I 101 -15.50 -5.16 15.64
CA SER I 101 -14.54 -5.77 16.54
C SER I 101 -13.60 -6.69 15.82
N ASN I 102 -12.38 -6.75 16.32
CA ASN I 102 -11.39 -7.75 15.90
C ASN I 102 -10.37 -7.91 17.04
N ASP I 103 -9.79 -9.12 17.17
CA ASP I 103 -8.85 -9.39 18.23
C ASP I 103 -7.74 -8.38 18.19
N MET I 104 -7.48 -7.70 19.28
CA MET I 104 -6.42 -6.70 19.30
C MET I 104 -5.42 -6.82 20.44
N ASP I 105 -4.16 -7.02 20.08
CA ASP I 105 -3.09 -7.19 21.05
C ASP I 105 -2.40 -5.82 21.24
N PHE I 106 -2.51 -5.25 22.43
CA PHE I 106 -1.97 -3.91 22.63
C PHE I 106 -0.77 -3.94 23.51
N ARG I 107 -0.25 -5.14 23.68
CA ARG I 107 0.89 -5.37 24.53
C ARG I 107 2.13 -4.55 24.13
N LEU I 108 2.55 -4.53 22.87
CA LEU I 108 3.77 -3.76 22.64
C LEU I 108 3.55 -2.35 22.17
N PHE I 109 2.47 -1.77 22.67
CA PHE I 109 2.12 -0.37 22.51
C PHE I 109 3.27 0.38 23.16
N PRO I 110 3.62 1.55 22.63
CA PRO I 110 2.97 2.22 21.52
C PRO I 110 3.56 1.78 20.23
N PHE I 111 4.05 0.56 20.14
CA PHE I 111 4.53 0.11 18.84
C PHE I 111 3.67 -1.02 18.25
N ASP I 112 2.34 -1.01 18.52
CA ASP I 112 1.50 -2.13 18.08
C ASP I 112 1.31 -2.07 16.58
N ARG I 113 1.07 -3.24 16.01
CA ARG I 113 0.65 -3.39 14.64
C ARG I 113 -0.72 -4.00 14.74
N GLN I 114 -1.72 -3.42 14.12
CA GLN I 114 -3.10 -3.97 14.20
C GLN I 114 -3.69 -4.32 12.83
N GLN I 115 -4.81 -5.04 12.79
CA GLN I 115 -5.53 -5.15 11.51
C GLN I 115 -7.04 -4.99 11.65
N PHE I 116 -7.57 -4.03 10.89
CA PHE I 116 -8.99 -3.66 10.91
C PHE I 116 -9.81 -4.56 9.99
N VAL I 117 -10.78 -5.28 10.51
CA VAL I 117 -11.41 -6.35 9.75
C VAL I 117 -12.91 -6.17 9.57
N LEU I 118 -13.41 -6.57 8.41
CA LEU I 118 -14.82 -6.58 8.11
C LEU I 118 -15.29 -7.98 7.73
N GLU I 119 -16.42 -8.41 8.26
CA GLU I 119 -17.00 -9.67 7.80
C GLU I 119 -18.47 -9.59 7.34
N LEU I 120 -18.72 -9.91 6.08
CA LEU I 120 -20.03 -9.81 5.50
C LEU I 120 -20.53 -11.22 5.31
N GLU I 121 -21.77 -11.48 5.62
CA GLU I 121 -22.32 -12.79 5.40
C GLU I 121 -23.82 -12.63 5.27
N PRO I 122 -24.42 -13.31 4.30
CA PRO I 122 -25.85 -13.20 4.10
C PRO I 122 -26.54 -13.70 5.36
N PHE I 123 -27.51 -12.96 5.89
CA PHE I 123 -28.06 -13.36 7.17
C PHE I 123 -28.86 -14.64 7.07
N SER I 124 -29.66 -14.81 6.00
CA SER I 124 -30.58 -15.95 5.92
C SER I 124 -30.34 -16.93 4.79
N TYR I 125 -29.58 -16.51 3.78
CA TYR I 125 -29.39 -17.37 2.63
C TYR I 125 -28.03 -18.05 2.61
N ASN I 126 -28.02 -19.38 2.64
CA ASN I 126 -26.77 -20.13 2.60
C ASN I 126 -26.10 -20.18 1.21
N ASN I 127 -24.88 -20.73 1.17
CA ASN I 127 -24.09 -20.84 -0.05
C ASN I 127 -24.85 -21.46 -1.22
N GLN I 128 -25.83 -22.31 -0.94
CA GLN I 128 -26.56 -22.91 -2.03
C GLN I 128 -27.71 -22.01 -2.49
N GLN I 129 -28.01 -21.00 -1.67
CA GLN I 129 -28.96 -19.96 -2.05
C GLN I 129 -28.29 -18.67 -2.54
N LEU I 130 -27.34 -18.15 -1.77
CA LEU I 130 -26.64 -16.91 -2.10
C LEU I 130 -25.18 -17.08 -1.85
N ARG I 131 -24.38 -16.76 -2.86
CA ARG I 131 -22.95 -16.93 -2.81
C ARG I 131 -22.32 -15.61 -3.22
N PHE I 132 -21.24 -15.25 -2.53
CA PHE I 132 -20.50 -14.06 -2.86
C PHE I 132 -19.59 -14.35 -4.05
N SER I 133 -19.97 -13.81 -5.20
CA SER I 133 -19.25 -14.02 -6.45
C SER I 133 -17.86 -13.43 -6.37
N ASP I 134 -17.76 -12.16 -6.00
CA ASP I 134 -16.44 -11.55 -5.83
C ASP I 134 -16.56 -10.33 -4.95
N ILE I 135 -15.42 -9.81 -4.50
CA ILE I 135 -15.40 -8.59 -3.69
C ILE I 135 -14.21 -7.72 -3.97
N GLN I 136 -14.43 -6.42 -4.14
CA GLN I 136 -13.35 -5.45 -4.20
C GLN I 136 -13.54 -4.41 -3.14
N VAL I 137 -12.47 -4.06 -2.45
CA VAL I 137 -12.50 -3.12 -1.38
C VAL I 137 -11.69 -1.93 -1.85
N TYR I 138 -12.27 -0.74 -1.81
CA TYR I 138 -11.57 0.44 -2.29
C TYR I 138 -11.29 1.38 -1.12
N THR I 139 -10.05 1.37 -0.64
CA THR I 139 -9.64 2.25 0.45
C THR I 139 -8.96 3.49 -0.11
N GLU I 140 -9.76 4.45 -0.49
CA GLU I 140 -9.28 5.66 -1.15
C GLU I 140 -8.45 6.55 -0.23
N ASN I 141 -7.64 5.92 0.62
CA ASN I 141 -6.73 6.66 1.50
C ASN I 141 -5.32 6.71 0.91
N ILE I 142 -4.52 7.59 1.50
CA ILE I 142 -3.13 7.83 1.14
C ILE I 142 -2.70 9.06 1.94
N ASP I 143 -1.40 9.35 1.98
CA ASP I 143 -0.90 10.63 2.51
C ASP I 143 -1.29 10.95 3.98
N ASN I 144 -0.86 12.13 4.45
CA ASN I 144 -1.08 12.61 5.85
C ASN I 144 -0.77 11.55 6.90
N GLU I 145 0.44 11.01 6.86
CA GLU I 145 0.78 9.96 7.81
C GLU I 145 1.13 10.50 9.20
N GLU I 146 1.90 11.58 9.26
CA GLU I 146 2.28 12.16 10.55
C GLU I 146 1.26 13.12 11.18
N ILE I 147 0.11 13.25 10.52
CA ILE I 147 -1.06 13.97 11.06
C ILE I 147 -2.04 12.89 11.55
N ASP I 148 -1.94 11.70 10.97
CA ASP I 148 -2.76 10.59 11.40
C ASP I 148 -2.00 9.68 12.37
N GLU I 149 -2.83 9.07 13.21
CA GLU I 149 -2.44 8.20 14.29
C GLU I 149 -1.79 6.92 13.76
N TRP I 150 -2.35 6.42 12.67
CA TRP I 150 -1.98 5.15 12.09
C TRP I 150 -1.38 5.23 10.69
N TRP I 151 -0.55 4.27 10.35
CA TRP I 151 0.04 4.12 9.03
C TRP I 151 -0.60 2.95 8.33
N ILE I 152 -1.41 3.17 7.29
CA ILE I 152 -1.95 2.00 6.59
C ILE I 152 -0.85 1.31 5.79
N ARG I 153 -0.79 -0.03 5.84
CA ARG I 153 0.29 -0.76 5.16
C ARG I 153 -0.12 -1.16 3.75
N GLY I 154 -0.97 -2.16 3.68
CA GLY I 154 -1.43 -2.69 2.41
C GLY I 154 -2.55 -1.88 1.81
N LYS I 155 -3.19 -2.45 0.79
CA LYS I 155 -4.22 -1.73 0.07
C LYS I 155 -5.57 -2.28 0.45
N ALA I 156 -5.52 -3.42 1.13
CA ALA I 156 -6.66 -4.17 1.69
C ALA I 156 -6.61 -5.53 1.10
N SER I 157 -6.54 -6.51 1.97
CA SER I 157 -6.55 -7.87 1.59
C SER I 157 -7.96 -8.45 1.73
N THR I 158 -8.22 -9.50 0.98
CA THR I 158 -9.51 -10.12 0.93
C THR I 158 -9.51 -11.63 0.94
N HIS I 159 -10.56 -12.21 1.51
CA HIS I 159 -10.80 -13.64 1.48
C HIS I 159 -12.31 -13.90 1.43
N ILE I 160 -12.78 -14.45 0.32
CA ILE I 160 -14.10 -15.05 0.24
C ILE I 160 -13.93 -16.52 0.56
N SER I 161 -14.70 -17.00 1.53
CA SER I 161 -14.55 -18.37 2.05
C SER I 161 -15.91 -18.98 2.28
N ASP I 162 -15.93 -20.24 2.71
CA ASP I 162 -17.20 -20.88 3.05
C ASP I 162 -17.22 -21.23 4.51
N ILE I 163 -18.23 -20.74 5.23
CA ILE I 163 -18.35 -20.94 6.66
C ILE I 163 -19.31 -22.11 6.95
N ARG I 164 -18.83 -23.14 7.64
CA ARG I 164 -19.69 -24.28 7.93
C ARG I 164 -20.10 -24.16 9.39
N TYR I 165 -21.31 -23.63 9.56
CA TYR I 165 -22.09 -23.69 10.78
C TYR I 165 -22.57 -25.11 11.03
N ASP I 166 -21.85 -25.89 11.83
CA ASP I 166 -22.26 -27.30 12.00
C ASP I 166 -23.12 -27.56 13.25
N HIS I 167 -23.65 -26.48 13.84
CA HIS I 167 -24.68 -26.60 14.86
C HIS I 167 -26.08 -26.61 14.29
N LEU I 168 -26.97 -27.29 15.00
CA LEU I 168 -27.95 -28.16 14.34
C LEU I 168 -28.49 -27.70 12.99
N SER I 169 -27.54 -27.67 12.06
CA SER I 169 -27.68 -28.10 10.68
C SER I 169 -29.00 -28.81 10.51
N SER I 170 -28.97 -30.15 10.64
CA SER I 170 -30.15 -30.99 10.89
C SER I 170 -31.47 -30.47 10.33
N VAL I 171 -31.89 -29.32 10.83
CA VAL I 171 -32.96 -28.49 10.27
C VAL I 171 -32.94 -28.43 8.72
N GLN I 172 -31.83 -27.96 8.17
CA GLN I 172 -31.57 -28.04 6.73
C GLN I 172 -30.26 -28.80 6.49
N PRO I 173 -30.34 -30.14 6.39
CA PRO I 173 -29.15 -30.99 6.25
C PRO I 173 -28.50 -30.88 4.87
N ASN I 174 -27.19 -31.12 4.78
CA ASN I 174 -26.38 -31.06 3.54
C ASN I 174 -26.13 -29.63 3.07
N GLN I 175 -26.94 -28.71 3.59
CA GLN I 175 -26.91 -27.32 3.16
C GLN I 175 -26.96 -26.29 4.28
N ASN I 176 -25.81 -26.09 4.93
CA ASN I 176 -25.59 -25.09 5.98
C ASN I 176 -24.14 -24.56 5.98
N GLU I 177 -23.67 -24.17 4.80
CA GLU I 177 -22.38 -23.52 4.60
C GLU I 177 -22.64 -22.13 4.08
N PHE I 178 -22.23 -21.09 4.78
CA PHE I 178 -22.48 -19.74 4.29
C PHE I 178 -21.33 -19.06 3.64
N SER I 179 -21.59 -18.35 2.56
CA SER I 179 -20.50 -17.66 1.91
C SER I 179 -20.21 -16.36 2.64
N ARG I 180 -18.95 -16.20 3.03
CA ARG I 180 -18.48 -15.05 3.80
C ARG I 180 -17.36 -14.30 3.13
N ILE I 181 -17.50 -12.99 3.06
CA ILE I 181 -16.47 -12.10 2.62
C ILE I 181 -15.74 -11.55 3.86
N THR I 182 -14.41 -11.58 3.85
CA THR I 182 -13.61 -11.05 4.94
C THR I 182 -12.68 -10.00 4.40
N VAL I 183 -12.77 -8.76 4.84
CA VAL I 183 -11.82 -7.74 4.42
C VAL I 183 -10.81 -7.48 5.55
N ARG I 184 -9.53 -7.35 5.23
CA ARG I 184 -8.50 -7.07 6.24
C ARG I 184 -7.64 -5.86 5.87
N ILE I 185 -7.48 -4.89 6.73
CA ILE I 185 -6.61 -3.76 6.41
C ILE I 185 -5.52 -3.65 7.46
N ASP I 186 -4.27 -3.82 7.07
CA ASP I 186 -3.18 -3.81 8.02
C ASP I 186 -2.77 -2.41 8.38
N ALA I 187 -2.40 -2.19 9.64
CA ALA I 187 -2.00 -0.85 10.10
C ALA I 187 -0.96 -0.91 11.18
N VAL I 188 -0.18 0.15 11.29
CA VAL I 188 0.91 0.20 12.23
C VAL I 188 0.84 1.47 13.09
N ARG I 189 1.10 1.41 14.40
CA ARG I 189 0.96 2.64 15.17
C ARG I 189 2.14 3.57 15.01
N ASN I 190 1.85 4.86 14.83
CA ASN I 190 2.88 5.88 14.71
C ASN I 190 3.39 6.33 16.09
N PRO I 191 4.49 5.71 16.56
CA PRO I 191 4.95 5.82 17.94
C PRO I 191 5.63 7.12 18.26
N SER I 192 5.70 7.97 17.26
CA SER I 192 6.36 9.23 17.44
C SER I 192 5.78 9.97 18.64
N TYR I 193 4.45 10.09 18.74
CA TYR I 193 3.86 10.90 19.81
C TYR I 193 4.26 10.44 21.22
N TYR I 194 4.19 9.13 21.43
CA TYR I 194 4.49 8.53 22.71
C TYR I 194 5.97 8.54 23.06
N LEU I 195 6.82 8.59 22.05
CA LEU I 195 8.25 8.64 22.28
C LEU I 195 8.61 9.96 22.96
N TRP I 196 8.20 11.05 22.32
CA TRP I 196 8.56 12.39 22.75
C TRP I 196 7.87 12.88 24.00
N SER I 197 6.62 12.46 24.20
CA SER I 197 5.87 12.93 25.37
C SER I 197 5.70 11.95 26.52
N PHE I 198 6.02 10.68 26.32
CA PHE I 198 5.86 9.69 27.40
C PHE I 198 7.15 8.98 27.66
N ILE I 199 7.71 8.30 26.66
CA ILE I 199 8.93 7.53 26.88
C ILE I 199 10.06 8.46 27.37
N LEU I 200 10.30 9.53 26.60
CA LEU I 200 11.38 10.50 26.88
C LEU I 200 11.38 11.03 28.31
N PRO I 201 10.31 11.73 28.70
CA PRO I 201 10.47 12.27 30.06
C PRO I 201 10.59 11.18 31.10
N LEU I 202 9.95 10.03 30.84
CA LEU I 202 10.01 8.91 31.78
C LEU I 202 11.48 8.56 31.91
N GLY I 203 12.20 8.57 30.79
CA GLY I 203 13.63 8.35 30.81
C GLY I 203 14.41 9.41 31.56
N LEU I 204 14.12 10.69 31.32
CA LEU I 204 14.84 11.76 32.02
C LEU I 204 14.64 11.71 33.53
N ILE I 205 13.43 11.35 33.97
CA ILE I 205 13.19 11.09 35.38
C ILE I 205 14.05 9.95 35.83
N ILE I 206 13.96 8.79 35.17
CA ILE I 206 14.74 7.64 35.61
C ILE I 206 16.22 7.99 35.65
N ALA I 207 16.71 8.71 34.64
CA ALA I 207 18.14 9.05 34.63
C ALA I 207 18.51 9.90 35.84
N ALA I 208 17.77 10.98 36.05
CA ALA I 208 18.00 11.87 37.19
C ALA I 208 17.74 11.13 38.50
N SER I 209 16.98 10.03 38.44
CA SER I 209 16.83 9.16 39.60
C SER I 209 18.17 8.69 40.07
N TRP I 210 19.05 8.41 39.11
CA TRP I 210 20.36 7.90 39.42
C TRP I 210 21.31 8.94 39.96
N SER I 211 20.96 10.20 39.80
CA SER I 211 21.84 11.29 40.22
C SER I 211 21.88 11.42 41.75
N VAL I 212 21.20 10.49 42.42
CA VAL I 212 21.09 10.44 43.87
C VAL I 212 22.42 10.11 44.53
N PHE I 213 23.30 9.45 43.77
CA PHE I 213 24.59 8.98 44.23
C PHE I 213 25.68 10.04 44.23
N TRP I 214 25.46 11.13 43.49
CA TRP I 214 26.41 12.26 43.50
C TRP I 214 26.20 13.20 44.70
N LEU I 215 25.25 12.82 45.54
CA LEU I 215 24.96 13.48 46.81
C LEU I 215 25.90 13.00 47.87
N GLU I 216 26.34 13.92 48.70
CA GLU I 216 27.34 13.63 49.71
C GLU I 216 26.81 12.86 50.93
N SER I 217 25.91 13.48 51.69
CA SER I 217 25.42 12.88 52.93
C SER I 217 24.52 11.66 52.74
N PHE I 218 24.36 10.87 53.80
CA PHE I 218 23.38 9.78 53.80
C PHE I 218 21.95 10.26 53.96
N SER I 219 21.73 11.28 54.79
CA SER I 219 20.37 11.82 54.94
C SER I 219 19.94 12.34 53.60
N GLU I 220 20.85 12.99 52.89
CA GLU I 220 20.55 13.53 51.57
C GLU I 220 20.19 12.42 50.61
N ARG I 221 21.02 11.37 50.63
CA ARG I 221 20.85 10.20 49.77
C ARG I 221 19.54 9.50 50.03
N LEU I 222 19.17 9.36 51.29
CA LEU I 222 17.95 8.63 51.61
C LEU I 222 16.73 9.51 51.47
N GLN I 223 16.79 10.73 52.00
CA GLN I 223 15.65 11.64 51.87
C GLN I 223 15.29 12.00 50.41
N THR I 224 16.30 12.26 49.57
CA THR I 224 16.08 12.64 48.18
C THR I 224 15.48 11.46 47.42
N SER I 225 15.76 10.24 47.86
CA SER I 225 15.20 9.08 47.15
C SER I 225 13.68 8.95 47.32
N PHE I 226 13.14 9.61 48.34
CA PHE I 226 11.69 9.64 48.53
C PHE I 226 11.01 10.69 47.64
N THR I 227 11.66 11.83 47.44
CA THR I 227 11.13 12.83 46.53
C THR I 227 11.11 12.19 45.14
N LEU I 228 12.09 11.32 44.91
CA LEU I 228 12.27 10.60 43.65
C LEU I 228 11.16 9.56 43.40
N MET I 229 10.81 8.86 44.47
CA MET I 229 9.76 7.85 44.42
C MET I 229 8.41 8.49 44.12
N LEU I 230 8.14 9.61 44.80
CA LEU I 230 6.88 10.35 44.66
C LEU I 230 6.76 10.83 43.22
N THR I 231 7.90 11.19 42.62
CA THR I 231 7.93 11.67 41.23
C THR I 231 7.46 10.60 40.23
N VAL I 232 7.87 9.36 40.44
CA VAL I 232 7.42 8.25 39.61
C VAL I 232 5.91 7.99 39.78
N VAL I 233 5.38 8.13 41.00
CA VAL I 233 3.93 8.02 41.17
C VAL I 233 3.17 9.17 40.52
N ALA I 234 3.64 10.39 40.74
CA ALA I 234 3.04 11.55 40.10
C ALA I 234 3.08 11.33 38.59
N TYR I 235 4.13 10.70 38.10
CA TYR I 235 4.24 10.35 36.69
C TYR I 235 3.35 9.18 36.26
N ALA I 236 3.30 8.11 37.07
CA ALA I 236 2.43 6.96 36.79
C ALA I 236 0.97 7.39 36.63
N PHE I 237 0.56 8.37 37.46
CA PHE I 237 -0.79 8.92 37.45
C PHE I 237 -1.10 9.60 36.12
N TYR I 238 -0.26 10.55 35.75
CA TYR I 238 -0.34 11.29 34.48
C TYR I 238 -0.37 10.36 33.23
N THR I 239 0.44 9.31 33.25
CA THR I 239 0.44 8.31 32.19
C THR I 239 -0.86 7.54 32.01
N SER I 240 -1.30 6.84 33.05
CA SER I 240 -2.51 6.01 32.95
C SER I 240 -3.81 6.81 32.74
N ASN I 241 -3.82 8.05 33.18
CA ASN I 241 -4.94 8.95 32.96
C ASN I 241 -5.13 9.30 31.47
N ILE I 242 -4.01 9.35 30.73
CA ILE I 242 -3.98 9.69 29.29
C ILE I 242 -3.86 8.48 28.34
N LEU I 243 -3.01 7.52 28.69
CA LEU I 243 -2.80 6.28 27.91
C LEU I 243 -3.99 5.31 27.88
N PRO I 244 -4.12 4.53 26.79
CA PRO I 244 -5.29 3.68 26.57
C PRO I 244 -5.51 2.59 27.60
N ARG I 245 -6.73 2.40 28.04
CA ARG I 245 -7.03 1.38 29.04
C ARG I 245 -6.96 -0.03 28.45
N LEU I 246 -6.21 -0.90 29.12
CA LEU I 246 -5.94 -2.27 28.69
C LEU I 246 -6.05 -3.29 29.86
N PRO I 247 -6.19 -4.58 29.55
CA PRO I 247 -6.18 -5.53 30.66
C PRO I 247 -4.80 -6.10 30.93
N TYR I 248 -3.75 -5.48 30.41
CA TYR I 248 -2.39 -5.98 30.58
C TYR I 248 -1.31 -4.91 30.53
N THR I 249 -0.08 -5.27 30.88
CA THR I 249 0.97 -4.25 30.84
C THR I 249 1.62 -4.04 29.46
N THR I 250 1.82 -2.76 29.15
CA THR I 250 2.51 -2.35 27.94
C THR I 250 3.96 -2.03 28.21
N VAL I 251 4.61 -1.58 27.15
CA VAL I 251 5.99 -1.18 27.20
C VAL I 251 6.17 0.02 28.13
N ILE I 252 5.30 1.01 27.99
CA ILE I 252 5.30 2.14 28.92
C ILE I 252 5.08 1.67 30.35
N ASP I 253 4.24 0.65 30.53
CA ASP I 253 4.01 0.13 31.87
C ASP I 253 5.29 -0.35 32.53
N GLN I 254 6.05 -1.13 31.76
CA GLN I 254 7.24 -1.77 32.29
C GLN I 254 8.31 -0.76 32.65
N MET I 255 8.44 0.28 31.83
CA MET I 255 9.32 1.39 32.13
C MET I 255 8.95 2.00 33.46
N ILE I 256 7.66 2.18 33.69
CA ILE I 256 7.22 2.68 34.99
C ILE I 256 7.62 1.70 36.08
N ILE I 257 7.46 0.39 35.86
CA ILE I 257 7.86 -0.53 36.92
C ILE I 257 9.36 -0.41 37.17
N ALA I 258 10.15 -0.40 36.09
CA ALA I 258 11.61 -0.32 36.21
C ALA I 258 12.10 0.93 36.91
N GLY I 259 11.35 2.01 36.82
CA GLY I 259 11.70 3.18 37.59
C GLY I 259 11.51 2.91 39.07
N TYR I 260 10.32 2.38 39.37
CA TYR I 260 9.97 1.98 40.71
C TYR I 260 11.03 0.99 41.19
N GLY I 261 11.51 0.15 40.28
CA GLY I 261 12.55 -0.81 40.57
C GLY I 261 13.86 -0.11 40.89
N SER I 262 14.25 0.86 40.06
CA SER I 262 15.52 1.58 40.29
C SER I 262 15.53 2.28 41.65
N ILE I 263 14.45 2.98 41.96
CA ILE I 263 14.42 3.71 43.20
C ILE I 263 14.38 2.80 44.45
N PHE I 264 13.59 1.72 44.44
CA PHE I 264 13.58 0.78 45.58
C PHE I 264 14.93 0.07 45.67
N ALA I 265 15.55 -0.16 44.51
CA ALA I 265 16.86 -0.76 44.51
C ALA I 265 17.89 0.15 45.17
N ALA I 266 17.90 1.42 44.78
CA ALA I 266 18.81 2.41 45.36
C ALA I 266 18.60 2.59 46.88
N ILE I 267 17.34 2.61 47.29
CA ILE I 267 16.98 2.74 48.69
C ILE I 267 17.71 1.65 49.43
N LEU I 268 17.65 0.43 48.90
CA LEU I 268 18.31 -0.69 49.54
C LEU I 268 19.81 -0.48 49.60
N LEU I 269 20.44 -0.19 48.47
CA LEU I 269 21.88 0.07 48.51
C LEU I 269 22.22 1.24 49.42
N ILE I 270 21.45 2.33 49.34
CA ILE I 270 21.75 3.50 50.18
C ILE I 270 21.73 3.17 51.69
N ILE I 271 20.66 2.50 52.13
CA ILE I 271 20.56 1.99 53.50
C ILE I 271 21.66 0.97 53.76
N PHE I 272 21.94 0.12 52.80
CA PHE I 272 23.00 -0.86 52.98
C PHE I 272 24.37 -0.18 53.14
N ALA I 273 24.72 0.72 52.24
CA ALA I 273 25.98 1.47 52.30
C ALA I 273 26.29 2.09 53.68
N HIS I 274 25.33 2.78 54.28
CA HIS I 274 25.53 3.47 55.55
C HIS I 274 25.72 2.56 56.77
N HIS I 275 24.88 1.54 56.87
CA HIS I 275 24.85 0.68 58.06
C HIS I 275 25.65 -0.61 57.97
N ARG I 276 26.20 -0.92 56.81
CA ARG I 276 27.15 -2.04 56.68
C ARG I 276 28.60 -1.56 56.90
N GLN I 277 29.11 -1.74 58.11
CA GLN I 277 30.36 -1.09 58.50
C GLN I 277 31.31 -1.90 59.39
N ALA I 278 32.47 -1.30 59.67
CA ALA I 278 33.42 -1.87 60.62
C ALA I 278 33.69 -0.83 61.71
N ASN I 279 32.77 0.14 61.81
CA ASN I 279 32.86 1.21 62.81
C ASN I 279 31.50 1.87 63.08
N GLY I 280 30.86 2.34 62.03
CA GLY I 280 29.58 3.01 62.14
C GLY I 280 29.23 3.83 60.91
N VAL I 281 30.19 4.63 60.43
CA VAL I 281 29.99 5.42 59.21
C VAL I 281 30.92 5.02 58.06
N GLU I 282 31.38 3.76 58.06
CA GLU I 282 32.18 3.24 56.95
C GLU I 282 31.25 2.97 55.77
N ASP I 283 30.98 4.02 54.99
CA ASP I 283 30.15 3.92 53.80
C ASP I 283 30.98 3.31 52.65
N ASP I 284 30.58 2.13 52.16
CA ASP I 284 31.38 1.36 51.20
C ASP I 284 31.88 2.18 50.00
N LEU I 285 33.17 2.54 50.03
CA LEU I 285 33.82 3.42 49.05
C LEU I 285 33.47 3.07 47.60
N LEU I 286 33.32 1.78 47.32
CA LEU I 286 32.92 1.32 46.00
C LEU I 286 31.40 1.29 45.85
N ILE I 287 30.69 0.87 46.89
CA ILE I 287 29.27 0.67 46.71
C ILE I 287 28.61 2.04 46.58
N GLN I 288 29.18 3.03 47.27
CA GLN I 288 28.66 4.39 47.22
C GLN I 288 28.98 4.98 45.86
N ARG I 289 30.04 4.48 45.23
CA ARG I 289 30.43 4.95 43.90
C ARG I 289 29.93 3.96 42.87
N CYS I 290 28.79 3.34 43.14
CA CYS I 290 28.00 2.64 42.11
C CYS I 290 27.15 3.67 41.34
N ARG I 291 27.72 4.85 41.17
CA ARG I 291 27.12 5.95 40.42
C ARG I 291 27.06 5.57 38.97
N LEU I 292 27.82 4.53 38.63
CA LEU I 292 27.95 4.06 37.27
C LEU I 292 27.47 2.64 37.16
N ALA I 293 27.60 1.93 38.27
CA ALA I 293 27.33 0.51 38.30
C ALA I 293 25.90 0.23 37.82
N PHE I 294 24.91 0.67 38.56
CA PHE I 294 23.57 0.35 38.09
C PHE I 294 22.84 1.27 37.04
N PRO I 295 23.42 2.44 36.66
CA PRO I 295 22.89 3.06 35.43
C PRO I 295 23.11 2.21 34.19
N LEU I 296 24.25 1.55 34.10
CA LEU I 296 24.46 0.64 32.99
C LEU I 296 23.91 -0.70 33.39
N GLY I 297 23.76 -0.89 34.69
CA GLY I 297 23.11 -2.09 35.17
C GLY I 297 21.64 -2.00 34.83
N PHE I 298 21.16 -0.77 34.65
CA PHE I 298 19.76 -0.55 34.27
C PHE I 298 19.66 -0.75 32.77
N LEU I 299 20.69 -0.31 32.06
CA LEU I 299 20.79 -0.47 30.63
C LEU I 299 21.09 -1.91 30.25
N ALA I 300 21.68 -2.63 31.19
CA ALA I 300 21.92 -4.05 30.99
C ALA I 300 20.65 -4.83 31.25
N ILE I 301 19.99 -4.52 32.37
CA ILE I 301 18.72 -5.16 32.72
C ILE I 301 17.64 -4.73 31.74
N GLY I 302 17.78 -3.51 31.22
CA GLY I 302 16.89 -2.99 30.20
C GLY I 302 16.99 -3.66 28.83
N CYS I 303 18.22 -3.97 28.41
CA CYS I 303 18.40 -4.61 27.12
C CYS I 303 18.07 -6.09 27.19
N VAL I 304 18.13 -6.64 28.39
CA VAL I 304 17.74 -8.04 28.60
C VAL I 304 16.22 -8.21 28.57
N LEU I 305 15.45 -7.23 29.04
CA LEU I 305 13.99 -7.31 28.99
C LEU I 305 13.45 -7.25 27.56
N VAL I 306 14.21 -6.61 26.68
CA VAL I 306 13.83 -6.52 25.28
C VAL I 306 14.10 -7.84 24.53
N ILE I 307 14.84 -8.77 25.15
CA ILE I 307 15.10 -10.06 24.49
C ILE I 307 13.83 -10.89 24.49
N PRO J 1 -31.79 17.36 -17.42
CA PRO J 1 -30.77 17.42 -16.34
C PRO J 1 -31.19 18.46 -15.30
N VAL J 2 -31.83 18.03 -14.23
CA VAL J 2 -32.50 18.92 -13.30
C VAL J 2 -31.57 19.89 -12.59
N ASP J 3 -31.88 21.18 -12.72
CA ASP J 3 -31.17 22.20 -11.98
C ASP J 3 -31.72 22.34 -10.57
N VAL J 4 -30.87 22.12 -9.56
CA VAL J 4 -31.26 22.35 -8.17
C VAL J 4 -30.50 23.53 -7.57
N SER J 5 -31.24 24.48 -7.01
CA SER J 5 -30.62 25.57 -6.26
C SER J 5 -30.61 25.26 -4.75
N VAL J 6 -29.46 25.48 -4.12
CA VAL J 6 -29.31 25.21 -2.71
C VAL J 6 -28.98 26.49 -1.97
N SER J 7 -29.51 26.59 -0.75
CA SER J 7 -29.12 27.61 0.20
C SER J 7 -28.97 26.93 1.56
N ILE J 8 -27.81 27.08 2.19
CA ILE J 8 -27.53 26.56 3.53
C ILE J 8 -27.57 27.74 4.51
N PHE J 9 -28.31 27.60 5.60
CA PHE J 9 -28.19 28.63 6.64
C PHE J 9 -27.54 28.03 7.89
N ILE J 10 -26.34 28.49 8.22
CA ILE J 10 -25.59 27.97 9.37
C ILE J 10 -26.03 28.69 10.62
N ASN J 11 -26.56 27.93 11.57
CA ASN J 11 -26.97 28.49 12.86
C ASN J 11 -25.90 28.44 13.92
N LYS J 12 -25.22 27.31 14.00
CA LYS J 12 -24.26 27.08 15.06
C LYS J 12 -23.20 26.06 14.59
N ILE J 13 -21.92 26.39 14.77
CA ILE J 13 -20.83 25.41 14.62
C ILE J 13 -20.16 25.27 16.00
N TYR J 14 -20.25 24.08 16.57
CA TYR J 14 -19.75 23.88 17.92
C TYR J 14 -19.20 22.49 18.15
N GLY J 15 -18.70 22.24 19.36
CA GLY J 15 -18.32 20.89 19.75
C GLY J 15 -17.32 20.13 18.89
N VAL J 16 -16.13 20.74 18.77
CA VAL J 16 -14.99 20.17 18.05
C VAL J 16 -14.37 18.93 18.76
N ASN J 17 -14.36 17.77 18.11
CA ASN J 17 -13.66 16.62 18.65
C ASN J 17 -12.27 16.55 18.03
N THR J 18 -11.23 16.92 18.78
CA THR J 18 -9.90 16.94 18.19
C THR J 18 -9.44 15.56 17.74
N LEU J 19 -9.71 14.52 18.51
CA LEU J 19 -9.25 13.21 18.08
C LEU J 19 -9.88 12.74 16.78
N GLU J 20 -11.22 12.79 16.70
CA GLU J 20 -11.97 12.28 15.56
C GLU J 20 -11.97 13.23 14.39
N GLN J 21 -11.51 14.45 14.66
CA GLN J 21 -11.48 15.51 13.68
C GLN J 21 -12.90 15.79 13.19
N THR J 22 -13.71 16.31 14.11
CA THR J 22 -15.17 16.39 14.06
C THR J 22 -15.66 17.73 14.57
N TYR J 23 -16.78 18.21 14.06
CA TYR J 23 -17.41 19.44 14.58
C TYR J 23 -18.91 19.33 14.33
N LYS J 24 -19.71 20.08 15.08
CA LYS J 24 -21.15 20.02 14.88
C LYS J 24 -21.65 21.22 14.13
N VAL J 25 -22.53 20.98 13.16
CA VAL J 25 -23.22 22.07 12.48
C VAL J 25 -24.72 21.90 12.51
N ASP J 26 -25.39 22.93 13.02
CA ASP J 26 -26.83 23.06 13.03
C ASP J 26 -27.19 24.19 12.09
N GLY J 27 -28.18 23.94 11.24
CA GLY J 27 -28.70 24.94 10.32
C GLY J 27 -29.86 24.40 9.48
N TYR J 28 -30.19 25.08 8.39
CA TYR J 28 -31.28 24.63 7.54
C TYR J 28 -30.76 24.51 6.11
N ILE J 29 -31.24 23.50 5.36
CA ILE J 29 -30.94 23.43 3.93
C ILE J 29 -32.21 23.81 3.23
N VAL J 30 -32.07 24.58 2.16
CA VAL J 30 -33.18 24.74 1.26
C VAL J 30 -32.69 24.24 -0.08
N ALA J 31 -33.41 23.32 -0.70
CA ALA J 31 -33.08 22.87 -2.07
C ALA J 31 -34.28 23.13 -2.96
N GLN J 32 -34.07 23.74 -4.12
CA GLN J 32 -35.18 24.10 -5.01
C GLN J 32 -35.04 23.55 -6.44
N TRP J 33 -36.15 23.11 -7.03
CA TRP J 33 -36.19 22.76 -8.45
C TRP J 33 -37.53 23.05 -9.03
N THR J 34 -37.62 22.99 -10.36
CA THR J 34 -38.88 23.21 -11.03
C THR J 34 -39.44 21.92 -11.66
N GLY J 35 -40.66 21.54 -11.29
CA GLY J 35 -41.31 20.35 -11.84
C GLY J 35 -42.34 20.66 -12.92
N LYS J 36 -43.19 19.69 -13.25
CA LYS J 36 -44.30 19.96 -14.16
C LYS J 36 -45.32 20.64 -13.26
N PRO J 37 -45.95 21.75 -13.75
CA PRO J 37 -46.96 22.51 -12.97
C PRO J 37 -48.07 21.69 -12.27
N ARG J 38 -48.49 22.13 -11.09
CA ARG J 38 -49.46 21.42 -10.24
C ARG J 38 -50.68 22.32 -10.12
N LYS J 39 -51.78 21.77 -9.64
CA LYS J 39 -52.94 22.61 -9.38
C LYS J 39 -53.07 22.82 -7.88
N THR J 40 -52.56 23.91 -7.34
CA THR J 40 -52.59 24.04 -5.89
C THR J 40 -53.83 24.83 -5.45
N PRO J 41 -54.32 24.60 -4.23
CA PRO J 41 -55.45 25.31 -3.64
C PRO J 41 -55.27 26.82 -3.68
N GLY J 42 -56.29 27.56 -4.11
CA GLY J 42 -56.12 28.99 -4.30
C GLY J 42 -55.30 29.07 -5.55
N ASP J 43 -54.02 29.35 -5.38
CA ASP J 43 -53.05 29.27 -6.44
C ASP J 43 -51.76 29.56 -5.75
N LYS J 44 -51.90 29.77 -4.44
CA LYS J 44 -50.80 29.94 -3.54
C LYS J 44 -50.10 28.59 -3.31
N PRO J 45 -48.81 28.62 -3.02
CA PRO J 45 -48.04 27.39 -2.83
C PRO J 45 -48.64 26.46 -1.78
N LEU J 46 -48.60 25.15 -2.05
CA LEU J 46 -49.13 24.11 -1.17
C LEU J 46 -48.01 23.71 -0.27
N ILE J 47 -48.26 23.69 1.03
CA ILE J 47 -47.22 23.31 1.98
C ILE J 47 -47.46 21.90 2.58
N VAL J 48 -46.40 21.07 2.56
CA VAL J 48 -46.45 19.71 3.08
C VAL J 48 -45.37 19.58 4.14
N GLU J 49 -45.73 19.38 5.40
CA GLU J 49 -44.75 19.26 6.51
C GLU J 49 -44.45 17.77 6.83
N ASN J 50 -43.41 17.57 7.65
CA ASN J 50 -42.84 16.28 8.04
C ASN J 50 -43.48 15.02 7.49
N THR J 51 -44.10 14.25 8.37
CA THR J 51 -44.70 12.98 8.02
C THR J 51 -45.39 12.92 6.66
N GLN J 52 -46.08 13.97 6.29
CA GLN J 52 -46.78 13.94 5.04
C GLN J 52 -45.92 13.91 3.81
N ILE J 53 -44.64 14.27 3.90
CA ILE J 53 -43.83 14.37 2.67
C ILE J 53 -43.64 13.02 2.03
N GLU J 54 -43.33 12.04 2.88
CA GLU J 54 -43.18 10.67 2.45
C GLU J 54 -44.45 10.17 1.77
N ARG J 55 -45.60 10.61 2.27
CA ARG J 55 -46.88 10.19 1.70
C ARG J 55 -47.03 10.67 0.27
N TRP J 56 -46.54 11.88 -0.02
CA TRP J 56 -46.56 12.43 -1.39
C TRP J 56 -45.55 11.70 -2.23
N ILE J 57 -44.44 11.32 -1.63
CA ILE J 57 -43.40 10.60 -2.36
C ILE J 57 -43.92 9.26 -2.89
N ASN J 58 -44.76 8.55 -2.13
CA ASN J 58 -45.42 7.35 -2.64
C ASN J 58 -46.28 7.60 -3.87
N ASN J 59 -46.87 8.79 -3.95
CA ASN J 59 -47.72 9.12 -5.08
C ASN J 59 -46.90 9.67 -6.22
N GLY J 60 -45.57 9.58 -6.10
CA GLY J 60 -44.70 9.91 -7.20
C GLY J 60 -44.01 11.26 -7.15
N LEU J 61 -44.06 11.96 -6.02
CA LEU J 61 -43.35 13.23 -5.91
C LEU J 61 -41.89 12.91 -5.84
N TRP J 62 -41.14 13.39 -6.82
CA TRP J 62 -39.72 13.13 -6.84
C TRP J 62 -39.06 14.10 -5.90
N VAL J 63 -38.52 13.56 -4.82
CA VAL J 63 -37.67 14.35 -3.94
C VAL J 63 -36.30 13.67 -3.87
N PRO J 64 -35.32 14.31 -4.49
CA PRO J 64 -34.02 13.69 -4.58
C PRO J 64 -33.37 13.74 -3.21
N ALA J 65 -32.79 12.63 -2.78
CA ALA J 65 -32.10 12.58 -1.51
C ALA J 65 -30.75 13.25 -1.63
N LEU J 66 -30.50 14.31 -0.88
CA LEU J 66 -29.16 14.89 -1.00
C LEU J 66 -28.25 14.53 0.17
N GLU J 67 -27.25 13.70 -0.09
CA GLU J 67 -26.31 13.24 0.95
C GLU J 67 -25.22 14.24 1.30
N PHE J 68 -25.00 14.38 2.61
CA PHE J 68 -23.89 15.11 3.20
C PHE J 68 -22.65 14.18 3.14
N ILE J 69 -21.76 14.43 2.20
CA ILE J 69 -20.62 13.53 2.01
C ILE J 69 -19.81 13.39 3.28
N ASN J 70 -19.51 14.50 3.94
CA ASN J 70 -18.59 14.43 5.04
C ASN J 70 -19.20 14.40 6.43
N VAL J 71 -20.45 13.96 6.51
CA VAL J 71 -21.10 13.74 7.81
C VAL J 71 -20.73 12.40 8.50
N VAL J 72 -20.42 12.54 9.78
CA VAL J 72 -20.07 11.42 10.64
C VAL J 72 -21.36 10.84 11.18
N GLY J 73 -21.72 9.63 10.77
CA GLY J 73 -23.01 9.12 11.21
C GLY J 73 -24.09 9.65 10.29
N SER J 74 -25.31 9.80 10.81
CA SER J 74 -26.40 10.35 10.03
C SER J 74 -27.02 11.47 10.81
N PRO J 75 -27.28 12.64 10.17
CA PRO J 75 -27.66 13.90 10.82
C PRO J 75 -29.01 13.86 11.54
N ASP J 76 -29.13 14.68 12.59
CA ASP J 76 -30.43 14.88 13.22
C ASP J 76 -31.19 15.83 12.35
N THR J 77 -32.21 15.26 11.72
CA THR J 77 -33.12 15.98 10.92
C THR J 77 -34.25 16.38 11.80
N GLY J 78 -34.54 17.67 11.84
CA GLY J 78 -35.71 18.21 12.50
C GLY J 78 -36.94 18.23 11.58
N ASN J 79 -37.52 19.43 11.44
CA ASN J 79 -38.70 19.60 10.61
C ASN J 79 -38.40 19.64 9.14
N LYS J 80 -39.29 19.05 8.36
CA LYS J 80 -39.16 18.99 6.93
C LYS J 80 -40.34 19.77 6.40
N ARG J 81 -40.18 20.31 5.21
CA ARG J 81 -41.19 21.16 4.66
C ARG J 81 -41.04 20.97 3.16
N LEU J 82 -42.16 20.72 2.49
CA LEU J 82 -42.17 20.76 1.04
C LEU J 82 -43.03 21.93 0.70
N MET J 83 -42.55 22.77 -0.20
CA MET J 83 -43.29 23.91 -0.71
C MET J 83 -43.56 23.75 -2.19
N LEU J 84 -44.76 23.29 -2.57
CA LEU J 84 -45.06 22.96 -3.97
C LEU J 84 -45.78 24.11 -4.67
N PHE J 85 -45.19 24.65 -5.72
CA PHE J 85 -45.80 25.75 -6.45
C PHE J 85 -46.60 25.25 -7.66
N PRO J 86 -47.61 26.03 -8.06
CA PRO J 86 -48.47 25.66 -9.18
C PRO J 86 -47.70 25.73 -10.49
N ASP J 87 -46.68 26.59 -10.52
CA ASP J 87 -45.85 26.73 -11.69
C ASP J 87 -44.89 25.57 -11.86
N GLY J 88 -44.83 24.70 -10.86
CA GLY J 88 -44.04 23.51 -11.04
C GLY J 88 -42.92 23.47 -10.03
N ARG J 89 -42.38 24.65 -9.71
CA ARG J 89 -41.19 24.70 -8.85
C ARG J 89 -41.41 24.08 -7.47
N VAL J 90 -40.36 23.47 -6.93
CA VAL J 90 -40.46 22.76 -5.67
C VAL J 90 -39.33 23.10 -4.68
N ILE J 91 -39.68 23.32 -3.43
CA ILE J 91 -38.70 23.66 -2.43
C ILE J 91 -38.69 22.62 -1.30
N TYR J 92 -37.50 22.12 -0.96
CA TYR J 92 -37.29 21.24 0.19
C TYR J 92 -36.55 22.06 1.26
N ASN J 93 -37.14 22.17 2.44
CA ASN J 93 -36.49 22.90 3.53
C ASN J 93 -36.50 22.08 4.80
N ALA J 94 -35.36 21.93 5.47
CA ALA J 94 -35.30 21.11 6.69
C ALA J 94 -34.30 21.66 7.69
N ARG J 95 -34.51 21.36 8.97
CA ARG J 95 -33.48 21.70 9.90
C ARG J 95 -32.58 20.48 10.09
N PHE J 96 -31.29 20.69 10.30
CA PHE J 96 -30.38 19.56 10.48
C PHE J 96 -29.34 19.84 11.54
N LEU J 97 -28.96 18.80 12.26
CA LEU J 97 -27.84 18.89 13.18
C LEU J 97 -26.98 17.72 12.86
N GLY J 98 -25.74 18.00 12.50
CA GLY J 98 -24.88 16.95 12.05
C GLY J 98 -23.46 17.07 12.54
N SER J 99 -22.83 15.91 12.58
CA SER J 99 -21.41 15.83 12.82
C SER J 99 -20.63 15.74 11.50
N PHE J 100 -19.80 16.74 11.29
CA PHE J 100 -19.07 16.80 10.08
C PHE J 100 -17.58 16.57 10.34
N SER J 101 -16.94 15.89 9.38
CA SER J 101 -15.56 15.48 9.46
C SER J 101 -14.79 16.34 8.49
N ASN J 102 -13.56 16.71 8.83
CA ASN J 102 -12.64 17.38 7.91
C ASN J 102 -11.25 17.21 8.43
N ASP J 103 -10.26 17.18 7.54
CA ASP J 103 -8.88 17.12 7.99
C ASP J 103 -8.55 18.31 8.88
N MET J 104 -8.09 18.03 10.08
CA MET J 104 -7.74 19.07 11.02
C MET J 104 -6.33 18.89 11.56
N ASP J 105 -5.53 19.92 11.36
CA ASP J 105 -4.17 19.94 11.84
C ASP J 105 -4.19 20.68 13.15
N PHE J 106 -3.79 20.03 14.24
CA PHE J 106 -3.79 20.73 15.52
C PHE J 106 -2.39 20.98 16.05
N ARG J 107 -1.38 20.82 15.20
CA ARG J 107 0.01 20.92 15.64
C ARG J 107 0.32 22.22 16.39
N LEU J 108 -0.09 23.35 15.86
CA LEU J 108 0.26 24.60 16.53
C LEU J 108 -0.80 25.24 17.42
N PHE J 109 -1.52 24.37 18.14
CA PHE J 109 -2.46 24.73 19.19
C PHE J 109 -1.71 25.45 20.28
N PRO J 110 -2.34 26.44 20.93
CA PRO J 110 -3.70 26.96 20.81
C PRO J 110 -3.79 28.04 19.75
N PHE J 111 -2.91 27.96 18.75
CA PHE J 111 -2.91 28.94 17.68
C PHE J 111 -3.40 28.38 16.36
N ASP J 112 -4.45 27.57 16.42
CA ASP J 112 -4.98 26.92 15.24
C ASP J 112 -5.59 27.90 14.32
N ARG J 113 -5.58 27.52 13.05
CA ARG J 113 -6.52 27.99 12.08
C ARG J 113 -7.13 26.66 11.66
N GLN J 114 -8.44 26.52 11.75
CA GLN J 114 -9.07 25.31 11.27
C GLN J 114 -10.10 25.71 10.23
N GLN J 115 -10.59 24.76 9.44
CA GLN J 115 -11.70 25.12 8.54
C GLN J 115 -12.81 24.09 8.42
N PHE J 116 -14.01 24.53 8.79
CA PHE J 116 -15.23 23.71 8.84
C PHE J 116 -15.85 23.62 7.44
N VAL J 117 -16.07 22.40 6.97
CA VAL J 117 -16.45 22.15 5.59
C VAL J 117 -17.76 21.38 5.49
N LEU J 118 -18.61 21.69 4.53
CA LEU J 118 -19.78 20.85 4.31
C LEU J 118 -19.68 20.35 2.90
N GLU J 119 -19.99 19.10 2.66
CA GLU J 119 -20.00 18.64 1.30
C GLU J 119 -21.30 17.98 0.93
N LEU J 120 -22.02 18.57 0.00
CA LEU J 120 -23.31 18.06 -0.37
C LEU J 120 -23.22 17.35 -1.69
N GLU J 121 -23.98 16.28 -1.88
CA GLU J 121 -24.03 15.68 -3.20
C GLU J 121 -25.25 14.80 -3.30
N PRO J 122 -25.93 14.82 -4.44
CA PRO J 122 -27.08 13.93 -4.59
C PRO J 122 -26.63 12.50 -4.42
N PHE J 123 -27.37 11.71 -3.67
CA PHE J 123 -26.98 10.34 -3.36
C PHE J 123 -27.05 9.40 -4.54
N SER J 124 -28.05 9.55 -5.39
CA SER J 124 -28.19 8.58 -6.47
C SER J 124 -28.18 9.14 -7.90
N TYR J 125 -28.40 10.45 -8.06
CA TYR J 125 -28.52 11.08 -9.37
C TYR J 125 -27.27 11.82 -9.79
N ASN J 126 -26.70 11.43 -10.93
CA ASN J 126 -25.49 12.10 -11.42
C ASN J 126 -25.72 13.45 -12.12
N ASN J 127 -24.63 14.12 -12.46
CA ASN J 127 -24.65 15.43 -13.10
C ASN J 127 -25.56 15.48 -14.30
N GLN J 128 -25.81 14.34 -14.93
CA GLN J 128 -26.67 14.32 -16.12
C GLN J 128 -28.15 14.17 -15.82
N GLN J 129 -28.42 13.60 -14.66
CA GLN J 129 -29.75 13.44 -14.12
C GLN J 129 -30.10 14.65 -13.23
N LEU J 130 -29.19 14.98 -12.30
CA LEU J 130 -29.34 16.11 -11.35
C LEU J 130 -28.04 16.94 -11.22
N ARG J 131 -28.17 18.26 -11.37
CA ARG J 131 -27.02 19.17 -11.40
C ARG J 131 -27.22 20.31 -10.41
N PHE J 132 -26.20 20.66 -9.65
CA PHE J 132 -26.32 21.76 -8.71
C PHE J 132 -26.09 23.11 -9.38
N SER J 133 -27.17 23.82 -9.64
CA SER J 133 -27.11 25.06 -10.38
C SER J 133 -26.34 26.15 -9.65
N ASP J 134 -26.65 26.38 -8.39
CA ASP J 134 -25.88 27.35 -7.58
C ASP J 134 -26.08 27.16 -6.07
N ILE J 135 -25.23 27.77 -5.26
CA ILE J 135 -25.45 27.74 -3.82
C ILE J 135 -24.90 28.89 -3.02
N GLN J 136 -25.72 29.46 -2.16
CA GLN J 136 -25.25 30.46 -1.20
C GLN J 136 -25.49 29.98 0.24
N VAL J 137 -24.51 30.28 1.08
CA VAL J 137 -24.53 29.91 2.46
C VAL J 137 -24.51 31.14 3.34
N TYR J 138 -25.49 31.23 4.22
CA TYR J 138 -25.64 32.39 5.09
C TYR J 138 -25.27 32.01 6.51
N THR J 139 -24.15 32.56 6.95
CA THR J 139 -23.74 32.40 8.32
C THR J 139 -24.14 33.62 9.11
N GLU J 140 -25.41 33.69 9.50
CA GLU J 140 -25.91 34.87 10.21
C GLU J 140 -25.31 34.96 11.61
N ASN J 141 -24.05 34.59 11.73
CA ASN J 141 -23.36 34.70 13.00
C ASN J 141 -22.71 36.09 12.94
N ILE J 142 -22.24 36.55 14.10
CA ILE J 142 -21.61 37.87 14.25
C ILE J 142 -21.38 38.13 15.73
N ASP J 143 -20.66 39.22 16.02
CA ASP J 143 -20.53 39.81 17.36
C ASP J 143 -20.03 38.86 18.48
N ASN J 144 -19.76 39.44 19.65
CA ASN J 144 -19.33 38.69 20.85
C ASN J 144 -18.27 37.62 20.61
N GLU J 145 -17.14 37.97 20.00
CA GLU J 145 -16.15 36.95 19.69
C GLU J 145 -15.45 36.41 20.94
N GLU J 146 -15.34 37.27 21.96
CA GLU J 146 -14.62 36.91 23.18
C GLU J 146 -15.38 35.96 24.10
N ILE J 147 -16.60 35.61 23.70
CA ILE J 147 -17.42 34.67 24.45
C ILE J 147 -17.40 33.30 23.79
N ASP J 148 -17.14 33.29 22.48
CA ASP J 148 -17.10 32.04 21.73
C ASP J 148 -15.71 31.46 21.58
N GLU J 149 -15.66 30.14 21.51
CA GLU J 149 -14.41 29.41 21.46
C GLU J 149 -13.71 29.64 20.15
N TRP J 150 -14.50 29.79 19.07
CA TRP J 150 -13.98 30.00 17.71
C TRP J 150 -14.28 31.38 17.10
N TRP J 151 -13.31 31.94 16.38
CA TRP J 151 -13.54 33.21 15.70
C TRP J 151 -13.61 32.98 14.20
N ILE J 152 -14.82 33.03 13.64
CA ILE J 152 -15.04 32.88 12.20
C ILE J 152 -14.55 34.17 11.54
N ARG J 153 -13.75 34.06 10.48
CA ARG J 153 -13.13 35.25 9.89
C ARG J 153 -13.76 35.81 8.59
N GLY J 154 -13.69 35.06 7.51
CA GLY J 154 -14.30 35.43 6.24
C GLY J 154 -15.82 35.27 6.30
N LYS J 155 -16.45 35.13 5.14
CA LYS J 155 -17.89 34.88 5.17
C LYS J 155 -18.18 33.41 5.00
N ALA J 156 -17.79 32.88 3.86
CA ALA J 156 -18.00 31.49 3.55
C ALA J 156 -17.54 31.25 2.16
N SER J 157 -16.76 30.21 1.98
CA SER J 157 -16.29 29.79 0.69
C SER J 157 -17.34 28.86 0.08
N THR J 158 -17.49 28.88 -1.23
CA THR J 158 -18.48 28.03 -1.86
C THR J 158 -17.88 27.38 -3.09
N HIS J 159 -18.28 26.16 -3.41
CA HIS J 159 -17.80 25.60 -4.67
C HIS J 159 -18.70 24.50 -5.19
N ILE J 160 -19.34 24.71 -6.32
CA ILE J 160 -19.94 23.58 -7.03
C ILE J 160 -18.98 23.02 -8.09
N SER J 161 -18.75 21.70 -8.05
CA SER J 161 -17.79 21.02 -8.93
C SER J 161 -18.31 19.66 -9.34
N ASP J 162 -17.61 18.98 -10.23
CA ASP J 162 -18.03 17.64 -10.64
C ASP J 162 -17.04 16.56 -10.27
N ILE J 163 -17.57 15.56 -9.60
CA ILE J 163 -16.79 14.45 -9.12
C ILE J 163 -16.96 13.22 -10.00
N ARG J 164 -15.86 12.63 -10.49
CA ARG J 164 -16.00 11.37 -11.22
C ARG J 164 -15.64 10.24 -10.30
N TYR J 165 -16.66 9.51 -9.91
CA TYR J 165 -16.52 8.18 -9.35
C TYR J 165 -16.12 7.19 -10.45
N ASP J 166 -14.82 6.99 -10.65
CA ASP J 166 -14.41 6.17 -11.78
C ASP J 166 -14.34 4.69 -11.43
N HIS J 167 -14.91 4.33 -10.29
CA HIS J 167 -15.06 2.92 -9.92
C HIS J 167 -16.40 2.40 -10.36
N LEU J 168 -16.46 1.09 -10.57
CA LEU J 168 -17.16 0.61 -11.77
C LEU J 168 -18.42 1.37 -12.22
N SER J 169 -18.12 2.63 -12.56
CA SER J 169 -18.61 3.37 -13.71
C SER J 169 -19.42 2.48 -14.64
N SER J 170 -18.71 1.92 -15.63
CA SER J 170 -19.08 0.71 -16.36
C SER J 170 -20.57 0.36 -16.45
N VAL J 171 -21.17 0.07 -15.29
CA VAL J 171 -22.62 -0.05 -15.07
C VAL J 171 -23.48 1.07 -15.73
N GLN J 172 -23.16 2.35 -15.45
CA GLN J 172 -23.75 3.47 -16.20
C GLN J 172 -22.56 4.30 -16.73
N PRO J 173 -21.96 3.86 -17.86
CA PRO J 173 -20.74 4.47 -18.37
C PRO J 173 -21.01 5.86 -18.95
N ASN J 174 -19.97 6.69 -19.06
CA ASN J 174 -20.07 8.06 -19.61
C ASN J 174 -20.78 8.99 -18.66
N GLN J 175 -21.51 8.41 -17.72
CA GLN J 175 -22.35 9.17 -16.81
C GLN J 175 -22.16 8.73 -15.37
N ASN J 176 -21.05 9.16 -14.81
CA ASN J 176 -20.72 8.85 -13.44
C ASN J 176 -19.91 10.00 -12.88
N GLU J 177 -20.46 11.17 -13.14
CA GLU J 177 -20.01 12.39 -12.52
C GLU J 177 -21.16 12.89 -11.66
N PHE J 178 -20.94 13.00 -10.36
CA PHE J 178 -21.96 13.59 -9.50
C PHE J 178 -21.60 15.01 -9.26
N SER J 179 -22.59 15.89 -9.18
CA SER J 179 -22.29 17.30 -8.89
C SER J 179 -22.17 17.64 -7.37
N ARG J 180 -21.08 18.28 -6.98
CA ARG J 180 -20.86 18.48 -5.55
C ARG J 180 -20.69 19.89 -5.06
N ILE J 181 -21.57 20.30 -4.15
CA ILE J 181 -21.54 21.61 -3.50
C ILE J 181 -20.64 21.53 -2.30
N THR J 182 -19.68 22.44 -2.18
CA THR J 182 -18.69 22.39 -1.09
C THR J 182 -18.57 23.68 -0.31
N VAL J 183 -18.90 23.67 0.96
CA VAL J 183 -18.83 24.92 1.67
C VAL J 183 -17.65 24.98 2.62
N ARG J 184 -16.88 26.05 2.59
CA ARG J 184 -15.77 26.09 3.54
C ARG J 184 -15.82 27.31 4.42
N ILE J 185 -15.80 27.14 5.74
CA ILE J 185 -15.82 28.32 6.60
C ILE J 185 -14.55 28.40 7.43
N ASP J 186 -13.77 29.45 7.26
CA ASP J 186 -12.50 29.59 7.98
C ASP J 186 -12.63 30.10 9.41
N ALA J 187 -11.76 29.57 10.29
CA ALA J 187 -11.76 29.94 11.70
C ALA J 187 -10.39 29.84 12.40
N VAL J 188 -10.25 30.62 13.46
CA VAL J 188 -9.08 30.62 14.32
C VAL J 188 -9.51 30.36 15.76
N ARG J 189 -8.69 29.60 16.49
CA ARG J 189 -8.94 29.26 17.88
C ARG J 189 -8.69 30.47 18.77
N ASN J 190 -9.56 30.62 19.78
CA ASN J 190 -9.45 31.71 20.75
C ASN J 190 -8.32 31.46 21.75
N PRO J 191 -7.13 32.07 21.52
CA PRO J 191 -5.93 31.69 22.27
C PRO J 191 -5.88 32.29 23.69
N SER J 192 -6.87 33.10 24.02
CA SER J 192 -6.86 33.81 25.30
C SER J 192 -6.70 32.87 26.50
N TYR J 193 -7.60 31.90 26.65
CA TYR J 193 -7.61 31.02 27.82
C TYR J 193 -6.32 30.22 27.98
N TYR J 194 -5.81 29.70 26.87
CA TYR J 194 -4.63 28.86 26.94
C TYR J 194 -3.41 29.69 27.27
N LEU J 195 -3.39 30.95 26.86
CA LEU J 195 -2.25 31.82 27.15
C LEU J 195 -2.15 32.13 28.64
N TRP J 196 -3.24 32.63 29.20
CA TRP J 196 -3.26 33.08 30.57
C TRP J 196 -3.32 31.95 31.58
N SER J 197 -3.90 30.83 31.22
CA SER J 197 -4.00 29.74 32.19
C SER J 197 -3.07 28.52 31.95
N PHE J 198 -2.37 28.49 30.81
CA PHE J 198 -1.41 27.42 30.52
C PHE J 198 -0.02 27.92 30.17
N ILE J 199 0.08 28.73 29.12
CA ILE J 199 1.38 29.20 28.61
C ILE J 199 2.16 30.03 29.64
N LEU J 200 1.52 31.08 30.18
CA LEU J 200 2.14 31.96 31.20
C LEU J 200 2.63 31.22 32.45
N PRO J 201 1.72 30.53 33.17
CA PRO J 201 2.29 29.89 34.35
C PRO J 201 3.34 28.83 34.00
N LEU J 202 3.21 28.17 32.87
CA LEU J 202 4.21 27.19 32.48
C LEU J 202 5.57 27.91 32.38
N GLY J 203 5.54 29.14 31.87
CA GLY J 203 6.72 29.99 31.81
C GLY J 203 7.33 30.38 33.15
N LEU J 204 6.48 30.77 34.10
CA LEU J 204 6.96 31.11 35.43
C LEU J 204 7.60 29.88 36.06
N ILE J 205 7.04 28.71 35.80
CA ILE J 205 7.66 27.47 36.27
C ILE J 205 9.04 27.31 35.66
N ILE J 206 9.08 27.36 34.33
CA ILE J 206 10.32 27.27 33.56
C ILE J 206 11.31 28.31 34.02
N ALA J 207 10.87 29.55 34.17
CA ALA J 207 11.74 30.62 34.66
C ALA J 207 12.21 30.31 36.08
N ALA J 208 11.29 29.99 36.97
CA ALA J 208 11.67 29.75 38.35
C ALA J 208 12.57 28.53 38.52
N SER J 209 12.52 27.60 37.58
CA SER J 209 13.45 26.46 37.56
C SER J 209 14.91 26.93 37.57
N TRP J 210 15.20 28.00 36.83
CA TRP J 210 16.56 28.46 36.69
C TRP J 210 17.10 29.17 37.93
N SER J 211 16.20 29.54 38.83
CA SER J 211 16.64 30.21 40.05
C SER J 211 17.27 29.18 41.00
N VAL J 212 17.37 27.94 40.52
CA VAL J 212 17.99 26.85 41.27
C VAL J 212 19.50 27.12 41.43
N PHE J 213 20.05 27.95 40.56
CA PHE J 213 21.48 28.31 40.60
C PHE J 213 21.84 29.41 41.61
N TRP J 214 20.85 30.16 42.12
CA TRP J 214 21.15 31.14 43.17
C TRP J 214 21.24 30.49 44.56
N LEU J 215 21.08 29.17 44.60
CA LEU J 215 21.21 28.44 45.85
C LEU J 215 22.68 28.27 46.20
N GLU J 216 23.01 28.42 47.48
CA GLU J 216 24.41 28.43 47.91
C GLU J 216 25.07 27.06 47.85
N SER J 217 24.60 26.13 48.67
CA SER J 217 25.22 24.81 48.75
C SER J 217 25.02 23.96 47.50
N PHE J 218 25.79 22.88 47.42
CA PHE J 218 25.59 21.91 46.36
C PHE J 218 24.33 21.09 46.63
N SER J 219 24.14 20.66 47.87
CA SER J 219 22.95 19.91 48.22
C SER J 219 21.67 20.71 48.02
N GLU J 220 21.73 21.99 48.36
CA GLU J 220 20.59 22.85 48.13
C GLU J 220 20.35 22.89 46.62
N ARG J 221 21.42 23.12 45.87
CA ARG J 221 21.34 23.22 44.40
C ARG J 221 20.79 21.94 43.77
N LEU J 222 21.29 20.79 44.23
CA LEU J 222 20.90 19.54 43.61
C LEU J 222 19.54 19.01 44.08
N GLN J 223 19.30 18.98 45.38
CA GLN J 223 18.03 18.47 45.90
C GLN J 223 16.79 19.24 45.42
N THR J 224 16.92 20.55 45.34
CA THR J 224 15.79 21.40 45.00
C THR J 224 15.30 21.11 43.58
N SER J 225 16.22 20.70 42.70
CA SER J 225 15.87 20.41 41.31
C SER J 225 15.01 19.17 41.16
N PHE J 226 14.96 18.35 42.20
CA PHE J 226 14.05 17.21 42.24
C PHE J 226 12.64 17.63 42.59
N THR J 227 12.54 18.61 43.49
CA THR J 227 11.27 19.24 43.84
C THR J 227 10.82 19.95 42.60
N LEU J 228 11.81 20.55 41.93
CA LEU J 228 11.61 21.27 40.69
C LEU J 228 11.14 20.36 39.54
N MET J 229 11.74 19.17 39.47
CA MET J 229 11.39 18.14 38.50
C MET J 229 9.97 17.65 38.71
N LEU J 230 9.65 17.44 39.98
CA LEU J 230 8.35 16.99 40.46
C LEU J 230 7.28 18.03 40.13
N THR J 231 7.67 19.31 40.10
CA THR J 231 6.77 20.39 39.69
C THR J 231 6.33 20.30 38.23
N VAL J 232 7.28 20.06 37.35
CA VAL J 232 6.97 19.92 35.95
C VAL J 232 6.10 18.71 35.66
N VAL J 233 6.31 17.62 36.41
CA VAL J 233 5.45 16.45 36.26
C VAL J 233 4.04 16.80 36.64
N ALA J 234 3.87 17.53 37.74
CA ALA J 234 2.54 17.95 38.12
C ALA J 234 1.93 18.75 36.98
N TYR J 235 2.73 19.62 36.40
CA TYR J 235 2.24 20.53 35.37
C TYR J 235 1.93 19.77 34.06
N ALA J 236 2.74 18.76 33.75
CA ALA J 236 2.49 17.90 32.60
C ALA J 236 1.11 17.29 32.74
N PHE J 237 0.79 16.93 33.99
CA PHE J 237 -0.48 16.30 34.36
C PHE J 237 -1.70 17.21 34.21
N TYR J 238 -1.65 18.40 34.83
CA TYR J 238 -2.72 19.39 34.72
C TYR J 238 -3.01 19.82 33.26
N THR J 239 -1.96 20.03 32.49
CA THR J 239 -2.05 20.31 31.07
C THR J 239 -2.76 19.19 30.34
N SER J 240 -2.35 17.97 30.64
CA SER J 240 -2.87 16.75 30.01
C SER J 240 -4.31 16.42 30.24
N ASN J 241 -4.75 16.67 31.45
CA ASN J 241 -6.12 16.38 31.80
C ASN J 241 -7.10 17.33 31.12
N ILE J 242 -6.66 18.56 30.87
CA ILE J 242 -7.54 19.62 30.40
C ILE J 242 -7.56 19.78 28.87
N LEU J 243 -6.38 19.81 28.29
CA LEU J 243 -6.15 20.03 26.87
C LEU J 243 -6.71 18.91 25.97
N PRO J 244 -6.98 19.24 24.68
CA PRO J 244 -7.66 18.27 23.80
C PRO J 244 -6.77 17.09 23.52
N ARG J 245 -7.29 15.87 23.62
CA ARG J 245 -6.43 14.72 23.36
C ARG J 245 -6.13 14.61 21.86
N LEU J 246 -4.84 14.46 21.54
CA LEU J 246 -4.37 14.42 20.17
C LEU J 246 -3.39 13.29 19.98
N PRO J 247 -3.22 12.85 18.74
CA PRO J 247 -2.19 11.86 18.47
C PRO J 247 -0.89 12.52 18.04
N TYR J 248 -0.64 13.77 18.41
CA TYR J 248 0.68 14.37 18.14
C TYR J 248 1.06 15.49 19.12
N THR J 249 2.32 15.88 19.11
CA THR J 249 2.76 16.87 20.07
C THR J 249 2.39 18.27 19.61
N THR J 250 1.83 19.07 20.52
CA THR J 250 1.49 20.46 20.21
C THR J 250 2.59 21.40 20.67
N VAL J 251 2.38 22.70 20.51
CA VAL J 251 3.33 23.69 20.96
C VAL J 251 3.50 23.58 22.48
N ILE J 252 2.37 23.53 23.17
CA ILE J 252 2.36 23.32 24.61
C ILE J 252 3.05 22.01 25.06
N ASP J 253 2.79 20.90 24.38
CA ASP J 253 3.42 19.64 24.74
C ASP J 253 4.92 19.83 24.66
N GLN J 254 5.36 20.59 23.67
CA GLN J 254 6.77 20.84 23.49
C GLN J 254 7.37 21.68 24.64
N MET J 255 6.65 22.72 25.08
CA MET J 255 7.07 23.50 26.26
C MET J 255 7.26 22.63 27.52
N ILE J 256 6.37 21.67 27.72
CA ILE J 256 6.50 20.69 28.77
C ILE J 256 7.77 19.83 28.61
N ILE J 257 8.03 19.32 27.40
CA ILE J 257 9.24 18.54 27.16
C ILE J 257 10.44 19.43 27.47
N ALA J 258 10.38 20.69 27.01
CA ALA J 258 11.45 21.66 27.23
C ALA J 258 11.69 21.90 28.72
N GLY J 259 10.62 21.77 29.49
CA GLY J 259 10.69 21.86 30.95
C GLY J 259 11.51 20.72 31.50
N TYR J 260 11.18 19.51 31.10
CA TYR J 260 11.92 18.34 31.54
C TYR J 260 13.40 18.49 31.17
N GLY J 261 13.67 19.06 30.01
CA GLY J 261 15.05 19.24 29.58
C GLY J 261 15.87 20.23 30.39
N SER J 262 15.37 21.44 30.58
CA SER J 262 16.11 22.46 31.32
C SER J 262 16.48 21.89 32.67
N ILE J 263 15.52 21.21 33.28
CA ILE J 263 15.71 20.67 34.61
C ILE J 263 16.75 19.57 34.64
N PHE J 264 16.69 18.65 33.69
CA PHE J 264 17.67 17.59 33.62
C PHE J 264 19.03 18.18 33.27
N ALA J 265 19.03 19.26 32.48
CA ALA J 265 20.28 19.92 32.12
C ALA J 265 21.02 20.51 33.34
N ALA J 266 20.29 21.23 34.18
CA ALA J 266 20.84 21.82 35.40
C ALA J 266 21.33 20.71 36.32
N ILE J 267 20.57 19.62 36.38
CA ILE J 267 20.97 18.48 37.18
C ILE J 267 22.37 18.07 36.76
N LEU J 268 22.58 17.92 35.44
CA LEU J 268 23.90 17.51 34.92
C LEU J 268 24.97 18.57 35.21
N LEU J 269 24.65 19.83 34.93
CA LEU J 269 25.55 20.93 35.25
C LEU J 269 25.84 20.99 36.76
N ILE J 270 24.79 20.89 37.58
CA ILE J 270 24.95 20.98 39.03
C ILE J 270 25.90 19.92 39.61
N ILE J 271 25.76 18.67 39.16
CA ILE J 271 26.70 17.60 39.51
C ILE J 271 28.05 17.92 38.90
N PHE J 272 28.03 18.48 37.69
CA PHE J 272 29.27 18.81 37.00
C PHE J 272 30.06 19.90 37.71
N ALA J 273 29.40 21.02 38.01
CA ALA J 273 30.01 22.11 38.76
C ALA J 273 30.78 21.60 39.98
N HIS J 274 30.14 20.71 40.73
CA HIS J 274 30.69 20.16 41.96
C HIS J 274 31.83 19.15 41.75
N HIS J 275 31.64 18.20 40.83
CA HIS J 275 32.61 17.11 40.71
C HIS J 275 33.69 17.31 39.64
N ARG J 276 33.60 18.42 38.91
CA ARG J 276 34.70 18.85 38.04
C ARG J 276 35.65 19.77 38.83
N GLN J 277 36.69 19.18 39.40
CA GLN J 277 37.58 19.92 40.31
C GLN J 277 39.04 19.47 40.34
N ALA J 278 39.85 20.16 41.14
CA ALA J 278 41.22 19.76 41.39
C ALA J 278 41.41 19.54 42.89
N ASN J 279 40.30 19.35 43.60
CA ASN J 279 40.32 19.11 45.05
C ASN J 279 39.06 18.40 45.57
N GLY J 280 37.88 18.96 45.29
CA GLY J 280 36.63 18.36 45.73
C GLY J 280 35.41 19.26 45.77
N VAL J 281 35.55 20.43 46.39
CA VAL J 281 34.45 21.39 46.49
C VAL J 281 34.73 22.66 45.68
N GLU J 282 35.64 22.55 44.71
CA GLU J 282 35.94 23.65 43.81
C GLU J 282 34.81 23.79 42.80
N ASP J 283 33.74 24.44 43.23
CA ASP J 283 32.58 24.68 42.37
C ASP J 283 32.90 25.81 41.41
N ASP J 284 32.91 25.51 40.11
CA ASP J 284 33.30 26.49 39.09
C ASP J 284 32.56 27.81 39.18
N LEU J 285 33.22 28.82 39.76
CA LEU J 285 32.62 30.14 39.96
C LEU J 285 31.92 30.66 38.70
N LEU J 286 32.37 30.18 37.54
CA LEU J 286 31.77 30.57 36.28
C LEU J 286 30.60 29.65 35.90
N ILE J 287 30.74 28.34 36.12
CA ILE J 287 29.66 27.41 35.76
C ILE J 287 28.54 27.37 36.80
N GLN J 288 28.84 27.57 38.09
CA GLN J 288 27.80 27.64 39.10
C GLN J 288 27.07 28.95 38.83
N ARG J 289 27.79 29.89 38.20
CA ARG J 289 27.22 31.15 37.73
C ARG J 289 26.85 31.09 36.26
N CYS J 290 26.37 29.93 35.85
CA CYS J 290 25.59 29.82 34.62
C CYS J 290 24.12 30.20 34.94
N ARG J 291 23.98 31.19 35.82
CA ARG J 291 22.71 31.84 36.13
C ARG J 291 22.21 32.69 34.98
N LEU J 292 23.08 32.95 34.00
CA LEU J 292 22.69 33.70 32.81
C LEU J 292 22.93 32.90 31.53
N ALA J 293 23.83 31.91 31.60
CA ALA J 293 24.18 31.11 30.42
C ALA J 293 22.94 30.40 29.87
N PHE J 294 22.42 29.41 30.59
CA PHE J 294 21.27 28.68 30.04
C PHE J 294 19.85 29.25 30.29
N PRO J 295 19.69 30.28 31.15
CA PRO J 295 18.40 30.96 31.03
C PRO J 295 18.19 31.64 29.66
N LEU J 296 19.23 32.27 29.11
CA LEU J 296 19.13 32.86 27.76
C LEU J 296 19.49 31.86 26.64
N GLY J 297 20.15 30.77 27.04
CA GLY J 297 20.43 29.66 26.17
C GLY J 297 19.16 28.88 25.89
N PHE J 298 18.17 29.07 26.75
CA PHE J 298 16.85 28.46 26.56
C PHE J 298 16.08 29.32 25.55
N LEU J 299 16.37 30.62 25.49
CA LEU J 299 15.71 31.51 24.53
C LEU J 299 16.13 31.14 23.11
N ALA J 300 17.24 30.42 22.99
CA ALA J 300 17.69 29.89 21.71
C ALA J 300 16.80 28.69 21.35
N ILE J 301 16.49 27.86 22.34
CA ILE J 301 15.59 26.73 22.17
C ILE J 301 14.17 27.25 21.85
N GLY J 302 13.85 28.43 22.39
CA GLY J 302 12.59 29.09 22.14
C GLY J 302 12.44 29.62 20.73
N CYS J 303 13.52 30.18 20.20
CA CYS J 303 13.53 30.70 18.83
C CYS J 303 13.74 29.60 17.79
N VAL J 304 14.26 28.45 18.23
CA VAL J 304 14.36 27.27 17.37
C VAL J 304 12.99 26.62 17.16
N LEU J 305 12.13 26.70 18.18
CA LEU J 305 10.76 26.22 18.03
C LEU J 305 9.97 27.12 17.06
N VAL J 306 10.36 28.39 17.01
CA VAL J 306 9.74 29.36 16.10
C VAL J 306 10.29 29.26 14.67
N ILE J 307 11.49 28.70 14.53
CA ILE J 307 12.14 28.56 13.24
C ILE J 307 11.55 27.37 12.48
#